data_8XK5
#
_entry.id   8XK5
#
_cell.length_a   113.670
_cell.length_b   180.960
_cell.length_c   263.950
_cell.angle_alpha   90.00
_cell.angle_beta   90.00
_cell.angle_gamma   90.00
#
_symmetry.space_group_name_H-M   'P 21 21 21'
#
loop_
_entity.id
_entity.type
_entity.pdbx_description
1 polymer 'mAb SNB1G11 Fab heavy chain'
2 polymer 'mAb SNB1G11 Fab light chain'
3 polymer 'Envelopment polyprotein'
#
loop_
_entity_poly.entity_id
_entity_poly.type
_entity_poly.pdbx_seq_one_letter_code
_entity_poly.pdbx_strand_id
1 'polypeptide(L)'
;MGWSCIILFLVATATGVHSEVKLMESGGGLVQPGDSLRLSCAISGFTFSDYYMSWVRQPPGKALEWLGFIRNKAKGYTTE
YSASVKGRFTISRDNSQSILYLQMNTLRAEDSATYYCARDYRYDDEYYYAMDYWGQGTSVTVSSASTKGPSVFPLAPSSK
STSGGTAALGCLVKDYFPEPVTVSWNSGALTSGVHTFPAVLQSSGLYSLSSVVTVPSSSLGTQTYICNVNHKPSNTKVDK
KVEPKSCDKTHHHHHH
;
A,C,I,N,G
2 'polypeptide(L)'
;MGWSCIILFLVATATGVHSGVVMTQTTSSLSASLGDRVTISCSASQGISNYLNWYQQKPDGTVKLLIYYTSILHSGVPSR
FSGSGSGTDYSLTISNLEPEDIATYYCQQYSKFPRTFGGGTKLEIKRTVAAPSVFIFPPSDEQLKSGTASVVCLLNNFYP
REAKVQWKVDNALQSGNSQESVTEQDSKDSTYSLSSTLTLSKADYEKHKVYACEVTHQGLSSPVTKSFNRGEC
;
B,D,J,O,H
3 'polypeptide(L)'
;MMKVIWFSSLICLVIQCGGDTGPIICAGPIHSNKSADIPHLLGYSEKICQIDRLIHVSSWLRNHSQFQGYVGQRGGRSQV
SYYPAENSYSRWSGLLSPCDADWLGMLVVKKAKGSDMIVPGPSYKGKVFFERPTFDGYVGWGCGSGKSRTESGELCSSDS
RTSSGLLPSDRVLWIGDVACQPMTPIPEETFLELKSFSQSEFPDICKIDGIVFNQCEGESLPQPFDVAWMDVGHSHKIIM
REHKTKWVQESSSKDFVCYKEGTGPCSESEEKTCKTSGSCRGDMQFCKVAGCEHGEEASEAKCRCSLVHKPGEVVVSYGG
MRVRPKCYGFSRMMATLEVSGSTLEVLFQGPHHHHHH
;
E,F,K,R,L
#
# COMPACT_ATOMS: atom_id res chain seq x y z
N GLU A 20 -3.48 2.66 10.61
CA GLU A 20 -3.89 2.85 12.01
C GLU A 20 -2.88 2.27 12.99
N VAL A 21 -2.06 3.16 13.56
CA VAL A 21 -1.05 2.73 14.53
C VAL A 21 -1.73 2.24 15.79
N LYS A 22 -1.47 0.98 16.15
CA LYS A 22 -2.08 0.41 17.34
C LYS A 22 -1.00 -0.17 18.22
N LEU A 23 -1.16 -0.01 19.52
CA LEU A 23 -0.33 -0.67 20.51
C LEU A 23 -1.25 -1.28 21.55
N MET A 24 -0.94 -2.49 22.00
CA MET A 24 -1.76 -3.19 22.98
C MET A 24 -0.81 -3.86 23.96
N GLU A 25 -0.82 -3.39 25.19
CA GLU A 25 -0.03 -4.00 26.24
C GLU A 25 -0.72 -5.22 26.79
N SER A 26 0.06 -6.10 27.39
CA SER A 26 -0.52 -7.31 27.93
C SER A 26 0.43 -7.92 28.95
N GLY A 27 -0.17 -8.62 29.90
CA GLY A 27 0.60 -9.46 30.80
C GLY A 27 0.70 -8.99 32.22
N GLY A 28 0.00 -7.94 32.59
CA GLY A 28 0.06 -7.47 33.94
C GLY A 28 -0.67 -8.41 34.88
N GLY A 29 -0.43 -8.25 36.18
CA GLY A 29 -1.22 -8.96 37.16
C GLY A 29 -0.80 -8.66 38.58
N LEU A 30 -1.08 -9.55 39.52
CA LEU A 30 -0.65 -9.38 40.90
C LEU A 30 0.46 -10.38 41.20
N VAL A 31 1.64 -9.88 41.53
CA VAL A 31 2.81 -10.71 41.75
C VAL A 31 3.46 -10.31 43.07
N GLN A 32 4.27 -11.17 43.57
CA GLN A 32 4.82 -10.85 44.87
C GLN A 32 6.16 -10.17 44.72
N PRO A 33 6.52 -9.32 45.67
CA PRO A 33 7.85 -8.71 45.64
C PRO A 33 8.90 -9.77 45.35
N GLY A 34 9.97 -9.38 44.66
CA GLY A 34 11.00 -10.31 44.28
C GLY A 34 10.67 -11.05 43.00
N ASP A 35 9.39 -11.28 42.76
CA ASP A 35 8.94 -11.96 41.55
C ASP A 35 9.43 -11.22 40.32
N SER A 36 9.47 -11.94 39.21
CA SER A 36 9.64 -11.30 37.93
C SER A 36 8.34 -11.44 37.16
N LEU A 37 8.21 -10.61 36.13
CA LEU A 37 7.01 -10.53 35.32
C LEU A 37 7.40 -9.84 34.03
N ARG A 38 6.95 -10.37 32.91
CA ARG A 38 7.28 -9.81 31.61
C ARG A 38 6.02 -9.23 30.98
N LEU A 39 6.08 -7.96 30.63
CA LEU A 39 5.02 -7.30 29.89
C LEU A 39 5.36 -7.27 28.40
N SER A 40 4.34 -7.17 27.58
CA SER A 40 4.61 -7.15 26.15
C SER A 40 3.62 -6.26 25.44
N CYS A 41 4.04 -5.74 24.29
CA CYS A 41 3.34 -4.68 23.57
C CYS A 41 3.28 -5.06 22.11
N ALA A 42 2.07 -5.23 21.58
CA ALA A 42 1.86 -5.68 20.21
C ALA A 42 1.54 -4.54 19.25
N ILE A 43 2.12 -4.62 18.04
CA ILE A 43 2.24 -3.49 17.11
C ILE A 43 1.44 -3.74 15.84
N SER A 44 0.68 -2.72 15.42
CA SER A 44 -0.17 -2.80 14.23
C SER A 44 0.02 -1.52 13.45
N GLY A 45 0.03 -1.61 12.13
CA GLY A 45 -0.16 -0.38 11.37
C GLY A 45 1.09 0.43 11.07
N PHE A 46 2.27 -0.07 11.37
CA PHE A 46 3.44 0.72 11.05
C PHE A 46 4.70 -0.12 11.13
N THR A 47 5.70 0.28 10.35
CA THR A 47 6.94 -0.48 10.22
C THR A 47 7.70 -0.46 11.56
N PHE A 48 7.57 -1.56 12.29
CA PHE A 48 8.03 -1.64 13.67
C PHE A 48 9.50 -1.31 13.82
N SER A 49 10.35 -1.79 12.91
CA SER A 49 11.78 -1.63 13.13
C SER A 49 12.23 -0.19 12.99
N ASP A 50 11.35 0.71 12.56
CA ASP A 50 11.74 2.08 12.31
C ASP A 50 11.77 2.91 13.57
N TYR A 51 10.98 2.56 14.54
CA TYR A 51 10.70 3.49 15.62
C TYR A 51 11.36 3.05 16.89
N TYR A 52 11.85 4.03 17.63
CA TYR A 52 12.17 3.85 19.03
C TYR A 52 10.89 3.50 19.75
N MET A 53 10.99 2.93 20.94
CA MET A 53 9.79 2.61 21.72
C MET A 53 10.09 2.78 23.20
N SER A 54 9.15 3.35 23.94
CA SER A 54 9.39 3.63 25.34
C SER A 54 8.36 2.90 26.18
N TRP A 55 8.71 2.61 27.41
CA TRP A 55 7.79 2.08 28.38
C TRP A 55 7.61 3.18 29.41
N VAL A 56 6.37 3.44 29.80
CA VAL A 56 5.98 4.48 30.73
C VAL A 56 5.00 3.90 31.74
N ARG A 57 5.19 4.17 33.02
CA ARG A 57 4.29 3.60 34.02
C ARG A 57 3.63 4.72 34.77
N GLN A 58 2.44 4.47 35.30
CA GLN A 58 1.69 5.51 36.00
C GLN A 58 1.19 4.98 37.33
N PRO A 59 1.96 5.19 38.39
CA PRO A 59 1.55 4.73 39.70
C PRO A 59 0.19 5.30 40.07
N PRO A 60 -0.62 4.56 40.81
CA PRO A 60 -2.02 4.96 40.98
C PRO A 60 -2.06 6.16 41.91
N GLY A 61 -2.84 7.18 41.52
CA GLY A 61 -2.81 8.46 42.21
C GLY A 61 -1.47 9.13 42.02
N LYS A 62 -0.90 8.99 40.83
CA LYS A 62 0.37 9.63 40.53
C LYS A 62 0.36 10.04 39.06
N ALA A 63 1.52 10.55 38.64
CA ALA A 63 1.76 11.06 37.30
C ALA A 63 2.56 10.08 36.47
N LEU A 64 2.45 10.22 35.14
CA LEU A 64 3.24 9.41 34.24
C LEU A 64 4.73 9.48 34.55
N GLU A 65 5.33 8.35 34.85
CA GLU A 65 6.76 8.20 34.94
C GLU A 65 7.28 7.59 33.65
N TRP A 66 8.39 8.10 33.14
CA TRP A 66 9.04 7.48 31.99
C TRP A 66 10.17 6.59 32.46
N LEU A 67 10.27 5.41 31.84
CA LEU A 67 11.13 4.34 32.32
C LEU A 67 12.33 4.02 31.47
N GLY A 68 12.30 4.22 30.16
CA GLY A 68 13.39 3.83 29.29
C GLY A 68 12.91 3.63 27.87
N PHE A 69 13.84 3.37 26.96
CA PHE A 69 13.39 3.04 25.60
C PHE A 69 14.39 2.18 24.86
N ILE A 70 13.94 1.67 23.73
CA ILE A 70 14.75 0.83 22.88
C ILE A 70 14.80 1.50 21.51
N ARG A 71 16.00 1.85 21.04
CA ARG A 71 16.10 2.50 19.74
C ARG A 71 15.69 1.56 18.62
N ASN A 72 15.75 2.10 17.40
CA ASN A 72 15.31 1.39 16.20
C ASN A 72 16.47 0.67 15.55
N LYS A 73 16.16 -0.06 14.46
CA LYS A 73 17.18 -0.83 13.76
C LYS A 73 18.29 0.09 13.28
N ALA A 74 17.92 1.28 12.82
CA ALA A 74 18.94 2.21 12.35
C ALA A 74 19.99 2.48 13.44
N LYS A 75 19.57 2.85 14.65
CA LYS A 75 20.54 3.07 15.73
C LYS A 75 20.86 1.76 16.49
N GLY A 76 20.85 0.64 15.77
CA GLY A 76 21.04 -0.71 16.24
C GLY A 76 20.55 -1.16 17.60
N TYR A 77 19.23 -1.23 17.74
CA TYR A 77 18.47 -1.66 18.93
C TYR A 77 19.10 -1.41 20.32
N THR A 78 19.78 -0.30 20.48
CA THR A 78 20.32 0.12 21.75
C THR A 78 19.16 0.46 22.70
N THR A 79 19.42 0.40 24.00
CA THR A 79 18.44 0.76 25.00
C THR A 79 19.00 1.83 25.92
N GLU A 80 18.11 2.49 26.68
CA GLU A 80 18.41 3.49 27.75
C GLU A 80 17.38 3.32 28.86
N TYR A 81 17.78 3.52 30.10
CA TYR A 81 16.86 3.24 31.20
C TYR A 81 16.89 4.39 32.20
N SER A 82 15.72 4.79 32.68
CA SER A 82 15.69 5.75 33.76
C SER A 82 16.38 5.15 34.96
N ALA A 83 16.91 6.02 35.80
CA ALA A 83 17.58 5.56 37.00
C ALA A 83 16.65 4.73 37.86
N SER A 84 15.35 5.03 37.82
CA SER A 84 14.39 4.37 38.68
C SER A 84 14.46 2.85 38.64
N VAL A 85 14.79 2.29 37.48
CA VAL A 85 14.71 0.85 37.36
C VAL A 85 15.92 0.26 36.67
N LYS A 86 17.00 1.02 36.54
CA LYS A 86 18.13 0.47 35.81
C LYS A 86 18.60 -0.80 36.50
N GLY A 87 18.96 -1.80 35.68
CA GLY A 87 19.47 -3.04 36.19
C GLY A 87 18.41 -4.00 36.72
N ARG A 88 17.15 -3.60 36.76
CA ARG A 88 16.10 -4.55 37.07
C ARG A 88 15.23 -4.81 35.87
N PHE A 89 14.95 -3.78 35.08
CA PHE A 89 14.08 -3.93 33.92
C PHE A 89 14.92 -4.02 32.68
N THR A 90 14.29 -4.46 31.60
CA THR A 90 15.04 -4.71 30.37
C THR A 90 14.09 -4.58 29.19
N ILE A 91 14.30 -3.61 28.33
CA ILE A 91 13.40 -3.48 27.19
C ILE A 91 14.01 -4.25 26.03
N SER A 92 13.18 -4.89 25.23
CA SER A 92 13.68 -5.68 24.13
C SER A 92 12.56 -5.83 23.13
N ARG A 93 12.94 -6.02 21.88
CA ARG A 93 11.96 -6.11 20.82
C ARG A 93 12.19 -7.42 20.10
N ASP A 94 11.17 -7.83 19.41
CA ASP A 94 11.20 -9.06 18.64
C ASP A 94 10.62 -8.71 17.28
N ASN A 95 11.53 -8.31 16.39
CA ASN A 95 11.11 -7.78 15.11
C ASN A 95 10.33 -8.78 14.31
N SER A 96 10.58 -10.07 14.56
CA SER A 96 9.88 -11.12 13.85
C SER A 96 8.41 -11.15 14.21
N GLN A 97 8.10 -10.95 15.48
CA GLN A 97 6.74 -11.03 15.94
C GLN A 97 6.07 -9.69 16.12
N SER A 98 6.80 -8.60 15.97
CA SER A 98 6.25 -7.27 16.19
C SER A 98 5.74 -7.13 17.62
N ILE A 99 6.67 -7.28 18.56
CA ILE A 99 6.31 -7.24 19.97
C ILE A 99 7.43 -6.53 20.73
N LEU A 100 7.07 -5.61 21.59
CA LEU A 100 8.01 -5.02 22.52
C LEU A 100 7.81 -5.65 23.89
N TYR A 101 8.91 -5.95 24.59
CA TYR A 101 8.83 -6.61 25.89
C TYR A 101 9.44 -5.69 26.91
N LEU A 102 8.85 -5.68 28.10
CA LEU A 102 9.43 -5.09 29.31
C LEU A 102 9.66 -6.24 30.26
N GLN A 103 10.88 -6.41 30.71
CA GLN A 103 11.21 -7.54 31.56
C GLN A 103 11.49 -6.99 32.94
N MET A 104 10.64 -7.33 33.89
CA MET A 104 10.73 -6.75 35.22
C MET A 104 11.23 -7.77 36.24
N ASN A 105 12.49 -7.66 36.64
CA ASN A 105 13.11 -8.60 37.56
C ASN A 105 13.22 -7.90 38.89
N THR A 106 13.28 -8.69 39.96
CA THR A 106 13.31 -8.19 41.33
C THR A 106 12.28 -7.07 41.54
N LEU A 107 11.03 -7.45 41.40
CA LEU A 107 9.93 -6.50 41.46
C LEU A 107 9.82 -6.00 42.89
N ARG A 108 9.12 -4.90 43.08
CA ARG A 108 9.03 -4.39 44.43
C ARG A 108 7.77 -3.56 44.57
N ALA A 109 7.34 -3.39 45.81
CA ALA A 109 6.05 -2.79 46.08
C ALA A 109 5.89 -1.46 45.36
N GLU A 110 6.98 -0.71 45.18
CA GLU A 110 6.89 0.58 44.51
C GLU A 110 6.67 0.43 43.02
N ASP A 111 6.97 -0.73 42.46
CA ASP A 111 6.80 -0.89 41.03
C ASP A 111 5.33 -0.96 40.63
N SER A 112 4.47 -1.38 41.53
CA SER A 112 3.09 -1.56 41.13
C SER A 112 2.53 -0.26 40.58
N ALA A 113 1.99 -0.34 39.37
CA ALA A 113 1.36 0.75 38.63
C ALA A 113 0.73 0.16 37.37
N THR A 114 0.16 1.01 36.54
CA THR A 114 -0.24 0.61 35.20
C THR A 114 0.80 1.02 34.19
N TYR A 115 1.13 0.12 33.27
CA TYR A 115 2.30 0.26 32.38
C TYR A 115 1.89 0.47 30.93
N TYR A 116 2.29 1.57 30.34
CA TYR A 116 1.98 1.84 28.95
C TYR A 116 3.23 1.60 28.12
N CYS A 117 3.08 1.22 26.86
CA CYS A 117 4.19 1.31 25.94
C CYS A 117 3.78 2.35 24.94
N ALA A 118 4.75 3.06 24.36
CA ALA A 118 4.44 4.10 23.38
C ALA A 118 5.57 4.26 22.42
N ARG A 119 5.19 4.40 21.15
CA ARG A 119 6.12 4.64 20.06
C ARG A 119 6.46 6.10 20.03
N ASP A 120 7.72 6.48 20.00
CA ASP A 120 7.97 7.91 19.87
C ASP A 120 8.53 8.28 18.49
N TYR A 121 8.09 9.47 18.05
CA TYR A 121 8.46 10.15 16.83
C TYR A 121 9.74 10.92 17.05
N ARG A 122 10.69 10.78 16.12
CA ARG A 122 11.97 11.45 16.27
C ARG A 122 12.30 12.22 15.00
N TYR A 123 12.53 13.52 15.13
CA TYR A 123 13.03 14.37 14.04
C TYR A 123 14.35 15.00 14.47
N ASP A 124 15.45 14.21 14.37
CA ASP A 124 16.78 14.67 14.75
C ASP A 124 17.12 16.04 14.16
N ASP A 125 16.75 16.28 12.89
CA ASP A 125 17.12 17.55 12.27
C ASP A 125 16.63 18.75 13.08
N GLU A 126 15.45 18.66 13.68
CA GLU A 126 14.98 19.72 14.58
C GLU A 126 14.99 19.37 16.05
N TYR A 127 15.39 18.16 16.44
CA TYR A 127 15.26 17.75 17.84
C TYR A 127 13.80 17.73 18.27
N TYR A 128 12.93 17.14 17.44
CA TYR A 128 11.55 16.93 17.83
C TYR A 128 11.46 15.46 18.19
N TYR A 129 11.40 15.19 19.49
CA TYR A 129 11.28 13.86 20.05
C TYR A 129 10.02 13.81 20.91
N ALA A 130 9.06 12.98 20.55
CA ALA A 130 7.81 12.94 21.30
C ALA A 130 7.17 11.60 21.15
N MET A 131 6.43 11.16 22.18
CA MET A 131 5.75 9.87 22.19
C MET A 131 4.37 9.96 21.55
N ASP A 132 4.31 9.64 20.28
CA ASP A 132 3.16 10.03 19.50
C ASP A 132 2.04 9.01 19.44
N TYR A 133 2.22 7.77 19.89
CA TYR A 133 1.12 6.81 19.92
C TYR A 133 1.25 5.86 21.11
N TRP A 134 0.15 5.62 21.82
CA TRP A 134 0.24 4.93 23.10
C TRP A 134 -0.59 3.66 23.17
N GLY A 135 -0.16 2.73 24.03
CA GLY A 135 -1.01 1.60 24.28
C GLY A 135 -2.21 1.99 25.10
N GLN A 136 -2.89 0.97 25.60
CA GLN A 136 -4.05 1.19 26.44
C GLN A 136 -3.69 1.04 27.90
N GLY A 137 -2.51 0.54 28.20
CA GLY A 137 -2.10 0.35 29.56
C GLY A 137 -2.30 -1.10 29.90
N THR A 138 -1.40 -1.71 30.65
CA THR A 138 -1.62 -2.99 31.30
C THR A 138 -1.30 -2.80 32.78
N SER A 139 -2.18 -3.26 33.68
CA SER A 139 -1.93 -3.01 35.11
C SER A 139 -1.16 -4.11 35.84
N VAL A 140 -0.13 -3.67 36.57
CA VAL A 140 0.77 -4.50 37.36
C VAL A 140 0.59 -4.13 38.82
N THR A 141 0.37 -5.10 39.69
CA THR A 141 0.36 -4.83 41.12
C THR A 141 1.33 -5.76 41.82
N VAL A 142 2.27 -5.18 42.54
CA VAL A 142 3.29 -5.93 43.26
C VAL A 142 2.96 -5.77 44.73
N SER A 143 2.56 -6.86 45.38
CA SER A 143 2.15 -6.81 46.76
C SER A 143 2.39 -8.16 47.38
N SER A 144 2.56 -8.12 48.68
CA SER A 144 2.69 -9.36 49.41
C SER A 144 1.37 -9.97 49.84
N ALA A 145 0.23 -9.32 49.57
CA ALA A 145 -1.01 -9.89 50.12
C ALA A 145 -1.69 -10.83 49.16
N SER A 146 -2.27 -11.87 49.71
CA SER A 146 -2.93 -12.86 48.87
C SER A 146 -4.38 -12.41 48.59
N THR A 147 -4.88 -12.86 47.46
CA THR A 147 -6.20 -12.46 47.02
C THR A 147 -7.20 -12.75 48.11
N LYS A 148 -8.06 -11.79 48.36
CA LYS A 148 -9.14 -11.96 49.32
C LYS A 148 -10.37 -11.33 48.70
N GLY A 149 -11.47 -12.01 48.77
CA GLY A 149 -12.72 -11.48 48.28
C GLY A 149 -13.38 -10.54 49.27
N PRO A 150 -14.35 -9.79 48.78
CA PRO A 150 -14.92 -8.72 49.57
C PRO A 150 -16.05 -9.23 50.44
N SER A 151 -16.25 -8.55 51.54
CA SER A 151 -17.44 -8.69 52.38
C SER A 151 -18.43 -7.58 52.01
N VAL A 152 -19.69 -7.90 51.72
CA VAL A 152 -20.65 -6.83 51.40
C VAL A 152 -21.67 -6.75 52.51
N PHE A 153 -21.73 -5.61 53.17
CA PHE A 153 -22.68 -5.29 54.22
C PHE A 153 -23.62 -4.23 53.72
N PRO A 154 -24.88 -4.27 54.08
CA PRO A 154 -25.82 -3.31 53.51
C PRO A 154 -25.76 -1.98 54.23
N LEU A 155 -26.32 -0.96 53.56
CA LEU A 155 -26.44 0.39 54.12
C LEU A 155 -27.92 0.73 54.05
N ALA A 156 -28.60 0.37 55.15
CA ALA A 156 -30.04 0.43 55.25
C ALA A 156 -30.54 1.88 55.31
N PRO A 157 -31.74 2.15 54.75
CA PRO A 157 -32.31 3.51 54.78
C PRO A 157 -32.72 4.08 56.12
N SER A 158 -33.62 5.08 56.10
CA SER A 158 -33.68 6.22 57.05
C SER A 158 -33.11 5.92 58.45
N GLY A 165 -39.01 12.35 51.53
CA GLY A 165 -38.53 13.00 50.33
C GLY A 165 -38.04 11.96 49.33
N THR A 166 -36.73 11.71 49.37
CA THR A 166 -36.08 10.56 48.75
C THR A 166 -35.11 9.94 49.76
N ALA A 167 -34.79 8.68 49.54
CA ALA A 167 -33.98 7.91 50.46
C ALA A 167 -32.69 7.46 49.79
N ALA A 168 -31.64 7.27 50.59
CA ALA A 168 -30.37 6.73 50.12
C ALA A 168 -30.07 5.40 50.81
N LEU A 169 -29.42 4.50 50.08
CA LEU A 169 -29.17 3.15 50.61
C LEU A 169 -28.01 2.56 49.84
N GLY A 170 -27.30 1.61 50.45
CA GLY A 170 -26.17 1.13 49.71
C GLY A 170 -25.55 -0.16 50.20
N CYS A 171 -24.40 -0.47 49.61
CA CYS A 171 -23.56 -1.60 49.95
C CYS A 171 -22.21 -1.08 50.39
N LEU A 172 -21.57 -1.83 51.26
CA LEU A 172 -20.20 -1.55 51.61
C LEU A 172 -19.40 -2.78 51.24
N VAL A 173 -18.55 -2.66 50.24
CA VAL A 173 -17.68 -3.75 49.82
C VAL A 173 -16.40 -3.59 50.61
N LYS A 174 -16.04 -4.57 51.42
CA LYS A 174 -14.92 -4.30 52.32
C LYS A 174 -13.89 -5.41 52.32
N ASP A 175 -12.62 -5.00 52.45
CA ASP A 175 -11.48 -5.91 52.65
C ASP A 175 -11.28 -6.84 51.46
N TYR A 176 -10.90 -6.28 50.31
CA TYR A 176 -10.60 -7.13 49.16
C TYR A 176 -9.31 -6.75 48.46
N PHE A 177 -8.46 -7.70 48.19
CA PHE A 177 -7.30 -7.44 47.36
C PHE A 177 -7.52 -7.78 45.89
N PRO A 178 -6.46 -7.67 44.99
CA PRO A 178 -6.54 -7.02 43.67
C PRO A 178 -7.71 -6.08 43.37
N GLU A 179 -7.42 -4.98 42.72
CA GLU A 179 -8.42 -3.93 42.80
C GLU A 179 -9.76 -4.10 42.09
N PRO A 180 -9.86 -4.70 40.90
CA PRO A 180 -11.10 -4.53 40.12
C PRO A 180 -12.30 -5.20 40.79
N VAL A 181 -13.27 -4.40 41.17
CA VAL A 181 -14.55 -4.81 41.79
C VAL A 181 -15.66 -4.12 41.06
N THR A 182 -16.55 -4.86 40.44
CA THR A 182 -17.69 -4.20 39.80
C THR A 182 -18.90 -4.30 40.71
N VAL A 183 -19.73 -3.27 40.72
CA VAL A 183 -20.96 -3.22 41.51
C VAL A 183 -22.07 -2.73 40.61
N SER A 184 -23.14 -3.51 40.47
CA SER A 184 -24.27 -3.02 39.70
C SER A 184 -25.51 -3.16 40.58
N TRP A 185 -26.62 -2.50 40.20
CA TRP A 185 -27.80 -2.52 41.06
C TRP A 185 -29.02 -3.08 40.35
N ASN A 186 -29.63 -4.08 40.97
CA ASN A 186 -30.80 -4.77 40.42
C ASN A 186 -30.47 -5.30 39.04
N SER A 187 -29.26 -5.82 38.92
CA SER A 187 -28.81 -6.52 37.74
C SER A 187 -28.86 -5.61 36.51
N GLY A 188 -28.56 -4.34 36.71
CA GLY A 188 -28.49 -3.38 35.64
C GLY A 188 -29.75 -2.61 35.36
N ALA A 189 -30.88 -3.00 35.92
CA ALA A 189 -32.07 -2.16 35.79
C ALA A 189 -31.86 -0.82 36.52
N LEU A 190 -31.43 -0.85 37.79
CA LEU A 190 -31.24 0.36 38.58
C LEU A 190 -29.89 0.98 38.21
N THR A 191 -29.94 2.12 37.53
CA THR A 191 -28.76 2.84 37.07
C THR A 191 -28.81 4.32 37.43
N SER A 192 -29.99 4.94 37.42
CA SER A 192 -30.10 6.38 37.69
C SER A 192 -30.01 6.66 39.18
N GLY A 193 -29.09 7.51 39.55
CA GLY A 193 -28.96 7.84 40.95
C GLY A 193 -28.09 6.92 41.76
N VAL A 194 -27.47 5.93 41.16
CA VAL A 194 -26.47 5.17 41.90
C VAL A 194 -25.12 5.88 41.83
N HIS A 195 -24.33 5.78 42.89
CA HIS A 195 -22.94 6.23 42.85
C HIS A 195 -22.07 5.13 43.42
N THR A 196 -21.13 4.61 42.62
CA THR A 196 -20.12 3.69 43.13
C THR A 196 -18.80 4.44 43.28
N PHE A 197 -18.30 4.47 44.46
CA PHE A 197 -17.18 5.34 44.77
C PHE A 197 -15.84 4.67 44.50
N PRO A 198 -14.82 5.47 44.26
CA PRO A 198 -13.48 4.91 44.14
C PRO A 198 -13.10 4.15 45.38
N ALA A 199 -12.53 2.98 45.16
CA ALA A 199 -12.06 2.20 46.28
C ALA A 199 -11.00 3.00 47.01
N VAL A 200 -10.76 2.66 48.28
CA VAL A 200 -9.70 3.29 49.05
C VAL A 200 -8.88 2.20 49.74
N LEU A 201 -7.56 2.32 49.67
CA LEU A 201 -6.70 1.31 50.28
C LEU A 201 -6.59 1.62 51.75
N GLN A 202 -6.85 0.63 52.59
CA GLN A 202 -6.79 0.91 54.01
C GLN A 202 -5.39 0.57 54.54
N SER A 203 -5.12 0.98 55.78
CA SER A 203 -3.85 0.59 56.40
C SER A 203 -3.72 -0.93 56.46
N SER A 204 -4.84 -1.65 56.49
CA SER A 204 -4.86 -3.12 56.42
C SER A 204 -4.15 -3.65 55.18
N GLY A 205 -4.05 -2.86 54.11
CA GLY A 205 -3.57 -3.32 52.82
C GLY A 205 -4.63 -3.90 51.88
N LEU A 206 -5.87 -3.98 52.31
CA LEU A 206 -6.95 -4.37 51.43
C LEU A 206 -7.79 -3.13 51.14
N TYR A 207 -8.62 -3.25 50.14
CA TYR A 207 -9.41 -2.13 49.67
C TYR A 207 -10.79 -2.20 50.28
N SER A 208 -11.54 -1.13 50.10
CA SER A 208 -12.91 -1.07 50.56
C SER A 208 -13.63 -0.05 49.70
N LEU A 209 -14.92 -0.25 49.44
CA LEU A 209 -15.62 0.79 48.71
C LEU A 209 -17.10 0.72 49.01
N SER A 210 -17.77 1.85 48.77
CA SER A 210 -19.21 2.03 48.85
C SER A 210 -19.80 2.11 47.45
N SER A 211 -21.05 1.69 47.35
CA SER A 211 -21.84 2.02 46.19
C SER A 211 -23.22 2.30 46.73
N VAL A 212 -23.77 3.47 46.45
CA VAL A 212 -25.00 3.91 47.10
C VAL A 212 -25.94 4.48 46.05
N VAL A 213 -27.23 4.50 46.39
CA VAL A 213 -28.23 5.01 45.46
C VAL A 213 -29.35 5.74 46.18
N THR A 214 -29.81 6.82 45.54
CA THR A 214 -30.96 7.59 45.99
C THR A 214 -32.19 7.05 45.27
N VAL A 215 -33.21 6.73 46.05
CA VAL A 215 -34.42 6.10 45.53
C VAL A 215 -35.60 6.89 46.06
N PRO A 216 -36.74 6.84 45.38
CA PRO A 216 -37.94 7.44 45.98
C PRO A 216 -38.21 6.72 47.29
N SER A 217 -38.35 7.51 48.36
CA SER A 217 -38.58 6.98 49.70
C SER A 217 -39.94 6.28 49.83
N SER A 218 -40.92 6.65 48.96
CA SER A 218 -42.27 6.11 48.79
C SER A 218 -42.29 4.72 48.15
N SER A 219 -41.14 4.09 47.94
CA SER A 219 -41.12 2.73 47.44
C SER A 219 -40.27 1.86 48.34
N LEU A 220 -39.78 2.41 49.43
CA LEU A 220 -38.83 1.73 50.27
C LEU A 220 -39.55 0.57 50.93
N GLY A 221 -39.55 -0.60 50.31
CA GLY A 221 -40.33 -1.73 50.81
C GLY A 221 -41.37 -2.23 49.83
N THR A 222 -41.74 -1.43 48.84
CA THR A 222 -42.50 -1.96 47.72
C THR A 222 -41.58 -2.58 46.69
N GLN A 223 -40.28 -2.24 46.73
CA GLN A 223 -39.30 -2.55 45.70
C GLN A 223 -38.07 -3.16 46.32
N THR A 224 -37.59 -4.24 45.75
CA THR A 224 -36.41 -4.87 46.29
C THR A 224 -35.19 -4.25 45.63
N TYR A 225 -34.19 -3.91 46.45
CA TYR A 225 -32.93 -3.40 45.94
C TYR A 225 -31.85 -4.39 46.33
N ILE A 226 -31.26 -5.05 45.34
CA ILE A 226 -30.13 -5.94 45.59
C ILE A 226 -28.96 -5.34 44.82
N CYS A 227 -27.86 -5.17 45.49
CA CYS A 227 -26.66 -4.72 44.83
C CYS A 227 -25.86 -5.97 44.60
N ASN A 228 -25.51 -6.21 43.38
CA ASN A 228 -24.76 -7.40 43.01
C ASN A 228 -23.34 -6.95 42.68
N VAL A 229 -22.43 -7.38 43.54
CA VAL A 229 -21.01 -7.10 43.46
C VAL A 229 -20.25 -8.36 43.09
N ASN A 230 -19.40 -8.27 42.08
CA ASN A 230 -18.53 -9.40 41.79
C ASN A 230 -17.14 -8.83 41.65
N HIS A 231 -16.20 -9.65 42.09
CA HIS A 231 -14.78 -9.34 42.20
C HIS A 231 -13.99 -10.42 41.47
N LYS A 232 -13.63 -10.15 40.22
CA LYS A 232 -13.06 -11.21 39.38
C LYS A 232 -11.83 -11.89 39.97
N PRO A 233 -10.86 -11.22 40.56
CA PRO A 233 -9.60 -11.92 40.91
C PRO A 233 -9.80 -13.10 41.86
N SER A 234 -10.77 -13.03 42.76
CA SER A 234 -11.05 -14.09 43.71
C SER A 234 -12.19 -14.98 43.29
N ASN A 235 -12.76 -14.79 42.10
CA ASN A 235 -13.97 -15.48 41.71
C ASN A 235 -14.99 -15.45 42.83
N THR A 236 -15.27 -14.24 43.30
CA THR A 236 -16.28 -14.00 44.32
C THR A 236 -17.41 -13.17 43.73
N LYS A 237 -18.63 -13.61 43.95
CA LYS A 237 -19.80 -12.95 43.40
C LYS A 237 -20.86 -12.92 44.47
N VAL A 238 -21.33 -11.75 44.83
CA VAL A 238 -22.31 -11.68 45.89
C VAL A 238 -23.36 -10.67 45.56
N ASP A 239 -24.61 -11.06 45.81
CA ASP A 239 -25.77 -10.17 45.78
C ASP A 239 -26.33 -10.07 47.19
N LYS A 240 -26.55 -8.86 47.65
CA LYS A 240 -27.04 -8.64 49.00
C LYS A 240 -28.35 -7.88 48.85
N LYS A 241 -29.36 -8.26 49.62
CA LYS A 241 -30.59 -7.48 49.59
C LYS A 241 -30.45 -6.41 50.66
N VAL A 242 -30.85 -5.21 50.32
CA VAL A 242 -30.76 -4.10 51.23
C VAL A 242 -32.18 -3.63 51.54
N GLU A 243 -32.53 -3.69 52.81
CA GLU A 243 -33.88 -3.41 53.29
C GLU A 243 -33.81 -2.52 54.52
N PRO A 244 -34.88 -1.76 54.79
CA PRO A 244 -35.02 -0.74 55.86
C PRO A 244 -35.07 -1.19 57.34
N VAL B 21 15.30 17.10 36.15
CA VAL B 21 14.36 18.23 35.94
C VAL B 21 13.01 17.94 36.57
N VAL B 22 12.40 18.93 37.24
CA VAL B 22 11.11 18.76 37.93
C VAL B 22 10.07 19.71 37.34
N MET B 23 9.03 19.13 36.75
CA MET B 23 7.90 19.88 36.21
C MET B 23 6.78 20.04 37.21
N THR B 24 6.15 21.21 37.17
CA THR B 24 5.03 21.54 38.04
C THR B 24 3.92 22.12 37.20
N GLN B 25 2.76 21.47 37.26
CA GLN B 25 1.52 22.01 36.71
C GLN B 25 0.86 22.77 37.86
N THR B 26 0.60 24.06 37.64
CA THR B 26 0.35 24.96 38.75
C THR B 26 -0.89 24.55 39.54
N THR B 27 -1.94 24.15 38.85
CA THR B 27 -3.21 23.80 39.45
C THR B 27 -3.53 22.33 39.18
N SER B 28 -3.88 21.59 40.25
CA SER B 28 -4.19 20.17 40.09
C SER B 28 -5.45 20.00 39.28
N SER B 29 -6.52 20.65 39.70
CA SER B 29 -7.77 20.70 38.95
C SER B 29 -7.90 22.11 38.43
N LEU B 30 -8.87 22.32 37.55
CA LEU B 30 -9.07 23.61 36.88
C LEU B 30 -10.47 23.68 36.32
N SER B 31 -11.29 24.60 36.83
CA SER B 31 -12.71 24.66 36.47
C SER B 31 -12.89 25.53 35.26
N ALA B 32 -13.92 25.24 34.47
CA ALA B 32 -14.13 26.02 33.25
C ALA B 32 -15.56 25.82 32.80
N SER B 33 -15.97 26.62 31.80
CA SER B 33 -17.26 26.41 31.12
C SER B 33 -17.04 26.09 29.66
N LEU B 34 -17.85 25.17 29.16
CA LEU B 34 -17.83 24.81 27.75
C LEU B 34 -17.83 26.07 26.90
N GLY B 35 -17.09 26.00 25.80
CA GLY B 35 -17.06 27.07 24.83
C GLY B 35 -16.00 28.13 25.07
N ASP B 36 -15.64 28.42 26.32
CA ASP B 36 -14.66 29.47 26.48
C ASP B 36 -13.22 28.92 26.46
N ARG B 37 -12.27 29.85 26.38
CA ARG B 37 -10.84 29.54 26.30
C ARG B 37 -10.31 29.07 27.66
N VAL B 38 -9.39 28.08 27.64
CA VAL B 38 -8.78 27.50 28.84
C VAL B 38 -7.27 27.47 28.67
N THR B 39 -6.53 27.72 29.77
CA THR B 39 -5.07 27.71 29.77
C THR B 39 -4.54 26.87 30.93
N ILE B 40 -3.86 25.76 30.60
CA ILE B 40 -3.10 24.94 31.55
C ILE B 40 -1.62 25.38 31.51
N SER B 41 -1.03 25.58 32.66
CA SER B 41 0.30 26.16 32.72
C SER B 41 1.33 25.18 33.27
N CYS B 42 2.47 25.09 32.59
CA CYS B 42 3.53 24.16 32.96
C CYS B 42 4.78 24.96 33.26
N SER B 43 5.42 24.66 34.40
CA SER B 43 6.59 25.36 34.90
C SER B 43 7.68 24.37 35.24
N ALA B 44 8.93 24.68 34.86
CA ALA B 44 10.03 23.72 34.89
C ALA B 44 11.11 24.15 35.89
N SER B 45 11.68 23.18 36.61
CA SER B 45 12.69 23.50 37.61
C SER B 45 13.91 24.17 37.02
N GLN B 46 14.04 24.19 35.70
CA GLN B 46 15.15 24.87 35.04
C GLN B 46 14.78 24.95 33.58
N GLY B 47 15.44 25.86 32.87
CA GLY B 47 15.12 26.10 31.47
C GLY B 47 15.27 24.86 30.60
N ILE B 48 14.21 24.51 29.88
CA ILE B 48 14.20 23.29 29.12
C ILE B 48 14.28 23.57 27.63
N SER B 49 14.56 24.82 27.28
CA SER B 49 14.88 25.22 25.92
C SER B 49 13.89 24.67 24.87
N ASN B 50 12.59 24.74 25.22
CA ASN B 50 11.45 24.44 24.36
C ASN B 50 11.20 22.97 24.10
N TYR B 51 11.96 22.07 24.72
CA TYR B 51 11.73 20.65 24.52
C TYR B 51 10.59 20.20 25.42
N LEU B 52 9.37 20.59 25.04
CA LEU B 52 8.22 20.31 25.87
C LEU B 52 7.06 19.79 25.05
N ASN B 53 6.45 18.73 25.56
CA ASN B 53 5.31 18.07 24.96
C ASN B 53 4.11 18.11 25.88
N TRP B 54 2.95 17.91 25.27
CA TRP B 54 1.66 17.93 25.93
C TRP B 54 0.88 16.67 25.57
N TYR B 55 0.48 15.91 26.59
CA TYR B 55 -0.39 14.76 26.42
C TYR B 55 -1.69 14.98 27.14
N GLN B 56 -2.74 14.31 26.66
CA GLN B 56 -4.07 14.35 27.27
C GLN B 56 -4.53 12.93 27.59
N GLN B 57 -4.79 12.66 28.86
CA GLN B 57 -5.34 11.37 29.29
C GLN B 57 -6.81 11.50 29.67
N LYS B 58 -7.63 10.63 29.14
CA LYS B 58 -9.04 10.59 29.51
C LYS B 58 -9.28 9.54 30.57
N PRO B 59 -10.43 9.57 31.25
CA PRO B 59 -10.64 8.62 32.36
C PRO B 59 -10.57 7.16 31.97
N ASP B 60 -10.97 6.79 30.74
CA ASP B 60 -10.79 5.39 30.36
C ASP B 60 -9.34 4.96 30.50
N GLY B 61 -8.41 5.89 30.65
CA GLY B 61 -7.00 5.57 30.74
C GLY B 61 -6.21 5.94 29.52
N THR B 62 -6.88 6.13 28.38
CA THR B 62 -6.20 6.34 27.11
C THR B 62 -5.37 7.62 27.13
N VAL B 63 -4.26 7.60 26.40
CA VAL B 63 -3.34 8.73 26.33
C VAL B 63 -3.09 9.15 24.91
N LYS B 64 -3.09 10.45 24.65
CA LYS B 64 -2.80 10.89 23.30
C LYS B 64 -1.81 12.05 23.31
N LEU B 65 -1.04 12.14 22.22
CA LEU B 65 -0.14 13.26 21.99
C LEU B 65 -0.95 14.42 21.44
N LEU B 66 -0.73 15.63 21.97
CA LEU B 66 -1.43 16.85 21.54
C LEU B 66 -0.50 17.85 20.86
N ILE B 67 0.54 18.29 21.57
CA ILE B 67 1.52 19.27 21.13
C ILE B 67 2.91 18.74 21.42
N TYR B 68 3.81 18.81 20.43
CA TYR B 68 5.21 18.51 20.70
C TYR B 68 6.06 19.70 20.31
N TYR B 69 7.20 19.84 21.00
CA TYR B 69 8.07 21.01 20.88
C TYR B 69 7.27 22.30 21.15
N THR B 70 6.65 22.36 22.33
CA THR B 70 5.92 23.54 22.83
C THR B 70 4.66 23.92 22.04
N SER B 71 4.76 24.04 20.72
CA SER B 71 3.62 24.52 19.92
C SER B 71 3.22 23.69 18.69
N ILE B 72 3.89 22.58 18.39
CA ILE B 72 3.59 21.86 17.15
C ILE B 72 2.47 20.87 17.40
N LEU B 73 1.38 20.97 16.64
CA LEU B 73 0.20 20.16 16.90
C LEU B 73 0.38 18.75 16.30
N HIS B 74 0.15 17.72 17.14
CA HIS B 74 0.28 16.34 16.69
C HIS B 74 -0.80 16.04 15.65
N SER B 75 -0.54 15.07 14.80
CA SER B 75 -1.47 14.75 13.74
C SER B 75 -2.88 14.47 14.27
N GLY B 76 -3.88 15.00 13.57
CA GLY B 76 -5.25 14.74 13.95
C GLY B 76 -5.73 15.38 15.25
N VAL B 77 -5.02 16.39 15.77
CA VAL B 77 -5.42 17.12 16.97
C VAL B 77 -6.19 18.34 16.50
N PRO B 78 -7.32 18.72 17.10
CA PRO B 78 -8.10 19.85 16.57
C PRO B 78 -7.43 21.20 16.84
N SER B 79 -7.79 22.16 15.98
CA SER B 79 -7.10 23.45 15.93
C SER B 79 -7.36 24.31 17.16
N ARG B 80 -8.42 24.03 17.92
CA ARG B 80 -8.62 24.78 19.15
C ARG B 80 -7.51 24.54 20.14
N PHE B 81 -6.69 23.52 19.93
CA PHE B 81 -5.55 23.33 20.77
C PHE B 81 -4.35 24.12 20.28
N SER B 82 -3.64 24.77 21.22
CA SER B 82 -2.34 25.37 20.95
C SER B 82 -1.61 25.50 22.28
N GLY B 83 -0.28 25.39 22.18
CA GLY B 83 0.58 25.55 23.32
C GLY B 83 1.68 26.53 22.95
N SER B 84 2.27 27.13 23.96
CA SER B 84 3.32 28.11 23.73
C SER B 84 4.15 28.24 25.00
N GLY B 85 5.23 29.02 24.92
CA GLY B 85 6.07 29.21 26.09
C GLY B 85 7.56 29.20 25.76
N SER B 86 8.36 29.27 26.81
CA SER B 86 9.78 29.52 26.70
C SER B 86 10.44 29.31 28.04
N GLY B 87 11.73 29.04 27.98
CA GLY B 87 12.51 29.00 29.20
C GLY B 87 12.00 28.00 30.19
N THR B 88 11.36 28.48 31.24
CA THR B 88 10.80 27.56 32.23
C THR B 88 9.29 27.58 32.25
N ASP B 89 8.65 28.33 31.37
CA ASP B 89 7.23 28.54 31.49
C ASP B 89 6.58 28.28 30.15
N TYR B 90 5.51 27.47 30.19
CA TYR B 90 4.86 26.89 29.04
C TYR B 90 3.38 26.73 29.37
N SER B 91 2.56 26.80 28.34
CA SER B 91 1.14 26.79 28.56
C SER B 91 0.44 26.13 27.38
N LEU B 92 -0.64 25.42 27.70
CA LEU B 92 -1.56 24.83 26.73
C LEU B 92 -2.88 25.58 26.78
N THR B 93 -3.44 25.84 25.60
CA THR B 93 -4.61 26.69 25.46
C THR B 93 -5.59 26.06 24.50
N ILE B 94 -6.72 25.61 25.02
CA ILE B 94 -7.89 25.28 24.22
C ILE B 94 -8.69 26.57 24.00
N SER B 95 -9.08 26.84 22.76
CA SER B 95 -9.77 28.10 22.52
C SER B 95 -11.27 28.01 22.79
N ASN B 96 -11.89 26.86 22.53
CA ASN B 96 -13.30 26.56 22.87
C ASN B 96 -13.36 25.25 23.62
N LEU B 97 -13.40 25.29 24.94
CA LEU B 97 -13.59 24.04 25.66
C LEU B 97 -14.77 23.29 25.07
N GLU B 98 -14.53 22.11 24.55
CA GLU B 98 -15.61 21.30 24.05
C GLU B 98 -15.69 20.05 24.88
N PRO B 99 -16.87 19.48 25.06
CA PRO B 99 -17.04 18.43 26.10
C PRO B 99 -16.03 17.29 26.01
N GLU B 100 -15.64 16.90 24.79
CA GLU B 100 -14.61 15.89 24.64
C GLU B 100 -13.28 16.31 25.27
N ASP B 101 -13.00 17.61 25.37
CA ASP B 101 -11.73 18.08 25.93
C ASP B 101 -11.65 17.91 27.43
N ILE B 102 -12.70 17.46 28.08
CA ILE B 102 -12.64 17.25 29.52
C ILE B 102 -11.78 16.03 29.80
N ALA B 103 -10.58 16.24 30.35
CA ALA B 103 -9.57 15.21 30.50
C ALA B 103 -8.45 15.76 31.37
N THR B 104 -7.56 14.90 31.83
CA THR B 104 -6.33 15.37 32.46
C THR B 104 -5.23 15.66 31.44
N TYR B 105 -4.55 16.81 31.62
CA TYR B 105 -3.54 17.30 30.68
C TYR B 105 -2.17 17.22 31.35
N TYR B 106 -1.27 16.44 30.74
CA TYR B 106 0.10 16.20 31.20
C TYR B 106 1.12 16.87 30.28
N CYS B 107 2.08 17.57 30.88
CA CYS B 107 3.18 18.14 30.12
C CYS B 107 4.43 17.30 30.35
N GLN B 108 5.34 17.28 29.37
CA GLN B 108 6.55 16.52 29.63
C GLN B 108 7.71 17.09 28.85
N GLN B 109 8.88 17.08 29.49
CA GLN B 109 10.07 17.73 28.97
C GLN B 109 11.06 16.72 28.42
N TYR B 110 11.87 17.14 27.44
CA TYR B 110 12.94 16.24 27.08
C TYR B 110 14.28 16.94 26.89
N SER B 111 14.60 17.95 27.71
CA SER B 111 15.98 18.44 27.61
C SER B 111 16.95 17.54 28.36
N LYS B 112 16.60 17.09 29.57
CA LYS B 112 17.48 16.30 30.43
C LYS B 112 17.08 14.82 30.40
N PHE B 113 17.99 13.91 30.91
CA PHE B 113 17.83 12.50 30.56
C PHE B 113 16.54 11.87 31.04
N PRO B 114 16.28 11.78 32.34
CA PRO B 114 15.00 11.13 32.68
C PRO B 114 13.86 12.01 32.12
N ARG B 115 13.25 11.62 30.99
CA ARG B 115 12.11 12.38 30.48
C ARG B 115 11.16 12.52 31.65
N THR B 116 10.71 13.71 31.94
CA THR B 116 9.83 13.83 33.09
C THR B 116 8.53 14.51 32.70
N PHE B 117 7.43 14.04 33.29
CA PHE B 117 6.10 14.57 33.03
C PHE B 117 5.68 15.52 34.15
N GLY B 118 4.72 16.37 33.84
CA GLY B 118 4.13 17.16 34.90
C GLY B 118 3.33 16.33 35.89
N GLY B 119 2.40 16.97 36.59
CA GLY B 119 1.58 16.28 37.55
C GLY B 119 0.15 16.21 37.05
N GLY B 120 -0.09 16.87 35.93
CA GLY B 120 -1.38 16.86 35.29
C GLY B 120 -2.25 18.00 35.74
N THR B 121 -3.33 18.19 35.01
CA THR B 121 -4.31 19.22 35.32
C THR B 121 -5.62 18.68 34.78
N LYS B 122 -6.53 18.29 35.68
CA LYS B 122 -7.81 17.75 35.28
C LYS B 122 -8.77 18.90 35.12
N LEU B 123 -9.70 18.78 34.19
CA LEU B 123 -10.57 19.89 33.82
C LEU B 123 -11.98 19.62 34.31
N GLU B 124 -12.51 20.47 35.18
CA GLU B 124 -13.84 20.34 35.73
C GLU B 124 -14.77 21.39 35.11
N ILE B 125 -16.06 21.06 35.00
CA ILE B 125 -17.03 22.05 34.50
C ILE B 125 -17.64 22.85 35.64
N LYS B 126 -17.78 24.15 35.39
CA LYS B 126 -18.39 25.06 36.35
C LYS B 126 -19.90 25.00 36.21
N ARG B 127 -20.57 24.91 37.36
CA ARG B 127 -22.02 24.95 37.45
C ARG B 127 -22.39 25.73 38.71
N THR B 128 -23.68 25.95 38.91
CA THR B 128 -24.11 26.71 40.09
C THR B 128 -23.83 25.94 41.38
N VAL B 129 -23.56 26.69 42.46
CA VAL B 129 -23.32 26.03 43.74
C VAL B 129 -24.46 25.09 44.02
N ALA B 130 -24.14 23.91 44.55
CA ALA B 130 -25.13 22.90 44.91
C ALA B 130 -24.81 22.41 46.31
N ALA B 131 -25.82 22.28 47.12
CA ALA B 131 -25.39 21.86 48.44
C ALA B 131 -25.51 20.34 48.57
N PRO B 132 -24.67 19.76 49.41
CA PRO B 132 -24.73 18.31 49.60
C PRO B 132 -26.03 17.90 50.28
N SER B 133 -26.35 16.62 50.12
CA SER B 133 -27.51 15.97 50.73
C SER B 133 -26.92 14.91 51.63
N VAL B 134 -26.74 15.23 52.90
CA VAL B 134 -25.93 14.38 53.75
C VAL B 134 -26.75 13.23 54.33
N PHE B 135 -26.25 12.00 54.16
CA PHE B 135 -26.78 10.83 54.85
C PHE B 135 -25.69 10.13 55.65
N ILE B 136 -26.13 9.35 56.64
CA ILE B 136 -25.22 8.57 57.46
C ILE B 136 -25.81 7.18 57.63
N PHE B 137 -24.93 6.19 57.78
CA PHE B 137 -25.30 4.80 57.89
C PHE B 137 -24.57 4.18 59.06
N PRO B 138 -25.26 3.45 59.93
CA PRO B 138 -24.61 2.84 61.08
C PRO B 138 -24.12 1.47 60.69
N PRO B 139 -23.10 0.96 61.36
CA PRO B 139 -22.54 -0.35 60.95
C PRO B 139 -23.60 -1.45 60.96
N SER B 140 -23.51 -2.35 59.98
CA SER B 140 -24.53 -3.39 59.88
C SER B 140 -24.19 -4.56 60.80
N ASP B 141 -25.24 -5.31 61.13
CA ASP B 141 -25.10 -6.41 62.09
C ASP B 141 -24.12 -7.46 61.59
N GLU B 142 -24.25 -7.90 60.34
CA GLU B 142 -23.25 -8.83 59.80
C GLU B 142 -21.84 -8.34 60.10
N GLN B 143 -21.59 -7.04 59.88
CA GLN B 143 -20.24 -6.54 60.09
C GLN B 143 -19.81 -6.62 61.55
N LEU B 144 -20.75 -6.33 62.46
CA LEU B 144 -20.43 -6.31 63.89
C LEU B 144 -20.16 -7.71 64.42
N LYS B 145 -20.92 -8.70 63.95
CA LYS B 145 -20.71 -10.11 64.26
C LYS B 145 -19.32 -10.58 63.86
N SER B 146 -18.51 -9.71 63.27
CA SER B 146 -17.24 -10.12 62.67
C SER B 146 -16.04 -9.34 63.15
N GLY B 147 -16.24 -8.29 63.95
CA GLY B 147 -15.13 -7.65 64.63
C GLY B 147 -14.81 -6.26 64.16
N THR B 148 -15.55 -5.70 63.24
CA THR B 148 -15.27 -4.35 62.76
C THR B 148 -16.60 -3.62 62.64
N ALA B 149 -16.56 -2.32 62.90
CA ALA B 149 -17.73 -1.47 62.77
C ALA B 149 -17.36 -0.32 61.86
N SER B 150 -18.21 -0.07 60.86
CA SER B 150 -17.93 0.99 59.89
C SER B 150 -19.09 1.97 59.88
N VAL B 151 -18.82 3.21 60.23
CA VAL B 151 -19.81 4.25 60.02
C VAL B 151 -19.49 4.92 58.70
N VAL B 152 -20.53 5.29 57.98
CA VAL B 152 -20.41 5.74 56.60
C VAL B 152 -21.26 6.99 56.42
N CYS B 153 -20.61 8.08 56.01
CA CYS B 153 -21.30 9.32 55.71
C CYS B 153 -21.32 9.51 54.21
N LEU B 154 -22.47 9.90 53.68
CA LEU B 154 -22.62 10.16 52.26
C LEU B 154 -22.99 11.61 52.01
N LEU B 155 -22.25 12.25 51.09
CA LEU B 155 -22.59 13.58 50.59
C LEU B 155 -23.04 13.40 49.15
N ASN B 156 -24.25 13.86 48.83
CA ASN B 156 -24.86 13.53 47.55
C ASN B 156 -25.05 14.75 46.67
N ASN B 157 -24.56 14.66 45.44
CA ASN B 157 -24.80 15.65 44.39
C ASN B 157 -24.51 17.08 44.84
N PHE B 158 -23.26 17.30 45.26
CA PHE B 158 -22.82 18.61 45.70
C PHE B 158 -21.85 19.19 44.68
N TYR B 159 -21.79 20.54 44.64
CA TYR B 159 -20.86 21.29 43.80
C TYR B 159 -20.48 22.61 44.46
N PRO B 160 -19.21 23.04 44.42
CA PRO B 160 -17.99 22.45 43.89
C PRO B 160 -17.40 21.31 44.71
N ARG B 161 -16.44 20.56 44.15
CA ARG B 161 -15.88 19.36 44.79
C ARG B 161 -15.33 19.63 46.19
N GLU B 162 -14.81 20.83 46.44
CA GLU B 162 -14.24 21.08 47.77
C GLU B 162 -15.34 20.96 48.82
N ALA B 163 -15.03 20.24 49.89
CA ALA B 163 -15.95 20.06 51.00
C ALA B 163 -15.20 19.37 52.13
N LYS B 164 -15.68 19.57 53.34
CA LYS B 164 -14.98 19.01 54.49
C LYS B 164 -15.96 18.24 55.37
N VAL B 165 -15.62 16.98 55.64
CA VAL B 165 -16.39 16.06 56.48
C VAL B 165 -15.65 15.89 57.81
N GLN B 166 -16.35 16.10 58.93
CA GLN B 166 -15.80 15.85 60.25
C GLN B 166 -16.55 14.73 60.96
N TRP B 167 -15.82 13.79 61.53
CA TRP B 167 -16.42 12.71 62.32
C TRP B 167 -16.29 13.03 63.81
N LYS B 168 -17.42 12.99 64.51
CA LYS B 168 -17.44 13.29 65.93
C LYS B 168 -18.12 12.17 66.69
N VAL B 169 -17.34 11.41 67.45
CA VAL B 169 -17.87 10.40 68.35
C VAL B 169 -17.96 11.05 69.73
N ASP B 170 -19.17 11.15 70.26
CA ASP B 170 -19.40 11.86 71.52
C ASP B 170 -18.60 13.18 71.54
N ASN B 171 -18.83 13.97 70.48
CA ASN B 171 -18.27 15.31 70.29
C ASN B 171 -16.74 15.36 70.22
N ALA B 172 -16.08 14.28 69.84
CA ALA B 172 -14.61 14.31 69.74
C ALA B 172 -14.22 14.10 68.28
N LEU B 173 -13.62 15.13 67.68
CA LEU B 173 -13.22 14.98 66.29
C LEU B 173 -12.29 13.79 66.22
N GLN B 174 -12.66 12.80 65.44
CA GLN B 174 -11.85 11.61 65.32
C GLN B 174 -11.06 11.76 64.03
N SER B 175 -9.75 11.70 64.14
CA SER B 175 -8.90 11.83 62.96
C SER B 175 -7.80 10.79 63.06
N GLY B 176 -7.58 10.13 61.93
CA GLY B 176 -6.68 8.99 61.81
C GLY B 176 -7.39 7.70 61.53
N ASN B 177 -8.73 7.73 61.50
CA ASN B 177 -9.52 6.52 61.37
C ASN B 177 -10.67 6.65 60.38
N SER B 178 -10.67 7.69 59.53
CA SER B 178 -11.68 7.88 58.49
C SER B 178 -10.98 7.89 57.12
N GLN B 179 -11.72 7.56 56.07
CA GLN B 179 -11.22 7.66 54.71
C GLN B 179 -12.36 8.15 53.81
N GLU B 180 -12.04 9.03 52.86
CA GLU B 180 -12.99 9.70 51.98
C GLU B 180 -12.81 9.25 50.54
N SER B 181 -13.84 9.45 49.75
CA SER B 181 -13.75 9.15 48.32
C SER B 181 -14.72 10.02 47.55
N VAL B 182 -14.26 10.60 46.46
CA VAL B 182 -15.11 11.45 45.65
C VAL B 182 -15.27 10.84 44.27
N THR B 183 -16.48 10.91 43.74
CA THR B 183 -16.70 10.49 42.38
C THR B 183 -16.05 11.46 41.40
N GLU B 184 -16.05 11.07 40.13
CA GLU B 184 -15.75 12.08 39.15
C GLU B 184 -17.01 12.89 38.92
N GLN B 185 -16.82 14.15 38.61
CA GLN B 185 -17.94 15.03 38.33
C GLN B 185 -18.91 14.37 37.35
N ASP B 186 -20.19 14.43 37.67
CA ASP B 186 -21.18 13.75 36.89
C ASP B 186 -21.38 14.33 35.51
N SER B 187 -21.62 13.46 34.54
CA SER B 187 -21.99 13.86 33.20
C SER B 187 -23.35 14.54 33.17
N LYS B 188 -24.23 14.15 34.09
CA LYS B 188 -25.64 14.54 34.11
C LYS B 188 -25.83 15.93 34.71
N ASP B 189 -25.18 16.22 35.83
CA ASP B 189 -25.43 17.48 36.53
C ASP B 189 -24.16 18.18 36.94
N SER B 190 -23.00 17.66 36.59
CA SER B 190 -21.73 18.30 36.92
C SER B 190 -21.53 18.43 38.43
N THR B 191 -22.11 17.53 39.22
CA THR B 191 -21.90 17.54 40.66
C THR B 191 -20.94 16.44 41.07
N TYR B 192 -20.53 16.52 42.34
CA TYR B 192 -19.69 15.53 42.97
C TYR B 192 -20.55 14.79 43.99
N SER B 193 -19.99 13.71 44.53
CA SER B 193 -20.61 12.96 45.61
C SER B 193 -19.47 12.36 46.38
N LEU B 194 -19.58 12.37 47.68
CA LEU B 194 -18.46 12.00 48.52
C LEU B 194 -18.93 10.97 49.52
N SER B 195 -18.07 10.01 49.86
CA SER B 195 -18.35 9.10 50.95
C SER B 195 -17.16 8.99 51.89
N SER B 196 -17.39 9.31 53.16
CA SER B 196 -16.41 9.15 54.23
C SER B 196 -16.79 7.92 55.05
N THR B 197 -15.81 7.07 55.32
CA THR B 197 -16.03 5.77 55.93
C THR B 197 -15.19 5.71 57.20
N LEU B 198 -15.86 5.66 58.35
CA LEU B 198 -15.20 5.67 59.65
C LEU B 198 -15.07 4.24 60.11
N THR B 199 -13.83 3.76 60.21
CA THR B 199 -13.54 2.36 60.47
C THR B 199 -13.13 2.20 61.94
N LEU B 200 -13.90 1.39 62.68
CA LEU B 200 -13.72 1.17 64.11
C LEU B 200 -13.71 -0.32 64.46
N SER B 201 -13.24 -0.63 65.67
CA SER B 201 -13.47 -1.96 66.25
C SER B 201 -14.87 -2.01 66.87
N LYS B 202 -15.40 -3.24 67.05
CA LYS B 202 -16.69 -3.34 67.76
C LYS B 202 -16.52 -2.94 69.21
N ALA B 203 -15.32 -3.17 69.76
CA ALA B 203 -15.04 -2.71 71.11
C ALA B 203 -15.20 -1.20 71.18
N ASP B 204 -14.39 -0.49 70.38
CA ASP B 204 -14.41 0.95 70.44
C ASP B 204 -15.74 1.51 69.92
N TYR B 205 -16.46 0.74 69.09
CA TYR B 205 -17.80 1.13 68.66
C TYR B 205 -18.77 1.12 69.82
N GLU B 206 -18.75 0.04 70.61
CA GLU B 206 -19.67 -0.05 71.74
C GLU B 206 -19.27 0.88 72.88
N LYS B 207 -18.08 1.46 72.84
CA LYS B 207 -17.64 2.32 73.91
C LYS B 207 -18.24 3.75 73.87
N HIS B 208 -19.06 4.11 72.87
CA HIS B 208 -19.60 5.48 72.79
C HIS B 208 -21.09 5.47 72.46
N LYS B 209 -21.68 6.65 72.42
CA LYS B 209 -23.13 6.79 72.41
C LYS B 209 -23.63 7.60 71.22
N VAL B 210 -23.15 8.83 71.02
CA VAL B 210 -23.59 9.66 69.90
C VAL B 210 -22.53 9.60 68.80
N TYR B 211 -22.97 9.28 67.58
CA TYR B 211 -22.09 9.26 66.42
C TYR B 211 -22.58 10.36 65.49
N ALA B 212 -21.68 11.23 65.05
CA ALA B 212 -22.08 12.31 64.18
C ALA B 212 -21.03 12.63 63.11
N CYS B 213 -21.56 13.03 61.96
CA CYS B 213 -20.76 13.39 60.80
C CYS B 213 -21.04 14.86 60.57
N GLU B 214 -19.97 15.67 60.44
CA GLU B 214 -20.10 17.10 60.23
C GLU B 214 -19.61 17.46 58.84
N VAL B 215 -20.42 18.25 58.13
CA VAL B 215 -20.17 18.60 56.74
C VAL B 215 -20.24 20.10 56.60
N THR B 216 -19.11 20.70 56.27
CA THR B 216 -19.00 22.12 55.93
C THR B 216 -18.83 22.24 54.42
N HIS B 217 -19.69 23.04 53.79
CA HIS B 217 -19.66 23.22 52.34
C HIS B 217 -20.12 24.63 51.99
N GLN B 218 -19.75 25.07 50.77
CA GLN B 218 -20.05 26.42 50.32
C GLN B 218 -21.56 26.63 50.20
N GLY B 219 -22.28 25.62 49.75
CA GLY B 219 -23.71 25.78 49.69
C GLY B 219 -24.44 25.64 50.99
N LEU B 220 -23.76 25.23 52.05
CA LEU B 220 -24.37 25.18 53.38
C LEU B 220 -24.10 26.48 54.13
N SER B 221 -25.17 27.14 54.57
CA SER B 221 -25.03 28.35 55.38
C SER B 221 -24.28 28.07 56.67
N SER B 222 -24.52 26.91 57.28
CA SER B 222 -23.92 26.50 58.55
C SER B 222 -23.60 25.01 58.50
N PRO B 223 -22.63 24.53 59.32
CA PRO B 223 -22.25 23.10 59.24
C PRO B 223 -23.39 22.14 59.57
N VAL B 224 -23.98 21.53 58.54
CA VAL B 224 -25.01 20.52 58.76
C VAL B 224 -24.38 19.32 59.41
N THR B 225 -25.10 18.71 60.34
CA THR B 225 -24.62 17.51 60.97
C THR B 225 -25.79 16.55 61.02
N LYS B 226 -25.59 15.34 60.50
CA LYS B 226 -26.51 14.21 60.63
C LYS B 226 -25.86 13.23 61.60
N SER B 227 -26.67 12.63 62.49
CA SER B 227 -26.10 11.79 63.54
C SER B 227 -27.08 10.70 63.94
N PHE B 228 -26.55 9.68 64.61
CA PHE B 228 -27.33 8.56 65.10
C PHE B 228 -26.83 8.11 66.46
N ASN B 229 -27.71 7.42 67.19
CA ASN B 229 -27.46 6.94 68.54
C ASN B 229 -27.47 5.41 68.58
N ARG B 230 -26.38 4.84 69.07
CA ARG B 230 -26.06 3.45 68.82
C ARG B 230 -27.18 2.43 69.11
N GLY C 22 44.20 42.65 13.62
CA GLY C 22 43.81 43.80 14.42
C GLY C 22 42.34 43.88 14.84
N PRO C 23 42.04 44.73 15.87
CA PRO C 23 40.83 44.51 16.70
C PRO C 23 39.46 44.66 16.08
N ILE C 24 38.46 44.57 16.97
CA ILE C 24 37.04 44.68 16.64
C ILE C 24 36.42 46.02 17.06
N ILE C 25 36.86 46.60 18.18
CA ILE C 25 36.37 47.91 18.62
C ILE C 25 37.55 48.81 18.97
N CYS C 26 38.26 48.46 20.04
CA CYS C 26 39.19 49.35 20.72
C CYS C 26 40.61 48.96 20.35
N ALA C 27 41.44 49.96 20.03
CA ALA C 27 42.82 49.61 19.75
C ALA C 27 43.53 49.25 21.05
N GLY C 28 44.67 48.57 20.91
CA GLY C 28 45.37 48.03 22.05
C GLY C 28 45.49 49.05 23.17
N PRO C 29 45.31 48.60 24.42
CA PRO C 29 45.31 49.55 25.54
C PRO C 29 46.72 49.90 26.02
N ILE C 30 46.89 51.18 26.36
CA ILE C 30 48.15 51.69 26.86
C ILE C 30 47.88 52.17 28.28
N HIS C 31 47.90 51.22 29.22
CA HIS C 31 47.35 51.40 30.56
C HIS C 31 48.24 52.29 31.43
N SER C 32 47.59 53.03 32.33
CA SER C 32 48.33 53.95 33.19
C SER C 32 49.09 53.19 34.25
N ASN C 33 48.41 52.53 35.20
CA ASN C 33 49.10 51.91 36.32
C ASN C 33 48.63 50.48 36.52
N LYS C 34 49.58 49.60 36.88
CA LYS C 34 49.23 48.21 37.11
C LYS C 34 48.31 48.04 38.32
N SER C 35 48.25 49.01 39.23
CA SER C 35 47.40 48.81 40.40
C SER C 35 45.95 49.24 40.23
N ALA C 36 45.58 49.84 39.08
CA ALA C 36 44.20 50.26 38.87
C ALA C 36 43.28 49.05 38.63
N ASP C 37 42.05 49.12 39.14
CA ASP C 37 41.07 48.04 38.99
C ASP C 37 40.14 48.32 37.81
N ILE C 38 39.53 47.25 37.31
CA ILE C 38 38.70 47.29 36.10
C ILE C 38 37.22 47.18 36.47
N PRO C 39 36.38 48.03 35.92
CA PRO C 39 34.95 48.02 36.24
C PRO C 39 34.22 46.92 35.51
N HIS C 40 33.11 46.48 36.11
CA HIS C 40 32.18 45.57 35.46
C HIS C 40 31.14 46.41 34.72
N LEU C 41 31.17 46.32 33.39
CA LEU C 41 30.26 47.05 32.50
C LEU C 41 29.15 46.12 32.05
N LEU C 42 28.00 46.72 31.71
CA LEU C 42 26.82 45.94 31.36
C LEU C 42 26.56 45.89 29.87
N GLY C 43 27.02 46.88 29.12
CA GLY C 43 26.85 46.85 27.68
C GLY C 43 27.53 45.68 27.03
N TYR C 44 26.96 45.25 25.91
CA TYR C 44 27.58 44.23 25.08
C TYR C 44 28.86 44.75 24.44
N SER C 45 28.77 45.91 23.78
CA SER C 45 29.95 46.46 23.13
C SER C 45 30.98 46.94 24.14
N GLU C 46 30.54 47.34 25.33
CA GLU C 46 31.47 47.65 26.41
C GLU C 46 32.35 46.44 26.72
N LYS C 47 31.74 45.25 26.80
CA LYS C 47 32.51 44.02 27.04
C LYS C 47 33.32 43.63 25.83
N ILE C 48 32.75 43.73 24.63
CA ILE C 48 33.51 43.42 23.44
C ILE C 48 34.77 44.28 23.39
N CYS C 49 34.65 45.54 23.78
CA CYS C 49 35.85 46.37 23.88
C CYS C 49 36.79 45.81 24.94
N GLN C 50 36.27 45.54 26.15
CA GLN C 50 37.12 45.01 27.22
C GLN C 50 37.87 43.76 26.79
N ILE C 51 37.24 42.96 25.92
CA ILE C 51 37.90 41.78 25.39
C ILE C 51 39.00 42.18 24.40
N ASP C 52 38.73 43.21 23.58
CA ASP C 52 39.73 43.73 22.66
C ASP C 52 40.96 44.21 23.40
N ARG C 53 40.76 44.83 24.56
CA ARG C 53 41.88 45.32 25.35
C ARG C 53 42.40 44.27 26.31
N LEU C 54 42.01 43.01 26.07
CA LEU C 54 42.53 41.88 26.85
C LEU C 54 42.31 42.10 28.34
N ILE C 55 41.27 42.89 28.65
CA ILE C 55 40.91 43.13 30.04
C ILE C 55 40.43 41.86 30.74
N HIS C 56 39.79 40.96 29.98
CA HIS C 56 39.19 39.77 30.58
C HIS C 56 40.25 38.79 31.07
N VAL C 57 41.24 38.49 30.23
CA VAL C 57 42.36 37.64 30.68
C VAL C 57 42.98 38.25 31.93
N SER C 58 43.12 39.59 31.93
CA SER C 58 43.71 40.31 33.06
C SER C 58 42.92 40.07 34.34
N SER C 59 41.60 40.32 34.29
CA SER C 59 40.78 40.07 35.46
C SER C 59 40.95 38.64 35.94
N TRP C 60 40.94 37.69 34.99
CA TRP C 60 41.09 36.29 35.37
C TRP C 60 42.34 36.11 36.21
N LEU C 61 43.44 36.70 35.75
CA LEU C 61 44.71 36.56 36.45
C LEU C 61 44.63 37.23 37.80
N ARG C 62 43.97 38.39 37.87
CA ARG C 62 43.73 39.04 39.16
C ARG C 62 42.86 38.16 40.04
N ASN C 63 41.68 37.76 39.54
CA ASN C 63 40.79 36.93 40.34
C ASN C 63 41.46 35.65 40.84
N HIS C 64 42.53 35.17 40.17
CA HIS C 64 42.97 33.80 40.44
C HIS C 64 44.44 33.56 40.82
N SER C 65 45.40 34.29 40.27
CA SER C 65 46.80 33.85 40.31
C SER C 65 47.76 34.78 41.04
N GLN C 66 47.28 35.63 41.94
CA GLN C 66 48.13 36.65 42.57
C GLN C 66 48.75 37.58 41.54
N PHE C 67 48.00 37.95 40.51
CA PHE C 67 48.51 38.86 39.50
C PHE C 67 48.16 40.30 39.81
N GLN C 68 49.10 41.20 39.52
CA GLN C 68 48.98 42.63 39.73
C GLN C 68 48.94 43.31 38.36
N GLY C 69 47.76 43.74 37.92
CA GLY C 69 47.65 44.63 36.78
C GLY C 69 46.89 44.02 35.61
N TYR C 70 47.33 44.34 34.40
CA TYR C 70 46.67 43.99 33.14
C TYR C 70 47.67 43.27 32.25
N VAL C 71 47.16 42.81 31.11
CA VAL C 71 47.98 42.19 30.07
C VAL C 71 47.47 42.68 28.71
N GLY C 72 48.31 42.47 27.68
CA GLY C 72 47.99 42.91 26.33
C GLY C 72 48.39 44.33 26.00
N GLN C 73 49.48 44.84 26.58
CA GLN C 73 49.92 46.23 26.44
C GLN C 73 50.22 46.54 24.98
N ARG C 74 49.55 47.55 24.46
CA ARG C 74 49.71 48.03 23.08
C ARG C 74 49.21 47.02 22.05
N GLY C 75 49.50 45.74 22.24
CA GLY C 75 49.08 44.75 21.27
C GLY C 75 47.61 44.44 21.35
N GLY C 76 47.10 44.21 22.56
CA GLY C 76 45.70 43.91 22.72
C GLY C 76 45.37 42.46 22.42
N ARG C 77 44.06 42.18 22.36
CA ARG C 77 43.61 40.82 22.11
C ARG C 77 44.11 40.31 20.77
N SER C 78 44.24 41.17 19.76
CA SER C 78 44.63 40.72 18.45
C SER C 78 46.09 40.23 18.40
N GLN C 79 46.88 40.53 19.43
CA GLN C 79 48.31 40.23 19.45
C GLN C 79 48.71 39.13 20.45
N VAL C 80 47.80 38.23 20.79
CA VAL C 80 48.09 37.08 21.63
C VAL C 80 48.76 35.98 20.82
N SER C 81 49.54 35.14 21.51
CA SER C 81 50.18 33.97 20.94
C SER C 81 49.27 32.74 21.02
N TYR C 82 49.15 32.01 19.90
CA TYR C 82 48.36 30.79 19.81
C TYR C 82 49.28 29.60 19.60
N TYR C 83 48.97 28.45 20.30
CA TYR C 83 49.79 27.25 20.18
C TYR C 83 50.05 26.85 18.73
N PRO C 84 49.11 26.27 17.96
CA PRO C 84 49.52 25.94 16.59
C PRO C 84 49.94 27.25 15.94
N ALA C 85 51.14 27.23 15.33
CA ALA C 85 51.77 28.49 14.99
C ALA C 85 50.91 29.26 14.01
N GLU C 86 50.39 28.56 13.01
CA GLU C 86 49.29 29.03 12.19
C GLU C 86 47.99 28.68 12.89
N ASN C 87 47.00 29.55 12.74
CA ASN C 87 45.83 29.50 13.63
C ASN C 87 44.69 30.25 12.94
N SER C 88 43.86 29.50 12.21
CA SER C 88 42.96 30.16 11.26
C SER C 88 41.93 31.03 11.95
N TYR C 89 41.37 30.59 13.07
CA TYR C 89 40.19 31.27 13.58
C TYR C 89 40.55 32.64 14.15
N SER C 90 41.74 32.78 14.75
CA SER C 90 42.16 34.08 15.25
C SER C 90 42.41 35.10 14.13
N ARG C 91 42.58 34.63 12.88
CA ARG C 91 42.65 35.54 11.74
C ARG C 91 41.36 36.33 11.56
N TRP C 92 40.21 35.77 11.93
CA TRP C 92 38.96 36.51 11.96
C TRP C 92 38.79 37.10 13.37
N SER C 93 38.79 38.42 13.46
CA SER C 93 38.80 39.08 14.76
C SER C 93 37.57 38.72 15.59
N GLY C 94 36.45 38.41 14.93
CA GLY C 94 35.13 38.20 15.49
C GLY C 94 34.77 36.82 15.98
N LEU C 95 35.65 35.83 15.87
CA LEU C 95 35.43 34.55 16.53
C LEU C 95 35.83 34.69 17.99
N LEU C 96 35.11 34.03 18.87
CA LEU C 96 35.39 34.16 20.29
C LEU C 96 36.29 33.01 20.73
N SER C 97 37.24 33.35 21.54
CA SER C 97 38.08 32.39 22.21
C SER C 97 37.43 31.93 23.49
N PRO C 98 37.86 30.78 24.05
CA PRO C 98 37.38 30.39 25.37
C PRO C 98 37.42 31.49 26.41
N CYS C 99 38.43 32.35 26.40
CA CYS C 99 38.40 33.47 27.34
C CYS C 99 37.35 34.51 26.95
N ASP C 100 37.26 34.82 25.65
CA ASP C 100 36.23 35.74 25.17
C ASP C 100 34.83 35.21 25.44
N ALA C 101 34.64 33.91 25.24
CA ALA C 101 33.36 33.28 25.56
C ALA C 101 33.11 33.28 27.06
N ASP C 102 34.16 33.13 27.87
CA ASP C 102 34.00 33.31 29.31
C ASP C 102 33.49 34.71 29.63
N TRP C 103 34.14 35.73 29.05
CA TRP C 103 33.82 37.10 29.43
C TRP C 103 32.37 37.46 29.13
N LEU C 104 31.71 36.71 28.27
CA LEU C 104 30.30 36.94 28.01
C LEU C 104 29.43 35.86 28.65
N GLY C 105 29.94 35.20 29.69
CA GLY C 105 29.21 34.22 30.47
C GLY C 105 28.86 32.91 29.78
N MET C 106 29.26 32.70 28.52
CA MET C 106 28.84 31.51 27.81
C MET C 106 29.49 30.23 28.33
N LEU C 107 30.63 30.34 29.02
CA LEU C 107 31.31 29.17 29.57
C LEU C 107 32.25 29.65 30.66
N VAL C 108 32.98 28.71 31.23
CA VAL C 108 33.91 29.00 32.31
C VAL C 108 35.26 28.42 31.93
N VAL C 109 36.30 29.27 31.97
CA VAL C 109 37.69 28.82 31.87
C VAL C 109 38.15 28.50 33.29
N LYS C 110 38.26 27.21 33.59
CA LYS C 110 38.59 26.73 34.93
C LYS C 110 40.05 27.00 35.35
N LYS C 111 40.22 27.22 36.65
CA LYS C 111 41.52 27.26 37.31
C LYS C 111 42.19 25.91 37.20
N ALA C 112 43.48 25.90 36.85
CA ALA C 112 44.16 24.62 36.71
C ALA C 112 44.23 23.93 38.07
N LYS C 113 44.03 22.61 38.05
CA LYS C 113 44.21 21.79 39.23
C LYS C 113 45.58 21.12 39.09
N GLY C 114 46.12 20.66 40.21
CA GLY C 114 47.38 19.95 40.13
C GLY C 114 47.32 18.83 39.10
N SER C 115 46.15 18.17 39.02
CA SER C 115 45.96 17.02 38.14
C SER C 115 45.82 17.41 36.67
N ASP C 116 45.50 18.65 36.37
CA ASP C 116 45.21 19.04 35.00
C ASP C 116 46.46 18.97 34.13
N MET C 117 46.39 18.20 33.05
CA MET C 117 47.57 17.83 32.29
C MET C 117 47.95 18.92 31.28
N ILE C 118 49.17 19.45 31.40
CA ILE C 118 49.65 20.49 30.50
C ILE C 118 50.20 19.84 29.25
N VAL C 119 49.58 20.08 28.10
CA VAL C 119 50.06 19.35 26.92
C VAL C 119 51.45 19.85 26.57
N PRO C 120 52.35 18.99 26.10
CA PRO C 120 53.61 19.48 25.56
C PRO C 120 53.49 19.85 24.09
N GLY C 121 54.37 20.78 23.69
CA GLY C 121 54.30 21.40 22.40
C GLY C 121 54.39 22.92 22.50
N PRO C 122 53.45 23.51 23.25
CA PRO C 122 53.42 24.98 23.33
C PRO C 122 54.62 25.54 24.03
N SER C 123 55.01 26.71 23.55
CA SER C 123 56.14 27.49 24.04
C SER C 123 55.75 28.27 25.28
N TYR C 124 55.94 27.65 26.44
CA TYR C 124 55.51 28.21 27.72
C TYR C 124 56.47 29.25 28.26
N LYS C 125 57.69 29.34 27.73
CA LYS C 125 58.70 30.25 28.26
C LYS C 125 58.20 31.69 28.21
N GLY C 126 58.17 32.33 29.39
CA GLY C 126 57.80 33.73 29.50
C GLY C 126 56.32 34.00 29.58
N LYS C 127 55.48 32.99 29.35
CA LYS C 127 54.03 33.18 29.32
C LYS C 127 53.48 33.41 30.73
N VAL C 128 52.58 34.38 30.88
CA VAL C 128 52.02 34.62 32.21
C VAL C 128 50.64 33.96 32.30
N PHE C 129 49.97 33.81 31.15
CA PHE C 129 48.72 33.07 31.07
C PHE C 129 48.66 32.25 29.77
N PHE C 130 48.36 30.97 29.91
CA PHE C 130 48.03 30.12 28.79
C PHE C 130 46.81 29.28 29.14
N GLU C 131 46.04 28.94 28.12
CA GLU C 131 44.77 28.23 28.25
C GLU C 131 44.63 27.17 27.17
N ARG C 132 44.01 26.05 27.52
CA ARG C 132 43.60 25.00 26.58
C ARG C 132 42.24 24.44 26.97
N PRO C 133 41.47 23.96 25.98
CA PRO C 133 40.28 23.18 26.30
C PRO C 133 40.64 21.82 26.88
N THR C 134 40.00 21.45 27.98
CA THR C 134 40.04 20.08 28.46
C THR C 134 38.78 19.34 28.02
N PHE C 135 38.80 18.02 28.17
CA PHE C 135 37.71 17.20 27.62
C PHE C 135 36.37 17.56 28.26
N ASP C 136 36.37 17.88 29.53
CA ASP C 136 35.15 18.19 30.25
C ASP C 136 35.08 19.67 30.62
N GLY C 137 35.64 20.54 29.78
CA GLY C 137 35.58 21.97 30.13
C GLY C 137 36.69 22.74 29.45
N TYR C 138 37.08 23.86 30.07
CA TYR C 138 38.17 24.69 29.56
C TYR C 138 39.07 25.09 30.70
N VAL C 139 40.38 24.86 30.56
CA VAL C 139 41.34 25.15 31.62
C VAL C 139 42.38 26.17 31.18
N GLY C 140 42.63 27.16 32.03
CA GLY C 140 43.65 28.15 31.80
C GLY C 140 44.64 28.14 32.96
N TRP C 141 45.87 28.59 32.67
CA TRP C 141 46.96 28.63 33.63
C TRP C 141 47.43 30.06 33.86
N GLY C 142 47.59 30.46 35.12
CA GLY C 142 48.06 31.81 35.42
C GLY C 142 49.35 31.92 36.24
N CYS C 143 50.00 33.09 36.21
CA CYS C 143 51.20 33.35 36.99
C CYS C 143 51.03 34.62 37.84
N GLY C 144 51.70 34.62 39.00
CA GLY C 144 51.74 35.72 39.96
C GLY C 144 52.59 36.92 39.56
N SER C 145 52.70 37.88 40.49
CA SER C 145 53.43 39.11 40.25
C SER C 145 54.86 38.82 39.85
N GLY C 146 55.31 39.47 38.77
CA GLY C 146 56.71 39.40 38.37
C GLY C 146 57.19 38.02 37.98
N LYS C 147 56.27 37.12 37.66
CA LYS C 147 56.57 35.74 37.33
C LYS C 147 56.18 35.48 35.88
N SER C 148 56.67 34.37 35.33
CA SER C 148 56.22 33.90 34.02
C SER C 148 56.56 32.42 33.94
N ARG C 149 55.98 31.76 32.95
CA ARG C 149 56.06 30.31 32.91
C ARG C 149 57.42 29.85 32.44
N THR C 150 57.89 28.76 33.04
CA THR C 150 59.04 27.98 32.60
C THR C 150 58.88 27.56 31.15
N GLU C 151 59.86 26.86 30.58
CA GLU C 151 59.71 26.39 29.21
C GLU C 151 58.94 25.07 29.15
N SER C 152 58.82 24.38 30.29
CA SER C 152 57.97 23.19 30.41
C SER C 152 56.49 23.53 30.60
N GLY C 153 56.20 24.69 31.20
CA GLY C 153 54.85 25.06 31.58
C GLY C 153 54.49 24.76 33.02
N GLU C 154 55.33 24.02 33.75
CA GLU C 154 54.96 23.47 35.05
C GLU C 154 55.26 24.41 36.21
N LEU C 155 55.96 25.52 35.98
CA LEU C 155 56.47 26.41 37.03
C LEU C 155 56.62 27.84 36.53
N CYS C 156 56.27 28.77 37.38
CA CYS C 156 56.52 30.19 37.11
C CYS C 156 57.82 30.57 37.83
N SER C 157 58.92 30.66 37.09
CA SER C 157 60.13 31.23 37.65
C SER C 157 60.10 32.74 37.41
N SER C 158 60.74 33.50 38.30
CA SER C 158 60.62 34.96 38.28
C SER C 158 61.25 35.53 37.02
N ASP C 159 60.51 36.39 36.34
CA ASP C 159 60.94 37.02 35.11
C ASP C 159 60.82 38.51 35.39
N SER C 160 61.97 39.17 35.59
CA SER C 160 61.96 40.58 35.96
C SER C 160 61.56 41.47 34.78
N ARG C 161 61.38 40.92 33.57
CA ARG C 161 60.87 41.68 32.44
C ARG C 161 59.36 41.87 32.53
N THR C 162 58.74 41.24 33.51
CA THR C 162 57.32 41.37 33.80
C THR C 162 57.02 42.22 35.03
N SER C 163 58.04 42.65 35.79
CA SER C 163 57.81 43.31 37.08
C SER C 163 57.05 44.63 36.96
N SER C 164 57.01 45.22 35.75
CA SER C 164 56.19 46.42 35.54
C SER C 164 54.71 46.16 35.86
N GLY C 165 54.27 44.90 35.76
CA GLY C 165 52.89 44.53 35.99
C GLY C 165 51.99 44.75 34.81
N LEU C 166 52.45 45.47 33.81
CA LEU C 166 51.69 45.80 32.61
C LEU C 166 52.41 45.18 31.42
N LEU C 167 52.00 43.87 31.06
CA LEU C 167 52.69 42.95 30.16
C LEU C 167 52.09 42.98 28.77
N PRO C 168 52.87 42.70 27.73
CA PRO C 168 52.31 42.69 26.38
C PRO C 168 51.53 41.40 26.13
N SER C 169 50.85 41.39 24.99
CA SER C 169 49.94 40.30 24.65
C SER C 169 50.66 39.00 24.30
N ASP C 170 52.00 39.05 24.11
CA ASP C 170 52.75 37.84 23.86
C ASP C 170 52.93 37.00 25.13
N ARG C 171 52.65 37.57 26.30
CA ARG C 171 52.68 36.84 27.56
C ARG C 171 51.40 36.04 27.78
N VAL C 172 50.46 36.14 26.83
CA VAL C 172 49.19 35.43 26.82
C VAL C 172 49.22 34.41 25.69
N LEU C 173 48.90 33.15 26.03
CA LEU C 173 48.90 32.00 25.12
C LEU C 173 47.52 31.32 25.09
N TRP C 174 46.98 31.13 23.89
CA TRP C 174 45.69 30.47 23.72
C TRP C 174 45.87 29.21 22.89
N ILE C 175 45.84 28.04 23.54
CA ILE C 175 46.12 26.78 22.84
C ILE C 175 44.92 26.34 22.03
N GLY C 176 45.16 25.98 20.77
CA GLY C 176 44.13 25.38 19.96
C GLY C 176 43.50 26.37 19.02
N ASP C 177 42.90 25.85 17.96
CA ASP C 177 42.19 26.67 17.00
C ASP C 177 40.69 26.55 17.30
N VAL C 178 40.23 27.41 18.20
CA VAL C 178 38.90 27.32 18.81
C VAL C 178 38.04 28.47 18.31
N ALA C 179 36.74 28.23 18.21
CA ALA C 179 35.74 29.27 18.03
C ALA C 179 34.62 29.02 19.04
N CYS C 180 34.07 30.07 19.62
CA CYS C 180 32.95 29.92 20.55
C CYS C 180 31.82 30.85 20.13
N GLN C 181 30.60 30.33 20.12
CA GLN C 181 29.43 31.00 19.58
C GLN C 181 28.23 30.69 20.44
N PRO C 182 27.16 31.48 20.35
CA PRO C 182 25.95 31.15 21.12
C PRO C 182 25.38 29.84 20.62
N MET C 183 24.98 28.98 21.55
CA MET C 183 24.62 27.61 21.23
C MET C 183 23.13 27.45 21.48
N THR C 184 22.41 27.02 20.47
CA THR C 184 21.08 26.52 20.70
C THR C 184 21.19 25.13 21.34
N PRO C 185 20.77 24.95 22.59
CA PRO C 185 21.13 23.75 23.35
C PRO C 185 20.31 22.52 22.97
N ILE C 186 20.96 21.36 23.05
CA ILE C 186 20.32 20.13 22.56
C ILE C 186 19.80 19.20 23.64
N PRO C 187 18.74 18.43 23.33
CA PRO C 187 18.26 17.44 24.28
C PRO C 187 19.34 16.40 24.54
N GLU C 188 19.47 16.05 25.82
CA GLU C 188 20.50 15.11 26.21
C GLU C 188 20.37 13.81 25.44
N GLU C 189 19.16 13.49 25.00
CA GLU C 189 19.01 12.30 24.20
C GLU C 189 19.91 12.39 22.99
N THR C 190 19.91 13.55 22.34
CA THR C 190 20.78 13.76 21.20
C THR C 190 22.24 13.59 21.59
N PHE C 191 22.61 14.07 22.78
CA PHE C 191 24.01 14.04 23.19
C PHE C 191 24.49 12.62 23.44
N LEU C 192 23.68 11.81 24.11
CA LEU C 192 24.07 10.43 24.34
C LEU C 192 24.30 9.73 23.03
N GLU C 193 23.49 10.05 22.05
CA GLU C 193 23.58 9.42 20.74
C GLU C 193 24.83 9.91 19.97
N LEU C 194 25.24 11.17 20.17
CA LEU C 194 26.51 11.66 19.64
C LEU C 194 27.70 11.06 20.39
N LYS C 195 27.63 11.09 21.71
CA LYS C 195 28.65 10.49 22.56
C LYS C 195 28.96 9.08 22.09
N SER C 196 27.92 8.29 21.86
CA SER C 196 28.08 6.91 21.41
C SER C 196 28.85 6.86 20.10
N PHE C 197 28.44 7.66 19.12
CA PHE C 197 29.12 7.67 17.83
C PHE C 197 30.60 8.04 17.97
N SER C 198 30.91 9.01 18.85
CA SER C 198 32.31 9.37 19.06
C SER C 198 33.14 8.19 19.52
N GLN C 199 32.64 7.41 20.47
CA GLN C 199 33.35 6.22 20.89
C GLN C 199 33.53 5.26 19.74
N SER C 200 32.58 5.22 18.81
CA SER C 200 32.67 4.28 17.70
C SER C 200 33.70 4.72 16.67
N GLU C 201 33.95 6.02 16.54
CA GLU C 201 35.04 6.44 15.67
C GLU C 201 36.43 6.35 16.34
N PHE C 202 36.48 6.39 17.68
CA PHE C 202 37.74 6.39 18.45
C PHE C 202 37.74 5.24 19.45
N PRO C 203 37.68 4.00 18.94
CA PRO C 203 37.45 2.86 19.83
C PRO C 203 38.57 2.58 20.77
N ASP C 204 39.75 3.09 20.48
CA ASP C 204 40.98 2.74 21.14
C ASP C 204 41.32 3.64 22.32
N ILE C 205 40.75 4.83 22.37
CA ILE C 205 41.09 5.77 23.42
C ILE C 205 40.37 5.35 24.69
N CYS C 206 41.06 5.40 25.82
CA CYS C 206 40.42 4.99 27.05
C CYS C 206 40.06 6.17 27.93
N LYS C 207 40.99 7.06 28.20
CA LYS C 207 40.64 8.21 29.04
C LYS C 207 41.23 9.47 28.44
N ILE C 208 40.40 10.51 28.32
CA ILE C 208 40.85 11.80 27.85
C ILE C 208 40.79 12.79 28.99
N ASP C 209 41.94 13.41 29.26
CA ASP C 209 42.12 14.42 30.29
C ASP C 209 41.49 13.94 31.59
N GLY C 210 41.66 12.63 31.84
CA GLY C 210 41.21 11.92 33.02
C GLY C 210 39.73 11.59 33.06
N ILE C 211 38.97 11.98 32.05
CA ILE C 211 37.54 11.68 32.01
C ILE C 211 37.38 10.41 31.19
N VAL C 212 36.62 9.44 31.73
CA VAL C 212 36.49 8.14 31.08
C VAL C 212 35.81 8.29 29.74
N PHE C 213 36.51 7.91 28.68
CA PHE C 213 35.97 7.98 27.33
C PHE C 213 35.49 6.63 26.85
N ASN C 214 36.31 5.61 26.91
CA ASN C 214 35.82 4.26 26.84
C ASN C 214 36.14 3.61 28.18
N GLN C 215 35.59 2.43 28.44
CA GLN C 215 36.00 1.68 29.63
C GLN C 215 37.06 0.65 29.25
N CYS C 216 38.20 0.71 29.93
CA CYS C 216 39.33 -0.12 29.58
C CYS C 216 39.83 -0.91 30.79
N GLU C 217 40.49 -2.01 30.46
CA GLU C 217 41.11 -2.92 31.42
C GLU C 217 42.50 -2.39 31.78
N GLY C 218 43.39 -2.43 30.79
CA GLY C 218 44.71 -1.84 30.86
C GLY C 218 44.74 -0.66 29.91
N GLU C 219 45.23 0.45 30.43
CA GLU C 219 45.28 1.72 29.75
C GLU C 219 46.74 2.15 29.59
N SER C 220 47.05 2.82 28.48
CA SER C 220 48.44 3.17 28.18
C SER C 220 48.90 4.43 28.92
N LEU C 221 50.03 4.91 28.52
CA LEU C 221 50.53 6.14 29.08
C LEU C 221 49.86 7.33 28.40
N PRO C 222 49.64 8.43 29.13
CA PRO C 222 49.08 9.63 28.51
C PRO C 222 49.92 10.04 27.31
N GLN C 223 49.27 10.17 26.17
CA GLN C 223 49.91 10.59 24.92
C GLN C 223 49.30 11.91 24.42
N PRO C 224 50.00 12.62 23.53
CA PRO C 224 49.43 13.83 22.97
C PRO C 224 48.49 13.51 21.83
N PHE C 225 47.49 14.37 21.68
CA PHE C 225 46.29 14.09 20.90
C PHE C 225 45.82 15.34 20.18
N ASP C 226 45.93 15.34 18.84
CA ASP C 226 45.42 16.42 18.00
C ASP C 226 44.06 15.95 17.48
N VAL C 227 43.01 16.75 17.73
CA VAL C 227 41.65 16.26 17.56
C VAL C 227 40.71 17.40 17.20
N ALA C 228 39.68 17.07 16.41
CA ALA C 228 38.51 17.95 16.27
C ALA C 228 37.50 17.66 17.38
N TRP C 229 36.74 18.69 17.76
CA TRP C 229 35.72 18.49 18.78
C TRP C 229 34.72 19.62 18.73
N MET C 230 33.56 19.42 19.36
CA MET C 230 32.63 20.51 19.64
C MET C 230 32.15 20.44 21.08
N ASP C 231 31.77 21.58 21.62
CA ASP C 231 31.13 21.64 22.92
C ASP C 231 29.65 21.80 22.62
N VAL C 232 28.88 20.74 22.86
CA VAL C 232 27.44 20.78 22.71
C VAL C 232 26.76 21.04 24.05
N GLY C 233 27.52 21.35 25.08
CA GLY C 233 26.93 21.78 26.33
C GLY C 233 26.42 20.65 27.19
N HIS C 234 26.96 19.46 27.06
CA HIS C 234 26.57 18.49 28.06
C HIS C 234 27.81 18.10 28.87
N SER C 235 27.91 16.85 29.29
CA SER C 235 28.97 16.48 30.23
C SER C 235 30.37 16.69 29.67
N HIS C 236 30.57 16.54 28.36
CA HIS C 236 31.89 16.73 27.78
C HIS C 236 31.79 16.87 26.27
N LYS C 237 32.90 17.24 25.64
CA LYS C 237 32.93 17.51 24.20
C LYS C 237 32.73 16.23 23.39
N ILE C 238 32.54 16.40 22.09
CA ILE C 238 32.30 15.29 21.18
C ILE C 238 33.47 15.26 20.22
N ILE C 239 34.41 14.30 20.38
CA ILE C 239 35.57 14.32 19.49
C ILE C 239 35.18 13.64 18.19
N MET C 240 35.62 14.20 17.07
CA MET C 240 35.18 13.73 15.76
C MET C 240 36.37 13.48 14.84
N ARG C 241 36.36 12.33 14.19
CA ARG C 241 37.34 12.11 13.14
C ARG C 241 36.80 12.73 11.85
N GLU C 242 35.81 12.08 11.24
CA GLU C 242 35.28 12.56 9.96
C GLU C 242 33.98 13.33 10.16
N HIS C 243 33.94 14.58 9.69
CA HIS C 243 32.72 15.36 9.85
C HIS C 243 32.74 16.51 8.84
N LYS C 244 31.68 17.31 8.84
CA LYS C 244 31.50 18.38 7.87
C LYS C 244 31.07 19.64 8.62
N THR C 245 31.81 20.72 8.42
CA THR C 245 31.52 22.02 9.01
C THR C 245 31.18 23.02 7.92
N LYS C 246 30.20 23.86 8.18
CA LYS C 246 29.80 24.82 7.17
C LYS C 246 29.20 26.02 7.92
N TRP C 247 29.45 27.24 7.42
CA TRP C 247 29.11 28.47 8.15
C TRP C 247 27.96 29.26 7.54
N VAL C 248 27.09 29.82 8.40
CA VAL C 248 25.94 30.61 7.99
C VAL C 248 25.91 31.89 8.84
N GLN C 249 25.61 33.00 8.18
CA GLN C 249 25.58 34.35 8.76
C GLN C 249 24.15 34.72 9.17
N GLU C 250 24.00 35.19 10.40
CA GLU C 250 22.65 35.39 10.91
C GLU C 250 22.19 36.85 10.94
N SER C 251 23.12 37.81 10.99
CA SER C 251 22.78 39.24 11.12
C SER C 251 22.05 39.54 12.42
N SER C 252 22.38 38.80 13.48
CA SER C 252 21.69 38.89 14.75
C SER C 252 22.13 40.11 15.56
N SER C 253 21.44 40.33 16.68
CA SER C 253 21.77 41.46 17.55
C SER C 253 23.13 41.30 18.20
N LYS C 254 23.58 40.06 18.38
CA LYS C 254 24.92 39.79 18.90
C LYS C 254 26.00 39.92 17.83
N ASP C 255 25.62 40.00 16.55
CA ASP C 255 26.57 40.13 15.45
C ASP C 255 26.90 41.58 15.10
N PHE C 256 26.46 42.56 15.90
CA PHE C 256 26.67 43.96 15.59
C PHE C 256 27.21 44.66 16.82
N VAL C 257 28.18 45.56 16.62
CA VAL C 257 28.79 46.32 17.72
C VAL C 257 28.58 47.82 17.53
N CYS C 258 28.31 48.54 18.64
CA CYS C 258 28.08 49.99 18.66
C CYS C 258 29.20 50.74 19.38
N TYR C 259 29.52 51.92 18.84
CA TYR C 259 30.68 52.71 19.25
C TYR C 259 30.50 54.16 18.81
N LYS C 260 31.31 55.04 19.42
CA LYS C 260 31.61 56.37 18.89
C LYS C 260 33.07 56.33 18.43
N GLU C 261 33.32 56.59 17.15
CA GLU C 261 34.64 56.29 16.59
C GLU C 261 35.76 56.94 17.39
N GLY C 262 36.70 56.10 17.84
CA GLY C 262 37.82 56.51 18.64
C GLY C 262 37.52 56.79 20.10
N THR C 263 36.24 56.96 20.46
CA THR C 263 35.79 57.28 21.82
C THR C 263 35.39 56.02 22.56
N GLY C 264 35.44 54.88 21.88
CA GLY C 264 35.12 53.63 22.52
C GLY C 264 33.76 53.10 22.13
N PRO C 265 33.24 52.20 22.95
CA PRO C 265 31.91 51.65 22.69
C PRO C 265 30.84 52.49 23.40
N CYS C 266 29.64 52.42 22.84
CA CYS C 266 28.52 53.10 23.47
C CYS C 266 28.23 52.45 24.82
N SER C 267 27.67 53.24 25.73
CA SER C 267 27.28 52.68 27.01
C SER C 267 26.13 51.67 26.81
N GLU C 268 25.77 51.00 27.90
CA GLU C 268 24.77 49.94 27.80
C GLU C 268 23.42 50.51 27.35
N SER C 269 22.99 51.60 27.99
CA SER C 269 21.74 52.28 27.62
C SER C 269 21.76 52.71 26.16
N GLU C 270 22.82 53.41 25.75
CA GLU C 270 22.93 53.86 24.36
C GLU C 270 22.83 52.68 23.40
N GLU C 271 23.42 51.55 23.78
CA GLU C 271 23.42 50.36 22.93
C GLU C 271 22.02 49.76 22.81
N LYS C 272 21.37 49.51 23.95
CA LYS C 272 20.01 48.98 23.95
C LYS C 272 19.11 49.82 23.06
N THR C 273 19.31 51.14 23.09
CA THR C 273 18.53 52.04 22.25
C THR C 273 18.91 51.96 20.78
N CYS C 274 20.21 52.03 20.46
CA CYS C 274 20.62 52.04 19.05
C CYS C 274 20.13 50.83 18.28
N LYS C 275 20.02 49.68 18.93
CA LYS C 275 19.60 48.48 18.22
C LYS C 275 18.08 48.33 18.15
N THR C 276 17.34 48.90 19.09
CA THR C 276 15.90 48.66 19.14
C THR C 276 15.08 49.77 18.52
N SER C 277 15.54 51.03 18.58
CA SER C 277 14.79 52.14 18.00
C SER C 277 15.33 52.58 16.63
N GLY C 278 16.28 51.82 16.04
CA GLY C 278 16.81 52.07 14.70
C GLY C 278 17.16 53.50 14.33
N SER C 279 17.63 54.28 15.32
CA SER C 279 17.84 55.72 15.15
C SER C 279 19.32 56.12 15.14
N CYS C 280 20.26 55.17 15.13
CA CYS C 280 21.69 55.47 15.14
C CYS C 280 22.26 55.30 13.72
N ARG C 281 23.58 55.18 13.59
CA ARG C 281 24.19 54.94 12.28
C ARG C 281 24.72 53.51 12.20
N GLY C 282 25.26 53.16 11.05
CA GLY C 282 25.79 51.83 10.86
C GLY C 282 26.10 51.54 9.41
N ASP C 283 26.63 50.34 9.17
CA ASP C 283 26.98 49.95 7.82
C ASP C 283 25.73 49.45 7.09
N MET C 284 25.89 49.08 5.81
CA MET C 284 24.73 48.63 5.05
C MET C 284 24.14 47.38 5.69
N GLN C 285 25.00 46.46 6.16
CA GLN C 285 24.50 45.21 6.68
C GLN C 285 23.70 45.44 7.94
N PHE C 286 24.11 46.44 8.75
CA PHE C 286 23.35 46.81 9.94
C PHE C 286 22.03 47.45 9.56
N CYS C 287 22.05 48.39 8.60
CA CYS C 287 20.82 49.08 8.24
C CYS C 287 19.86 48.16 7.52
N LYS C 288 20.38 47.25 6.69
CA LYS C 288 19.51 46.29 5.97
C LYS C 288 18.59 45.56 6.93
N VAL C 289 19.07 45.21 8.12
CA VAL C 289 18.28 44.42 9.04
C VAL C 289 17.75 45.24 10.23
N ALA C 290 18.45 46.31 10.65
CA ALA C 290 18.08 47.00 11.87
C ALA C 290 17.69 48.46 11.69
N GLY C 291 17.91 49.05 10.51
CA GLY C 291 17.50 50.41 10.30
C GLY C 291 18.40 51.43 11.00
N CYS C 292 18.35 52.65 10.51
CA CYS C 292 19.25 53.67 11.00
C CYS C 292 18.70 55.08 10.75
N CYS C 303 26.22 57.56 17.93
CA CYS C 303 26.64 56.16 17.95
C CYS C 303 26.40 55.46 16.60
N ARG C 304 27.31 54.56 16.20
CA ARG C 304 27.16 53.77 14.97
C ARG C 304 27.55 52.33 15.26
N CYS C 305 26.78 51.40 14.69
CA CYS C 305 27.00 49.97 14.87
C CYS C 305 27.14 49.25 13.54
N SER C 306 28.12 48.35 13.48
CA SER C 306 28.45 47.63 12.27
C SER C 306 28.64 46.14 12.56
N LEU C 307 28.74 45.37 11.47
CA LEU C 307 28.88 43.93 11.55
C LEU C 307 30.29 43.51 11.95
N VAL C 308 30.37 42.59 12.93
CA VAL C 308 31.65 42.07 13.42
C VAL C 308 32.20 41.08 12.41
N HIS C 309 33.51 41.15 12.14
CA HIS C 309 34.11 40.31 11.10
C HIS C 309 34.37 38.90 11.62
N LYS C 310 33.56 37.97 11.12
CA LYS C 310 33.64 36.52 11.35
C LYS C 310 32.92 35.88 10.17
N PRO C 311 33.15 34.59 9.91
CA PRO C 311 32.39 33.96 8.81
C PRO C 311 30.93 33.76 9.15
N GLY C 312 30.54 34.07 10.38
CA GLY C 312 29.20 33.81 10.87
C GLY C 312 29.24 32.80 11.99
N GLU C 313 28.32 31.82 11.96
CA GLU C 313 28.30 30.77 12.97
C GLU C 313 28.34 29.40 12.31
N VAL C 314 29.17 28.52 12.90
CA VAL C 314 29.50 27.23 12.33
C VAL C 314 28.44 26.21 12.70
N VAL C 315 28.15 25.31 11.78
CA VAL C 315 27.20 24.24 12.03
C VAL C 315 27.84 22.92 11.67
N VAL C 316 28.19 22.14 12.70
CA VAL C 316 28.74 20.80 12.53
C VAL C 316 27.72 19.87 11.89
N SER C 317 28.23 18.92 11.12
CA SER C 317 27.45 17.81 10.60
C SER C 317 28.21 16.56 10.97
N TYR C 318 27.69 15.77 11.89
CA TYR C 318 28.48 14.65 12.38
C TYR C 318 27.55 13.45 12.57
N GLY C 319 27.91 12.36 11.91
CA GLY C 319 27.19 11.11 12.07
C GLY C 319 25.70 11.27 11.97
N GLY C 320 25.23 11.84 10.87
CA GLY C 320 23.81 11.97 10.63
C GLY C 320 23.20 13.29 11.05
N MET C 321 23.73 13.91 12.10
CA MET C 321 23.08 15.03 12.76
C MET C 321 23.69 16.37 12.35
N ARG C 322 22.98 17.45 12.68
CA ARG C 322 23.44 18.82 12.52
C ARG C 322 23.42 19.46 13.90
N VAL C 323 24.47 20.18 14.25
CA VAL C 323 24.51 20.82 15.57
C VAL C 323 25.17 22.19 15.45
N ARG C 324 24.57 23.18 16.09
CA ARG C 324 25.14 24.49 16.27
C ARG C 324 25.82 24.51 17.65
N PRO C 325 27.13 24.33 17.71
CA PRO C 325 27.76 24.08 18.99
C PRO C 325 28.13 25.34 19.74
N LYS C 326 28.38 25.18 21.04
CA LYS C 326 28.89 26.31 21.81
C LYS C 326 30.29 26.69 21.34
N CYS C 327 31.24 25.74 21.40
CA CYS C 327 32.57 25.96 20.84
C CYS C 327 32.92 24.84 19.89
N TYR C 328 33.85 25.15 19.00
CA TYR C 328 34.26 24.23 17.96
C TYR C 328 35.72 24.47 17.70
N GLY C 329 36.51 23.42 17.55
CA GLY C 329 37.91 23.70 17.45
C GLY C 329 38.75 22.45 17.28
N PHE C 330 40.06 22.70 17.12
CA PHE C 330 41.06 21.68 16.87
C PHE C 330 42.16 21.87 17.93
N SER C 331 42.07 21.13 19.01
CA SER C 331 42.95 21.35 20.14
C SER C 331 43.82 20.13 20.34
N ARG C 332 44.72 20.25 21.30
CA ARG C 332 45.59 19.18 21.72
C ARG C 332 45.16 18.82 23.14
N MET C 333 44.84 17.55 23.36
CA MET C 333 44.46 17.07 24.68
C MET C 333 45.22 15.79 24.96
N MET C 334 45.10 15.32 26.19
CA MET C 334 45.90 14.18 26.63
C MET C 334 45.00 12.96 26.69
N ALA C 335 45.23 12.06 25.75
CA ALA C 335 44.47 10.82 25.66
C ALA C 335 45.38 9.65 26.01
N THR C 336 44.81 8.65 26.68
CA THR C 336 45.50 7.39 26.96
C THR C 336 44.83 6.31 26.12
N LEU C 337 45.59 5.28 25.76
CA LEU C 337 45.15 4.29 24.77
C LEU C 337 45.09 2.88 25.36
N GLU C 338 44.49 1.98 24.58
CA GLU C 338 44.19 0.61 24.97
C GLU C 338 45.44 -0.27 24.84
N VAL C 339 45.65 -1.16 25.81
CA VAL C 339 46.72 -2.17 25.71
C VAL C 339 46.09 -3.55 25.58
N SER C 340 46.17 -4.10 24.37
CA SER C 340 45.51 -5.34 23.98
C SER C 340 46.51 -6.49 23.83
N GLU D 20 5.31 -23.36 8.99
CA GLU D 20 5.15 -22.82 10.35
C GLU D 20 3.78 -22.31 10.64
N VAL D 21 2.80 -23.17 10.42
CA VAL D 21 1.45 -22.87 10.83
C VAL D 21 1.39 -22.81 12.35
N LYS D 22 0.99 -21.67 12.90
CA LYS D 22 0.90 -21.54 14.34
C LYS D 22 -0.51 -21.13 14.76
N LEU D 23 -1.01 -21.72 15.84
CA LEU D 23 -2.26 -21.25 16.40
C LEU D 23 -2.01 -21.07 17.89
N MET D 24 -2.58 -20.04 18.49
CA MET D 24 -2.38 -19.78 19.91
C MET D 24 -3.67 -19.30 20.51
N GLU D 25 -4.28 -20.14 21.35
CA GLU D 25 -5.45 -19.74 22.09
C GLU D 25 -5.07 -18.91 23.31
N SER D 26 -6.03 -18.13 23.77
CA SER D 26 -5.79 -17.28 24.90
C SER D 26 -7.15 -16.91 25.47
N GLY D 27 -7.17 -16.55 26.76
CA GLY D 27 -8.35 -16.00 27.36
C GLY D 27 -9.04 -16.91 28.34
N GLY D 28 -8.42 -18.01 28.70
CA GLY D 28 -9.02 -18.89 29.67
C GLY D 28 -8.95 -18.28 31.04
N GLY D 29 -9.68 -18.88 31.97
CA GLY D 29 -9.54 -18.45 33.34
C GLY D 29 -10.44 -19.18 34.30
N LEU D 30 -10.77 -18.56 35.41
CA LEU D 30 -11.70 -19.16 36.33
C LEU D 30 -12.91 -18.26 36.34
N VAL D 31 -14.07 -18.80 36.02
CA VAL D 31 -15.30 -18.05 36.04
C VAL D 31 -16.36 -18.86 36.75
N GLN D 32 -17.33 -18.21 37.14
CA GLN D 32 -18.40 -18.82 37.91
C GLN D 32 -19.54 -19.25 37.00
N PRO D 33 -20.29 -20.26 37.43
CA PRO D 33 -21.45 -20.70 36.68
C PRO D 33 -22.29 -19.53 36.23
N GLY D 34 -22.89 -19.67 35.05
CA GLY D 34 -23.72 -18.61 34.49
C GLY D 34 -23.00 -17.51 33.75
N ASP D 35 -21.80 -17.14 34.21
CA ASP D 35 -21.02 -16.13 33.51
C ASP D 35 -20.75 -16.60 32.09
N SER D 36 -20.53 -15.66 31.18
CA SER D 36 -20.11 -16.03 29.84
C SER D 36 -18.68 -15.57 29.68
N LEU D 37 -18.02 -16.06 28.65
CA LEU D 37 -16.58 -15.87 28.56
C LEU D 37 -16.16 -16.10 27.12
N ARG D 38 -15.25 -15.28 26.65
CA ARG D 38 -14.83 -15.43 25.27
C ARG D 38 -13.38 -15.83 25.23
N LEU D 39 -13.10 -16.92 24.51
CA LEU D 39 -11.77 -17.40 24.17
C LEU D 39 -11.42 -16.94 22.76
N SER D 40 -10.13 -16.89 22.47
CA SER D 40 -9.76 -16.50 21.12
C SER D 40 -8.45 -17.17 20.76
N CYS D 41 -8.27 -17.38 19.46
CA CYS D 41 -7.13 -18.14 18.96
C CYS D 41 -6.55 -17.44 17.74
N ALA D 42 -5.33 -16.91 17.89
CA ALA D 42 -4.66 -16.08 16.89
C ALA D 42 -3.84 -16.94 15.94
N ILE D 43 -3.82 -16.51 14.69
CA ILE D 43 -3.42 -17.32 13.55
C ILE D 43 -2.18 -16.74 12.91
N SER D 44 -1.21 -17.57 12.62
CA SER D 44 -0.09 -17.09 11.88
C SER D 44 0.30 -18.17 10.89
N GLY D 45 0.86 -17.76 9.77
CA GLY D 45 1.51 -18.67 8.86
C GLY D 45 0.66 -19.18 7.72
N PHE D 46 -0.58 -18.70 7.57
CA PHE D 46 -1.38 -19.24 6.49
C PHE D 46 -2.57 -18.32 6.22
N THR D 47 -3.11 -18.41 5.00
CA THR D 47 -4.23 -17.54 4.64
C THR D 47 -5.44 -17.93 5.48
N PHE D 48 -5.67 -17.18 6.54
CA PHE D 48 -6.66 -17.56 7.53
C PHE D 48 -8.02 -17.78 6.87
N SER D 49 -8.37 -16.96 5.88
CA SER D 49 -9.69 -17.09 5.27
C SER D 49 -9.85 -18.35 4.42
N ASP D 50 -8.78 -19.11 4.19
CA ASP D 50 -8.91 -20.28 3.33
C ASP D 50 -9.40 -21.51 4.07
N TYR D 51 -9.17 -21.57 5.37
CA TYR D 51 -9.26 -22.79 6.15
C TYR D 51 -10.48 -22.74 7.03
N TYR D 52 -11.15 -23.89 7.17
CA TYR D 52 -12.10 -24.06 8.25
C TYR D 52 -11.37 -24.02 9.59
N MET D 53 -12.09 -23.70 10.66
CA MET D 53 -11.47 -23.70 11.99
C MET D 53 -12.46 -24.27 12.98
N SER D 54 -11.99 -25.17 13.83
CA SER D 54 -12.85 -25.86 14.79
C SER D 54 -12.32 -25.71 16.20
N TRP D 55 -13.23 -25.78 17.15
CA TRP D 55 -12.87 -25.70 18.55
C TRP D 55 -13.07 -27.06 19.18
N VAL D 56 -12.14 -27.47 20.01
CA VAL D 56 -12.10 -28.79 20.61
C VAL D 56 -11.81 -28.66 22.08
N ARG D 57 -12.50 -29.42 22.86
CA ARG D 57 -12.47 -29.27 24.29
C ARG D 57 -11.98 -30.54 24.92
N GLN D 58 -11.26 -30.43 26.02
CA GLN D 58 -10.78 -31.60 26.77
C GLN D 58 -10.96 -31.44 28.27
N PRO D 59 -12.07 -31.91 28.82
CA PRO D 59 -12.27 -31.84 30.25
C PRO D 59 -11.14 -32.60 30.96
N PRO D 60 -10.84 -32.24 32.20
CA PRO D 60 -9.56 -32.71 32.77
C PRO D 60 -9.55 -34.23 32.88
N GLY D 61 -8.47 -34.83 32.37
CA GLY D 61 -8.37 -36.28 32.33
C GLY D 61 -9.46 -37.00 31.57
N LYS D 62 -10.00 -36.41 30.52
CA LYS D 62 -11.02 -37.10 29.75
C LYS D 62 -10.73 -36.91 28.24
N ALA D 63 -11.61 -37.41 27.38
CA ALA D 63 -11.12 -37.43 26.01
C ALA D 63 -11.54 -36.18 25.29
N LEU D 64 -10.78 -35.88 24.22
CA LEU D 64 -11.02 -34.76 23.34
C LEU D 64 -12.45 -34.80 22.84
N GLU D 65 -13.22 -33.76 23.14
CA GLU D 65 -14.55 -33.55 22.58
C GLU D 65 -14.48 -32.60 21.41
N TRP D 66 -15.18 -32.90 20.32
CA TRP D 66 -15.22 -31.90 19.26
C TRP D 66 -16.42 -30.99 19.45
N LEU D 67 -16.25 -29.69 19.25
CA LEU D 67 -17.27 -28.73 19.64
C LEU D 67 -18.02 -28.08 18.50
N GLY D 68 -17.39 -27.88 17.36
CA GLY D 68 -18.00 -27.19 16.24
C GLY D 68 -16.94 -26.58 15.36
N PHE D 69 -17.36 -26.01 14.24
CA PHE D 69 -16.37 -25.28 13.46
C PHE D 69 -17.00 -24.11 12.71
N ILE D 70 -16.15 -23.30 12.08
CA ILE D 70 -16.57 -22.19 11.27
C ILE D 70 -15.98 -22.44 9.88
N ARG D 71 -16.81 -22.59 8.85
CA ARG D 71 -16.21 -22.83 7.53
C ARG D 71 -15.39 -21.62 7.08
N ASN D 72 -14.79 -21.77 5.91
CA ASN D 72 -13.89 -20.78 5.34
C ASN D 72 -14.68 -19.81 4.47
N LYS D 73 -13.97 -18.84 3.86
CA LYS D 73 -14.63 -17.82 3.07
C LYS D 73 -15.43 -18.41 1.93
N ALA D 74 -14.80 -19.32 1.19
CA ALA D 74 -15.43 -19.83 -0.01
C ALA D 74 -16.83 -20.33 0.28
N LYS D 75 -16.95 -21.14 1.33
CA LYS D 75 -18.21 -21.74 1.75
C LYS D 75 -19.09 -20.80 2.60
N GLY D 76 -18.72 -19.51 2.72
CA GLY D 76 -19.47 -18.56 3.54
C GLY D 76 -19.27 -18.87 5.01
N TYR D 77 -19.03 -17.89 5.88
CA TYR D 77 -18.67 -18.31 7.22
C TYR D 77 -19.74 -19.02 8.05
N THR D 78 -20.34 -20.08 7.49
CA THR D 78 -21.34 -20.85 8.20
C THR D 78 -20.74 -21.42 9.47
N THR D 79 -21.59 -21.67 10.45
CA THR D 79 -21.16 -22.20 11.73
C THR D 79 -21.82 -23.56 11.89
N GLU D 80 -21.17 -24.45 12.62
CA GLU D 80 -21.68 -25.80 12.83
C GLU D 80 -21.27 -26.21 14.24
N TYR D 81 -22.15 -26.90 14.95
CA TYR D 81 -21.92 -27.14 16.37
C TYR D 81 -22.30 -28.53 16.83
N SER D 82 -21.54 -29.03 17.80
CA SER D 82 -21.93 -30.15 18.63
C SER D 82 -23.21 -29.79 19.38
N ALA D 83 -24.06 -30.80 19.62
CA ALA D 83 -25.19 -30.55 20.51
C ALA D 83 -24.69 -30.18 21.90
N SER D 84 -23.48 -30.59 22.26
CA SER D 84 -22.93 -30.18 23.54
C SER D 84 -23.04 -28.68 23.75
N VAL D 85 -22.91 -27.91 22.69
CA VAL D 85 -22.82 -26.47 22.84
C VAL D 85 -23.67 -25.69 21.83
N LYS D 86 -24.54 -26.39 21.07
CA LYS D 86 -25.36 -25.67 20.12
C LYS D 86 -26.25 -24.69 20.86
N GLY D 87 -26.32 -23.46 20.35
CA GLY D 87 -27.18 -22.47 20.96
C GLY D 87 -26.67 -21.88 22.26
N ARG D 88 -25.59 -22.40 22.82
CA ARG D 88 -24.96 -21.83 24.01
C ARG D 88 -23.59 -21.22 23.72
N PHE D 89 -22.82 -21.80 22.80
CA PHE D 89 -21.52 -21.31 22.36
C PHE D 89 -21.66 -20.69 20.94
N THR D 90 -20.66 -19.90 20.54
CA THR D 90 -20.74 -19.17 19.27
C THR D 90 -19.33 -19.01 18.72
N ILE D 91 -19.06 -19.61 17.52
CA ILE D 91 -17.76 -19.50 16.88
C ILE D 91 -17.79 -18.32 15.92
N SER D 92 -16.68 -17.58 15.80
CA SER D 92 -16.65 -16.42 14.91
C SER D 92 -15.22 -16.07 14.48
N ARG D 93 -15.13 -15.39 13.35
CA ARG D 93 -13.86 -15.07 12.75
C ARG D 93 -13.75 -13.58 12.62
N ASP D 94 -12.53 -13.12 12.51
CA ASP D 94 -12.25 -11.73 12.20
C ASP D 94 -11.18 -11.81 11.12
N ASN D 95 -11.56 -12.05 9.86
CA ASN D 95 -10.47 -12.32 8.93
C ASN D 95 -9.57 -11.14 8.75
N SER D 96 -10.05 -9.94 9.10
CA SER D 96 -9.27 -8.70 8.98
C SER D 96 -8.09 -8.69 9.92
N GLN D 97 -8.27 -9.15 11.14
CA GLN D 97 -7.18 -9.21 12.08
C GLN D 97 -6.66 -10.62 12.29
N SER D 98 -7.24 -11.62 11.62
CA SER D 98 -6.80 -13.01 11.70
C SER D 98 -6.86 -13.55 13.14
N ILE D 99 -8.09 -13.64 13.65
CA ILE D 99 -8.38 -14.13 15.00
C ILE D 99 -9.67 -14.94 14.95
N LEU D 100 -9.62 -16.13 15.54
CA LEU D 100 -10.78 -16.97 15.73
C LEU D 100 -11.28 -16.84 17.17
N TYR D 101 -12.60 -16.74 17.31
CA TYR D 101 -13.28 -16.51 18.56
C TYR D 101 -14.20 -17.65 18.88
N LEU D 102 -14.26 -18.01 20.15
CA LEU D 102 -15.31 -18.86 20.72
C LEU D 102 -15.99 -18.07 21.80
N GLN D 103 -17.32 -17.90 21.69
CA GLN D 103 -18.05 -17.16 22.71
C GLN D 103 -18.97 -18.10 23.48
N MET D 104 -18.66 -18.30 24.75
CA MET D 104 -19.33 -19.29 25.59
C MET D 104 -20.29 -18.58 26.55
N ASN D 105 -21.58 -18.92 26.46
CA ASN D 105 -22.53 -18.00 27.05
C ASN D 105 -23.09 -18.39 28.40
N THR D 106 -23.38 -19.63 28.70
CA THR D 106 -23.93 -19.86 30.05
C THR D 106 -23.18 -20.99 30.69
N LEU D 107 -21.97 -20.68 31.10
CA LEU D 107 -21.07 -21.73 31.48
C LEU D 107 -21.58 -22.42 32.73
N ARG D 108 -21.08 -23.62 32.93
CA ARG D 108 -21.56 -24.52 33.96
C ARG D 108 -20.39 -25.45 34.22
N ALA D 109 -20.32 -26.02 35.42
CA ALA D 109 -19.09 -26.68 35.83
C ALA D 109 -18.62 -27.70 34.82
N GLU D 110 -19.55 -28.35 34.10
CA GLU D 110 -19.19 -29.39 33.13
C GLU D 110 -18.50 -28.84 31.89
N ASP D 111 -18.65 -27.54 31.61
CA ASP D 111 -17.90 -26.86 30.53
C ASP D 111 -16.45 -26.72 30.89
N SER D 112 -16.12 -26.82 32.15
CA SER D 112 -14.74 -26.72 32.56
C SER D 112 -13.87 -27.72 31.80
N ALA D 113 -12.86 -27.21 31.11
CA ALA D 113 -11.93 -28.02 30.34
C ALA D 113 -10.77 -27.14 29.91
N THR D 114 -9.85 -27.69 29.12
CA THR D 114 -8.97 -26.85 28.33
C THR D 114 -9.43 -26.92 26.87
N TYR D 115 -9.39 -25.75 26.20
CA TYR D 115 -10.00 -25.53 24.89
C TYR D 115 -8.93 -25.31 23.81
N TYR D 116 -8.94 -26.13 22.80
CA TYR D 116 -8.02 -26.03 21.70
C TYR D 116 -8.77 -25.48 20.50
N CYS D 117 -8.10 -24.77 19.65
CA CYS D 117 -8.66 -24.49 18.35
C CYS D 117 -7.78 -25.24 17.38
N ALA D 118 -8.31 -25.61 16.23
CA ALA D 118 -7.48 -26.39 15.30
C ALA D 118 -7.87 -26.13 13.88
N ARG D 119 -6.86 -26.01 13.03
CA ARG D 119 -7.06 -25.74 11.61
C ARG D 119 -7.40 -27.01 10.86
N ASP D 120 -8.45 -26.97 10.08
CA ASP D 120 -8.97 -28.16 9.46
C ASP D 120 -8.39 -28.18 8.05
N TYR D 121 -7.90 -29.34 7.60
CA TYR D 121 -7.49 -29.57 6.22
C TYR D 121 -8.59 -30.31 5.48
N ARG D 122 -9.01 -29.84 4.31
CA ARG D 122 -10.08 -30.53 3.57
C ARG D 122 -9.66 -30.71 2.12
N TYR D 123 -9.86 -31.88 1.55
CA TYR D 123 -9.61 -32.09 0.13
C TYR D 123 -10.90 -32.41 -0.63
N ASP D 124 -12.01 -32.50 0.09
CA ASP D 124 -13.33 -32.63 -0.51
C ASP D 124 -13.50 -33.70 -1.58
N ASP D 125 -12.88 -33.58 -2.77
CA ASP D 125 -13.18 -34.64 -3.76
C ASP D 125 -12.60 -35.99 -3.35
N GLU D 126 -11.56 -36.06 -2.51
CA GLU D 126 -11.15 -37.36 -1.98
C GLU D 126 -11.71 -37.63 -0.59
N TYR D 127 -12.44 -36.67 -0.01
CA TYR D 127 -13.04 -36.72 1.34
C TYR D 127 -12.00 -36.85 2.46
N TYR D 128 -10.99 -36.00 2.45
CA TYR D 128 -10.01 -36.02 3.53
C TYR D 128 -10.29 -34.83 4.44
N TYR D 129 -10.83 -35.07 5.63
CA TYR D 129 -11.07 -33.97 6.57
C TYR D 129 -10.33 -34.29 7.85
N ALA D 130 -9.37 -33.44 8.24
CA ALA D 130 -8.58 -33.70 9.43
C ALA D 130 -8.08 -32.43 10.08
N MET D 131 -8.01 -32.42 11.41
CA MET D 131 -7.49 -31.30 12.17
C MET D 131 -5.97 -31.38 12.22
N ASP D 132 -5.32 -30.63 11.32
CA ASP D 132 -3.93 -30.88 11.01
C ASP D 132 -2.95 -29.99 11.74
N TYR D 133 -3.41 -28.93 12.41
CA TYR D 133 -2.48 -28.11 13.19
C TYR D 133 -3.20 -27.63 14.44
N TRP D 134 -2.58 -27.75 15.59
CA TRP D 134 -3.38 -27.55 16.78
C TRP D 134 -2.89 -26.39 17.61
N GLY D 135 -3.77 -25.87 18.47
CA GLY D 135 -3.37 -24.88 19.42
C GLY D 135 -2.53 -25.46 20.51
N GLN D 136 -2.32 -24.64 21.52
CA GLN D 136 -1.59 -25.07 22.68
C GLN D 136 -2.49 -25.27 23.88
N GLY D 137 -3.73 -24.77 23.82
CA GLY D 137 -4.69 -24.95 24.88
C GLY D 137 -4.90 -23.75 25.78
N THR D 138 -6.14 -23.48 26.14
CA THR D 138 -6.42 -22.55 27.22
C THR D 138 -7.27 -23.24 28.25
N SER D 139 -6.93 -23.05 29.51
CA SER D 139 -7.68 -23.69 30.56
C SER D 139 -8.82 -22.78 31.03
N VAL D 140 -10.00 -23.33 31.06
CA VAL D 140 -11.16 -22.65 31.62
C VAL D 140 -11.56 -23.50 32.79
N THR D 141 -11.75 -22.90 33.94
CA THR D 141 -12.28 -23.62 35.07
C THR D 141 -13.53 -22.91 35.52
N VAL D 142 -14.67 -23.59 35.46
CA VAL D 142 -15.95 -22.97 35.74
C VAL D 142 -16.40 -23.53 37.07
N SER D 143 -16.36 -22.72 38.11
CA SER D 143 -16.72 -23.14 39.44
C SER D 143 -17.23 -21.95 40.20
N SER D 144 -17.86 -22.22 41.34
CA SER D 144 -18.34 -21.13 42.17
C SER D 144 -17.53 -20.96 43.43
N ALA D 145 -16.45 -21.70 43.59
CA ALA D 145 -15.69 -21.58 44.82
C ALA D 145 -14.77 -20.38 44.69
N SER D 146 -14.64 -19.64 45.76
CA SER D 146 -13.77 -18.51 45.66
C SER D 146 -12.34 -19.00 45.68
N THR D 147 -11.45 -18.18 45.15
CA THR D 147 -10.03 -18.49 45.17
C THR D 147 -9.52 -18.69 46.60
N LYS D 148 -8.78 -19.77 46.83
CA LYS D 148 -8.15 -19.91 48.12
C LYS D 148 -6.73 -20.40 47.92
N GLY D 149 -5.79 -19.77 48.60
CA GLY D 149 -4.45 -20.26 48.65
C GLY D 149 -4.33 -21.41 49.63
N PRO D 150 -3.25 -22.17 49.54
CA PRO D 150 -3.17 -23.41 50.29
C PRO D 150 -2.62 -23.22 51.69
N SER D 151 -3.10 -24.07 52.60
CA SER D 151 -2.49 -24.23 53.90
C SER D 151 -1.46 -25.32 53.73
N VAL D 152 -0.27 -25.10 54.28
CA VAL D 152 0.84 -26.04 54.12
C VAL D 152 1.14 -26.72 55.44
N PHE D 153 0.94 -28.04 55.48
CA PHE D 153 1.38 -28.78 56.64
C PHE D 153 2.47 -29.76 56.22
N PRO D 154 3.42 -30.00 57.12
CA PRO D 154 4.57 -30.84 56.78
C PRO D 154 4.21 -32.30 56.90
N LEU D 155 5.10 -33.13 56.39
CA LEU D 155 4.98 -34.57 56.44
C LEU D 155 6.25 -34.99 57.11
N ALA D 156 6.19 -35.11 58.43
CA ALA D 156 7.41 -35.33 59.18
C ALA D 156 7.99 -36.70 58.83
N PRO D 157 9.30 -36.81 58.71
CA PRO D 157 9.92 -38.13 58.52
C PRO D 157 9.81 -38.97 59.80
N SER D 158 10.14 -40.26 59.67
CA SER D 158 10.28 -41.17 60.80
C SER D 158 10.70 -42.55 60.30
N GLY D 165 18.23 -46.17 57.33
CA GLY D 165 18.16 -46.67 55.97
C GLY D 165 18.13 -45.60 54.88
N THR D 166 16.91 -45.24 54.44
CA THR D 166 16.63 -44.01 53.68
C THR D 166 15.35 -43.42 54.29
N ALA D 167 15.20 -42.11 54.19
CA ALA D 167 14.12 -41.43 54.91
C ALA D 167 13.16 -40.74 53.95
N ALA D 168 11.89 -40.66 54.33
CA ALA D 168 10.89 -39.97 53.52
C ALA D 168 10.31 -38.76 54.25
N LEU D 169 10.05 -37.69 53.51
CA LEU D 169 9.48 -36.47 54.09
C LEU D 169 8.78 -35.67 53.00
N GLY D 170 7.80 -34.86 53.39
CA GLY D 170 7.08 -34.13 52.38
C GLY D 170 6.32 -32.93 52.92
N CYS D 171 5.53 -32.34 52.03
CA CYS D 171 4.64 -31.26 52.37
C CYS D 171 3.24 -31.66 51.96
N LEU D 172 2.25 -31.27 52.76
CA LEU D 172 0.87 -31.53 52.42
C LEU D 172 0.21 -30.17 52.18
N VAL D 173 -0.10 -29.88 50.92
CA VAL D 173 -0.73 -28.62 50.51
C VAL D 173 -2.23 -28.86 50.43
N LYS D 174 -3.02 -28.17 51.26
CA LYS D 174 -4.41 -28.60 51.40
C LYS D 174 -5.36 -27.45 51.21
N ASP D 175 -6.53 -27.74 50.63
CA ASP D 175 -7.63 -26.77 50.57
C ASP D 175 -7.18 -25.51 49.85
N TYR D 176 -6.89 -25.66 48.56
CA TYR D 176 -6.60 -24.51 47.71
C TYR D 176 -7.34 -24.65 46.39
N PHE D 177 -7.98 -23.55 45.94
CA PHE D 177 -8.66 -23.51 44.65
C PHE D 177 -7.79 -22.87 43.55
N PRO D 178 -8.25 -22.94 42.23
CA PRO D 178 -7.40 -22.99 41.04
C PRO D 178 -6.19 -23.89 41.02
N GLU D 179 -6.27 -24.89 40.13
CA GLU D 179 -5.33 -26.02 40.16
C GLU D 179 -3.85 -25.66 40.04
N PRO D 180 -3.42 -24.63 39.33
CA PRO D 180 -1.97 -24.49 39.12
C PRO D 180 -1.34 -24.22 40.46
N VAL D 181 -0.39 -25.06 40.85
CA VAL D 181 0.41 -24.89 42.07
C VAL D 181 1.72 -25.57 41.83
N THR D 182 2.81 -24.82 41.95
CA THR D 182 4.15 -25.37 41.85
C THR D 182 4.76 -25.56 43.24
N VAL D 183 5.48 -26.67 43.42
CA VAL D 183 6.20 -26.98 44.66
C VAL D 183 7.62 -27.41 44.32
N SER D 184 8.61 -26.69 44.88
CA SER D 184 10.02 -27.06 44.75
C SER D 184 10.62 -27.14 46.15
N TRP D 185 11.78 -27.77 46.23
CA TRP D 185 12.41 -28.10 47.50
C TRP D 185 13.76 -27.44 47.67
N ASN D 186 13.93 -26.76 48.81
CA ASN D 186 15.20 -26.12 49.09
C ASN D 186 15.55 -25.22 47.92
N SER D 187 14.54 -24.50 47.45
CA SER D 187 14.64 -23.45 46.45
C SER D 187 15.26 -23.95 45.14
N GLY D 188 14.92 -25.18 44.77
CA GLY D 188 15.39 -25.76 43.54
C GLY D 188 16.66 -26.52 43.68
N ALA D 189 17.30 -26.44 44.85
CA ALA D 189 18.51 -27.22 45.08
C ALA D 189 18.22 -28.70 44.99
N LEU D 190 17.25 -29.17 45.79
CA LEU D 190 16.86 -30.57 45.90
C LEU D 190 15.93 -30.92 44.75
N THR D 191 16.37 -31.79 43.85
CA THR D 191 15.45 -32.08 42.75
C THR D 191 15.34 -33.58 42.56
N SER D 192 16.43 -34.30 42.83
CA SER D 192 16.44 -35.73 42.62
C SER D 192 15.72 -36.46 43.73
N GLY D 193 14.82 -37.35 43.36
CA GLY D 193 14.12 -38.09 44.38
C GLY D 193 12.91 -37.40 44.95
N VAL D 194 12.51 -36.26 44.42
CA VAL D 194 11.27 -35.62 44.84
C VAL D 194 10.14 -36.19 44.00
N HIS D 195 8.97 -36.35 44.63
CA HIS D 195 7.75 -36.69 43.93
C HIS D 195 6.70 -35.71 44.39
N THR D 196 6.14 -34.92 43.46
CA THR D 196 4.97 -34.09 43.72
C THR D 196 3.75 -34.69 43.01
N PHE D 197 2.78 -34.99 43.74
CA PHE D 197 1.68 -35.71 43.10
C PHE D 197 0.63 -34.77 42.54
N PRO D 198 -0.05 -35.22 41.49
CA PRO D 198 -1.18 -34.45 41.00
C PRO D 198 -2.17 -34.24 42.12
N ALA D 199 -2.77 -33.07 42.11
CA ALA D 199 -3.73 -32.71 43.12
C ALA D 199 -4.95 -33.60 43.02
N VAL D 200 -5.75 -33.56 44.06
CA VAL D 200 -7.02 -34.27 44.11
C VAL D 200 -8.05 -33.26 44.55
N LEU D 201 -9.20 -33.27 43.87
CA LEU D 201 -10.28 -32.38 44.24
C LEU D 201 -11.05 -32.99 45.39
N GLN D 202 -11.19 -32.25 46.47
CA GLN D 202 -11.82 -32.78 47.66
C GLN D 202 -13.33 -32.56 47.58
N SER D 203 -14.05 -33.15 48.52
CA SER D 203 -15.49 -32.89 48.58
C SER D 203 -15.75 -31.41 48.77
N SER D 204 -14.80 -30.71 49.43
CA SER D 204 -14.87 -29.27 49.68
C SER D 204 -15.09 -28.51 48.39
N GLY D 205 -14.65 -29.08 47.30
CA GLY D 205 -14.45 -28.32 46.11
C GLY D 205 -13.11 -27.68 46.08
N LEU D 206 -12.28 -27.89 47.11
CA LEU D 206 -10.92 -27.37 47.11
C LEU D 206 -9.93 -28.48 46.83
N TYR D 207 -8.77 -28.11 46.34
CA TYR D 207 -7.81 -29.12 45.92
C TYR D 207 -6.82 -29.36 47.05
N SER D 208 -6.11 -30.49 46.97
CA SER D 208 -5.08 -30.81 47.95
C SER D 208 -4.05 -31.69 47.30
N LEU D 209 -2.79 -31.53 47.69
CA LEU D 209 -1.78 -32.39 47.12
C LEU D 209 -0.58 -32.55 48.03
N SER D 210 0.18 -33.60 47.71
CA SER D 210 1.37 -34.02 48.40
C SER D 210 2.60 -33.73 47.56
N SER D 211 3.69 -33.42 48.23
CA SER D 211 4.98 -33.46 47.58
C SER D 211 5.96 -34.01 48.58
N VAL D 212 6.70 -35.06 48.19
CA VAL D 212 7.59 -35.77 49.09
C VAL D 212 8.92 -36.01 48.40
N VAL D 213 9.95 -36.23 49.20
CA VAL D 213 11.27 -36.58 48.70
C VAL D 213 11.89 -37.57 49.69
N THR D 214 12.65 -38.52 49.15
CA THR D 214 13.42 -39.49 49.91
C THR D 214 14.90 -39.08 49.99
N VAL D 215 15.42 -39.03 51.21
CA VAL D 215 16.76 -38.54 51.54
C VAL D 215 17.47 -39.57 52.41
N PRO D 216 18.80 -39.58 52.41
CA PRO D 216 19.54 -40.45 53.33
C PRO D 216 19.16 -40.17 54.79
N SER D 217 18.93 -41.27 55.54
CA SER D 217 18.52 -41.17 56.95
C SER D 217 19.55 -40.43 57.79
N SER D 218 20.81 -40.46 57.36
CA SER D 218 21.99 -39.87 57.94
C SER D 218 22.03 -38.41 57.82
N SER D 219 20.96 -37.77 57.38
CA SER D 219 20.93 -36.32 57.28
C SER D 219 19.78 -35.68 58.03
N LEU D 220 18.97 -36.48 58.74
CA LEU D 220 17.78 -35.96 59.40
C LEU D 220 18.17 -35.15 60.64
N GLY D 221 18.31 -33.84 60.48
CA GLY D 221 18.71 -32.95 61.54
C GLY D 221 20.05 -32.32 61.29
N THR D 222 20.91 -32.99 60.52
CA THR D 222 22.13 -32.36 60.04
C THR D 222 21.88 -31.53 58.78
N GLN D 223 20.78 -31.80 58.07
CA GLN D 223 20.45 -31.14 56.81
C GLN D 223 18.99 -30.69 56.87
N THR D 224 18.75 -29.42 56.55
CA THR D 224 17.43 -28.81 56.71
C THR D 224 16.64 -28.93 55.40
N TYR D 225 15.35 -29.28 55.51
CA TYR D 225 14.52 -29.44 54.31
C TYR D 225 13.38 -28.45 54.34
N ILE D 226 13.39 -27.53 53.38
CA ILE D 226 12.36 -26.50 53.23
C ILE D 226 11.65 -26.72 51.89
N CYS D 227 10.32 -26.76 51.93
CA CYS D 227 9.50 -26.91 50.74
C CYS D 227 8.91 -25.57 50.33
N ASN D 228 9.07 -25.22 49.06
CA ASN D 228 8.63 -23.93 48.54
C ASN D 228 7.37 -24.16 47.73
N VAL D 229 6.23 -23.76 48.27
CA VAL D 229 4.96 -23.89 47.59
C VAL D 229 4.42 -22.50 47.37
N ASN D 230 4.01 -22.22 46.17
CA ASN D 230 3.36 -20.94 45.91
C ASN D 230 2.20 -21.15 44.96
N HIS D 231 1.16 -20.39 45.20
CA HIS D 231 -0.09 -20.47 44.46
C HIS D 231 -0.35 -19.17 43.70
N LYS D 232 0.06 -19.16 42.42
CA LYS D 232 -0.10 -17.96 41.62
C LYS D 232 -1.54 -17.44 41.63
N PRO D 233 -2.57 -18.25 41.51
CA PRO D 233 -3.93 -17.71 41.51
C PRO D 233 -4.34 -16.94 42.73
N SER D 234 -3.84 -17.29 43.91
CA SER D 234 -4.17 -16.56 45.12
C SER D 234 -3.08 -15.58 45.55
N ASN D 235 -2.12 -15.32 44.67
CA ASN D 235 -0.92 -14.57 44.98
C ASN D 235 -0.41 -15.01 46.34
N THR D 236 -0.22 -16.33 46.51
CA THR D 236 0.25 -16.92 47.75
C THR D 236 1.56 -17.65 47.55
N LYS D 237 2.52 -17.38 48.43
CA LYS D 237 3.82 -18.03 48.45
C LYS D 237 4.12 -18.38 49.90
N VAL D 238 4.47 -19.63 50.17
CA VAL D 238 4.79 -20.10 51.53
C VAL D 238 5.91 -21.13 51.51
N ASP D 239 6.89 -20.96 52.40
CA ASP D 239 7.98 -21.91 52.58
C ASP D 239 7.88 -22.50 53.96
N LYS D 240 7.87 -23.84 54.05
CA LYS D 240 7.75 -24.56 55.31
C LYS D 240 8.93 -25.50 55.41
N LYS D 241 9.57 -25.55 56.57
CA LYS D 241 10.65 -26.51 56.74
C LYS D 241 10.07 -27.74 57.43
N VAL D 242 10.52 -28.90 56.98
CA VAL D 242 10.08 -30.17 57.50
C VAL D 242 11.25 -30.77 58.26
N GLU D 243 11.05 -30.96 59.55
CA GLU D 243 12.06 -31.57 60.40
C GLU D 243 11.36 -32.66 61.21
N PRO D 244 12.12 -33.64 61.68
CA PRO D 244 11.51 -34.80 62.32
C PRO D 244 10.85 -34.47 63.66
N LYS D 245 9.88 -35.32 64.00
CA LYS D 245 9.30 -35.48 65.34
C LYS D 245 8.88 -36.92 65.46
N VAL E 21 -21.60 -41.54 16.63
CA VAL E 21 -20.75 -42.72 16.49
C VAL E 21 -19.88 -42.77 17.69
N VAL E 22 -19.62 -43.97 18.23
CA VAL E 22 -18.80 -44.12 19.44
C VAL E 22 -17.52 -44.83 19.10
N MET E 23 -16.41 -44.10 19.23
CA MET E 23 -15.10 -44.68 19.04
C MET E 23 -14.68 -45.21 20.38
N THR E 24 -14.09 -46.42 20.36
CA THR E 24 -13.60 -47.07 21.57
C THR E 24 -12.23 -47.65 21.29
N GLN E 25 -11.25 -47.16 22.01
CA GLN E 25 -9.92 -47.74 22.03
C GLN E 25 -9.83 -48.63 23.27
N THR E 26 -9.61 -49.93 23.05
CA THR E 26 -9.85 -50.92 24.11
C THR E 26 -8.90 -50.79 25.31
N THR E 27 -7.66 -50.37 25.12
CA THR E 27 -6.73 -50.32 26.24
C THR E 27 -6.43 -48.88 26.64
N SER E 28 -6.69 -48.53 27.91
CA SER E 28 -6.35 -47.18 28.36
C SER E 28 -4.85 -47.03 28.38
N SER E 29 -4.18 -47.89 29.12
CA SER E 29 -2.73 -47.85 29.16
C SER E 29 -2.17 -48.99 28.35
N LEU E 30 -0.89 -48.90 28.05
CA LEU E 30 -0.34 -49.88 27.14
C LEU E 30 1.16 -49.88 27.36
N SER E 31 1.69 -51.01 27.78
CA SER E 31 3.09 -51.03 28.10
C SER E 31 3.82 -51.46 26.87
N ALA E 32 5.04 -50.96 26.71
CA ALA E 32 5.89 -51.40 25.61
C ALA E 32 7.32 -51.05 25.95
N SER E 33 8.23 -51.64 25.17
CA SER E 33 9.65 -51.35 25.27
C SER E 33 10.13 -50.71 23.98
N LEU E 34 11.04 -49.76 24.12
CA LEU E 34 11.67 -49.16 22.96
C LEU E 34 12.07 -50.23 21.96
N GLY E 35 11.88 -49.94 20.69
CA GLY E 35 12.23 -50.85 19.63
C GLY E 35 11.08 -51.68 19.15
N ASP E 36 10.03 -51.84 19.97
CA ASP E 36 8.99 -52.80 19.65
C ASP E 36 8.04 -52.21 18.63
N ARG E 37 7.36 -53.08 17.92
CA ARG E 37 6.23 -52.62 17.14
C ARG E 37 5.14 -52.39 18.16
N VAL E 38 4.40 -51.31 18.00
CA VAL E 38 3.28 -51.05 18.89
C VAL E 38 2.09 -50.84 18.00
N THR E 39 0.95 -51.38 18.42
CA THR E 39 -0.27 -51.25 17.66
C THR E 39 -1.38 -50.85 18.61
N ILE E 40 -1.87 -49.65 18.43
CA ILE E 40 -3.03 -49.16 19.13
C ILE E 40 -4.23 -49.45 18.26
N SER E 41 -5.26 -50.02 18.84
CA SER E 41 -6.41 -50.47 18.10
C SER E 41 -7.63 -49.66 18.53
N CYS E 42 -8.38 -49.19 17.56
CA CYS E 42 -9.55 -48.36 17.75
C CYS E 42 -10.73 -49.06 17.08
N SER E 43 -11.87 -49.10 17.75
CA SER E 43 -13.03 -49.79 17.20
C SER E 43 -14.25 -48.88 17.23
N ALA E 44 -15.00 -48.90 16.14
CA ALA E 44 -16.05 -47.92 15.90
C ALA E 44 -17.41 -48.58 16.00
N SER E 45 -18.33 -47.89 16.71
CA SER E 45 -19.66 -48.40 17.00
C SER E 45 -20.47 -48.68 15.75
N GLN E 46 -19.99 -48.29 14.59
CA GLN E 46 -20.67 -48.65 13.35
C GLN E 46 -19.70 -48.37 12.23
N GLY E 47 -19.97 -49.00 11.09
CA GLY E 47 -19.06 -48.86 9.95
C GLY E 47 -18.87 -47.40 9.65
N ILE E 48 -17.62 -46.96 9.63
CA ILE E 48 -17.29 -45.55 9.48
C ILE E 48 -16.63 -45.28 8.14
N SER E 49 -16.83 -46.14 7.16
CA SER E 49 -16.00 -46.00 5.96
C SER E 49 -14.56 -45.94 6.43
N ASN E 50 -13.72 -45.19 5.76
CA ASN E 50 -12.36 -45.12 6.25
C ASN E 50 -12.09 -43.76 6.84
N TYR E 51 -13.15 -43.03 7.16
CA TYR E 51 -13.05 -41.69 7.73
C TYR E 51 -12.62 -41.76 9.20
N LEU E 52 -11.33 -42.05 9.36
CA LEU E 52 -10.69 -42.18 10.66
C LEU E 52 -9.35 -41.46 10.67
N ASN E 53 -9.13 -40.64 11.68
CA ASN E 53 -7.89 -39.88 11.84
C ASN E 53 -7.24 -40.31 13.14
N TRP E 54 -5.94 -39.98 13.28
CA TRP E 54 -5.16 -40.35 14.44
C TRP E 54 -4.43 -39.12 14.97
N TYR E 55 -4.59 -38.79 16.24
CA TYR E 55 -3.82 -37.72 16.84
C TYR E 55 -2.95 -38.21 17.98
N GLN E 56 -1.88 -37.47 18.26
CA GLN E 56 -0.98 -37.75 19.38
C GLN E 56 -0.94 -36.55 20.32
N GLN E 57 -1.35 -36.75 21.57
CA GLN E 57 -1.19 -35.73 22.61
C GLN E 57 -0.03 -36.09 23.52
N LYS E 58 0.88 -35.21 23.67
CA LYS E 58 1.99 -35.40 24.56
C LYS E 58 1.66 -34.82 25.92
N PRO E 59 2.40 -35.21 26.97
CA PRO E 59 1.99 -34.81 28.33
C PRO E 59 1.91 -33.31 28.59
N ASP E 60 2.70 -32.47 27.91
CA ASP E 60 2.53 -31.02 28.09
C ASP E 60 1.18 -30.52 27.60
N GLY E 61 0.46 -31.30 26.79
CA GLY E 61 -0.81 -30.89 26.21
C GLY E 61 -0.83 -30.78 24.72
N THR E 62 0.34 -30.68 24.08
CA THR E 62 0.40 -30.43 22.65
C THR E 62 -0.19 -31.58 21.86
N VAL E 63 -0.83 -31.27 20.75
CA VAL E 63 -1.48 -32.25 19.90
C VAL E 63 -0.93 -32.11 18.50
N LYS E 64 -0.74 -33.24 17.83
CA LYS E 64 -0.29 -33.19 16.45
C LYS E 64 -1.07 -34.21 15.65
N LEU E 65 -1.28 -33.92 14.37
CA LEU E 65 -1.88 -34.89 13.49
C LEU E 65 -0.79 -35.86 13.05
N LEU E 66 -1.15 -37.14 12.97
CA LEU E 66 -0.25 -38.22 12.57
C LEU E 66 -0.71 -38.85 11.26
N ILE E 67 -1.91 -39.39 11.22
CA ILE E 67 -2.49 -40.05 10.06
C ILE E 67 -3.90 -39.53 9.88
N TYR E 68 -4.28 -39.31 8.62
CA TYR E 68 -5.67 -39.00 8.30
C TYR E 68 -6.17 -39.94 7.24
N TYR E 69 -7.48 -40.12 7.22
CA TYR E 69 -8.13 -41.06 6.31
C TYR E 69 -7.49 -42.44 6.45
N THR E 70 -7.53 -42.97 7.68
CA THR E 70 -7.07 -44.31 8.02
C THR E 70 -5.57 -44.55 7.98
N SER E 71 -4.97 -44.24 6.83
CA SER E 71 -3.58 -44.57 6.58
C SER E 71 -2.73 -43.48 5.97
N ILE E 72 -3.27 -42.30 5.66
CA ILE E 72 -2.47 -41.25 4.99
C ILE E 72 -1.68 -40.46 6.03
N LEU E 73 -0.37 -40.42 5.85
CA LEU E 73 0.49 -39.86 6.87
C LEU E 73 0.52 -38.34 6.79
N HIS E 74 0.31 -37.67 7.92
CA HIS E 74 0.36 -36.23 7.95
C HIS E 74 1.75 -35.75 7.68
N SER E 75 1.82 -34.54 7.19
CA SER E 75 3.08 -33.90 6.87
C SER E 75 4.01 -33.88 8.05
N GLY E 76 5.26 -34.24 7.82
CA GLY E 76 6.24 -34.17 8.89
C GLY E 76 6.16 -35.22 9.98
N VAL E 77 5.45 -36.33 9.76
CA VAL E 77 5.41 -37.46 10.68
C VAL E 77 6.41 -38.52 10.26
N PRO E 78 7.16 -39.16 11.14
CA PRO E 78 8.17 -40.13 10.69
C PRO E 78 7.53 -41.37 10.08
N SER E 79 8.37 -42.12 9.35
CA SER E 79 7.87 -43.28 8.62
C SER E 79 7.46 -44.45 9.51
N ARG E 80 7.98 -44.52 10.74
CA ARG E 80 7.60 -45.62 11.63
C ARG E 80 6.15 -45.58 12.00
N PHE E 81 5.45 -44.47 11.77
CA PHE E 81 4.01 -44.43 11.97
C PHE E 81 3.27 -44.99 10.77
N SER E 82 2.21 -45.71 11.05
CA SER E 82 1.50 -46.51 10.07
C SER E 82 0.03 -46.59 10.45
N GLY E 83 -0.85 -46.69 9.46
CA GLY E 83 -2.27 -46.79 9.73
C GLY E 83 -2.96 -47.88 8.94
N SER E 84 -4.00 -48.45 9.54
CA SER E 84 -4.70 -49.51 8.83
C SER E 84 -6.12 -49.66 9.38
N GLY E 85 -6.94 -50.38 8.63
CA GLY E 85 -8.25 -50.76 9.11
C GLY E 85 -9.32 -50.52 8.09
N SER E 86 -10.55 -50.85 8.49
CA SER E 86 -11.63 -50.86 7.54
C SER E 86 -12.89 -51.14 8.33
N GLY E 87 -14.02 -50.69 7.80
CA GLY E 87 -15.28 -50.98 8.45
C GLY E 87 -15.35 -50.39 9.84
N THR E 88 -15.29 -51.21 10.90
CA THR E 88 -15.38 -50.66 12.25
C THR E 88 -14.09 -50.79 13.05
N ASP E 89 -13.02 -51.30 12.47
CA ASP E 89 -11.82 -51.64 13.22
C ASP E 89 -10.61 -51.06 12.51
N TYR E 90 -9.72 -50.42 13.29
CA TYR E 90 -8.66 -49.56 12.79
C TYR E 90 -7.47 -49.63 13.73
N SER E 91 -6.27 -49.42 13.19
CA SER E 91 -5.06 -49.54 13.99
C SER E 91 -4.01 -48.53 13.58
N LEU E 92 -3.33 -47.99 14.59
CA LEU E 92 -2.14 -47.17 14.43
C LEU E 92 -0.96 -48.00 14.88
N THR E 93 0.12 -47.98 14.13
CA THR E 93 1.21 -48.91 14.41
C THR E 93 2.55 -48.22 14.30
N ILE E 94 3.20 -48.01 15.44
CA ILE E 94 4.59 -47.62 15.51
C ILE E 94 5.47 -48.85 15.33
N SER E 95 6.46 -48.78 14.45
CA SER E 95 7.30 -49.95 14.20
C SER E 95 8.54 -50.00 15.09
N ASN E 96 9.10 -48.86 15.53
CA ASN E 96 10.17 -48.87 16.54
C ASN E 96 9.81 -47.82 17.56
N LEU E 97 9.11 -48.20 18.60
CA LEU E 97 8.84 -47.21 19.62
C LEU E 97 10.11 -46.42 19.97
N GLU E 98 10.06 -45.11 19.79
CA GLU E 98 11.19 -44.30 20.19
C GLU E 98 10.79 -43.38 21.31
N PRO E 99 11.74 -42.94 22.14
CA PRO E 99 11.39 -42.26 23.40
C PRO E 99 10.41 -41.14 23.22
N GLU E 100 10.58 -40.34 22.16
CA GLU E 100 9.64 -39.27 21.85
C GLU E 100 8.24 -39.80 21.59
N ASP E 101 8.09 -41.06 21.16
CA ASP E 101 6.76 -41.55 20.85
C ASP E 101 5.91 -41.86 22.07
N ILE E 102 6.46 -41.76 23.30
CA ILE E 102 5.66 -42.08 24.49
C ILE E 102 4.62 -41.00 24.68
N ALA E 103 3.36 -41.34 24.42
CA ALA E 103 2.36 -40.30 24.25
C ALA E 103 0.99 -40.95 24.28
N THR E 104 -0.07 -40.15 24.47
CA THR E 104 -1.42 -40.64 24.31
C THR E 104 -1.90 -40.51 22.88
N TYR E 105 -2.57 -41.54 22.38
CA TYR E 105 -3.00 -41.60 20.98
C TYR E 105 -4.52 -41.70 20.85
N TYR E 106 -5.14 -40.69 20.25
CA TYR E 106 -6.58 -40.69 20.06
C TYR E 106 -6.91 -40.89 18.60
N CYS E 107 -7.91 -41.70 18.36
CA CYS E 107 -8.47 -41.86 17.02
C CYS E 107 -9.68 -40.98 16.91
N GLN E 108 -10.04 -40.62 15.69
CA GLN E 108 -11.19 -39.73 15.55
C GLN E 108 -11.90 -40.05 14.26
N GLN E 109 -13.23 -40.07 14.30
CA GLN E 109 -14.01 -40.43 13.13
C GLN E 109 -14.69 -39.20 12.56
N TYR E 110 -14.90 -39.20 11.23
CA TYR E 110 -15.70 -38.13 10.64
C TYR E 110 -16.69 -38.65 9.60
N SER E 111 -17.19 -39.85 9.83
CA SER E 111 -18.27 -40.40 9.01
C SER E 111 -19.60 -39.75 9.37
N LYS E 112 -19.92 -39.69 10.66
CA LYS E 112 -21.19 -39.13 11.10
C LYS E 112 -20.96 -37.80 11.81
N PHE E 113 -22.08 -37.03 12.03
CA PHE E 113 -21.83 -35.61 12.25
C PHE E 113 -20.91 -35.24 13.41
N PRO E 114 -21.33 -35.35 14.67
CA PRO E 114 -20.43 -34.83 15.70
C PRO E 114 -19.16 -35.67 15.61
N ARG E 115 -18.10 -35.07 15.06
CA ARG E 115 -16.81 -35.72 15.01
C ARG E 115 -16.51 -36.23 16.39
N THR E 116 -16.19 -37.51 16.48
CA THR E 116 -15.98 -38.11 17.79
C THR E 116 -14.60 -38.72 17.89
N PHE E 117 -14.02 -38.59 19.08
CA PHE E 117 -12.70 -39.14 19.37
C PHE E 117 -12.85 -40.42 20.18
N GLY E 118 -11.86 -41.32 20.08
CA GLY E 118 -11.81 -42.43 21.01
C GLY E 118 -11.51 -41.91 22.41
N GLY E 119 -10.97 -42.72 23.27
CA GLY E 119 -10.68 -42.22 24.59
C GLY E 119 -9.19 -42.16 24.81
N GLY E 120 -8.41 -42.68 23.86
CA GLY E 120 -6.99 -42.55 24.00
C GLY E 120 -6.33 -43.79 24.57
N THR E 121 -5.01 -43.77 24.49
CA THR E 121 -4.17 -44.89 24.86
C THR E 121 -2.83 -44.29 25.24
N LYS E 122 -2.56 -44.21 26.54
CA LYS E 122 -1.31 -43.61 27.00
C LYS E 122 -0.27 -44.70 26.99
N LEU E 123 0.94 -44.35 26.63
CA LEU E 123 1.98 -45.33 26.38
C LEU E 123 2.94 -45.29 27.55
N GLU E 124 3.14 -46.45 28.17
CA GLU E 124 4.11 -46.53 29.23
C GLU E 124 5.23 -47.48 28.83
N ILE E 125 6.34 -47.29 29.48
CA ILE E 125 7.51 -48.12 29.29
C ILE E 125 7.43 -49.33 30.21
N LYS E 126 7.79 -50.52 29.68
CA LYS E 126 7.85 -51.74 30.47
C LYS E 126 9.21 -51.86 31.16
N ARG E 127 9.18 -52.22 32.44
CA ARG E 127 10.41 -52.42 33.22
C ARG E 127 10.21 -53.64 34.11
N THR E 128 11.25 -54.00 34.86
CA THR E 128 11.12 -55.12 35.80
C THR E 128 10.13 -54.76 36.89
N VAL E 129 9.33 -55.75 37.31
CA VAL E 129 8.41 -55.50 38.39
C VAL E 129 9.17 -54.92 39.55
N ALA E 130 8.58 -53.96 40.23
CA ALA E 130 9.25 -53.30 41.33
C ALA E 130 8.30 -53.20 42.51
N ALA E 131 8.76 -53.48 43.61
CA ALA E 131 7.67 -53.31 44.55
C ALA E 131 7.77 -51.98 45.28
N PRO E 132 6.63 -51.49 45.79
CA PRO E 132 6.61 -50.17 46.49
C PRO E 132 7.44 -50.13 47.75
N SER E 133 7.72 -48.91 48.21
CA SER E 133 8.40 -48.66 49.48
C SER E 133 7.40 -47.90 50.32
N VAL E 134 6.59 -48.59 51.10
CA VAL E 134 5.44 -47.94 51.71
C VAL E 134 5.85 -47.20 52.98
N PHE E 135 5.51 -45.92 53.04
CA PHE E 135 5.67 -45.09 54.22
C PHE E 135 4.31 -44.53 54.63
N ILE E 136 4.24 -44.05 55.87
CA ILE E 136 3.01 -43.44 56.37
C ILE E 136 3.44 -42.19 57.14
N PHE E 137 2.55 -41.18 57.13
CA PHE E 137 2.78 -39.90 57.77
C PHE E 137 1.55 -39.54 58.58
N PRO E 138 1.71 -39.14 59.84
CA PRO E 138 0.56 -38.79 60.68
C PRO E 138 0.22 -37.31 60.55
N PRO E 139 -1.03 -36.93 60.81
CA PRO E 139 -1.42 -35.53 60.64
C PRO E 139 -0.50 -34.64 61.44
N SER E 140 -0.20 -33.48 60.89
CA SER E 140 0.72 -32.55 61.52
C SER E 140 -0.01 -31.80 62.65
N ASP E 141 0.77 -31.21 63.56
CA ASP E 141 0.18 -30.51 64.70
C ASP E 141 -0.69 -29.35 64.24
N GLU E 142 -0.13 -28.40 63.47
CA GLU E 142 -0.91 -27.27 63.00
C GLU E 142 -2.22 -27.73 62.39
N GLN E 143 -2.17 -28.83 61.64
CA GLN E 143 -3.40 -29.33 61.04
C GLN E 143 -4.40 -29.72 62.12
N LEU E 144 -3.91 -30.29 63.24
CA LEU E 144 -4.81 -30.60 64.33
C LEU E 144 -5.27 -29.32 65.03
N LYS E 145 -4.36 -28.37 65.18
CA LYS E 145 -4.65 -27.06 65.78
C LYS E 145 -5.74 -26.31 65.01
N SER E 146 -6.27 -26.91 63.93
CA SER E 146 -7.22 -26.23 63.06
C SER E 146 -8.47 -27.04 62.76
N GLY E 147 -8.55 -28.30 63.21
CA GLY E 147 -9.81 -29.03 63.20
C GLY E 147 -9.90 -30.20 62.24
N THR E 148 -8.86 -30.52 61.49
CA THR E 148 -8.90 -31.66 60.59
C THR E 148 -7.59 -32.40 60.69
N ALA E 149 -7.66 -33.72 60.52
CA ALA E 149 -6.46 -34.55 60.52
C ALA E 149 -6.45 -35.38 59.26
N SER E 150 -5.32 -35.34 58.54
CA SER E 150 -5.16 -36.03 57.27
C SER E 150 -3.98 -36.97 57.41
N VAL E 151 -4.20 -38.25 57.21
CA VAL E 151 -3.05 -39.13 57.23
C VAL E 151 -2.67 -39.42 55.79
N VAL E 152 -1.37 -39.63 55.55
CA VAL E 152 -0.83 -39.77 54.20
C VAL E 152 0.04 -41.01 54.12
N CYS E 153 -0.33 -41.90 53.22
CA CYS E 153 0.44 -43.10 52.94
C CYS E 153 1.13 -42.92 51.58
N LEU E 154 2.44 -43.17 51.54
CA LEU E 154 3.21 -43.00 50.32
C LEU E 154 3.65 -44.38 49.85
N LEU E 155 3.48 -44.65 48.56
CA LEU E 155 4.00 -45.83 47.90
C LEU E 155 5.04 -45.31 46.92
N ASN E 156 6.28 -45.74 47.01
CA ASN E 156 7.34 -45.06 46.28
C ASN E 156 8.08 -45.94 45.27
N ASN E 157 8.20 -45.42 44.04
CA ASN E 157 9.01 -45.98 42.95
C ASN E 157 8.77 -47.46 42.71
N PHE E 158 7.52 -47.79 42.43
CA PHE E 158 7.07 -49.14 42.14
C PHE E 158 6.67 -49.27 40.68
N TYR E 159 6.41 -50.51 40.28
CA TYR E 159 5.97 -50.85 38.93
C TYR E 159 5.37 -52.25 39.01
N PRO E 160 4.31 -52.56 38.29
CA PRO E 160 3.53 -51.77 37.34
C PRO E 160 2.59 -50.81 38.07
N ARG E 161 1.91 -49.93 37.33
CA ARG E 161 1.09 -48.88 37.93
C ARG E 161 0.05 -49.39 38.93
N GLU E 162 -0.57 -50.55 38.64
CA GLU E 162 -1.64 -51.07 39.48
C GLU E 162 -1.14 -51.38 40.87
N ALA E 163 -1.94 -51.02 41.86
CA ALA E 163 -1.64 -51.17 43.27
C ALA E 163 -2.93 -50.87 43.99
N LYS E 164 -3.08 -51.39 45.20
CA LYS E 164 -4.32 -51.23 45.94
C LYS E 164 -3.98 -50.76 47.34
N VAL E 165 -4.58 -49.66 47.77
CA VAL E 165 -4.41 -49.16 49.12
C VAL E 165 -5.75 -49.23 49.86
N GLN E 166 -5.75 -49.84 51.05
CA GLN E 166 -6.85 -49.74 52.00
C GLN E 166 -6.34 -49.19 53.31
N TRP E 167 -7.13 -48.28 53.87
CA TRP E 167 -6.86 -47.66 55.15
C TRP E 167 -7.66 -48.44 56.19
N LYS E 168 -7.00 -48.83 57.27
CA LYS E 168 -7.65 -49.48 58.39
C LYS E 168 -7.21 -48.78 59.65
N VAL E 169 -8.18 -48.28 60.41
CA VAL E 169 -7.91 -47.67 61.69
C VAL E 169 -8.17 -48.73 62.75
N ASP E 170 -7.13 -49.05 63.53
CA ASP E 170 -7.16 -50.13 64.53
C ASP E 170 -8.02 -51.29 64.02
N ASN E 171 -7.64 -51.77 62.83
CA ASN E 171 -8.23 -52.96 62.21
C ASN E 171 -9.71 -52.80 61.92
N ALA E 172 -10.15 -51.58 61.65
CA ALA E 172 -11.51 -51.35 61.23
C ALA E 172 -11.40 -50.81 59.81
N LEU E 173 -11.85 -51.60 58.84
CA LEU E 173 -11.66 -51.23 57.45
C LEU E 173 -12.38 -49.92 57.16
N GLN E 174 -11.60 -48.92 56.77
CA GLN E 174 -12.11 -47.62 56.36
C GLN E 174 -12.10 -47.54 54.85
N SER E 175 -13.27 -47.28 54.30
CA SER E 175 -13.38 -46.98 52.89
C SER E 175 -14.43 -45.89 52.77
N GLY E 176 -14.10 -44.80 52.08
CA GLY E 176 -14.96 -43.63 52.02
C GLY E 176 -14.38 -42.30 52.51
N ASN E 177 -13.14 -42.30 52.96
CA ASN E 177 -12.48 -41.07 53.40
C ASN E 177 -11.04 -41.00 52.88
N SER E 178 -10.75 -41.77 51.83
CA SER E 178 -9.48 -41.86 51.14
C SER E 178 -9.59 -41.26 49.75
N GLN E 179 -8.48 -40.70 49.26
CA GLN E 179 -8.33 -40.25 47.87
C GLN E 179 -6.90 -40.52 47.45
N GLU E 180 -6.75 -40.93 46.21
CA GLU E 180 -5.45 -41.34 45.72
C GLU E 180 -4.96 -40.41 44.63
N SER E 181 -3.67 -40.47 44.41
CA SER E 181 -3.08 -39.74 43.31
C SER E 181 -1.81 -40.49 42.92
N VAL E 182 -1.66 -40.77 41.63
CA VAL E 182 -0.51 -41.49 41.09
C VAL E 182 0.25 -40.53 40.20
N THR E 183 1.57 -40.54 40.28
CA THR E 183 2.33 -39.72 39.36
C THR E 183 2.33 -40.31 37.94
N GLU E 184 2.97 -39.58 37.04
CA GLU E 184 3.29 -40.14 35.75
C GLU E 184 4.55 -40.96 35.88
N GLN E 185 4.69 -41.97 35.01
CA GLN E 185 5.89 -42.80 34.98
C GLN E 185 7.13 -41.93 35.00
N ASP E 186 8.06 -42.29 35.86
CA ASP E 186 9.27 -41.50 36.00
C ASP E 186 10.10 -41.55 34.72
N SER E 187 10.76 -40.45 34.42
CA SER E 187 11.53 -40.35 33.19
C SER E 187 12.66 -41.36 33.13
N LYS E 188 13.46 -41.48 34.21
CA LYS E 188 14.70 -42.25 34.18
C LYS E 188 14.52 -43.74 34.47
N ASP E 189 13.67 -44.09 35.44
CA ASP E 189 13.60 -45.44 35.99
C ASP E 189 12.26 -46.13 35.75
N SER E 190 11.35 -45.50 35.06
CA SER E 190 10.09 -46.12 34.67
C SER E 190 9.25 -46.58 35.85
N THR E 191 9.36 -45.95 37.01
CA THR E 191 8.53 -46.34 38.13
C THR E 191 7.37 -45.38 38.28
N TYR E 192 6.46 -45.71 39.18
CA TYR E 192 5.37 -44.84 39.59
C TYR E 192 5.54 -44.46 41.08
N SER E 193 4.57 -43.73 41.61
CA SER E 193 4.49 -43.38 43.01
C SER E 193 3.06 -43.00 43.28
N LEU E 194 2.59 -43.32 44.47
CA LEU E 194 1.19 -43.12 44.87
C LEU E 194 1.15 -42.40 46.21
N SER E 195 0.17 -41.55 46.41
CA SER E 195 -0.06 -41.05 47.75
C SER E 195 -1.55 -41.20 47.99
N SER E 196 -1.91 -41.91 49.03
CA SER E 196 -3.28 -42.01 49.47
C SER E 196 -3.42 -41.18 50.74
N THR E 197 -4.52 -40.45 50.86
CA THR E 197 -4.69 -39.52 51.96
C THR E 197 -6.00 -39.80 52.69
N LEU E 198 -5.91 -40.12 53.96
CA LEU E 198 -7.07 -40.37 54.80
C LEU E 198 -7.32 -39.10 55.61
N THR E 199 -8.43 -38.45 55.35
CA THR E 199 -8.81 -37.22 56.05
C THR E 199 -9.91 -37.55 57.04
N LEU E 200 -9.66 -37.24 58.32
CA LEU E 200 -10.67 -37.41 59.36
C LEU E 200 -10.81 -36.11 60.12
N SER E 201 -11.94 -36.04 60.81
CA SER E 201 -12.27 -34.91 61.67
C SER E 201 -11.30 -34.86 62.83
N LYS E 202 -11.24 -33.70 63.51
CA LYS E 202 -10.42 -33.69 64.72
C LYS E 202 -11.09 -34.56 65.79
N ALA E 203 -12.42 -34.64 65.75
CA ALA E 203 -13.14 -35.53 66.64
C ALA E 203 -12.77 -36.99 66.42
N ASP E 204 -13.14 -37.51 65.23
CA ASP E 204 -12.99 -38.93 64.96
C ASP E 204 -11.54 -39.37 64.89
N TYR E 205 -10.61 -38.46 64.67
CA TYR E 205 -9.21 -38.85 64.73
C TYR E 205 -8.85 -39.27 66.15
N GLU E 206 -9.23 -38.47 67.14
CA GLU E 206 -8.89 -38.79 68.52
C GLU E 206 -9.71 -39.96 69.09
N LYS E 207 -10.79 -40.34 68.41
CA LYS E 207 -11.64 -41.45 68.78
C LYS E 207 -11.10 -42.83 68.36
N HIS E 208 -9.85 -42.90 67.86
CA HIS E 208 -9.26 -44.19 67.48
C HIS E 208 -7.81 -44.26 67.95
N LYS E 209 -7.21 -45.43 67.73
CA LYS E 209 -5.95 -45.81 68.38
C LYS E 209 -4.84 -46.16 67.39
N VAL E 210 -5.03 -47.20 66.59
CA VAL E 210 -4.04 -47.66 65.62
C VAL E 210 -4.50 -47.18 64.25
N TYR E 211 -3.60 -46.50 63.52
CA TYR E 211 -3.89 -46.07 62.16
C TYR E 211 -2.97 -46.85 61.23
N ALA E 212 -3.57 -47.48 60.22
CA ALA E 212 -2.79 -48.30 59.31
C ALA E 212 -3.24 -48.23 57.86
N CYS E 213 -2.25 -48.41 57.00
CA CYS E 213 -2.37 -48.39 55.56
C CYS E 213 -2.00 -49.78 55.09
N GLU E 214 -2.81 -50.37 54.21
CA GLU E 214 -2.52 -51.69 53.64
C GLU E 214 -2.22 -51.53 52.17
N VAL E 215 -1.19 -52.22 51.69
CA VAL E 215 -0.73 -52.03 50.32
C VAL E 215 -0.59 -53.38 49.63
N THR E 216 -1.39 -53.61 48.59
CA THR E 216 -1.29 -54.81 47.77
C THR E 216 -0.62 -54.49 46.45
N HIS E 217 0.21 -55.40 45.95
CA HIS E 217 0.95 -55.11 44.72
C HIS E 217 1.72 -56.33 44.22
N GLN E 218 1.70 -56.52 42.89
CA GLN E 218 2.40 -57.61 42.21
C GLN E 218 3.69 -58.06 42.87
N GLY E 219 4.66 -57.14 42.94
CA GLY E 219 5.97 -57.42 43.50
C GLY E 219 6.02 -57.59 45.01
N LEU E 220 4.90 -57.43 45.70
CA LEU E 220 4.80 -57.79 47.11
C LEU E 220 4.40 -59.27 47.25
N SER E 221 5.23 -60.05 47.96
CA SER E 221 4.90 -61.44 48.21
C SER E 221 3.55 -61.54 48.92
N SER E 222 3.35 -60.70 49.93
CA SER E 222 2.09 -60.63 50.63
C SER E 222 1.88 -59.19 51.06
N PRO E 223 0.63 -58.76 51.19
CA PRO E 223 0.35 -57.34 51.48
C PRO E 223 1.02 -56.69 52.69
N VAL E 224 1.95 -55.78 52.38
CA VAL E 224 2.62 -54.94 53.38
C VAL E 224 1.62 -54.00 54.05
N THR E 225 1.86 -53.75 55.35
CA THR E 225 1.12 -52.80 56.14
C THR E 225 2.10 -51.95 56.92
N LYS E 226 1.97 -50.64 56.83
CA LYS E 226 2.66 -49.71 57.71
C LYS E 226 1.63 -48.99 58.57
N SER E 227 1.98 -48.77 59.84
CA SER E 227 1.05 -48.13 60.76
C SER E 227 1.82 -47.42 61.87
N PHE E 228 1.08 -46.59 62.61
CA PHE E 228 1.62 -45.87 63.76
C PHE E 228 0.55 -45.79 64.84
N ASN E 229 1.02 -45.55 66.06
CA ASN E 229 0.16 -45.38 67.23
C ASN E 229 0.37 -43.97 67.76
N ARG E 230 -0.72 -43.22 67.84
CA ARG E 230 -0.67 -41.75 67.83
C ARG E 230 0.34 -41.05 68.77
N GLY F 22 -34.40 -55.57 -24.26
CA GLY F 22 -34.35 -56.97 -23.85
C GLY F 22 -33.44 -57.28 -22.66
N PRO F 23 -33.52 -58.51 -22.09
CA PRO F 23 -32.97 -58.76 -20.74
C PRO F 23 -31.46 -58.73 -20.57
N ILE F 24 -31.00 -59.11 -19.37
CA ILE F 24 -29.58 -59.22 -19.06
C ILE F 24 -29.12 -60.67 -18.97
N ILE F 25 -29.98 -61.56 -18.45
CA ILE F 25 -29.72 -62.99 -18.33
C ILE F 25 -30.91 -63.76 -18.91
N CYS F 26 -32.07 -63.66 -18.24
CA CYS F 26 -33.21 -64.55 -18.49
C CYS F 26 -34.31 -63.86 -19.30
N ALA F 27 -34.87 -64.59 -20.27
CA ALA F 27 -36.03 -64.11 -21.01
C ALA F 27 -37.30 -64.20 -20.15
N GLY F 28 -38.36 -63.52 -20.59
CA GLY F 28 -39.59 -63.40 -19.83
C GLY F 28 -40.12 -64.70 -19.26
N PRO F 29 -40.58 -64.65 -18.03
CA PRO F 29 -41.02 -65.87 -17.34
C PRO F 29 -42.43 -66.31 -17.72
N ILE F 30 -42.59 -67.62 -17.85
CA ILE F 30 -43.91 -68.18 -18.10
C ILE F 30 -44.28 -69.08 -16.92
N HIS F 31 -44.72 -68.48 -15.83
CA HIS F 31 -44.87 -69.21 -14.57
C HIS F 31 -46.06 -70.15 -14.68
N SER F 32 -45.93 -71.35 -14.12
CA SER F 32 -47.01 -72.30 -14.29
C SER F 32 -48.21 -71.91 -13.44
N ASN F 33 -48.04 -71.88 -12.13
CA ASN F 33 -49.17 -71.63 -11.26
C ASN F 33 -48.84 -70.54 -10.27
N LYS F 34 -49.86 -69.72 -10.00
CA LYS F 34 -49.79 -68.60 -9.08
C LYS F 34 -49.44 -69.03 -7.67
N SER F 35 -49.51 -70.31 -7.38
CA SER F 35 -49.31 -70.78 -6.03
C SER F 35 -47.84 -71.01 -5.70
N ALA F 36 -46.95 -70.91 -6.69
CA ALA F 36 -45.55 -71.29 -6.55
C ALA F 36 -44.81 -70.44 -5.52
N ASP F 37 -43.74 -71.01 -4.97
CA ASP F 37 -42.97 -70.32 -3.95
C ASP F 37 -41.86 -69.50 -4.59
N ILE F 38 -41.39 -68.49 -3.86
CA ILE F 38 -40.35 -67.58 -4.34
C ILE F 38 -39.02 -68.05 -3.77
N PRO F 39 -38.06 -68.44 -4.61
CA PRO F 39 -36.81 -68.98 -4.07
C PRO F 39 -35.90 -67.88 -3.55
N HIS F 40 -35.25 -68.15 -2.42
CA HIS F 40 -34.18 -67.26 -1.97
C HIS F 40 -32.91 -67.81 -2.60
N LEU F 41 -32.37 -67.07 -3.56
CA LEU F 41 -31.18 -67.51 -4.25
C LEU F 41 -29.98 -66.76 -3.67
N LEU F 42 -28.83 -67.42 -3.68
CA LEU F 42 -27.65 -66.87 -3.04
C LEU F 42 -26.69 -66.30 -4.05
N GLY F 43 -26.62 -66.88 -5.24
CA GLY F 43 -25.73 -66.39 -6.27
C GLY F 43 -26.06 -64.96 -6.65
N TYR F 44 -25.03 -64.23 -7.06
CA TYR F 44 -25.30 -62.89 -7.56
C TYR F 44 -26.06 -62.97 -8.87
N SER F 45 -25.53 -63.71 -9.86
CA SER F 45 -26.18 -63.83 -11.16
C SER F 45 -27.48 -64.61 -11.08
N GLU F 46 -27.64 -65.46 -10.06
CA GLU F 46 -28.96 -66.01 -9.74
C GLU F 46 -29.94 -64.87 -9.51
N LYS F 47 -29.50 -63.85 -8.77
CA LYS F 47 -30.35 -62.73 -8.41
C LYS F 47 -30.66 -61.85 -9.62
N ILE F 48 -29.66 -61.58 -10.48
CA ILE F 48 -29.92 -60.80 -11.69
C ILE F 48 -30.96 -61.49 -12.56
N CYS F 49 -30.92 -62.82 -12.65
CA CYS F 49 -31.98 -63.48 -13.40
C CYS F 49 -33.34 -63.21 -12.75
N GLN F 50 -33.46 -63.44 -11.43
CA GLN F 50 -34.73 -63.23 -10.72
C GLN F 50 -35.28 -61.84 -10.97
N ILE F 51 -34.39 -60.85 -11.05
CA ILE F 51 -34.79 -59.49 -11.33
C ILE F 51 -35.25 -59.37 -12.77
N ASP F 52 -34.57 -60.07 -13.68
CA ASP F 52 -34.99 -60.06 -15.08
C ASP F 52 -36.38 -60.62 -15.25
N ARG F 53 -36.73 -61.63 -14.48
CA ARG F 53 -38.06 -62.21 -14.60
C ARG F 53 -39.05 -61.61 -13.58
N LEU F 54 -38.70 -60.47 -12.96
CA LEU F 54 -39.60 -59.75 -12.05
C LEU F 54 -40.08 -60.57 -10.87
N ILE F 55 -39.29 -61.53 -10.40
CA ILE F 55 -39.70 -62.25 -9.21
C ILE F 55 -39.73 -61.30 -8.02
N HIS F 56 -38.84 -60.30 -8.02
CA HIS F 56 -38.73 -59.41 -6.88
C HIS F 56 -39.95 -58.53 -6.74
N VAL F 57 -40.41 -57.94 -7.84
CA VAL F 57 -41.66 -57.20 -7.73
C VAL F 57 -42.72 -58.13 -7.15
N SER F 58 -42.76 -59.37 -7.64
CA SER F 58 -43.70 -60.36 -7.13
C SER F 58 -43.48 -60.62 -5.66
N SER F 59 -42.22 -60.89 -5.28
CA SER F 59 -41.94 -61.08 -3.87
C SER F 59 -42.42 -59.87 -3.08
N TRP F 60 -42.16 -58.66 -3.60
CA TRP F 60 -42.62 -57.45 -2.92
C TRP F 60 -44.12 -57.48 -2.70
N LEU F 61 -44.87 -57.83 -3.73
CA LEU F 61 -46.33 -57.80 -3.62
C LEU F 61 -46.83 -58.86 -2.67
N ARG F 62 -46.29 -60.08 -2.78
CA ARG F 62 -46.65 -61.13 -1.84
C ARG F 62 -46.26 -60.73 -0.42
N ASN F 63 -44.99 -60.36 -0.23
CA ASN F 63 -44.53 -59.99 1.10
C ASN F 63 -45.37 -58.87 1.70
N HIS F 64 -46.07 -58.04 0.87
CA HIS F 64 -46.53 -56.74 1.36
C HIS F 64 -48.04 -56.46 1.24
N SER F 65 -48.72 -56.91 0.17
CA SER F 65 -50.12 -56.50 -0.06
C SER F 65 -51.10 -57.67 -0.13
N GLN F 66 -50.73 -58.84 0.37
CA GLN F 66 -51.52 -60.08 0.25
C GLN F 66 -51.85 -60.41 -1.20
N PHE F 67 -50.88 -60.23 -2.09
CA PHE F 67 -50.98 -60.62 -3.49
C PHE F 67 -50.51 -62.06 -3.66
N GLN F 68 -51.19 -62.82 -4.52
CA GLN F 68 -50.78 -64.18 -4.84
C GLN F 68 -50.35 -64.31 -6.30
N GLY F 69 -49.09 -64.69 -6.51
CA GLY F 69 -48.62 -65.12 -7.82
C GLY F 69 -47.44 -64.30 -8.27
N TYR F 70 -47.43 -63.98 -9.56
CA TYR F 70 -46.29 -63.33 -10.15
C TYR F 70 -46.74 -62.07 -10.88
N VAL F 71 -45.75 -61.31 -11.32
CA VAL F 71 -45.98 -60.17 -12.18
C VAL F 71 -44.92 -60.26 -13.26
N GLY F 72 -45.20 -59.61 -14.38
CA GLY F 72 -44.29 -59.58 -15.52
C GLY F 72 -44.32 -60.82 -16.38
N GLN F 73 -45.45 -61.53 -16.38
CA GLN F 73 -45.57 -62.79 -17.09
C GLN F 73 -45.40 -62.58 -18.59
N ARG F 74 -44.53 -63.39 -19.18
CA ARG F 74 -44.25 -63.41 -20.61
C ARG F 74 -43.52 -62.15 -21.06
N GLY F 75 -43.57 -61.08 -20.25
CA GLY F 75 -42.83 -59.87 -20.57
C GLY F 75 -41.49 -59.67 -19.89
N GLY F 76 -41.49 -59.76 -18.55
CA GLY F 76 -40.25 -59.55 -17.81
C GLY F 76 -39.91 -58.09 -17.58
N ARG F 77 -38.65 -57.89 -17.15
CA ARG F 77 -38.15 -56.57 -16.80
C ARG F 77 -38.25 -55.61 -17.97
N SER F 78 -38.09 -56.10 -19.19
CA SER F 78 -38.13 -55.25 -20.36
C SER F 78 -39.52 -54.72 -20.70
N GLN F 79 -40.59 -55.28 -20.11
CA GLN F 79 -41.96 -54.88 -20.42
C GLN F 79 -42.62 -54.06 -19.29
N VAL F 80 -41.85 -53.43 -18.42
CA VAL F 80 -42.41 -52.64 -17.33
C VAL F 80 -42.82 -51.25 -17.81
N SER F 81 -43.83 -50.68 -17.14
CA SER F 81 -44.37 -49.36 -17.47
C SER F 81 -43.60 -48.25 -16.74
N TYR F 82 -43.18 -47.24 -17.48
CA TYR F 82 -42.45 -46.11 -16.91
C TYR F 82 -43.19 -44.78 -17.08
N TYR F 83 -43.35 -44.04 -15.99
CA TYR F 83 -43.74 -42.64 -16.09
C TYR F 83 -42.54 -41.78 -15.77
N PRO F 84 -42.07 -40.90 -16.66
CA PRO F 84 -42.54 -40.57 -18.00
C PRO F 84 -42.39 -41.73 -18.95
N ALA F 85 -43.26 -41.75 -19.95
CA ALA F 85 -43.39 -42.90 -20.85
C ALA F 85 -42.13 -43.11 -21.68
N GLU F 86 -41.48 -42.04 -22.15
CA GLU F 86 -40.14 -42.21 -22.66
C GLU F 86 -39.14 -42.13 -21.51
N ASN F 87 -38.07 -42.94 -21.60
CA ASN F 87 -37.31 -43.25 -20.39
C ASN F 87 -35.93 -43.75 -20.81
N SER F 88 -34.94 -42.88 -20.69
CA SER F 88 -33.63 -43.19 -21.24
C SER F 88 -32.95 -44.35 -20.50
N TYR F 89 -32.97 -44.34 -19.16
CA TYR F 89 -32.14 -45.30 -18.44
C TYR F 89 -32.63 -46.71 -18.63
N SER F 90 -33.94 -46.90 -18.78
CA SER F 90 -34.49 -48.23 -19.03
C SER F 90 -34.09 -48.76 -20.41
N ARG F 91 -33.64 -47.91 -21.33
CA ARG F 91 -33.14 -48.44 -22.59
C ARG F 91 -31.90 -49.29 -22.40
N TRP F 92 -31.07 -49.02 -21.39
CA TRP F 92 -29.89 -49.83 -21.06
C TRP F 92 -30.28 -50.94 -20.10
N SER F 93 -30.14 -52.19 -20.54
CA SER F 93 -30.68 -53.29 -19.73
C SER F 93 -30.04 -53.35 -18.34
N GLY F 94 -28.77 -52.97 -18.23
CA GLY F 94 -28.03 -53.16 -17.00
C GLY F 94 -28.09 -52.08 -15.95
N LEU F 95 -28.79 -50.96 -16.17
CA LEU F 95 -29.01 -49.98 -15.10
C LEU F 95 -30.15 -50.47 -14.21
N LEU F 96 -30.03 -50.24 -12.91
CA LEU F 96 -30.99 -50.81 -11.97
C LEU F 96 -32.08 -49.82 -11.62
N SER F 97 -33.27 -50.31 -11.52
CA SER F 97 -34.33 -49.51 -10.95
C SER F 97 -34.32 -49.65 -9.44
N PRO F 98 -34.98 -48.75 -8.73
CA PRO F 98 -35.10 -48.93 -7.28
C PRO F 98 -35.53 -50.33 -6.90
N CYS F 99 -36.41 -50.93 -7.69
CA CYS F 99 -36.85 -52.28 -7.36
C CYS F 99 -35.72 -53.26 -7.49
N ASP F 100 -34.91 -53.12 -8.55
CA ASP F 100 -33.75 -53.98 -8.72
C ASP F 100 -32.78 -53.77 -7.58
N ALA F 101 -32.53 -52.52 -7.23
CA ALA F 101 -31.57 -52.25 -6.16
C ALA F 101 -32.08 -52.78 -4.82
N ASP F 102 -33.40 -52.87 -4.61
CA ASP F 102 -33.88 -53.48 -3.38
C ASP F 102 -33.45 -54.93 -3.28
N TRP F 103 -33.71 -55.72 -4.32
CA TRP F 103 -33.44 -57.16 -4.31
C TRP F 103 -31.96 -57.47 -4.06
N LEU F 104 -31.09 -56.49 -4.24
CA LEU F 104 -29.69 -56.62 -3.90
C LEU F 104 -29.36 -55.86 -2.63
N GLY F 105 -30.35 -55.60 -1.78
CA GLY F 105 -30.02 -55.03 -0.48
C GLY F 105 -29.44 -53.64 -0.50
N MET F 106 -29.34 -53.02 -1.68
CA MET F 106 -28.77 -51.68 -1.80
C MET F 106 -29.70 -50.61 -1.27
N LEU F 107 -31.00 -50.86 -1.24
CA LEU F 107 -31.95 -49.90 -0.70
C LEU F 107 -33.26 -50.62 -0.44
N VAL F 108 -34.25 -49.88 0.05
CA VAL F 108 -35.53 -50.48 0.41
C VAL F 108 -36.68 -49.69 -0.18
N VAL F 109 -37.49 -50.34 -1.00
CA VAL F 109 -38.74 -49.75 -1.45
C VAL F 109 -39.75 -50.08 -0.36
N LYS F 110 -40.01 -49.09 0.50
CA LYS F 110 -40.90 -49.22 1.64
C LYS F 110 -42.37 -49.30 1.24
N LYS F 111 -43.13 -50.10 1.97
CA LYS F 111 -44.57 -50.15 1.78
C LYS F 111 -45.17 -48.79 2.12
N ALA F 112 -46.10 -48.35 1.28
CA ALA F 112 -46.65 -47.00 1.38
C ALA F 112 -47.48 -46.79 2.65
N LYS F 113 -47.34 -45.61 3.23
CA LYS F 113 -48.13 -45.13 4.35
C LYS F 113 -49.22 -44.25 3.77
N GLY F 114 -50.27 -44.06 4.55
CA GLY F 114 -51.31 -43.17 4.11
C GLY F 114 -50.79 -41.82 3.69
N SER F 115 -49.75 -41.33 4.39
CA SER F 115 -49.25 -39.98 4.16
C SER F 115 -48.49 -39.81 2.84
N ASP F 116 -47.97 -40.90 2.26
CA ASP F 116 -47.13 -40.76 1.09
C ASP F 116 -47.96 -40.30 -0.11
N MET F 117 -47.59 -39.17 -0.70
CA MET F 117 -48.43 -38.57 -1.73
C MET F 117 -48.23 -39.25 -3.09
N ILE F 118 -49.33 -39.69 -3.68
CA ILE F 118 -49.33 -40.26 -5.02
C ILE F 118 -49.29 -39.14 -6.05
N VAL F 119 -48.22 -39.11 -6.86
CA VAL F 119 -48.03 -38.04 -7.85
C VAL F 119 -49.06 -38.16 -8.97
N PRO F 120 -49.56 -37.07 -9.51
CA PRO F 120 -50.42 -37.17 -10.68
C PRO F 120 -49.53 -37.16 -11.92
N GLY F 121 -50.06 -37.74 -12.99
CA GLY F 121 -49.31 -37.91 -14.21
C GLY F 121 -49.37 -39.35 -14.68
N PRO F 122 -48.89 -40.27 -13.84
CA PRO F 122 -48.88 -41.67 -14.26
C PRO F 122 -50.29 -42.22 -14.37
N SER F 123 -50.49 -43.07 -15.37
CA SER F 123 -51.75 -43.78 -15.64
C SER F 123 -51.83 -45.00 -14.76
N TYR F 124 -52.35 -44.81 -13.57
CA TYR F 124 -52.38 -45.85 -12.58
C TYR F 124 -53.42 -46.92 -12.88
N LYS F 125 -54.34 -46.69 -13.82
CA LYS F 125 -55.44 -47.64 -14.04
C LYS F 125 -54.89 -49.02 -14.43
N GLY F 126 -55.33 -50.03 -13.66
CA GLY F 126 -55.01 -51.41 -13.89
C GLY F 126 -53.74 -51.89 -13.24
N LYS F 127 -52.90 -50.98 -12.75
CA LYS F 127 -51.58 -51.31 -12.22
C LYS F 127 -51.68 -52.01 -10.86
N VAL F 128 -50.84 -53.04 -10.65
CA VAL F 128 -50.87 -53.78 -9.39
C VAL F 128 -49.75 -53.33 -8.45
N PHE F 129 -48.66 -52.82 -9.01
CA PHE F 129 -47.56 -52.26 -8.23
C PHE F 129 -46.94 -51.05 -8.92
N PHE F 130 -46.79 -49.96 -8.17
CA PHE F 130 -45.98 -48.85 -8.63
C PHE F 130 -45.12 -48.33 -7.50
N GLU F 131 -43.98 -47.76 -7.86
CA GLU F 131 -43.03 -47.23 -6.92
C GLU F 131 -42.52 -45.94 -7.51
N ARG F 132 -42.19 -44.98 -6.65
CA ARG F 132 -41.54 -43.79 -7.12
C ARG F 132 -40.43 -43.42 -6.15
N PRO F 133 -39.37 -42.77 -6.62
CA PRO F 133 -38.44 -42.17 -5.70
C PRO F 133 -39.15 -41.01 -5.03
N THR F 134 -39.09 -41.02 -3.71
CA THR F 134 -39.54 -39.93 -2.87
C THR F 134 -38.35 -39.19 -2.29
N PHE F 135 -38.61 -38.02 -1.70
CA PHE F 135 -37.52 -37.12 -1.30
C PHE F 135 -36.60 -37.79 -0.28
N ASP F 136 -37.15 -38.60 0.60
CA ASP F 136 -36.29 -39.22 1.58
C ASP F 136 -36.24 -40.74 1.46
N GLY F 137 -36.41 -41.28 0.25
CA GLY F 137 -36.33 -42.75 0.13
C GLY F 137 -37.07 -43.24 -1.10
N TYR F 138 -37.54 -44.50 -1.03
CA TYR F 138 -38.31 -45.07 -2.13
C TYR F 138 -39.52 -45.81 -1.58
N VAL F 139 -40.69 -45.49 -2.14
CA VAL F 139 -41.99 -45.99 -1.68
C VAL F 139 -42.69 -46.75 -2.79
N GLY F 140 -43.27 -47.89 -2.43
CA GLY F 140 -44.02 -48.70 -3.37
C GLY F 140 -45.46 -48.90 -2.95
N TRP F 141 -46.33 -49.05 -3.96
CA TRP F 141 -47.77 -49.21 -3.82
C TRP F 141 -48.18 -50.56 -4.38
N GLY F 142 -48.90 -51.35 -3.59
CA GLY F 142 -49.32 -52.67 -4.04
C GLY F 142 -50.82 -52.86 -4.09
N CYS F 143 -51.26 -53.91 -4.79
CA CYS F 143 -52.67 -54.30 -4.83
C CYS F 143 -52.82 -55.76 -4.43
N GLY F 144 -53.93 -56.07 -3.79
CA GLY F 144 -54.20 -57.43 -3.39
C GLY F 144 -54.45 -58.33 -4.60
N SER F 145 -54.73 -59.60 -4.32
CA SER F 145 -54.95 -60.58 -5.36
C SER F 145 -56.14 -60.17 -6.22
N GLY F 146 -55.97 -60.31 -7.53
CA GLY F 146 -57.09 -60.12 -8.46
C GLY F 146 -57.67 -58.73 -8.49
N LYS F 147 -56.95 -57.76 -7.95
CA LYS F 147 -57.33 -56.35 -7.88
C LYS F 147 -56.32 -55.52 -8.68
N SER F 148 -56.68 -54.27 -8.94
CA SER F 148 -55.79 -53.36 -9.64
C SER F 148 -56.15 -51.92 -9.29
N ARG F 149 -55.22 -51.00 -9.58
CA ARG F 149 -55.35 -49.62 -9.09
C ARG F 149 -56.32 -48.83 -9.96
N THR F 150 -57.17 -48.04 -9.30
CA THR F 150 -58.04 -47.07 -9.97
C THR F 150 -57.28 -46.05 -10.83
N GLU F 151 -58.00 -45.17 -11.51
CA GLU F 151 -57.26 -44.18 -12.28
C GLU F 151 -56.80 -43.02 -11.42
N SER F 152 -57.39 -42.82 -10.24
CA SER F 152 -56.86 -41.78 -9.39
C SER F 152 -55.54 -42.21 -8.79
N GLY F 153 -55.33 -43.50 -8.67
CA GLY F 153 -54.20 -44.07 -8.00
C GLY F 153 -54.48 -44.42 -6.55
N GLU F 154 -55.58 -43.95 -6.01
CA GLU F 154 -55.76 -43.98 -4.58
C GLU F 154 -56.49 -45.23 -4.08
N LEU F 155 -56.78 -46.21 -4.94
CA LEU F 155 -57.62 -47.34 -4.54
C LEU F 155 -57.46 -48.57 -5.43
N CYS F 156 -57.56 -49.74 -4.80
CA CYS F 156 -57.53 -51.02 -5.52
C CYS F 156 -58.98 -51.49 -5.72
N SER F 157 -59.54 -51.23 -6.90
CA SER F 157 -60.82 -51.81 -7.30
C SER F 157 -60.62 -53.09 -8.11
N SER F 158 -61.61 -53.99 -8.01
CA SER F 158 -61.50 -55.32 -8.60
C SER F 158 -61.38 -55.30 -10.11
N ASP F 159 -60.37 -56.03 -10.60
CA ASP F 159 -60.08 -56.22 -12.01
C ASP F 159 -59.99 -57.73 -12.12
N SER F 160 -61.05 -58.34 -12.61
CA SER F 160 -61.05 -59.78 -12.67
C SER F 160 -60.13 -60.32 -13.76
N ARG F 161 -59.54 -59.46 -14.62
CA ARG F 161 -58.59 -59.97 -15.58
C ARG F 161 -57.24 -60.26 -14.93
N THR F 162 -57.08 -59.83 -13.68
CA THR F 162 -55.89 -60.05 -12.89
C THR F 162 -56.06 -61.22 -11.93
N SER F 163 -57.27 -61.80 -11.87
CA SER F 163 -57.51 -62.87 -10.92
C SER F 163 -56.68 -64.10 -11.25
N SER F 164 -56.17 -64.20 -12.50
CA SER F 164 -55.34 -65.34 -12.90
C SER F 164 -54.10 -65.48 -12.02
N GLY F 165 -53.58 -64.38 -11.49
CA GLY F 165 -52.36 -64.40 -10.71
C GLY F 165 -51.06 -64.36 -11.48
N LEU F 166 -51.10 -64.50 -12.80
CA LEU F 166 -49.90 -64.40 -13.65
C LEU F 166 -50.13 -63.25 -14.60
N LEU F 167 -49.71 -62.05 -14.17
CA LEU F 167 -50.02 -60.81 -14.83
C LEU F 167 -48.82 -60.37 -15.66
N PRO F 168 -49.02 -59.63 -16.74
CA PRO F 168 -47.89 -59.19 -17.57
C PRO F 168 -47.17 -58.00 -16.92
N SER F 169 -46.08 -57.58 -17.55
CA SER F 169 -45.28 -56.51 -16.96
C SER F 169 -45.94 -55.15 -17.10
N ASP F 170 -46.99 -55.02 -17.91
CA ASP F 170 -47.61 -53.71 -17.93
C ASP F 170 -48.41 -53.44 -16.67
N ARG F 171 -48.57 -54.42 -15.81
CA ARG F 171 -49.25 -54.19 -14.54
C ARG F 171 -48.37 -53.53 -13.49
N VAL F 172 -47.08 -53.32 -13.76
CA VAL F 172 -46.14 -52.67 -12.86
C VAL F 172 -45.63 -51.36 -13.44
N LEU F 173 -45.70 -50.31 -12.61
CA LEU F 173 -45.34 -48.98 -13.05
C LEU F 173 -44.16 -48.49 -12.22
N TRP F 174 -43.10 -48.06 -12.92
CA TRP F 174 -41.88 -47.58 -12.29
C TRP F 174 -41.73 -46.11 -12.66
N ILE F 175 -41.97 -45.23 -11.68
CA ILE F 175 -41.97 -43.78 -11.88
C ILE F 175 -40.54 -43.24 -11.85
N GLY F 176 -40.22 -42.39 -12.81
CA GLY F 176 -38.97 -41.68 -12.81
C GLY F 176 -37.95 -42.33 -13.72
N ASP F 177 -36.98 -41.53 -14.14
CA ASP F 177 -35.86 -42.00 -14.92
C ASP F 177 -34.63 -42.08 -14.01
N VAL F 178 -34.54 -43.16 -13.28
CA VAL F 178 -33.58 -43.29 -12.19
C VAL F 178 -32.58 -44.38 -12.55
N ALA F 179 -31.38 -44.31 -11.98
CA ALA F 179 -30.38 -45.38 -12.01
C ALA F 179 -29.81 -45.60 -10.61
N CYS F 180 -29.51 -46.86 -10.27
CA CYS F 180 -28.98 -47.19 -8.95
C CYS F 180 -27.71 -48.02 -9.06
N GLN F 181 -26.70 -47.64 -8.29
CA GLN F 181 -25.35 -48.18 -8.35
C GLN F 181 -24.83 -48.30 -6.93
N PRO F 182 -23.86 -49.17 -6.71
CA PRO F 182 -23.25 -49.22 -5.37
C PRO F 182 -22.41 -47.99 -5.16
N MET F 183 -22.55 -47.40 -3.99
CA MET F 183 -21.99 -46.10 -3.69
C MET F 183 -20.96 -46.20 -2.58
N THR F 184 -19.77 -45.68 -2.83
CA THR F 184 -18.81 -45.47 -1.76
C THR F 184 -19.30 -44.29 -0.93
N PRO F 185 -19.54 -44.46 0.38
CA PRO F 185 -20.29 -43.46 1.14
C PRO F 185 -19.48 -42.24 1.50
N ILE F 186 -20.15 -41.10 1.59
CA ILE F 186 -19.47 -39.84 1.89
C ILE F 186 -19.70 -39.41 3.34
N PRO F 187 -18.76 -38.73 3.93
CA PRO F 187 -18.98 -38.20 5.26
C PRO F 187 -20.16 -37.25 5.25
N GLU F 188 -20.96 -37.33 6.31
CA GLU F 188 -22.09 -36.43 6.51
C GLU F 188 -21.66 -34.98 6.48
N GLU F 189 -20.43 -34.71 6.90
CA GLU F 189 -19.93 -33.36 6.78
C GLU F 189 -20.08 -32.87 5.36
N THR F 190 -19.68 -33.69 4.39
CA THR F 190 -19.85 -33.35 2.98
C THR F 190 -21.31 -33.13 2.67
N PHE F 191 -22.17 -33.96 3.25
CA PHE F 191 -23.59 -33.98 2.93
C PHE F 191 -24.28 -32.71 3.38
N LEU F 192 -23.94 -32.21 4.56
CA LEU F 192 -24.51 -30.96 5.06
C LEU F 192 -24.22 -29.82 4.12
N GLU F 193 -23.03 -29.88 3.52
CA GLU F 193 -22.52 -28.85 2.64
C GLU F 193 -23.25 -28.93 1.31
N LEU F 194 -23.58 -30.15 0.88
CA LEU F 194 -24.41 -30.37 -0.30
C LEU F 194 -25.86 -29.96 -0.06
N LYS F 195 -26.47 -30.47 1.01
CA LYS F 195 -27.84 -30.06 1.35
C LYS F 195 -27.94 -28.54 1.39
N SER F 196 -26.92 -27.90 1.99
CA SER F 196 -26.89 -26.45 2.08
C SER F 196 -26.98 -25.82 0.71
N PHE F 197 -26.12 -26.26 -0.22
CA PHE F 197 -26.14 -25.71 -1.58
C PHE F 197 -27.47 -25.98 -2.25
N SER F 198 -27.99 -27.18 -2.06
CA SER F 198 -29.26 -27.57 -2.65
C SER F 198 -30.39 -26.66 -2.17
N GLN F 199 -30.43 -26.35 -0.87
CA GLN F 199 -31.47 -25.43 -0.42
C GLN F 199 -31.37 -24.10 -1.15
N SER F 200 -30.17 -23.65 -1.44
CA SER F 200 -30.10 -22.32 -2.02
C SER F 200 -30.52 -22.34 -3.48
N GLU F 201 -30.29 -23.45 -4.18
CA GLU F 201 -30.74 -23.50 -5.57
C GLU F 201 -32.26 -23.62 -5.68
N PHE F 202 -32.94 -24.00 -4.62
CA PHE F 202 -34.39 -24.15 -4.64
C PHE F 202 -34.97 -23.37 -3.48
N PRO F 203 -34.75 -22.05 -3.47
CA PRO F 203 -35.10 -21.25 -2.28
C PRO F 203 -36.58 -21.18 -1.98
N ASP F 204 -37.43 -21.51 -2.94
CA ASP F 204 -38.87 -21.34 -2.82
C ASP F 204 -39.57 -22.58 -2.29
N ILE F 205 -38.89 -23.73 -2.30
CA ILE F 205 -39.51 -24.97 -1.85
C ILE F 205 -39.48 -25.04 -0.34
N CYS F 206 -40.60 -25.42 0.27
CA CYS F 206 -40.69 -25.55 1.71
C CYS F 206 -40.72 -27.01 2.13
N LYS F 207 -41.59 -27.82 1.55
CA LYS F 207 -41.59 -29.22 1.93
C LYS F 207 -41.79 -30.12 0.71
N ILE F 208 -40.87 -31.09 0.55
CA ILE F 208 -40.93 -32.12 -0.49
C ILE F 208 -41.36 -33.43 0.14
N ASP F 209 -42.42 -34.04 -0.38
CA ASP F 209 -42.92 -35.32 0.11
C ASP F 209 -43.02 -35.32 1.62
N GLY F 210 -43.46 -34.18 2.17
CA GLY F 210 -43.66 -34.02 3.58
C GLY F 210 -42.41 -33.75 4.36
N ILE F 211 -41.26 -33.62 3.72
CA ILE F 211 -40.01 -33.37 4.42
C ILE F 211 -39.68 -31.89 4.40
N VAL F 212 -39.34 -31.34 5.57
CA VAL F 212 -38.97 -29.94 5.66
C VAL F 212 -37.72 -29.72 4.84
N PHE F 213 -37.84 -28.95 3.78
CA PHE F 213 -36.71 -28.78 2.86
C PHE F 213 -36.00 -27.46 3.08
N ASN F 214 -36.75 -26.37 3.15
CA ASN F 214 -36.29 -25.11 3.66
C ASN F 214 -37.11 -24.74 4.88
N GLN F 215 -36.75 -23.63 5.51
CA GLN F 215 -37.54 -23.12 6.62
C GLN F 215 -38.59 -22.15 6.07
N CYS F 216 -39.86 -22.44 6.32
CA CYS F 216 -40.93 -21.61 5.80
C CYS F 216 -41.91 -21.27 6.91
N GLU F 217 -42.51 -20.10 6.77
CA GLU F 217 -43.61 -19.63 7.60
C GLU F 217 -44.93 -20.01 6.95
N GLY F 218 -45.17 -19.49 5.74
CA GLY F 218 -46.33 -19.84 4.96
C GLY F 218 -45.89 -20.71 3.80
N GLU F 219 -46.58 -21.82 3.64
CA GLU F 219 -46.28 -22.77 2.58
C GLU F 219 -47.53 -22.88 1.71
N SER F 220 -47.31 -23.04 0.40
CA SER F 220 -48.40 -23.08 -0.56
C SER F 220 -49.06 -24.45 -0.54
N LEU F 221 -49.93 -24.70 -1.50
CA LEU F 221 -50.53 -26.01 -1.59
C LEU F 221 -49.54 -27.00 -2.21
N PRO F 222 -49.52 -28.26 -1.75
CA PRO F 222 -48.60 -29.25 -2.34
C PRO F 222 -48.84 -29.44 -3.82
N GLN F 223 -47.79 -29.29 -4.64
CA GLN F 223 -47.88 -29.48 -6.08
C GLN F 223 -46.91 -30.53 -6.61
N PRO F 224 -47.17 -31.08 -7.80
CA PRO F 224 -46.17 -31.92 -8.48
C PRO F 224 -45.04 -31.10 -9.08
N PHE F 225 -43.87 -31.74 -9.09
CA PHE F 225 -42.56 -31.13 -9.29
C PHE F 225 -41.63 -32.12 -10.01
N ASP F 226 -41.11 -31.74 -11.18
CA ASP F 226 -40.13 -32.59 -11.85
C ASP F 226 -38.73 -32.06 -11.54
N VAL F 227 -37.86 -32.93 -11.03
CA VAL F 227 -36.55 -32.48 -10.58
C VAL F 227 -35.54 -33.60 -10.72
N ALA F 228 -34.30 -33.21 -11.00
CA ALA F 228 -33.18 -34.13 -10.90
C ALA F 228 -32.66 -34.16 -9.46
N TRP F 229 -32.13 -35.32 -9.08
CA TRP F 229 -31.63 -35.54 -7.74
C TRP F 229 -30.67 -36.70 -7.76
N MET F 230 -29.86 -36.78 -6.71
CA MET F 230 -29.02 -37.94 -6.46
C MET F 230 -29.28 -38.44 -5.06
N ASP F 231 -29.06 -39.72 -4.89
CA ASP F 231 -29.14 -40.35 -3.59
C ASP F 231 -27.71 -40.51 -3.16
N VAL F 232 -27.25 -39.65 -2.24
CA VAL F 232 -25.94 -39.82 -1.63
C VAL F 232 -26.04 -40.48 -0.27
N GLY F 233 -27.21 -41.01 0.09
CA GLY F 233 -27.26 -41.91 1.20
C GLY F 233 -27.22 -41.25 2.54
N HIS F 234 -27.81 -40.10 2.69
CA HIS F 234 -27.92 -39.70 4.08
C HIS F 234 -29.39 -39.52 4.43
N SER F 235 -29.71 -38.55 5.29
CA SER F 235 -31.09 -38.41 5.76
C SER F 235 -32.06 -38.15 4.63
N HIS F 236 -31.61 -37.53 3.54
CA HIS F 236 -32.51 -37.34 2.40
C HIS F 236 -31.70 -37.03 1.14
N LYS F 237 -32.42 -36.99 0.01
CA LYS F 237 -31.80 -36.81 -1.29
C LYS F 237 -31.30 -35.38 -1.45
N ILE F 238 -30.51 -35.20 -2.50
CA ILE F 238 -29.91 -33.93 -2.86
C ILE F 238 -30.47 -33.59 -4.24
N ILE F 239 -31.40 -32.65 -4.30
CA ILE F 239 -31.99 -32.23 -5.57
C ILE F 239 -31.10 -31.16 -6.17
N MET F 240 -30.98 -31.18 -7.50
CA MET F 240 -30.06 -30.30 -8.18
C MET F 240 -30.75 -29.62 -9.34
N ARG F 241 -30.43 -28.32 -9.51
CA ARG F 241 -30.82 -27.57 -10.70
C ARG F 241 -29.72 -27.78 -11.73
N GLU F 242 -28.58 -27.14 -11.53
CA GLU F 242 -27.47 -27.24 -12.47
C GLU F 242 -26.49 -28.27 -11.92
N HIS F 243 -26.15 -29.26 -12.74
CA HIS F 243 -25.15 -30.25 -12.33
C HIS F 243 -24.57 -30.89 -13.59
N LYS F 244 -23.59 -31.76 -13.40
CA LYS F 244 -22.84 -32.38 -14.48
C LYS F 244 -22.62 -33.85 -14.17
N THR F 245 -22.91 -34.73 -15.12
CA THR F 245 -22.75 -36.17 -14.92
C THR F 245 -21.64 -36.72 -15.82
N LYS F 246 -20.94 -37.75 -15.33
CA LYS F 246 -19.86 -38.46 -16.00
C LYS F 246 -20.03 -39.96 -15.77
N TRP F 247 -19.82 -40.77 -16.79
CA TRP F 247 -19.99 -42.20 -16.65
C TRP F 247 -18.65 -42.91 -16.81
N VAL F 248 -18.41 -43.91 -15.98
CA VAL F 248 -17.13 -44.58 -15.91
C VAL F 248 -17.38 -46.09 -15.90
N GLN F 249 -16.56 -46.82 -16.67
CA GLN F 249 -16.64 -48.28 -16.75
C GLN F 249 -15.70 -48.93 -15.75
N GLU F 250 -16.24 -49.83 -14.93
CA GLU F 250 -15.54 -50.34 -13.77
C GLU F 250 -14.95 -51.73 -13.92
N SER F 251 -15.51 -52.58 -14.77
CA SER F 251 -15.00 -53.94 -14.97
C SER F 251 -14.90 -54.70 -13.65
N SER F 252 -15.79 -54.36 -12.73
CA SER F 252 -15.77 -54.89 -11.38
C SER F 252 -16.29 -56.32 -11.36
N SER F 253 -16.26 -56.95 -10.18
CA SER F 253 -16.83 -58.29 -10.07
C SER F 253 -18.34 -58.29 -10.30
N LYS F 254 -19.03 -57.18 -10.00
CA LYS F 254 -20.46 -57.03 -10.25
C LYS F 254 -20.83 -56.64 -11.69
N ASP F 255 -19.87 -56.29 -12.55
CA ASP F 255 -20.22 -55.89 -13.92
C ASP F 255 -20.35 -57.06 -14.89
N PHE F 256 -20.32 -58.31 -14.40
CA PHE F 256 -20.44 -59.49 -15.26
C PHE F 256 -21.41 -60.51 -14.68
N VAL F 257 -22.18 -61.14 -15.56
CA VAL F 257 -23.13 -62.19 -15.17
C VAL F 257 -22.71 -63.51 -15.80
N CYS F 258 -22.85 -64.59 -15.03
CA CYS F 258 -22.46 -65.94 -15.44
C CYS F 258 -23.66 -66.84 -15.65
N TYR F 259 -23.59 -67.69 -16.67
CA TYR F 259 -24.76 -68.45 -17.11
C TYR F 259 -24.29 -69.67 -17.90
N LYS F 260 -25.19 -70.65 -18.02
CA LYS F 260 -25.05 -71.69 -19.04
C LYS F 260 -26.13 -71.39 -20.08
N GLU F 261 -25.68 -71.00 -21.28
CA GLU F 261 -26.55 -70.47 -22.32
C GLU F 261 -27.68 -71.43 -22.66
N GLY F 262 -28.91 -70.88 -22.63
CA GLY F 262 -30.12 -71.65 -22.78
C GLY F 262 -30.60 -72.39 -21.54
N THR F 263 -29.74 -72.59 -20.54
CA THR F 263 -30.13 -73.32 -19.34
C THR F 263 -30.35 -72.41 -18.13
N GLY F 264 -30.13 -71.11 -18.26
CA GLY F 264 -30.26 -70.21 -17.12
C GLY F 264 -28.92 -69.69 -16.60
N PRO F 265 -28.92 -69.21 -15.36
CA PRO F 265 -27.68 -68.67 -14.76
C PRO F 265 -26.88 -69.68 -13.95
N CYS F 266 -25.57 -69.43 -13.85
CA CYS F 266 -24.73 -70.25 -12.99
C CYS F 266 -25.06 -70.00 -11.52
N SER F 267 -24.85 -71.03 -10.68
CA SER F 267 -25.01 -70.90 -9.24
C SER F 267 -23.88 -70.05 -8.65
N GLU F 268 -23.97 -69.77 -7.34
CA GLU F 268 -22.99 -68.89 -6.69
C GLU F 268 -21.59 -69.51 -6.68
N SER F 269 -21.53 -70.80 -6.34
CA SER F 269 -20.27 -71.54 -6.37
C SER F 269 -19.62 -71.52 -7.75
N GLU F 270 -20.40 -71.85 -8.79
CA GLU F 270 -19.90 -71.85 -10.17
C GLU F 270 -19.43 -70.47 -10.60
N GLU F 271 -20.20 -69.42 -10.26
CA GLU F 271 -19.80 -68.06 -10.60
C GLU F 271 -18.56 -67.65 -9.80
N LYS F 272 -18.55 -67.96 -8.50
CA LYS F 272 -17.40 -67.65 -7.64
C LYS F 272 -16.09 -68.06 -8.28
N THR F 273 -16.05 -69.22 -8.92
CA THR F 273 -14.81 -69.69 -9.51
C THR F 273 -14.41 -68.82 -10.70
N CYS F 274 -15.33 -68.60 -11.63
CA CYS F 274 -15.06 -67.73 -12.78
C CYS F 274 -14.64 -66.33 -12.35
N LYS F 275 -15.15 -65.91 -11.19
CA LYS F 275 -14.90 -64.57 -10.67
C LYS F 275 -13.50 -64.46 -10.10
N THR F 276 -12.96 -65.56 -9.54
CA THR F 276 -11.67 -65.55 -8.86
C THR F 276 -10.55 -66.29 -9.59
N SER F 277 -10.83 -67.40 -10.28
CA SER F 277 -9.77 -68.18 -10.92
C SER F 277 -9.71 -68.03 -12.43
N GLY F 278 -10.52 -67.18 -13.05
CA GLY F 278 -10.41 -66.97 -14.49
C GLY F 278 -10.31 -68.22 -15.34
N SER F 279 -11.03 -69.28 -14.95
CA SER F 279 -10.90 -70.60 -15.56
C SER F 279 -12.10 -70.98 -16.41
N CYS F 280 -13.06 -70.08 -16.57
CA CYS F 280 -14.30 -70.35 -17.28
C CYS F 280 -14.29 -69.73 -18.66
N ARG F 281 -15.48 -69.45 -19.19
CA ARG F 281 -15.64 -68.79 -20.47
C ARG F 281 -16.02 -67.31 -20.25
N GLY F 282 -16.13 -66.57 -21.34
CA GLY F 282 -16.50 -65.18 -21.22
C GLY F 282 -16.19 -64.39 -22.47
N ASP F 283 -16.56 -63.12 -22.43
CA ASP F 283 -16.29 -62.21 -23.53
C ASP F 283 -14.90 -61.62 -23.37
N MET F 284 -14.51 -60.79 -24.35
CA MET F 284 -13.18 -60.20 -24.35
C MET F 284 -12.93 -59.43 -23.05
N GLN F 285 -13.90 -58.63 -22.63
CA GLN F 285 -13.71 -57.82 -21.44
C GLN F 285 -13.64 -58.70 -20.19
N PHE F 286 -14.40 -59.80 -20.18
CA PHE F 286 -14.35 -60.68 -19.02
C PHE F 286 -12.99 -61.29 -18.90
N CYS F 287 -12.44 -61.78 -20.01
CA CYS F 287 -11.14 -62.44 -19.96
C CYS F 287 -10.03 -61.42 -19.67
N LYS F 288 -10.15 -60.22 -20.24
CA LYS F 288 -9.15 -59.18 -20.04
C LYS F 288 -8.94 -58.83 -18.56
N VAL F 289 -10.03 -58.74 -17.79
CA VAL F 289 -9.94 -58.30 -16.38
C VAL F 289 -10.21 -59.42 -15.39
N ALA F 290 -10.25 -60.67 -15.84
CA ALA F 290 -10.61 -61.74 -14.91
C ALA F 290 -10.22 -63.12 -15.41
N GLY F 291 -9.80 -63.22 -16.66
CA GLY F 291 -9.29 -64.47 -17.19
C GLY F 291 -10.36 -65.51 -17.47
N CYS F 292 -10.00 -66.45 -18.33
CA CYS F 292 -10.91 -67.48 -18.81
C CYS F 292 -10.16 -68.69 -19.39
N CYS F 303 -19.89 -72.93 -18.16
CA CYS F 303 -20.27 -71.57 -17.76
C CYS F 303 -19.54 -70.48 -18.53
N ARG F 304 -20.26 -69.38 -18.80
CA ARG F 304 -19.67 -68.19 -19.40
C ARG F 304 -20.26 -66.94 -18.75
N CYS F 305 -19.41 -65.93 -18.53
CA CYS F 305 -19.84 -64.66 -17.94
C CYS F 305 -19.42 -63.51 -18.84
N SER F 306 -20.32 -62.54 -18.95
CA SER F 306 -20.13 -61.41 -19.84
C SER F 306 -20.41 -60.09 -19.15
N LEU F 307 -19.90 -59.02 -19.78
CA LEU F 307 -20.06 -57.66 -19.26
C LEU F 307 -21.45 -57.12 -19.56
N VAL F 308 -22.10 -56.61 -18.52
CA VAL F 308 -23.49 -56.15 -18.60
C VAL F 308 -23.60 -54.83 -19.34
N HIS F 309 -24.64 -54.70 -20.17
CA HIS F 309 -24.84 -53.50 -20.97
C HIS F 309 -25.37 -52.38 -20.06
N LYS F 310 -24.50 -51.42 -19.75
CA LYS F 310 -24.80 -50.23 -18.94
C LYS F 310 -23.73 -49.21 -19.26
N PRO F 311 -23.97 -47.90 -19.09
CA PRO F 311 -22.88 -46.95 -19.34
C PRO F 311 -21.83 -46.97 -18.26
N GLY F 312 -22.03 -47.77 -17.23
CA GLY F 312 -21.10 -47.81 -16.13
C GLY F 312 -21.65 -47.25 -14.84
N GLU F 313 -20.85 -46.45 -14.18
CA GLU F 313 -21.26 -45.83 -12.96
C GLU F 313 -21.26 -44.32 -13.17
N VAL F 314 -22.33 -43.67 -12.73
CA VAL F 314 -22.51 -42.25 -12.98
C VAL F 314 -21.78 -41.53 -11.87
N VAL F 315 -21.22 -40.37 -12.21
CA VAL F 315 -20.49 -39.54 -11.26
C VAL F 315 -21.11 -38.15 -11.31
N VAL F 316 -21.95 -37.82 -10.32
CA VAL F 316 -22.49 -36.47 -10.25
C VAL F 316 -21.42 -35.49 -9.84
N SER F 317 -21.52 -34.26 -10.38
CA SER F 317 -20.71 -33.13 -9.95
C SER F 317 -21.66 -31.98 -9.69
N TYR F 318 -21.77 -31.57 -8.44
CA TYR F 318 -22.83 -30.63 -8.09
C TYR F 318 -22.33 -29.69 -7.02
N GLY F 319 -22.52 -28.38 -7.25
CA GLY F 319 -22.10 -27.40 -6.28
C GLY F 319 -20.68 -27.59 -5.78
N GLY F 320 -19.72 -27.67 -6.69
CA GLY F 320 -18.32 -27.76 -6.35
C GLY F 320 -17.72 -29.16 -6.30
N MET F 321 -18.47 -30.17 -5.90
CA MET F 321 -17.90 -31.49 -5.60
C MET F 321 -18.14 -32.51 -6.71
N ARG F 322 -17.48 -33.65 -6.54
CA ARG F 322 -17.71 -34.85 -7.34
C ARG F 322 -18.23 -35.89 -6.36
N VAL F 323 -19.28 -36.60 -6.75
CA VAL F 323 -19.87 -37.60 -5.87
C VAL F 323 -20.37 -38.75 -6.74
N ARG F 324 -20.11 -39.98 -6.29
CA ARG F 324 -20.64 -41.22 -6.86
C ARG F 324 -21.84 -41.66 -6.04
N PRO F 325 -23.06 -41.42 -6.49
CA PRO F 325 -24.23 -41.62 -5.61
C PRO F 325 -24.78 -43.03 -5.61
N LYS F 326 -25.62 -43.33 -4.61
CA LYS F 326 -26.31 -44.60 -4.57
C LYS F 326 -27.36 -44.71 -5.67
N CYS F 327 -28.22 -43.71 -5.82
CA CYS F 327 -29.11 -43.64 -6.97
C CYS F 327 -29.03 -42.25 -7.55
N TYR F 328 -29.45 -42.12 -8.78
CA TYR F 328 -29.46 -40.83 -9.44
C TYR F 328 -30.60 -40.85 -10.44
N GLY F 329 -31.34 -39.76 -10.53
CA GLY F 329 -32.50 -39.85 -11.41
C GLY F 329 -33.20 -38.54 -11.51
N PHE F 330 -34.23 -38.52 -12.36
CA PHE F 330 -35.06 -37.34 -12.61
C PHE F 330 -36.50 -37.80 -12.49
N SER F 331 -37.06 -37.66 -11.32
CA SER F 331 -38.40 -38.16 -11.11
C SER F 331 -39.31 -37.03 -10.68
N ARG F 332 -40.57 -37.36 -10.44
CA ARG F 332 -41.59 -36.39 -10.06
C ARG F 332 -41.94 -36.61 -8.60
N MET F 333 -41.84 -35.55 -7.78
CA MET F 333 -42.18 -35.58 -6.35
C MET F 333 -43.09 -34.39 -5.98
N MET F 334 -43.53 -34.35 -4.72
CA MET F 334 -44.50 -33.37 -4.26
C MET F 334 -43.81 -32.25 -3.49
N ALA F 335 -43.85 -31.04 -4.05
CA ALA F 335 -43.28 -29.85 -3.40
C ALA F 335 -44.37 -28.86 -3.06
N THR F 336 -44.22 -28.20 -1.91
CA THR F 336 -45.03 -27.04 -1.50
C THR F 336 -44.13 -25.81 -1.56
N LEU F 337 -44.69 -24.64 -1.84
CA LEU F 337 -43.82 -23.50 -2.12
C LEU F 337 -44.06 -22.36 -1.12
N GLU F 338 -43.13 -21.41 -1.10
CA GLU F 338 -43.21 -20.32 -0.14
C GLU F 338 -44.22 -19.29 -0.63
N VAL F 339 -45.12 -18.87 0.25
CA VAL F 339 -46.11 -17.85 -0.05
C VAL F 339 -45.79 -16.61 0.75
N SER F 340 -45.72 -15.47 0.07
CA SER F 340 -45.61 -14.19 0.78
C SER F 340 -46.08 -13.04 -0.11
N GLU G 20 -3.64 -18.97 0.40
CA GLU G 20 -3.10 -20.09 -0.36
C GLU G 20 -1.57 -19.91 -0.46
N VAL G 21 -0.81 -20.98 -0.73
CA VAL G 21 0.60 -20.76 -1.03
C VAL G 21 0.65 -20.21 -2.45
N LYS G 22 1.17 -18.99 -2.61
CA LYS G 22 1.22 -18.39 -3.94
C LYS G 22 2.62 -17.86 -4.19
N LEU G 23 3.08 -18.02 -5.44
CA LEU G 23 4.32 -17.40 -5.91
C LEU G 23 4.06 -16.70 -7.24
N MET G 24 4.72 -15.55 -7.41
CA MET G 24 4.55 -14.71 -8.58
C MET G 24 5.95 -14.20 -8.91
N GLU G 25 6.56 -14.74 -9.96
CA GLU G 25 7.81 -14.17 -10.44
C GLU G 25 7.52 -12.96 -11.33
N SER G 26 8.52 -12.11 -11.46
CA SER G 26 8.32 -10.91 -12.23
C SER G 26 9.69 -10.39 -12.62
N GLY G 27 9.72 -9.64 -13.73
CA GLY G 27 10.91 -8.92 -14.08
C GLY G 27 11.62 -9.44 -15.28
N GLY G 28 11.02 -10.41 -15.98
CA GLY G 28 11.63 -10.98 -17.16
C GLY G 28 11.61 -9.99 -18.31
N GLY G 29 12.38 -10.30 -19.35
CA GLY G 29 12.31 -9.49 -20.55
C GLY G 29 13.26 -9.88 -21.68
N LEU G 30 13.64 -8.90 -22.51
CA LEU G 30 14.64 -9.08 -23.56
C LEU G 30 15.89 -8.26 -23.25
N VAL G 31 17.03 -8.94 -23.12
CA VAL G 31 18.28 -8.26 -22.83
C VAL G 31 19.41 -8.72 -23.76
N GLN G 32 20.43 -7.92 -23.81
CA GLN G 32 21.52 -8.23 -24.69
C GLN G 32 22.62 -8.95 -23.90
N PRO G 33 23.34 -9.85 -24.54
CA PRO G 33 24.44 -10.53 -23.87
C PRO G 33 25.32 -9.59 -23.10
N GLY G 34 25.85 -10.08 -22.01
CA GLY G 34 26.68 -9.28 -21.13
C GLY G 34 25.81 -8.51 -20.16
N ASP G 35 24.62 -8.12 -20.61
CA ASP G 35 23.76 -7.36 -19.71
C ASP G 35 23.51 -8.14 -18.44
N SER G 36 23.19 -7.39 -17.42
CA SER G 36 22.77 -7.97 -16.18
C SER G 36 21.28 -7.69 -16.09
N LEU G 37 20.57 -8.47 -15.28
CA LEU G 37 19.11 -8.42 -15.19
C LEU G 37 18.67 -9.12 -13.92
N ARG G 38 17.72 -8.52 -13.21
CA ARG G 38 17.27 -9.10 -11.95
C ARG G 38 15.81 -9.52 -11.99
N LEU G 39 15.57 -10.79 -11.68
CA LEU G 39 14.24 -11.35 -11.53
C LEU G 39 13.82 -11.32 -10.07
N SER G 40 12.53 -11.38 -9.84
CA SER G 40 12.07 -11.35 -8.47
C SER G 40 10.82 -12.22 -8.33
N CYS G 41 10.62 -12.71 -7.11
CA CYS G 41 9.60 -13.69 -6.82
C CYS G 41 8.82 -13.20 -5.62
N ALA G 42 7.52 -13.02 -5.80
CA ALA G 42 6.66 -12.49 -4.76
C ALA G 42 6.01 -13.59 -3.95
N ILE G 43 6.01 -13.45 -2.63
CA ILE G 43 5.67 -14.56 -1.73
C ILE G 43 4.46 -14.21 -0.92
N SER G 44 3.47 -15.10 -0.90
CA SER G 44 2.31 -14.86 -0.07
C SER G 44 1.74 -16.18 0.45
N GLY G 45 1.16 -16.10 1.64
CA GLY G 45 0.37 -17.21 2.12
C GLY G 45 1.12 -18.17 3.00
N PHE G 46 2.36 -17.87 3.34
CA PHE G 46 3.18 -18.74 4.18
C PHE G 46 4.35 -17.94 4.72
N THR G 47 4.90 -18.38 5.86
CA THR G 47 6.01 -17.66 6.49
C THR G 47 7.24 -17.72 5.60
N PHE G 48 7.56 -16.62 4.95
CA PHE G 48 8.65 -16.66 3.98
C PHE G 48 9.94 -17.16 4.62
N SER G 49 10.23 -16.70 5.84
CA SER G 49 11.57 -16.92 6.39
C SER G 49 11.87 -18.37 6.76
N ASP G 50 10.85 -19.23 6.79
CA ASP G 50 11.09 -20.62 7.21
C ASP G 50 11.58 -21.51 6.09
N TYR G 51 11.31 -21.18 4.85
CA TYR G 51 11.46 -22.16 3.80
C TYR G 51 12.67 -21.87 2.94
N TYR G 52 13.32 -22.94 2.53
CA TYR G 52 14.26 -22.82 1.45
C TYR G 52 13.52 -22.37 0.20
N MET G 53 14.25 -21.75 -0.72
CA MET G 53 13.68 -21.29 -1.98
C MET G 53 14.71 -21.51 -3.07
N SER G 54 14.28 -22.10 -4.18
CA SER G 54 15.17 -22.41 -5.30
C SER G 54 14.65 -21.77 -6.57
N TRP G 55 15.56 -21.46 -7.50
CA TRP G 55 15.23 -20.91 -8.82
C TRP G 55 15.45 -21.99 -9.86
N VAL G 56 14.48 -22.17 -10.74
CA VAL G 56 14.49 -23.24 -11.72
C VAL G 56 14.17 -22.64 -13.08
N ARG G 57 14.93 -23.03 -14.08
CA ARG G 57 14.87 -22.44 -15.40
C ARG G 57 14.39 -23.47 -16.43
N GLN G 58 13.68 -23.00 -17.44
CA GLN G 58 13.20 -23.89 -18.50
C GLN G 58 13.43 -23.28 -19.88
N PRO G 59 14.55 -23.62 -20.51
CA PRO G 59 14.78 -23.20 -21.89
C PRO G 59 13.67 -23.71 -22.80
N PRO G 60 13.41 -23.01 -23.91
CA PRO G 60 12.15 -23.21 -24.63
C PRO G 60 12.11 -24.58 -25.32
N GLY G 61 10.99 -25.28 -25.14
CA GLY G 61 10.87 -26.63 -25.66
C GLY G 61 11.92 -27.54 -25.09
N LYS G 62 12.30 -27.35 -23.83
CA LYS G 62 13.31 -28.17 -23.19
C LYS G 62 12.85 -28.53 -21.77
N ALA G 63 13.73 -29.21 -21.03
CA ALA G 63 13.41 -29.70 -19.71
C ALA G 63 13.96 -28.79 -18.63
N LEU G 64 13.34 -28.87 -17.45
CA LEU G 64 13.68 -28.05 -16.30
C LEU G 64 15.14 -28.21 -15.89
N GLU G 65 15.85 -27.09 -15.85
CA GLU G 65 17.15 -26.96 -15.23
C GLU G 65 16.94 -26.37 -13.83
N TRP G 66 17.57 -26.95 -12.82
CA TRP G 66 17.54 -26.37 -11.49
C TRP G 66 18.80 -25.52 -11.33
N LEU G 67 18.67 -24.35 -10.73
CA LEU G 67 19.78 -23.41 -10.77
C LEU G 67 20.46 -23.17 -9.43
N GLY G 68 19.79 -23.35 -8.32
CA GLY G 68 20.41 -23.04 -7.05
C GLY G 68 19.35 -22.76 -5.99
N PHE G 69 19.80 -22.52 -4.78
CA PHE G 69 18.77 -22.15 -3.83
C PHE G 69 19.34 -21.35 -2.68
N ILE G 70 18.43 -20.85 -1.86
CA ILE G 70 18.79 -20.13 -0.64
C ILE G 70 18.11 -20.77 0.58
N ARG G 71 18.93 -21.18 1.54
CA ARG G 71 18.42 -21.75 2.76
C ARG G 71 17.59 -20.72 3.51
N ASN G 72 16.97 -21.17 4.62
CA ASN G 72 16.07 -20.33 5.39
C ASN G 72 16.83 -19.65 6.51
N LYS G 73 16.09 -18.84 7.28
CA LYS G 73 16.72 -18.11 8.37
C LYS G 73 17.41 -19.12 9.26
N ALA G 74 16.74 -20.25 9.45
CA ALA G 74 17.26 -21.30 10.31
C ALA G 74 18.63 -21.74 9.86
N LYS G 75 18.75 -22.13 8.60
CA LYS G 75 20.00 -22.65 8.07
C LYS G 75 21.03 -21.55 7.69
N GLY G 76 20.81 -20.31 8.14
CA GLY G 76 21.77 -19.24 7.92
C GLY G 76 21.58 -18.41 6.67
N TYR G 77 20.47 -18.58 5.97
CA TYR G 77 20.21 -17.88 4.73
C TYR G 77 21.37 -18.03 3.74
N THR G 78 22.15 -19.09 3.87
CA THR G 78 23.20 -19.39 2.93
C THR G 78 22.61 -19.86 1.61
N THR G 79 23.45 -19.84 0.59
CA THR G 79 23.04 -20.22 -0.75
C THR G 79 23.81 -21.42 -1.24
N GLU G 80 23.31 -21.98 -2.33
CA GLU G 80 24.00 -23.04 -3.03
C GLU G 80 23.60 -22.88 -4.48
N TYR G 81 24.53 -23.00 -5.41
CA TYR G 81 24.16 -22.80 -6.81
C TYR G 81 24.70 -23.94 -7.63
N SER G 82 23.91 -24.37 -8.59
CA SER G 82 24.41 -25.28 -9.59
C SER G 82 25.62 -24.65 -10.24
N ALA G 83 26.59 -25.49 -10.64
CA ALA G 83 27.75 -24.97 -11.38
C ALA G 83 27.34 -24.28 -12.67
N SER G 84 26.16 -24.65 -13.21
CA SER G 84 25.68 -24.11 -14.46
C SER G 84 25.73 -22.60 -14.52
N VAL G 85 25.60 -21.94 -13.38
CA VAL G 85 25.63 -20.49 -13.36
C VAL G 85 26.42 -19.98 -12.16
N LYS G 86 27.17 -20.87 -11.51
CA LYS G 86 27.83 -20.50 -10.26
C LYS G 86 28.75 -19.30 -10.49
N GLY G 87 28.74 -18.36 -9.54
CA GLY G 87 29.58 -17.19 -9.59
C GLY G 87 29.12 -16.13 -10.56
N ARG G 88 28.12 -16.41 -11.37
CA ARG G 88 27.57 -15.44 -12.31
C ARG G 88 26.17 -14.96 -11.94
N PHE G 89 25.33 -15.82 -11.36
CA PHE G 89 24.01 -15.44 -10.86
C PHE G 89 24.05 -15.35 -9.34
N THR G 90 23.02 -14.75 -8.78
CA THR G 90 23.04 -14.58 -7.33
C THR G 90 21.62 -14.56 -6.81
N ILE G 91 21.31 -15.50 -5.91
CA ILE G 91 20.00 -15.62 -5.28
C ILE G 91 20.04 -14.86 -3.96
N SER G 92 18.95 -14.19 -3.58
CA SER G 92 18.95 -13.36 -2.37
C SER G 92 17.54 -13.19 -1.79
N ARG G 93 17.49 -12.82 -0.51
CA ARG G 93 16.22 -12.74 0.20
C ARG G 93 15.95 -11.33 0.67
N ASP G 94 14.68 -10.99 0.80
CA ASP G 94 14.30 -9.87 1.69
C ASP G 94 13.00 -10.25 2.37
N ASN G 95 13.10 -10.99 3.48
CA ASN G 95 11.86 -11.42 4.11
C ASN G 95 11.12 -10.24 4.69
N SER G 96 11.79 -9.08 4.81
CA SER G 96 11.10 -7.89 5.28
C SER G 96 10.04 -7.46 4.28
N GLN G 97 10.29 -7.67 2.99
CA GLN G 97 9.31 -7.39 1.97
C GLN G 97 8.70 -8.66 1.40
N SER G 98 9.15 -9.83 1.85
CA SER G 98 8.66 -11.11 1.35
C SER G 98 8.88 -11.21 -0.17
N ILE G 99 10.16 -11.12 -0.54
CA ILE G 99 10.56 -11.13 -1.94
C ILE G 99 11.87 -11.90 -2.06
N LEU G 100 11.91 -12.86 -2.98
CA LEU G 100 13.12 -13.59 -3.36
C LEU G 100 13.62 -13.08 -4.73
N TYR G 101 14.93 -12.80 -4.82
CA TYR G 101 15.56 -12.23 -6.02
C TYR G 101 16.57 -13.19 -6.59
N LEU G 102 16.58 -13.28 -7.92
CA LEU G 102 17.67 -13.90 -8.68
C LEU G 102 18.31 -12.79 -9.47
N GLN G 103 19.61 -12.59 -9.29
CA GLN G 103 20.26 -11.56 -10.07
C GLN G 103 21.30 -12.18 -10.98
N MET G 104 21.06 -12.09 -12.28
CA MET G 104 21.92 -12.76 -13.25
C MET G 104 22.90 -11.72 -13.77
N ASN G 105 24.20 -11.98 -13.63
CA ASN G 105 25.13 -10.90 -13.86
C ASN G 105 25.78 -10.90 -15.21
N THR G 106 25.84 -12.03 -15.89
CA THR G 106 26.48 -12.04 -17.21
C THR G 106 25.63 -12.82 -18.18
N LEU G 107 24.56 -12.18 -18.64
CA LEU G 107 23.63 -12.98 -19.40
C LEU G 107 24.30 -13.45 -20.68
N ARG G 108 23.73 -14.48 -21.27
CA ARG G 108 24.40 -15.15 -22.35
C ARG G 108 23.33 -15.90 -23.12
N ALA G 109 23.62 -16.17 -24.38
CA ALA G 109 22.53 -16.58 -25.26
C ALA G 109 21.78 -17.78 -24.72
N GLU G 110 22.49 -18.72 -24.12
CA GLU G 110 21.85 -19.94 -23.63
C GLU G 110 21.06 -19.74 -22.34
N ASP G 111 21.32 -18.65 -21.61
CA ASP G 111 20.60 -18.40 -20.38
C ASP G 111 19.13 -18.08 -20.64
N SER G 112 18.82 -17.60 -21.84
CA SER G 112 17.44 -17.24 -22.15
C SER G 112 16.54 -18.44 -21.91
N ALA G 113 15.56 -18.26 -21.03
CA ALA G 113 14.59 -19.29 -20.71
C ALA G 113 13.48 -18.66 -19.88
N THR G 114 12.52 -19.46 -19.43
CA THR G 114 11.58 -18.97 -18.43
C THR G 114 11.99 -19.48 -17.07
N TYR G 115 11.93 -18.58 -16.09
CA TYR G 115 12.55 -18.75 -14.79
C TYR G 115 11.47 -18.86 -13.72
N TYR G 116 11.44 -19.99 -13.01
CA TYR G 116 10.50 -20.20 -11.92
C TYR G 116 11.19 -20.10 -10.57
N CYS G 117 10.42 -19.75 -9.54
CA CYS G 117 10.84 -19.93 -8.16
C CYS G 117 9.96 -21.00 -7.55
N ALA G 118 10.49 -21.73 -6.56
CA ALA G 118 9.70 -22.78 -5.92
C ALA G 118 10.16 -22.94 -4.48
N ARG G 119 9.18 -23.13 -3.60
CA ARG G 119 9.42 -23.29 -2.18
C ARG G 119 9.84 -24.72 -1.90
N ASP G 120 10.89 -24.94 -1.11
CA ASP G 120 11.24 -26.32 -0.80
C ASP G 120 10.58 -26.79 0.48
N TYR G 121 9.97 -27.98 0.40
CA TYR G 121 9.49 -28.71 1.55
C TYR G 121 10.61 -29.64 1.96
N ARG G 122 11.07 -29.55 3.21
CA ARG G 122 12.19 -30.35 3.65
C ARG G 122 11.86 -31.08 4.95
N TYR G 123 11.98 -32.40 4.95
CA TYR G 123 11.83 -33.16 6.19
C TYR G 123 13.12 -33.90 6.50
N ASP G 124 14.18 -33.15 6.78
CA ASP G 124 15.54 -33.67 6.86
C ASP G 124 15.70 -35.02 7.55
N ASP G 125 15.15 -35.21 8.75
CA ASP G 125 15.45 -36.50 9.40
C ASP G 125 14.89 -37.67 8.60
N GLU G 126 13.88 -37.47 7.79
CA GLU G 126 13.43 -38.57 6.94
C GLU G 126 14.06 -38.52 5.56
N TYR G 127 14.92 -37.50 5.33
CA TYR G 127 15.69 -37.23 4.10
C TYR G 127 14.82 -37.05 2.87
N TYR G 128 13.69 -36.37 3.00
CA TYR G 128 12.96 -36.07 1.78
C TYR G 128 12.61 -34.61 1.62
N TYR G 129 13.16 -34.07 0.52
CA TYR G 129 13.07 -32.70 0.07
C TYR G 129 12.45 -32.63 -1.32
N ALA G 130 11.49 -31.71 -1.49
CA ALA G 130 10.81 -31.53 -2.76
C ALA G 130 10.47 -30.07 -2.95
N MET G 131 10.40 -29.61 -4.20
CA MET G 131 9.92 -28.26 -4.53
C MET G 131 8.39 -28.30 -4.68
N ASP G 132 7.67 -27.94 -3.63
CA ASP G 132 6.27 -28.28 -3.62
C ASP G 132 5.35 -27.20 -4.18
N TYR G 133 5.81 -25.96 -4.36
CA TYR G 133 4.91 -24.94 -4.88
C TYR G 133 5.68 -24.00 -5.79
N TRP G 134 5.11 -23.68 -6.96
CA TRP G 134 5.87 -23.04 -8.02
C TRP G 134 5.34 -21.67 -8.39
N GLY G 135 6.21 -20.82 -8.92
CA GLY G 135 5.76 -19.61 -9.52
C GLY G 135 4.99 -19.92 -10.79
N GLN G 136 4.79 -18.90 -11.58
CA GLN G 136 4.09 -19.11 -12.84
C GLN G 136 5.02 -19.11 -14.03
N GLY G 137 6.25 -18.63 -13.84
CA GLY G 137 7.25 -18.46 -14.86
C GLY G 137 7.39 -16.99 -15.18
N THR G 138 8.61 -16.49 -15.38
CA THR G 138 8.84 -15.17 -15.98
C THR G 138 9.74 -15.43 -17.15
N SER G 139 9.47 -14.83 -18.31
CA SER G 139 10.25 -15.13 -19.50
C SER G 139 11.37 -14.13 -19.72
N VAL G 140 12.58 -14.66 -19.88
CA VAL G 140 13.78 -13.89 -20.18
C VAL G 140 14.34 -14.43 -21.49
N THR G 141 14.62 -13.56 -22.44
CA THR G 141 15.28 -14.02 -23.67
C THR G 141 16.50 -13.15 -23.90
N VAL G 142 17.67 -13.78 -24.04
CA VAL G 142 18.95 -13.09 -24.26
C VAL G 142 19.42 -13.45 -25.65
N SER G 143 19.44 -12.43 -26.61
CA SER G 143 19.92 -12.70 -27.96
C SER G 143 20.58 -11.54 -28.68
N SER G 144 20.83 -10.39 -28.04
CA SER G 144 21.67 -9.33 -28.63
C SER G 144 21.21 -8.87 -30.02
N ALA G 145 19.91 -8.77 -30.24
CA ALA G 145 19.43 -8.33 -31.53
C ALA G 145 18.39 -7.25 -31.30
N SER G 146 18.33 -6.27 -32.18
CA SER G 146 17.39 -5.19 -31.90
C SER G 146 15.97 -5.68 -32.14
N THR G 147 15.04 -5.06 -31.45
CA THR G 147 13.63 -5.45 -31.59
C THR G 147 13.10 -5.19 -33.01
N LYS G 148 12.37 -6.15 -33.58
CA LYS G 148 11.73 -5.93 -34.86
C LYS G 148 10.26 -6.31 -34.82
N GLY G 149 9.40 -5.40 -35.31
CA GLY G 149 8.01 -5.68 -35.51
C GLY G 149 7.83 -6.46 -36.82
N PRO G 150 6.73 -7.17 -36.94
CA PRO G 150 6.59 -8.09 -38.06
C PRO G 150 5.96 -7.38 -39.24
N SER G 151 6.24 -7.91 -40.42
CA SER G 151 5.42 -7.63 -41.59
C SER G 151 4.41 -8.76 -41.77
N VAL G 152 3.14 -8.42 -41.97
CA VAL G 152 2.07 -9.39 -42.10
C VAL G 152 1.58 -9.46 -43.55
N PHE G 153 1.72 -10.64 -44.19
CA PHE G 153 1.20 -10.77 -45.56
C PHE G 153 0.03 -11.75 -45.60
N PRO G 154 -1.01 -11.48 -46.38
CA PRO G 154 -2.18 -12.38 -46.36
C PRO G 154 -1.94 -13.64 -47.20
N LEU G 155 -2.86 -14.60 -46.99
CA LEU G 155 -2.91 -15.88 -47.70
C LEU G 155 -4.34 -16.17 -48.18
N ALA G 156 -4.65 -15.72 -49.40
CA ALA G 156 -5.99 -15.76 -49.97
C ALA G 156 -6.44 -17.18 -50.33
N PRO G 157 -7.75 -17.46 -50.25
CA PRO G 157 -8.25 -18.81 -50.60
C PRO G 157 -8.11 -19.16 -52.09
N SER G 158 -8.05 -20.47 -52.37
CA SER G 158 -8.14 -21.53 -51.36
C SER G 158 -6.85 -22.34 -51.29
N GLY G 165 -17.41 -26.38 -50.45
CA GLY G 165 -17.52 -26.87 -49.08
C GLY G 165 -17.07 -25.86 -48.03
N THR G 166 -15.83 -25.98 -47.59
CA THR G 166 -15.19 -24.93 -46.80
C THR G 166 -13.75 -24.72 -47.29
N ALA G 167 -13.28 -23.47 -47.14
CA ALA G 167 -11.95 -23.02 -47.57
C ALA G 167 -11.22 -22.38 -46.39
N ALA G 168 -9.88 -22.40 -46.46
CA ALA G 168 -9.07 -21.76 -45.43
C ALA G 168 -8.25 -20.62 -46.01
N LEU G 169 -8.01 -19.61 -45.16
CA LEU G 169 -7.30 -18.38 -45.48
C LEU G 169 -6.68 -17.86 -44.19
N GLY G 170 -5.55 -17.18 -44.32
CA GLY G 170 -4.88 -16.71 -43.13
C GLY G 170 -3.89 -15.62 -43.44
N CYS G 171 -3.12 -15.24 -42.42
CA CYS G 171 -2.03 -14.28 -42.56
C CYS G 171 -0.73 -14.98 -42.20
N LEU G 172 0.36 -14.48 -42.74
CA LEU G 172 1.70 -14.91 -42.34
C LEU G 172 2.42 -13.70 -41.75
N VAL G 173 2.67 -13.73 -40.44
CA VAL G 173 3.42 -12.65 -39.81
C VAL G 173 4.90 -13.02 -39.75
N LYS G 174 5.74 -12.15 -40.28
CA LYS G 174 7.12 -12.50 -40.54
C LYS G 174 8.04 -11.49 -39.90
N ASP G 175 9.18 -11.99 -39.40
CA ASP G 175 10.31 -11.18 -38.94
C ASP G 175 9.95 -10.26 -37.78
N TYR G 176 9.72 -10.89 -36.62
CA TYR G 176 9.57 -10.18 -35.36
C TYR G 176 10.59 -10.82 -34.44
N PHE G 177 11.35 -9.99 -33.70
CA PHE G 177 12.39 -10.62 -32.88
C PHE G 177 11.95 -11.23 -31.54
N PRO G 178 11.14 -10.55 -30.72
CA PRO G 178 11.01 -11.04 -29.33
C PRO G 178 10.15 -12.32 -29.09
N GLU G 179 9.16 -12.68 -29.92
CA GLU G 179 8.38 -13.95 -29.90
C GLU G 179 6.89 -13.92 -29.52
N PRO G 180 6.39 -13.06 -28.61
CA PRO G 180 4.98 -13.22 -28.19
C PRO G 180 3.96 -13.10 -29.31
N VAL G 181 3.98 -12.01 -30.11
CA VAL G 181 3.12 -11.87 -31.31
C VAL G 181 1.70 -12.43 -31.14
N THR G 182 0.84 -11.71 -30.42
CA THR G 182 -0.53 -12.19 -30.25
C THR G 182 -1.29 -11.90 -31.54
N VAL G 183 -2.18 -12.82 -31.94
CA VAL G 183 -2.95 -12.72 -33.18
C VAL G 183 -4.42 -13.02 -32.92
N SER G 184 -5.29 -12.12 -33.36
CA SER G 184 -6.73 -12.34 -33.28
C SER G 184 -7.35 -12.16 -34.66
N TRP G 185 -8.56 -12.70 -34.83
CA TRP G 185 -9.26 -12.68 -36.11
C TRP G 185 -10.61 -12.00 -35.94
N ASN G 186 -10.84 -10.95 -36.73
CA ASN G 186 -12.09 -10.17 -36.68
C ASN G 186 -12.35 -9.65 -35.27
N SER G 187 -11.29 -9.16 -34.62
CA SER G 187 -11.35 -8.45 -33.35
C SER G 187 -12.01 -9.29 -32.24
N GLY G 188 -11.76 -10.59 -32.26
CA GLY G 188 -12.27 -11.48 -31.23
C GLY G 188 -13.62 -12.07 -31.50
N ALA G 189 -14.32 -11.60 -32.52
CA ALA G 189 -15.56 -12.26 -32.90
C ALA G 189 -15.28 -13.66 -33.41
N LEU G 190 -14.42 -13.77 -34.44
CA LEU G 190 -14.15 -15.01 -35.15
C LEU G 190 -13.17 -15.87 -34.35
N THR G 191 -13.66 -17.00 -33.81
CA THR G 191 -12.83 -17.82 -32.92
C THR G 191 -12.80 -19.28 -33.31
N SER G 192 -13.91 -19.80 -33.83
CA SER G 192 -14.00 -21.23 -34.12
C SER G 192 -13.33 -21.58 -35.44
N GLY G 193 -12.52 -22.63 -35.44
CA GLY G 193 -11.85 -23.10 -36.63
C GLY G 193 -10.53 -22.43 -36.94
N VAL G 194 -10.04 -21.55 -36.06
CA VAL G 194 -8.76 -20.89 -36.26
C VAL G 194 -7.63 -21.78 -35.76
N HIS G 195 -6.47 -21.71 -36.44
CA HIS G 195 -5.26 -22.35 -35.94
C HIS G 195 -4.08 -21.42 -36.11
N THR G 196 -3.48 -20.97 -35.02
CA THR G 196 -2.26 -20.17 -35.06
C THR G 196 -1.07 -21.00 -34.58
N PHE G 197 0.00 -21.05 -35.41
CA PHE G 197 1.10 -21.98 -35.23
C PHE G 197 2.21 -21.40 -34.38
N PRO G 198 2.88 -22.27 -33.62
CA PRO G 198 3.91 -21.81 -32.68
C PRO G 198 5.07 -21.04 -33.29
N ALA G 199 5.30 -21.12 -34.60
CA ALA G 199 6.40 -20.39 -35.26
C ALA G 199 7.77 -20.96 -34.93
N VAL G 200 8.73 -20.83 -35.84
CA VAL G 200 10.12 -21.20 -35.59
C VAL G 200 11.01 -20.15 -36.23
N LEU G 201 12.16 -19.89 -35.60
CA LEU G 201 13.10 -18.90 -36.09
C LEU G 201 13.93 -19.40 -37.27
N GLN G 202 14.09 -18.51 -38.26
CA GLN G 202 14.88 -18.76 -39.45
C GLN G 202 16.35 -18.39 -39.20
N SER G 203 17.16 -18.53 -40.24
CA SER G 203 18.58 -18.22 -40.13
C SER G 203 18.84 -16.80 -39.64
N SER G 204 17.96 -15.86 -39.96
CA SER G 204 18.10 -14.47 -39.53
C SER G 204 18.21 -14.32 -38.02
N GLY G 205 17.68 -15.26 -37.25
CA GLY G 205 17.44 -15.06 -35.84
C GLY G 205 16.10 -14.44 -35.52
N LEU G 206 15.29 -14.13 -36.52
CA LEU G 206 13.96 -13.57 -36.33
C LEU G 206 12.92 -14.65 -36.51
N TYR G 207 11.71 -14.37 -36.03
CA TYR G 207 10.63 -15.34 -36.02
C TYR G 207 9.62 -15.12 -37.15
N SER G 208 8.82 -16.17 -37.41
CA SER G 208 7.77 -16.14 -38.41
C SER G 208 6.77 -17.25 -38.13
N LEU G 209 5.48 -17.00 -38.41
CA LEU G 209 4.43 -17.99 -38.17
C LEU G 209 3.24 -17.85 -39.10
N SER G 210 2.41 -18.87 -39.08
CA SER G 210 1.15 -18.90 -39.80
C SER G 210 0.02 -18.65 -38.82
N SER G 211 -1.06 -18.07 -39.31
CA SER G 211 -2.34 -18.08 -38.60
C SER G 211 -3.44 -18.19 -39.66
N VAL G 212 -4.25 -19.26 -39.58
CA VAL G 212 -5.23 -19.58 -40.62
C VAL G 212 -6.53 -19.98 -39.97
N VAL G 213 -7.60 -19.98 -40.77
CA VAL G 213 -8.93 -20.38 -40.30
C VAL G 213 -9.71 -21.05 -41.42
N THR G 214 -10.59 -21.99 -41.04
CA THR G 214 -11.49 -22.67 -41.97
C THR G 214 -12.82 -21.92 -42.06
N VAL G 215 -13.23 -21.58 -43.29
CA VAL G 215 -14.47 -20.84 -43.55
C VAL G 215 -15.28 -21.55 -44.63
N PRO G 216 -16.61 -21.47 -44.61
CA PRO G 216 -17.42 -22.10 -45.67
C PRO G 216 -17.16 -21.49 -47.05
N SER G 217 -17.02 -22.39 -48.05
CA SER G 217 -16.79 -21.92 -49.42
C SER G 217 -17.98 -21.08 -49.90
N SER G 218 -19.18 -21.35 -49.39
CA SER G 218 -20.41 -20.61 -49.66
C SER G 218 -20.49 -19.27 -48.93
N SER G 219 -19.43 -18.84 -48.26
CA SER G 219 -19.37 -17.52 -47.63
C SER G 219 -18.12 -16.78 -48.06
N LEU G 220 -17.37 -17.32 -49.03
CA LEU G 220 -16.10 -16.82 -49.50
C LEU G 220 -16.23 -15.51 -50.26
N GLY G 221 -16.13 -14.37 -49.57
CA GLY G 221 -16.18 -13.08 -50.22
C GLY G 221 -17.44 -12.29 -49.95
N THR G 222 -18.53 -12.97 -49.60
CA THR G 222 -19.76 -12.32 -49.18
C THR G 222 -19.76 -11.90 -47.72
N GLN G 223 -18.84 -12.45 -46.89
CA GLN G 223 -18.67 -12.09 -45.49
C GLN G 223 -17.17 -11.90 -45.24
N THR G 224 -16.80 -10.77 -44.62
CA THR G 224 -15.42 -10.25 -44.60
C THR G 224 -14.58 -10.66 -43.40
N TYR G 225 -13.30 -10.96 -43.66
CA TYR G 225 -12.34 -11.45 -42.66
C TYR G 225 -11.16 -10.50 -42.48
N ILE G 226 -10.97 -10.00 -41.25
CA ILE G 226 -9.85 -9.16 -40.86
C ILE G 226 -9.06 -9.86 -39.76
N CYS G 227 -7.73 -9.93 -39.90
CA CYS G 227 -6.88 -10.50 -38.86
C CYS G 227 -6.17 -9.42 -38.07
N ASN G 228 -6.28 -9.49 -36.75
CA ASN G 228 -5.66 -8.53 -35.85
C ASN G 228 -4.40 -9.20 -35.33
N VAL G 229 -3.25 -8.73 -35.78
CA VAL G 229 -1.96 -9.21 -35.29
C VAL G 229 -1.29 -8.04 -34.58
N ASN G 230 -0.84 -8.30 -33.36
CA ASN G 230 -0.20 -7.27 -32.57
C ASN G 230 1.10 -7.82 -32.01
N HIS G 231 2.12 -6.95 -31.94
CA HIS G 231 3.45 -7.28 -31.42
C HIS G 231 3.82 -6.36 -30.26
N LYS G 232 3.61 -6.82 -29.04
CA LYS G 232 3.77 -5.93 -27.90
C LYS G 232 5.17 -5.33 -27.77
N PRO G 233 6.28 -6.06 -27.95
CA PRO G 233 7.61 -5.46 -27.68
C PRO G 233 7.98 -4.28 -28.55
N SER G 234 7.74 -4.30 -29.85
CA SER G 234 7.96 -3.15 -30.72
C SER G 234 6.60 -2.60 -31.07
N ASN G 235 6.30 -1.38 -30.66
CA ASN G 235 4.91 -0.94 -30.67
C ASN G 235 4.29 -0.96 -32.07
N THR G 236 4.22 -2.15 -32.67
CA THR G 236 3.62 -2.30 -34.00
C THR G 236 2.35 -3.12 -33.85
N LYS G 237 1.25 -2.57 -34.35
CA LYS G 237 -0.03 -3.25 -34.38
C LYS G 237 -0.58 -2.95 -35.75
N VAL G 238 -0.81 -4.00 -36.51
CA VAL G 238 -1.30 -3.89 -37.86
C VAL G 238 -2.30 -5.01 -38.00
N ASP G 239 -3.52 -4.67 -38.38
CA ASP G 239 -4.57 -5.65 -38.63
C ASP G 239 -4.89 -5.62 -40.11
N LYS G 240 -4.73 -6.77 -40.75
CA LYS G 240 -4.79 -6.88 -42.19
C LYS G 240 -5.95 -7.80 -42.56
N LYS G 241 -6.69 -7.37 -43.58
CA LYS G 241 -7.86 -8.08 -44.06
C LYS G 241 -7.44 -9.04 -45.16
N VAL G 242 -8.07 -10.20 -45.21
CA VAL G 242 -7.74 -11.22 -46.21
C VAL G 242 -8.95 -11.35 -47.14
N GLU G 243 -8.70 -11.18 -48.43
CA GLU G 243 -9.68 -11.12 -49.51
C GLU G 243 -9.28 -12.07 -50.63
N PRO G 244 -10.22 -12.44 -51.51
CA PRO G 244 -9.92 -13.44 -52.56
C PRO G 244 -8.92 -12.92 -53.58
N LYS G 245 -8.51 -13.84 -54.46
CA LYS G 245 -7.60 -13.58 -55.60
C LYS G 245 -6.50 -12.59 -55.28
N VAL H 21 24.08 -36.72 -12.29
CA VAL H 21 23.11 -37.79 -12.55
C VAL H 21 22.29 -37.39 -13.71
N VAL H 22 21.98 -38.33 -14.59
CA VAL H 22 21.20 -38.08 -15.80
C VAL H 22 19.89 -38.85 -15.75
N MET H 23 18.78 -38.11 -15.73
CA MET H 23 17.44 -38.72 -15.76
C MET H 23 16.93 -38.90 -17.19
N THR H 24 16.27 -40.03 -17.45
CA THR H 24 15.81 -40.31 -18.80
C THR H 24 14.40 -40.87 -18.79
N GLN H 25 13.48 -40.19 -19.47
CA GLN H 25 12.14 -40.71 -19.70
C GLN H 25 12.17 -41.45 -21.03
N THR H 26 11.94 -42.76 -21.02
CA THR H 26 12.24 -43.59 -22.19
C THR H 26 11.44 -43.14 -23.43
N THR H 27 10.17 -42.78 -23.26
CA THR H 27 9.32 -42.32 -24.36
C THR H 27 9.01 -40.83 -24.15
N SER H 28 9.35 -39.98 -25.13
CA SER H 28 9.15 -38.53 -24.98
C SER H 28 7.69 -38.16 -25.03
N SER H 29 6.97 -38.64 -26.03
CA SER H 29 5.54 -38.45 -26.03
C SER H 29 4.92 -39.81 -25.80
N LEU H 30 3.61 -39.81 -25.54
CA LEU H 30 2.93 -41.07 -25.20
C LEU H 30 1.43 -40.86 -25.31
N SER H 31 0.79 -41.64 -26.16
CA SER H 31 -0.64 -41.51 -26.38
C SER H 31 -1.38 -42.47 -25.47
N ALA H 32 -2.57 -42.05 -25.05
CA ALA H 32 -3.37 -42.88 -24.16
C ALA H 32 -4.80 -42.41 -24.23
N SER H 33 -5.66 -43.22 -23.63
CA SER H 33 -7.09 -43.05 -23.71
C SER H 33 -7.66 -42.61 -22.38
N LEU H 34 -8.59 -41.67 -22.43
CA LEU H 34 -9.29 -41.25 -21.22
C LEU H 34 -9.81 -42.47 -20.48
N GLY H 35 -9.63 -42.49 -19.16
CA GLY H 35 -10.09 -43.60 -18.36
C GLY H 35 -9.03 -44.65 -18.14
N ASP H 36 -8.04 -44.72 -19.01
CA ASP H 36 -7.08 -45.82 -19.02
C ASP H 36 -5.96 -45.62 -18.02
N ARG H 37 -5.31 -46.72 -17.68
CA ARG H 37 -4.15 -46.68 -16.81
C ARG H 37 -2.95 -46.20 -17.59
N VAL H 38 -2.17 -45.32 -17.00
CA VAL H 38 -1.00 -44.76 -17.67
C VAL H 38 0.20 -44.91 -16.75
N THR H 39 1.35 -45.26 -17.33
CA THR H 39 2.60 -45.37 -16.58
C THR H 39 3.74 -44.70 -17.32
N ILE H 40 4.24 -43.60 -16.76
CA ILE H 40 5.44 -42.97 -17.29
C ILE H 40 6.61 -43.56 -16.53
N SER H 41 7.63 -43.98 -17.27
CA SER H 41 8.77 -44.63 -16.65
C SER H 41 9.98 -43.73 -16.81
N CYS H 42 10.67 -43.50 -15.70
CA CYS H 42 11.83 -42.62 -15.57
C CYS H 42 12.99 -43.44 -15.07
N SER H 43 14.14 -43.32 -15.74
CA SER H 43 15.33 -44.09 -15.38
C SER H 43 16.54 -43.20 -15.22
N ALA H 44 17.39 -43.56 -14.27
CA ALA H 44 18.48 -42.74 -13.79
C ALA H 44 19.82 -43.34 -14.18
N SER H 45 20.74 -42.47 -14.57
CA SER H 45 22.10 -42.82 -15.00
C SER H 45 22.94 -43.53 -13.94
N GLN H 46 22.45 -43.65 -12.69
CA GLN H 46 23.09 -44.36 -11.58
C GLN H 46 22.05 -44.45 -10.47
N GLY H 47 22.26 -45.38 -9.54
CA GLY H 47 21.33 -45.56 -8.44
C GLY H 47 21.16 -44.30 -7.63
N ILE H 48 19.92 -43.84 -7.46
CA ILE H 48 19.65 -42.58 -6.79
C ILE H 48 18.97 -42.80 -5.45
N SER H 49 19.08 -44.00 -4.90
CA SER H 49 18.23 -44.30 -3.75
C SER H 49 16.82 -44.00 -4.20
N ASN H 50 15.97 -43.61 -3.24
CA ASN H 50 14.60 -43.27 -3.54
C ASN H 50 14.34 -41.77 -3.62
N TYR H 51 15.40 -40.97 -3.71
CA TYR H 51 15.27 -39.53 -3.81
C TYR H 51 14.82 -39.17 -5.23
N LEU H 52 13.57 -39.44 -5.51
CA LEU H 52 13.04 -39.08 -6.81
C LEU H 52 11.64 -38.48 -6.66
N ASN H 53 11.39 -37.35 -7.32
CA ASN H 53 10.13 -36.63 -7.28
C ASN H 53 9.50 -36.56 -8.65
N TRP H 54 8.21 -36.27 -8.66
CA TRP H 54 7.40 -36.19 -9.88
C TRP H 54 6.67 -34.86 -9.93
N TYR H 55 6.86 -34.11 -11.01
CA TYR H 55 6.17 -32.85 -11.23
C TYR H 55 5.25 -32.94 -12.44
N GLN H 56 4.20 -32.14 -12.47
CA GLN H 56 3.33 -32.09 -13.64
C GLN H 56 3.24 -30.65 -14.14
N GLN H 57 3.75 -30.42 -15.36
CA GLN H 57 3.61 -29.15 -16.03
C GLN H 57 2.57 -29.28 -17.13
N LYS H 58 1.60 -28.39 -17.11
CA LYS H 58 0.55 -28.29 -18.12
C LYS H 58 0.95 -27.26 -19.16
N PRO H 59 0.31 -27.26 -20.34
CA PRO H 59 0.75 -26.34 -21.40
C PRO H 59 0.61 -24.90 -20.96
N ASP H 60 -0.36 -24.68 -20.09
CA ASP H 60 -0.65 -23.44 -19.38
C ASP H 60 0.63 -22.78 -18.84
N GLY H 61 1.70 -23.55 -18.62
CA GLY H 61 2.93 -23.05 -18.02
C GLY H 61 3.13 -23.48 -16.58
N THR H 62 2.02 -23.78 -15.91
CA THR H 62 1.98 -24.09 -14.50
C THR H 62 2.65 -25.41 -14.17
N VAL H 63 3.29 -25.45 -13.00
CA VAL H 63 4.02 -26.62 -12.51
C VAL H 63 3.52 -26.96 -11.12
N LYS H 64 3.26 -28.24 -10.86
CA LYS H 64 2.79 -28.61 -9.52
C LYS H 64 3.55 -29.84 -9.05
N LEU H 65 3.71 -29.99 -7.75
CA LEU H 65 4.29 -31.22 -7.24
C LEU H 65 3.23 -32.30 -7.22
N LEU H 66 3.63 -33.51 -7.61
CA LEU H 66 2.74 -34.67 -7.65
C LEU H 66 3.09 -35.70 -6.59
N ILE H 67 4.31 -36.21 -6.66
CA ILE H 67 4.83 -37.19 -5.73
C ILE H 67 6.23 -36.78 -5.35
N TYR H 68 6.58 -36.91 -4.08
CA TYR H 68 7.96 -36.75 -3.68
C TYR H 68 8.43 -38.02 -3.00
N TYR H 69 9.74 -38.26 -3.04
CA TYR H 69 10.33 -39.46 -2.46
C TYR H 69 9.68 -40.76 -2.97
N THR H 70 9.70 -40.89 -4.30
CA THR H 70 9.26 -42.10 -5.00
C THR H 70 7.76 -42.34 -4.93
N SER H 71 7.17 -42.39 -3.76
CA SER H 71 5.76 -42.74 -3.70
C SER H 71 4.89 -41.85 -2.84
N ILE H 72 5.44 -40.84 -2.14
CA ILE H 72 4.64 -40.04 -1.22
C ILE H 72 3.91 -38.94 -1.97
N LEU H 73 2.58 -38.94 -1.83
CA LEU H 73 1.71 -38.05 -2.59
C LEU H 73 1.64 -36.66 -1.96
N HIS H 74 1.80 -35.63 -2.79
CA HIS H 74 1.71 -34.25 -2.34
C HIS H 74 0.28 -33.92 -1.89
N SER H 75 0.14 -32.91 -1.02
CA SER H 75 -1.20 -32.52 -0.55
C SER H 75 -2.11 -32.15 -1.71
N GLY H 76 -3.35 -32.57 -1.62
CA GLY H 76 -4.24 -32.22 -2.69
C GLY H 76 -4.04 -32.97 -3.99
N VAL H 77 -3.27 -34.06 -4.03
CA VAL H 77 -3.13 -34.80 -5.28
C VAL H 77 -4.12 -35.94 -5.33
N PRO H 78 -4.85 -36.21 -6.42
CA PRO H 78 -5.84 -37.30 -6.39
C PRO H 78 -5.12 -38.64 -6.38
N SER H 79 -5.86 -39.65 -5.93
CA SER H 79 -5.26 -40.95 -5.66
C SER H 79 -4.87 -41.70 -6.92
N ARG H 80 -5.46 -41.35 -8.07
CA ARG H 80 -5.15 -42.07 -9.29
C ARG H 80 -3.68 -41.97 -9.64
N PHE H 81 -2.98 -40.99 -9.05
CA PHE H 81 -1.54 -40.89 -9.16
C PHE H 81 -0.89 -41.78 -8.13
N SER H 82 0.21 -42.41 -8.55
CA SER H 82 0.93 -43.43 -7.83
C SER H 82 2.40 -43.39 -8.21
N GLY H 83 3.27 -43.72 -7.26
CA GLY H 83 4.71 -43.72 -7.51
C GLY H 83 5.39 -45.04 -7.15
N SER H 84 6.43 -45.37 -7.91
CA SER H 84 7.10 -46.62 -7.64
C SER H 84 8.50 -46.61 -8.23
N GLY H 85 9.31 -47.53 -7.73
CA GLY H 85 10.66 -47.73 -8.21
C GLY H 85 11.66 -47.79 -7.08
N SER H 86 12.92 -47.94 -7.46
CA SER H 86 14.01 -48.19 -6.54
C SER H 86 15.29 -48.19 -7.34
N GLY H 87 16.39 -47.93 -6.65
CA GLY H 87 17.64 -47.94 -7.36
C GLY H 87 17.66 -46.91 -8.47
N THR H 88 17.56 -47.37 -9.72
CA THR H 88 17.63 -46.48 -10.87
C THR H 88 16.36 -46.41 -11.68
N ASP H 89 15.31 -47.10 -11.29
CA ASP H 89 14.20 -47.26 -12.20
C ASP H 89 12.95 -46.83 -11.46
N TYR H 90 12.15 -46.00 -12.11
CA TYR H 90 11.08 -45.34 -11.39
C TYR H 90 9.91 -45.15 -12.34
N SER H 91 8.72 -45.15 -11.77
CA SER H 91 7.53 -45.09 -12.60
C SER H 91 6.45 -44.28 -11.89
N LEU H 92 5.71 -43.51 -12.68
CA LEU H 92 4.53 -42.76 -12.24
C LEU H 92 3.31 -43.40 -12.87
N THR H 93 2.22 -43.51 -12.12
CA THR H 93 1.08 -44.25 -12.65
C THR H 93 -0.23 -43.50 -12.40
N ILE H 94 -0.81 -42.97 -13.49
CA ILE H 94 -2.22 -42.59 -13.46
C ILE H 94 -3.04 -43.84 -13.69
N SER H 95 -4.01 -44.10 -12.83
CA SER H 95 -4.81 -45.29 -13.02
C SER H 95 -6.03 -45.08 -13.90
N ASN H 96 -6.67 -43.90 -13.85
CA ASN H 96 -7.79 -43.56 -14.74
C ASN H 96 -7.44 -42.22 -15.37
N LEU H 97 -6.84 -42.25 -16.55
CA LEU H 97 -6.54 -40.99 -17.22
C LEU H 97 -7.77 -40.10 -17.22
N GLU H 98 -7.65 -38.93 -16.63
CA GLU H 98 -8.73 -37.97 -16.64
C GLU H 98 -8.30 -36.73 -17.41
N PRO H 99 -9.23 -36.00 -18.01
CA PRO H 99 -8.82 -34.98 -18.99
C PRO H 99 -7.83 -33.96 -18.46
N GLU H 100 -8.02 -33.54 -17.20
CA GLU H 100 -7.12 -32.58 -16.57
C GLU H 100 -5.69 -33.11 -16.52
N ASP H 101 -5.50 -34.44 -16.52
CA ASP H 101 -4.17 -35.04 -16.41
C ASP H 101 -3.34 -34.89 -17.67
N ILE H 102 -3.93 -34.37 -18.75
CA ILE H 102 -3.21 -34.32 -20.01
C ILE H 102 -2.13 -33.26 -19.89
N ALA H 103 -0.87 -33.68 -19.75
CA ALA H 103 0.20 -32.72 -19.46
C ALA H 103 1.55 -33.42 -19.52
N THR H 104 2.61 -32.63 -19.56
CA THR H 104 3.95 -33.20 -19.50
C THR H 104 4.37 -33.53 -18.08
N TYR H 105 4.98 -34.71 -17.90
CA TYR H 105 5.40 -35.19 -16.60
C TYR H 105 6.92 -35.32 -16.56
N TYR H 106 7.59 -34.54 -15.69
CA TYR H 106 9.03 -34.59 -15.48
C TYR H 106 9.36 -35.29 -14.16
N CYS H 107 10.35 -36.17 -14.17
CA CYS H 107 10.85 -36.69 -12.90
C CYS H 107 12.11 -35.91 -12.55
N GLN H 108 12.45 -35.92 -11.26
CA GLN H 108 13.62 -35.19 -10.80
C GLN H 108 14.24 -35.94 -9.64
N GLN H 109 15.58 -35.92 -9.57
CA GLN H 109 16.33 -36.62 -8.54
C GLN H 109 16.94 -35.64 -7.54
N TYR H 110 17.14 -36.10 -6.28
CA TYR H 110 18.00 -35.30 -5.42
C TYR H 110 18.97 -36.15 -4.63
N SER H 111 19.42 -37.26 -5.20
CA SER H 111 20.45 -38.05 -4.55
C SER H 111 21.78 -37.34 -4.60
N LYS H 112 22.12 -36.80 -5.77
CA LYS H 112 23.36 -36.08 -6.03
C LYS H 112 23.10 -34.60 -6.07
N PHE H 113 24.18 -33.80 -5.95
CA PHE H 113 23.97 -32.40 -5.60
C PHE H 113 23.17 -31.68 -6.67
N PRO H 114 23.68 -31.50 -7.90
CA PRO H 114 22.91 -30.67 -8.85
C PRO H 114 21.60 -31.37 -9.16
N ARG H 115 20.52 -30.91 -8.51
CA ARG H 115 19.20 -31.49 -8.72
C ARG H 115 18.95 -31.57 -10.20
N THR H 116 18.62 -32.74 -10.67
CA THR H 116 18.49 -32.88 -12.09
C THR H 116 17.12 -33.45 -12.46
N PHE H 117 16.55 -32.96 -13.56
CA PHE H 117 15.25 -33.37 -14.06
C PHE H 117 15.38 -34.31 -15.27
N GLY H 118 14.34 -35.11 -15.48
CA GLY H 118 14.23 -35.91 -16.69
C GLY H 118 13.91 -35.08 -17.91
N GLY H 119 13.37 -35.70 -18.94
CA GLY H 119 13.10 -34.89 -20.11
C GLY H 119 11.62 -34.62 -20.29
N GLY H 120 10.81 -35.27 -19.49
CA GLY H 120 9.39 -35.04 -19.62
C GLY H 120 8.73 -36.05 -20.52
N THR H 121 7.41 -36.11 -20.44
CA THR H 121 6.64 -37.06 -21.22
C THR H 121 5.25 -36.46 -21.34
N LYS H 122 4.92 -35.92 -22.51
CA LYS H 122 3.61 -35.31 -22.56
C LYS H 122 2.62 -36.33 -23.09
N LEU H 123 1.37 -36.15 -22.70
CA LEU H 123 0.30 -37.11 -22.87
C LEU H 123 -0.71 -36.64 -23.92
N GLU H 124 -0.94 -37.46 -24.94
CA GLU H 124 -2.01 -37.09 -25.85
C GLU H 124 -3.16 -38.10 -25.76
N ILE H 125 -4.34 -37.63 -26.14
CA ILE H 125 -5.51 -38.51 -26.15
C ILE H 125 -5.54 -39.24 -27.47
N LYS H 126 -5.85 -40.53 -27.40
CA LYS H 126 -5.91 -41.34 -28.60
C LYS H 126 -7.25 -41.15 -29.28
N ARG H 127 -7.21 -41.00 -30.60
CA ARG H 127 -8.39 -40.78 -31.44
C ARG H 127 -8.31 -41.68 -32.70
N THR H 128 -9.43 -41.73 -33.43
CA THR H 128 -9.53 -42.43 -34.71
C THR H 128 -8.61 -41.78 -35.74
N VAL H 129 -7.99 -42.61 -36.59
CA VAL H 129 -7.12 -42.06 -37.62
C VAL H 129 -7.91 -41.05 -38.43
N ALA H 130 -7.29 -39.92 -38.74
CA ALA H 130 -7.98 -38.87 -39.47
C ALA H 130 -7.11 -38.36 -40.61
N ALA H 131 -7.73 -38.16 -41.77
CA ALA H 131 -6.81 -37.64 -42.77
C ALA H 131 -6.90 -36.12 -42.84
N PRO H 132 -5.76 -35.46 -43.08
CA PRO H 132 -5.75 -34.00 -43.17
C PRO H 132 -6.44 -33.47 -44.44
N SER H 133 -6.72 -32.17 -44.42
CA SER H 133 -7.25 -31.44 -45.58
C SER H 133 -6.20 -30.41 -45.97
N VAL H 134 -5.24 -30.81 -46.80
CA VAL H 134 -4.02 -30.03 -46.98
C VAL H 134 -4.25 -28.89 -47.95
N PHE H 135 -3.87 -27.68 -47.56
CA PHE H 135 -3.93 -26.51 -48.43
C PHE H 135 -2.52 -25.95 -48.64
N ILE H 136 -2.40 -25.10 -49.66
CA ILE H 136 -1.14 -24.42 -49.96
C ILE H 136 -1.46 -22.98 -50.34
N PHE H 137 -0.53 -22.07 -50.01
CA PHE H 137 -0.72 -20.64 -50.26
C PHE H 137 0.53 -20.03 -50.89
N PRO H 138 0.37 -19.29 -51.98
CA PRO H 138 1.54 -18.72 -52.66
C PRO H 138 1.85 -17.33 -52.13
N PRO H 139 3.12 -16.91 -52.21
CA PRO H 139 3.53 -15.63 -51.66
C PRO H 139 2.66 -14.45 -52.10
N SER H 140 2.50 -13.49 -51.21
CA SER H 140 1.70 -12.32 -51.49
C SER H 140 2.49 -11.31 -52.31
N ASP H 141 1.74 -10.39 -52.93
CA ASP H 141 2.38 -9.36 -53.75
C ASP H 141 3.38 -8.61 -52.90
N GLU H 142 2.88 -8.06 -51.79
CA GLU H 142 3.74 -7.39 -50.83
C GLU H 142 4.91 -8.29 -50.47
N GLN H 143 4.66 -9.59 -50.35
CA GLN H 143 5.76 -10.48 -50.03
C GLN H 143 6.82 -10.38 -51.12
N LEU H 144 6.39 -10.27 -52.38
CA LEU H 144 7.31 -10.15 -53.51
C LEU H 144 7.92 -8.76 -53.64
N LYS H 145 7.12 -7.69 -53.47
CA LYS H 145 7.62 -6.31 -53.56
C LYS H 145 8.71 -6.05 -52.52
N SER H 146 9.11 -7.09 -51.78
CA SER H 146 10.01 -6.95 -50.66
C SER H 146 11.23 -7.84 -50.73
N GLY H 147 11.29 -8.78 -51.66
CA GLY H 147 12.52 -9.48 -51.94
C GLY H 147 12.56 -10.90 -51.48
N THR H 148 11.49 -11.39 -50.87
CA THR H 148 11.43 -12.78 -50.44
C THR H 148 10.05 -13.34 -50.73
N ALA H 149 10.00 -14.59 -51.17
CA ALA H 149 8.74 -15.28 -51.42
C ALA H 149 8.79 -16.63 -50.70
N SER H 150 7.78 -16.89 -49.88
CA SER H 150 7.66 -18.13 -49.10
C SER H 150 6.28 -18.75 -49.28
N VAL H 151 6.24 -20.03 -49.63
CA VAL H 151 4.98 -20.76 -49.79
C VAL H 151 4.64 -21.44 -48.48
N VAL H 152 3.34 -21.66 -48.26
CA VAL H 152 2.81 -22.17 -46.98
C VAL H 152 1.94 -23.39 -47.24
N CYS H 153 2.32 -24.52 -46.65
CA CYS H 153 1.50 -25.73 -46.74
C CYS H 153 0.86 -26.00 -45.38
N LEU H 154 -0.46 -26.15 -45.38
CA LEU H 154 -1.26 -26.37 -44.17
C LEU H 154 -1.97 -27.70 -44.21
N LEU H 155 -1.90 -28.46 -43.12
CA LEU H 155 -2.65 -29.70 -42.95
C LEU H 155 -3.63 -29.50 -41.80
N ASN H 156 -4.91 -29.72 -42.02
CA ASN H 156 -5.89 -29.37 -40.99
C ASN H 156 -6.57 -30.60 -40.40
N ASN H 157 -6.57 -30.66 -39.05
CA ASN H 157 -7.30 -31.66 -38.25
C ASN H 157 -6.99 -33.10 -38.63
N PHE H 158 -5.71 -33.46 -38.53
CA PHE H 158 -5.28 -34.84 -38.73
C PHE H 158 -4.88 -35.39 -37.39
N TYR H 159 -5.35 -36.61 -37.05
CA TYR H 159 -5.10 -37.09 -35.70
C TYR H 159 -3.64 -37.51 -35.46
N PRO H 160 -3.02 -38.38 -36.26
CA PRO H 160 -1.66 -38.81 -35.87
C PRO H 160 -0.64 -37.72 -36.18
N ARG H 161 0.07 -37.27 -35.15
CA ARG H 161 1.03 -36.18 -35.31
C ARG H 161 2.05 -36.50 -36.40
N GLU H 162 2.42 -37.77 -36.56
CA GLU H 162 3.39 -38.17 -37.55
C GLU H 162 2.93 -37.80 -38.96
N ALA H 163 3.85 -37.22 -39.74
CA ALA H 163 3.54 -36.76 -41.09
C ALA H 163 4.83 -36.53 -41.87
N LYS H 164 4.70 -36.61 -43.20
CA LYS H 164 5.84 -36.52 -44.12
C LYS H 164 5.48 -35.55 -45.24
N VAL H 165 5.57 -34.25 -44.95
CA VAL H 165 5.24 -33.19 -45.90
C VAL H 165 6.55 -32.72 -46.51
N GLN H 166 6.77 -33.04 -47.79
CA GLN H 166 7.92 -32.58 -48.54
C GLN H 166 7.52 -32.04 -49.91
N TRP H 167 7.91 -30.79 -50.17
CA TRP H 167 7.70 -30.14 -51.46
C TRP H 167 9.04 -29.85 -52.12
N LYS H 168 9.07 -30.03 -53.44
CA LYS H 168 10.24 -29.80 -54.26
C LYS H 168 9.89 -28.84 -55.38
N VAL H 169 10.93 -28.31 -56.02
CA VAL H 169 10.78 -27.38 -57.14
C VAL H 169 10.89 -28.18 -58.45
N ASP H 170 9.81 -28.19 -59.23
CA ASP H 170 9.72 -28.95 -60.49
C ASP H 170 10.38 -30.35 -60.39
N ASN H 171 9.99 -31.09 -59.33
CA ASN H 171 10.44 -32.47 -59.05
C ASN H 171 11.95 -32.59 -58.86
N ALA H 172 12.58 -31.56 -58.29
CA ALA H 172 14.02 -31.54 -58.00
C ALA H 172 14.25 -31.45 -56.49
N LEU H 173 15.06 -32.38 -55.96
CA LEU H 173 15.25 -32.50 -54.50
C LEU H 173 15.72 -31.20 -53.87
N GLN H 174 14.88 -30.66 -52.95
CA GLN H 174 15.13 -29.42 -52.23
C GLN H 174 15.17 -29.70 -50.73
N SER H 175 16.25 -29.31 -50.06
CA SER H 175 16.38 -29.49 -48.61
C SER H 175 17.19 -28.35 -47.99
N GLY H 176 16.77 -27.92 -46.78
CA GLY H 176 17.50 -26.87 -46.09
C GLY H 176 16.81 -25.53 -46.08
N ASN H 177 15.65 -25.43 -46.72
CA ASN H 177 14.99 -24.15 -46.87
C ASN H 177 13.53 -24.22 -46.46
N SER H 178 13.12 -25.30 -45.80
CA SER H 178 11.78 -25.42 -45.29
C SER H 178 11.86 -25.47 -43.78
N GLN H 179 10.81 -24.98 -43.13
CA GLN H 179 10.67 -25.03 -41.68
C GLN H 179 9.24 -25.42 -41.37
N GLU H 180 9.08 -26.28 -40.37
CA GLU H 180 7.79 -26.80 -39.97
C GLU H 180 7.49 -26.35 -38.55
N SER H 181 6.20 -26.26 -38.24
CA SER H 181 5.70 -25.85 -36.94
C SER H 181 4.35 -26.52 -36.80
N VAL H 182 4.14 -27.25 -35.70
CA VAL H 182 2.92 -28.02 -35.52
C VAL H 182 2.17 -27.47 -34.32
N THR H 183 0.86 -27.34 -34.47
CA THR H 183 0.05 -26.94 -33.33
C THR H 183 -0.02 -28.06 -32.28
N GLU H 184 -0.60 -27.70 -31.14
CA GLU H 184 -0.93 -28.64 -30.08
C GLU H 184 -2.23 -29.33 -30.38
N GLN H 185 -2.35 -30.57 -29.91
CA GLN H 185 -3.58 -31.32 -30.13
C GLN H 185 -4.78 -30.49 -29.72
N ASP H 186 -5.75 -30.35 -30.61
CA ASP H 186 -6.89 -29.51 -30.30
C ASP H 186 -7.67 -30.15 -29.20
N SER H 187 -8.16 -29.33 -28.26
CA SER H 187 -8.96 -29.82 -27.15
C SER H 187 -10.31 -30.36 -27.62
N LYS H 188 -10.89 -29.74 -28.65
CA LYS H 188 -12.27 -30.06 -29.02
C LYS H 188 -12.37 -31.40 -29.73
N ASP H 189 -11.46 -31.71 -30.67
CA ASP H 189 -11.56 -32.94 -31.45
C ASP H 189 -10.28 -33.78 -31.42
N SER H 190 -9.28 -33.40 -30.62
CA SER H 190 -8.05 -34.18 -30.38
C SER H 190 -7.24 -34.41 -31.65
N THR H 191 -7.31 -33.49 -32.59
CA THR H 191 -6.55 -33.55 -33.83
C THR H 191 -5.41 -32.52 -33.81
N TYR H 192 -4.49 -32.67 -34.75
CA TYR H 192 -3.35 -31.76 -34.85
C TYR H 192 -3.46 -30.88 -36.08
N SER H 193 -2.51 -29.97 -36.21
CA SER H 193 -2.45 -29.08 -37.37
C SER H 193 -0.97 -28.75 -37.57
N LEU H 194 -0.53 -28.73 -38.84
CA LEU H 194 0.88 -28.54 -39.17
C LEU H 194 0.96 -27.45 -40.23
N SER H 195 1.99 -26.61 -40.17
CA SER H 195 2.26 -25.62 -41.22
C SER H 195 3.72 -25.72 -41.66
N SER H 196 3.94 -25.96 -42.96
CA SER H 196 5.28 -25.97 -43.53
C SER H 196 5.52 -24.78 -44.45
N THR H 197 6.68 -24.13 -44.28
CA THR H 197 7.06 -22.92 -45.01
C THR H 197 8.46 -23.03 -45.60
N LEU H 198 8.56 -22.89 -46.92
CA LEU H 198 9.81 -22.90 -47.66
C LEU H 198 10.21 -21.47 -48.00
N THR H 199 11.36 -21.01 -47.48
CA THR H 199 11.83 -19.65 -47.71
C THR H 199 12.96 -19.65 -48.74
N LEU H 200 12.75 -18.94 -49.87
CA LEU H 200 13.74 -18.78 -50.94
C LEU H 200 13.80 -17.31 -51.36
N SER H 201 14.89 -16.93 -52.06
CA SER H 201 15.07 -15.57 -52.55
C SER H 201 14.20 -15.31 -53.78
N LYS H 202 14.03 -14.03 -54.12
CA LYS H 202 13.24 -13.68 -55.28
C LYS H 202 13.91 -14.14 -56.58
N ALA H 203 15.25 -14.12 -56.62
CA ALA H 203 15.99 -14.65 -57.77
C ALA H 203 15.72 -16.14 -57.95
N ASP H 204 15.91 -16.93 -56.88
CA ASP H 204 15.71 -18.37 -56.96
C ASP H 204 14.25 -18.74 -57.20
N TYR H 205 13.31 -17.86 -56.85
CA TYR H 205 11.91 -18.06 -57.19
C TYR H 205 11.69 -17.95 -58.69
N GLU H 206 12.41 -17.03 -59.32
CA GLU H 206 12.22 -16.77 -60.75
C GLU H 206 12.68 -17.93 -61.63
N LYS H 207 13.59 -18.77 -61.13
CA LYS H 207 14.17 -19.80 -61.99
C LYS H 207 13.28 -21.03 -62.10
N HIS H 208 12.32 -21.22 -61.21
CA HIS H 208 11.56 -22.45 -61.24
C HIS H 208 10.08 -22.15 -61.39
N LYS H 209 9.31 -23.20 -61.66
CA LYS H 209 7.93 -23.04 -62.08
C LYS H 209 6.94 -23.84 -61.25
N VAL H 210 7.17 -25.14 -61.12
CA VAL H 210 6.23 -26.00 -60.43
C VAL H 210 6.69 -26.19 -58.99
N TYR H 211 5.81 -25.81 -58.06
CA TYR H 211 6.02 -25.93 -56.63
C TYR H 211 4.87 -26.70 -56.00
N ALA H 212 5.19 -27.67 -55.12
CA ALA H 212 4.39 -28.09 -53.95
C ALA H 212 4.45 -29.57 -53.59
N CYS H 213 3.76 -29.94 -52.49
CA CYS H 213 4.11 -31.12 -51.72
C CYS H 213 3.02 -32.18 -51.69
N GLU H 214 3.46 -33.44 -51.78
CA GLU H 214 2.65 -34.62 -51.52
C GLU H 214 3.16 -35.29 -50.25
N VAL H 215 2.22 -35.66 -49.37
CA VAL H 215 2.49 -36.18 -48.02
C VAL H 215 1.70 -37.47 -47.80
N THR H 216 2.42 -38.55 -47.39
CA THR H 216 1.81 -39.85 -47.16
C THR H 216 1.60 -40.06 -45.64
N HIS H 217 1.41 -41.32 -45.24
CA HIS H 217 1.11 -41.78 -43.89
C HIS H 217 -0.27 -41.31 -43.49
N GLN H 218 -0.57 -41.46 -42.20
CA GLN H 218 -1.89 -41.05 -41.70
C GLN H 218 -2.97 -41.90 -42.35
N GLY H 219 -4.16 -41.35 -42.43
CA GLY H 219 -5.33 -41.92 -43.04
C GLY H 219 -5.33 -41.82 -44.54
N LEU H 220 -4.27 -41.26 -45.12
CA LEU H 220 -4.21 -41.10 -46.58
C LEU H 220 -3.81 -42.40 -47.26
N SER H 221 -4.67 -42.85 -48.17
CA SER H 221 -4.40 -44.06 -48.94
C SER H 221 -3.11 -43.90 -49.74
N SER H 222 -2.94 -42.76 -50.38
CA SER H 222 -1.76 -42.49 -51.20
C SER H 222 -1.38 -41.03 -51.02
N PRO H 223 -0.09 -40.69 -51.24
CA PRO H 223 0.33 -39.29 -51.09
C PRO H 223 -0.33 -38.35 -52.09
N VAL H 224 -1.43 -37.71 -51.66
CA VAL H 224 -2.07 -36.69 -52.48
C VAL H 224 -1.22 -35.43 -52.48
N THR H 225 -1.29 -34.66 -53.56
CA THR H 225 -0.57 -33.39 -53.69
C THR H 225 -1.47 -32.28 -54.20
N LYS H 226 -1.38 -31.12 -53.54
CA LYS H 226 -1.91 -29.84 -54.03
C LYS H 226 -0.72 -28.98 -54.43
N SER H 227 -0.86 -28.22 -55.51
CA SER H 227 0.29 -27.48 -56.01
C SER H 227 -0.13 -26.23 -56.77
N PHE H 228 0.89 -25.43 -57.10
CA PHE H 228 0.71 -24.27 -57.96
C PHE H 228 1.91 -24.20 -58.91
N ASN H 229 1.70 -23.58 -60.07
CA ASN H 229 2.70 -23.35 -61.11
C ASN H 229 2.88 -21.83 -61.26
N ARG H 230 4.13 -21.38 -61.12
CA ARG H 230 4.44 -20.05 -60.61
C ARG H 230 3.70 -18.89 -61.30
N GLY H 231 2.98 -18.11 -60.48
CA GLY H 231 2.46 -16.82 -60.85
C GLY H 231 1.05 -16.79 -61.41
N GLU H 232 0.41 -17.93 -61.63
CA GLU H 232 -0.68 -18.02 -62.59
C GLU H 232 -1.97 -18.52 -61.95
N CYS H 233 -3.03 -17.72 -62.08
CA CYS H 233 -4.34 -17.96 -61.47
C CYS H 233 -5.42 -16.99 -62.00
N GLY I 22 38.92 -62.48 20.86
CA GLY I 22 38.88 -63.65 19.97
C GLY I 22 37.82 -63.65 18.88
N PRO I 23 37.89 -64.59 17.90
CA PRO I 23 37.19 -64.41 16.62
C PRO I 23 35.67 -64.44 16.60
N ILE I 24 35.17 -64.35 15.37
CA ILE I 24 33.75 -64.40 15.07
C ILE I 24 33.34 -65.81 14.65
N ILE I 25 34.20 -66.47 13.86
CA ILE I 25 33.96 -67.84 13.42
C ILE I 25 35.24 -68.68 13.56
N CYS I 26 36.29 -68.30 12.84
CA CYS I 26 37.43 -69.18 12.57
C CYS I 26 38.63 -68.83 13.46
N ALA I 27 39.30 -69.87 13.95
CA ALA I 27 40.51 -69.62 14.73
C ALA I 27 41.64 -69.22 13.82
N GLY I 28 42.67 -68.62 14.42
CA GLY I 28 43.81 -68.10 13.70
C GLY I 28 44.29 -69.08 12.66
N PRO I 29 44.73 -68.59 11.51
CA PRO I 29 45.15 -69.49 10.44
C PRO I 29 46.53 -70.08 10.72
N ILE I 30 46.72 -71.35 10.36
CA ILE I 30 48.06 -71.95 10.46
C ILE I 30 48.53 -72.24 9.04
N HIS I 31 49.07 -71.23 8.36
CA HIS I 31 49.30 -71.36 6.93
C HIS I 31 50.50 -72.25 6.65
N SER I 32 50.31 -73.23 5.76
CA SER I 32 51.34 -74.19 5.37
C SER I 32 52.34 -73.60 4.36
N ASN I 33 51.89 -73.17 3.17
CA ASN I 33 52.87 -72.69 2.19
C ASN I 33 52.50 -71.32 1.63
N LYS I 34 53.51 -70.44 1.55
CA LYS I 34 53.27 -69.05 1.22
C LYS I 34 52.72 -68.87 -0.18
N SER I 35 52.91 -69.86 -1.06
CA SER I 35 52.47 -69.76 -2.45
C SER I 35 51.05 -70.24 -2.66
N ALA I 36 50.40 -70.76 -1.62
CA ALA I 36 49.05 -71.28 -1.76
C ALA I 36 48.09 -70.17 -2.15
N ASP I 37 47.07 -70.53 -2.91
CA ASP I 37 46.20 -69.51 -3.48
C ASP I 37 45.01 -69.21 -2.58
N ILE I 38 44.47 -68.02 -2.75
CA ILE I 38 43.38 -67.52 -1.94
C ILE I 38 42.10 -67.62 -2.75
N PRO I 39 41.10 -68.37 -2.32
CA PRO I 39 39.87 -68.50 -3.09
C PRO I 39 38.99 -67.26 -2.94
N HIS I 40 38.12 -67.05 -3.95
CA HIS I 40 37.00 -66.12 -3.81
C HIS I 40 35.81 -66.95 -3.34
N LEU I 41 35.36 -66.68 -2.12
CA LEU I 41 34.25 -67.40 -1.51
C LEU I 41 33.02 -66.52 -1.59
N LEU I 42 31.84 -67.13 -1.68
CA LEU I 42 30.63 -66.35 -1.84
C LEU I 42 29.76 -66.30 -0.60
N GLY I 43 29.83 -67.32 0.26
CA GLY I 43 29.02 -67.30 1.44
C GLY I 43 29.33 -66.09 2.29
N TYR I 44 28.34 -65.63 3.03
CA TYR I 44 28.62 -64.55 3.96
C TYR I 44 29.56 -65.05 5.05
N SER I 45 29.25 -66.19 5.62
CA SER I 45 30.09 -66.63 6.70
C SER I 45 31.48 -67.00 6.22
N GLU I 46 31.61 -67.50 4.98
CA GLU I 46 32.94 -67.74 4.41
C GLU I 46 33.75 -66.46 4.37
N LYS I 47 33.12 -65.34 4.01
CA LYS I 47 33.89 -64.10 3.94
C LYS I 47 34.27 -63.65 5.34
N ILE I 48 33.34 -63.74 6.30
CA ILE I 48 33.66 -63.38 7.67
C ILE I 48 34.77 -64.27 8.19
N CYS I 49 34.70 -65.56 7.87
CA CYS I 49 35.76 -66.49 8.28
C CYS I 49 37.12 -66.08 7.72
N GLN I 50 37.18 -65.77 6.42
CA GLN I 50 38.44 -65.31 5.83
C GLN I 50 38.96 -64.06 6.53
N ILE I 51 38.04 -63.18 6.93
CA ILE I 51 38.45 -61.95 7.61
C ILE I 51 39.05 -62.32 8.96
N ASP I 52 38.43 -63.28 9.63
CA ASP I 52 38.94 -63.78 10.91
C ASP I 52 40.37 -64.27 10.75
N ARG I 53 40.67 -64.92 9.63
CA ARG I 53 41.99 -65.46 9.38
C ARG I 53 42.89 -64.44 8.74
N LEU I 54 42.45 -63.20 8.69
CA LEU I 54 43.29 -62.12 8.19
C LEU I 54 43.76 -62.42 6.75
N ILE I 55 43.00 -63.27 6.05
CA ILE I 55 43.29 -63.65 4.67
C ILE I 55 43.09 -62.48 3.74
N HIS I 56 42.13 -61.61 4.05
CA HIS I 56 41.86 -60.48 3.17
C HIS I 56 43.01 -59.50 3.20
N VAL I 57 43.53 -59.18 4.40
CA VAL I 57 44.74 -58.35 4.44
C VAL I 57 45.83 -59.01 3.60
N SER I 58 45.96 -60.33 3.69
CA SER I 58 46.94 -61.05 2.88
C SER I 58 46.69 -60.79 1.40
N SER I 59 45.44 -61.00 0.96
CA SER I 59 45.07 -60.74 -0.43
C SER I 59 45.44 -59.32 -0.87
N TRP I 60 45.12 -58.32 -0.04
CA TRP I 60 45.48 -56.96 -0.42
C TRP I 60 46.98 -56.85 -0.63
N LEU I 61 47.78 -57.52 0.21
CA LEU I 61 49.22 -57.38 0.11
C LEU I 61 49.76 -58.02 -1.15
N ARG I 62 49.26 -59.19 -1.52
CA ARG I 62 49.63 -59.76 -2.80
C ARG I 62 49.14 -58.88 -3.94
N ASN I 63 47.84 -58.52 -3.92
CA ASN I 63 47.28 -57.70 -4.99
C ASN I 63 48.10 -56.41 -5.19
N HIS I 64 48.77 -55.88 -4.16
CA HIS I 64 49.25 -54.50 -4.35
C HIS I 64 50.74 -54.27 -4.17
N SER I 65 51.40 -54.99 -3.26
CA SER I 65 52.81 -54.73 -2.96
C SER I 65 53.68 -55.89 -3.41
N GLN I 66 53.09 -56.78 -4.21
CA GLN I 66 53.75 -57.96 -4.74
C GLN I 66 54.43 -58.75 -3.61
N PHE I 67 53.66 -58.92 -2.54
CA PHE I 67 54.01 -59.67 -1.36
C PHE I 67 53.72 -61.13 -1.61
N GLN I 68 54.61 -62.00 -1.13
CA GLN I 68 54.43 -63.43 -1.30
C GLN I 68 54.11 -64.02 0.07
N GLY I 69 52.91 -64.59 0.21
CA GLY I 69 52.54 -65.33 1.41
C GLY I 69 51.29 -64.87 2.15
N TYR I 70 51.29 -64.90 3.47
CA TYR I 70 50.15 -64.55 4.32
C TYR I 70 50.58 -63.58 5.40
N VAL I 71 49.62 -63.09 6.19
CA VAL I 71 49.94 -62.34 7.40
C VAL I 71 48.98 -62.84 8.48
N GLY I 72 49.36 -62.63 9.74
CA GLY I 72 48.51 -63.06 10.83
C GLY I 72 48.61 -64.54 11.07
N GLN I 73 49.76 -65.13 10.81
CA GLN I 73 49.88 -66.57 10.92
C GLN I 73 49.72 -66.98 12.39
N ARG I 74 48.75 -67.84 12.65
CA ARG I 74 48.42 -68.48 13.93
C ARG I 74 47.84 -67.49 14.94
N GLY I 75 47.70 -66.21 14.59
CA GLY I 75 47.07 -65.24 15.48
C GLY I 75 45.67 -64.83 15.05
N GLY I 76 45.57 -64.44 13.82
CA GLY I 76 44.31 -64.05 13.28
C GLY I 76 43.96 -62.60 13.51
N ARG I 77 42.74 -62.29 13.11
CA ARG I 77 42.31 -60.90 13.13
C ARG I 77 42.35 -60.36 14.53
N SER I 78 42.03 -61.20 15.50
CA SER I 78 41.96 -60.78 16.89
C SER I 78 43.31 -60.36 17.43
N GLN I 79 44.39 -60.61 16.69
CA GLN I 79 45.75 -60.33 17.15
C GLN I 79 46.44 -59.20 16.39
N VAL I 80 45.69 -58.33 15.77
CA VAL I 80 46.27 -57.26 14.98
C VAL I 80 46.78 -56.13 15.87
N SER I 81 47.74 -55.37 15.36
CA SER I 81 48.24 -54.17 16.04
C SER I 81 47.35 -52.99 15.66
N TYR I 82 46.92 -52.23 16.65
CA TYR I 82 46.13 -51.03 16.51
C TYR I 82 46.90 -49.81 16.97
N TYR I 83 46.66 -48.67 16.35
CA TYR I 83 47.09 -47.38 16.88
C TYR I 83 45.89 -46.45 16.92
N PRO I 84 45.56 -45.85 18.07
CA PRO I 84 46.17 -46.00 19.38
C PRO I 84 45.91 -47.41 19.85
N ALA I 85 46.92 -47.99 20.52
CA ALA I 85 46.92 -49.41 20.82
C ALA I 85 45.77 -49.81 21.73
N GLU I 86 45.33 -48.89 22.58
CA GLU I 86 44.07 -49.08 23.29
C GLU I 86 42.91 -48.77 22.34
N ASN I 87 41.83 -49.55 22.42
CA ASN I 87 40.97 -49.60 21.25
C ASN I 87 39.61 -50.18 21.63
N SER I 88 38.61 -49.33 21.84
CA SER I 88 37.34 -49.82 22.36
C SER I 88 36.62 -50.71 21.36
N TYR I 89 36.63 -50.34 20.08
CA TYR I 89 35.85 -51.09 19.11
C TYR I 89 36.45 -52.47 18.82
N SER I 90 37.77 -52.58 18.88
CA SER I 90 38.40 -53.87 18.58
C SER I 90 38.04 -54.97 19.56
N ARG I 91 37.50 -54.63 20.73
CA ARG I 91 37.02 -55.65 21.67
C ARG I 91 35.79 -56.39 21.14
N TRP I 92 34.97 -55.75 20.31
CA TRP I 92 33.79 -56.38 19.75
C TRP I 92 34.19 -57.13 18.49
N SER I 93 34.05 -58.46 18.49
CA SER I 93 34.56 -59.22 17.35
C SER I 93 33.86 -58.82 16.04
N GLY I 94 32.57 -58.51 16.10
CA GLY I 94 31.76 -58.32 14.92
C GLY I 94 31.72 -56.93 14.31
N LEU I 95 32.45 -55.98 14.88
CA LEU I 95 32.55 -54.65 14.25
C LEU I 95 33.56 -54.72 13.13
N LEU I 96 33.27 -54.02 12.02
CA LEU I 96 34.12 -54.10 10.86
C LEU I 96 35.11 -52.94 10.82
N SER I 97 36.33 -53.26 10.43
CA SER I 97 37.38 -52.31 10.13
C SER I 97 37.33 -51.92 8.67
N PRO I 98 38.00 -50.81 8.28
CA PRO I 98 38.13 -50.49 6.85
C PRO I 98 38.61 -51.65 6.00
N CYS I 99 39.61 -52.38 6.47
CA CYS I 99 40.07 -53.51 5.69
C CYS I 99 39.01 -54.60 5.60
N ASP I 100 38.30 -54.86 6.71
CA ASP I 100 37.23 -55.86 6.73
C ASP I 100 36.07 -55.46 5.81
N ALA I 101 35.66 -54.19 5.87
CA ALA I 101 34.59 -53.71 5.01
C ALA I 101 35.01 -53.74 3.56
N ASP I 102 36.31 -53.46 3.32
CA ASP I 102 36.86 -53.55 1.97
C ASP I 102 36.59 -54.91 1.40
N TRP I 103 36.98 -55.95 2.13
CA TRP I 103 36.78 -57.31 1.67
C TRP I 103 35.31 -57.67 1.55
N LEU I 104 34.40 -56.88 2.14
CA LEU I 104 32.98 -57.12 1.96
C LEU I 104 32.32 -56.12 1.01
N GLY I 105 33.10 -55.47 0.16
CA GLY I 105 32.53 -54.58 -0.84
C GLY I 105 31.92 -53.30 -0.30
N MET I 106 31.99 -53.04 0.99
CA MET I 106 31.41 -51.80 1.47
C MET I 106 32.25 -50.59 1.12
N LEU I 107 33.55 -50.76 0.88
CA LEU I 107 34.45 -49.64 0.58
C LEU I 107 35.74 -50.18 -0.01
N VAL I 108 36.67 -49.26 -0.32
CA VAL I 108 37.94 -49.66 -0.92
C VAL I 108 39.09 -49.04 -0.15
N VAL I 109 40.00 -49.91 0.31
CA VAL I 109 41.26 -49.51 0.92
C VAL I 109 42.28 -49.32 -0.21
N LYS I 110 42.49 -48.06 -0.57
CA LYS I 110 43.32 -47.70 -1.71
C LYS I 110 44.81 -47.98 -1.43
N LYS I 111 45.54 -48.41 -2.48
CA LYS I 111 46.99 -48.44 -2.37
C LYS I 111 47.51 -47.02 -2.22
N ALA I 112 48.39 -46.80 -1.25
CA ALA I 112 48.84 -45.44 -0.93
C ALA I 112 49.60 -44.81 -2.10
N LYS I 113 49.43 -43.51 -2.25
CA LYS I 113 50.17 -42.68 -3.19
C LYS I 113 51.22 -41.85 -2.47
N GLY I 114 52.17 -41.33 -3.27
CA GLY I 114 53.21 -40.49 -2.70
C GLY I 114 52.67 -39.35 -1.87
N SER I 115 51.53 -38.79 -2.27
CA SER I 115 50.99 -37.64 -1.57
C SER I 115 50.40 -37.99 -0.21
N ASP I 116 50.06 -39.26 0.00
CA ASP I 116 49.35 -39.67 1.19
C ASP I 116 50.26 -39.56 2.41
N MET I 117 49.81 -38.80 3.41
CA MET I 117 50.67 -38.47 4.54
C MET I 117 50.61 -39.59 5.57
N ILE I 118 51.79 -40.12 5.92
CA ILE I 118 51.93 -41.18 6.90
C ILE I 118 51.99 -40.56 8.28
N VAL I 119 50.96 -40.79 9.09
CA VAL I 119 50.86 -40.08 10.36
C VAL I 119 51.94 -40.58 11.31
N PRO I 120 52.44 -39.72 12.17
CA PRO I 120 53.30 -40.15 13.26
C PRO I 120 52.47 -40.58 14.47
N GLY I 121 53.08 -41.43 15.29
CA GLY I 121 52.42 -41.99 16.44
C GLY I 121 52.58 -43.49 16.56
N PRO I 122 52.12 -44.23 15.57
CA PRO I 122 52.22 -45.68 15.65
C PRO I 122 53.65 -46.16 15.56
N SER I 123 53.89 -47.30 16.21
CA SER I 123 55.17 -48.00 16.16
C SER I 123 55.21 -48.70 14.82
N TYR I 124 55.77 -48.02 13.82
CA TYR I 124 55.73 -48.55 12.48
C TYR I 124 56.76 -49.64 12.17
N LYS I 125 57.90 -49.66 12.84
CA LYS I 125 58.97 -50.55 12.40
C LYS I 125 58.52 -52.00 12.37
N GLY I 126 58.92 -52.70 11.30
CA GLY I 126 58.71 -54.12 11.18
C GLY I 126 57.36 -54.47 10.62
N LYS I 127 56.48 -53.48 10.50
CA LYS I 127 55.11 -53.67 10.04
C LYS I 127 55.12 -53.96 8.53
N VAL I 128 54.28 -54.91 8.11
CA VAL I 128 54.19 -55.33 6.72
C VAL I 128 53.03 -54.66 5.98
N PHE I 129 52.00 -54.27 6.73
CA PHE I 129 50.87 -53.55 6.19
C PHE I 129 50.38 -52.65 7.30
N PHE I 130 50.18 -51.38 7.00
CA PHE I 130 49.41 -50.55 7.90
C PHE I 130 48.40 -49.76 7.10
N GLU I 131 47.29 -49.39 7.75
CA GLU I 131 46.16 -48.70 7.13
C GLU I 131 45.61 -47.65 8.07
N ARG I 132 45.16 -46.54 7.50
CA ARG I 132 44.46 -45.54 8.28
C ARG I 132 43.30 -44.98 7.47
N PRO I 133 42.25 -44.53 8.14
CA PRO I 133 41.28 -43.69 7.45
C PRO I 133 41.91 -42.35 7.17
N THR I 134 41.76 -41.90 5.93
CA THR I 134 42.10 -40.54 5.48
C THR I 134 40.84 -39.72 5.39
N PHE I 135 41.02 -38.42 5.15
CA PHE I 135 39.89 -37.51 5.16
C PHE I 135 38.90 -37.80 4.04
N ASP I 136 39.37 -38.26 2.88
CA ASP I 136 38.48 -38.55 1.76
C ASP I 136 38.45 -40.03 1.38
N GLY I 137 38.71 -40.93 2.32
CA GLY I 137 38.70 -42.36 2.03
C GLY I 137 39.55 -43.14 3.01
N TYR I 138 40.00 -44.32 2.57
CA TYR I 138 40.85 -45.16 3.41
C TYR I 138 42.05 -45.65 2.64
N VAL I 139 43.23 -45.42 3.20
CA VAL I 139 44.48 -45.66 2.50
C VAL I 139 45.26 -46.73 3.24
N GLY I 140 45.79 -47.69 2.49
CA GLY I 140 46.61 -48.74 3.06
C GLY I 140 48.00 -48.73 2.46
N TRP I 141 48.97 -49.12 3.29
CA TRP I 141 50.39 -49.15 2.97
C TRP I 141 50.87 -50.59 3.08
N GLY I 142 51.55 -51.09 2.06
CA GLY I 142 52.04 -52.45 2.04
C GLY I 142 53.55 -52.51 1.87
N CYS I 143 54.11 -53.71 2.07
CA CYS I 143 55.51 -53.99 1.78
C CYS I 143 55.60 -55.18 0.83
N GLY I 144 56.62 -55.15 -0.05
CA GLY I 144 56.83 -56.27 -0.93
C GLY I 144 57.37 -57.46 -0.14
N SER I 145 57.49 -58.61 -0.81
CA SER I 145 57.96 -59.79 -0.11
C SER I 145 59.38 -59.59 0.42
N GLY I 146 59.59 -60.01 1.67
CA GLY I 146 60.85 -59.92 2.37
C GLY I 146 61.24 -58.54 2.88
N LYS I 147 60.32 -57.58 2.91
CA LYS I 147 60.62 -56.27 3.47
C LYS I 147 59.65 -55.95 4.61
N SER I 148 59.98 -54.90 5.36
CA SER I 148 59.17 -54.42 6.47
C SER I 148 59.50 -52.94 6.68
N ARG I 149 58.68 -52.29 7.50
CA ARG I 149 58.74 -50.85 7.58
C ARG I 149 59.88 -50.37 8.47
N THR I 150 60.49 -49.27 8.03
CA THR I 150 61.40 -48.46 8.85
C THR I 150 60.76 -47.92 10.12
N GLU I 151 61.53 -47.16 10.89
CA GLU I 151 60.99 -46.55 12.09
C GLU I 151 60.01 -45.45 11.74
N SER I 152 60.37 -44.62 10.77
CA SER I 152 59.51 -43.52 10.31
C SER I 152 58.29 -44.01 9.56
N GLY I 153 58.33 -45.21 9.03
CA GLY I 153 57.20 -45.76 8.33
C GLY I 153 57.18 -45.63 6.82
N GLU I 154 58.03 -44.80 6.20
CA GLU I 154 57.82 -44.81 4.76
C GLU I 154 59.11 -45.22 4.09
N LEU I 155 59.55 -46.46 4.33
CA LEU I 155 60.34 -47.20 3.37
C LEU I 155 60.25 -48.66 3.76
N CYS I 156 60.10 -49.53 2.79
CA CYS I 156 60.15 -50.96 3.07
C CYS I 156 61.57 -51.36 2.75
N SER I 157 62.41 -51.40 3.77
CA SER I 157 63.77 -51.89 3.61
C SER I 157 63.81 -53.39 3.91
N SER I 158 64.84 -54.06 3.38
CA SER I 158 64.88 -55.51 3.45
C SER I 158 64.86 -55.99 4.90
N ASP I 159 64.01 -56.98 5.16
CA ASP I 159 63.82 -57.55 6.49
C ASP I 159 63.91 -59.06 6.36
N SER I 160 65.03 -59.65 6.78
CA SER I 160 65.20 -61.07 6.57
C SER I 160 64.26 -61.91 7.43
N ARG I 161 63.56 -61.31 8.39
CA ARG I 161 62.64 -62.05 9.22
C ARG I 161 61.25 -62.20 8.60
N THR I 162 60.99 -61.52 7.49
CA THR I 162 59.70 -61.68 6.83
C THR I 162 59.80 -62.67 5.70
N SER I 163 61.01 -63.17 5.40
CA SER I 163 61.19 -64.09 4.29
C SER I 163 60.41 -65.37 4.51
N SER I 164 59.97 -65.57 5.74
CA SER I 164 59.20 -66.75 6.06
C SER I 164 57.99 -66.89 5.15
N GLY I 165 57.37 -65.78 4.76
CA GLY I 165 56.16 -65.89 3.97
C GLY I 165 54.92 -66.19 4.78
N LEU I 166 55.08 -66.57 6.05
CA LEU I 166 54.00 -66.82 6.99
C LEU I 166 54.28 -65.90 8.18
N LEU I 167 53.72 -64.73 8.17
CA LEU I 167 54.02 -63.71 9.15
C LEU I 167 52.95 -63.60 10.23
N PRO I 168 53.29 -63.07 11.39
CA PRO I 168 52.32 -62.94 12.49
C PRO I 168 51.38 -61.72 12.35
N SER I 169 50.40 -61.69 13.26
CA SER I 169 49.43 -60.60 13.27
C SER I 169 50.04 -59.32 13.81
N ASP I 170 51.16 -59.40 14.52
CA ASP I 170 51.77 -58.17 14.98
C ASP I 170 52.48 -57.43 13.87
N ARG I 171 52.52 -58.01 12.67
CA ARG I 171 53.03 -57.31 11.51
C ARG I 171 52.00 -56.38 10.86
N VAL I 172 50.72 -56.48 11.25
CA VAL I 172 49.60 -55.75 10.64
C VAL I 172 49.12 -54.68 11.60
N LEU I 173 49.06 -53.44 11.13
CA LEU I 173 48.74 -52.28 11.96
C LEU I 173 47.50 -51.60 11.41
N TRP I 174 46.51 -51.39 12.27
CA TRP I 174 45.25 -50.76 11.88
C TRP I 174 45.10 -49.49 12.69
N ILE I 175 45.29 -48.35 12.04
CA ILE I 175 45.27 -47.07 12.75
C ILE I 175 43.83 -46.64 13.00
N GLY I 176 43.55 -46.26 14.23
CA GLY I 176 42.30 -45.62 14.56
C GLY I 176 41.32 -46.53 15.26
N ASP I 177 40.35 -45.92 15.95
CA ASP I 177 39.26 -46.63 16.59
C ASP I 177 38.06 -46.42 15.67
N VAL I 178 37.90 -47.32 14.71
CA VAL I 178 36.96 -47.19 13.60
C VAL I 178 35.92 -48.28 13.73
N ALA I 179 34.72 -48.04 13.23
CA ALA I 179 33.76 -49.11 13.03
C ALA I 179 33.02 -48.90 11.71
N CYS I 180 32.80 -49.98 10.98
CA CYS I 180 32.16 -49.88 9.68
C CYS I 180 30.97 -50.82 9.59
N GLN I 181 29.88 -50.28 9.06
CA GLN I 181 28.59 -50.96 8.99
C GLN I 181 27.91 -50.55 7.70
N PRO I 182 26.96 -51.34 7.22
CA PRO I 182 26.23 -50.94 6.03
C PRO I 182 25.39 -49.71 6.30
N MET I 183 25.41 -48.78 5.35
CA MET I 183 24.83 -47.45 5.52
C MET I 183 23.73 -47.17 4.50
N THR I 184 22.61 -46.66 4.98
CA THR I 184 21.57 -46.02 4.18
C THR I 184 22.03 -44.67 3.65
N PRO I 185 22.04 -44.45 2.33
CA PRO I 185 22.73 -43.28 1.75
C PRO I 185 21.90 -42.01 1.84
N ILE I 186 22.58 -40.88 2.02
CA ILE I 186 21.85 -39.63 2.22
C ILE I 186 21.89 -38.76 0.96
N PRO I 187 20.87 -37.92 0.74
CA PRO I 187 20.94 -36.96 -0.37
C PRO I 187 22.15 -36.08 -0.18
N GLU I 188 22.85 -35.81 -1.29
CA GLU I 188 24.05 -35.01 -1.23
C GLU I 188 23.81 -33.66 -0.57
N GLU I 189 22.60 -33.11 -0.70
CA GLU I 189 22.34 -31.84 -0.02
C GLU I 189 22.57 -31.98 1.47
N THR I 190 22.03 -33.04 2.08
CA THR I 190 22.25 -33.27 3.51
C THR I 190 23.72 -33.27 3.81
N PHE I 191 24.50 -33.89 2.93
CA PHE I 191 25.92 -33.93 3.15
C PHE I 191 26.50 -32.54 3.11
N LEU I 192 26.02 -31.68 2.20
CA LEU I 192 26.51 -30.30 2.15
C LEU I 192 26.26 -29.58 3.46
N GLU I 193 25.14 -29.87 4.09
CA GLU I 193 24.80 -29.17 5.31
C GLU I 193 25.64 -29.68 6.47
N LEU I 194 25.88 -30.99 6.50
CA LEU I 194 26.77 -31.52 7.52
C LEU I 194 28.18 -30.98 7.31
N LYS I 195 28.60 -30.93 6.04
CA LYS I 195 29.92 -30.43 5.67
C LYS I 195 30.20 -29.09 6.30
N SER I 196 29.23 -28.19 6.20
CA SER I 196 29.33 -26.83 6.72
C SER I 196 29.51 -26.80 8.24
N PHE I 197 28.66 -27.56 8.95
CA PHE I 197 28.73 -27.61 10.41
C PHE I 197 30.10 -28.07 10.89
N SER I 198 30.72 -29.02 10.19
CA SER I 198 32.10 -29.37 10.49
C SER I 198 33.02 -28.16 10.31
N GLN I 199 32.83 -27.39 9.23
CA GLN I 199 33.66 -26.19 9.04
C GLN I 199 33.50 -25.22 10.19
N SER I 200 32.31 -25.12 10.76
CA SER I 200 32.06 -24.23 11.89
C SER I 200 32.62 -24.75 13.22
N GLU I 201 32.66 -26.07 13.42
CA GLU I 201 33.25 -26.60 14.65
C GLU I 201 34.78 -26.62 14.62
N PHE I 202 35.38 -26.59 13.44
CA PHE I 202 36.84 -26.60 13.33
C PHE I 202 37.29 -25.46 12.44
N PRO I 203 36.98 -24.22 12.82
CA PRO I 203 37.18 -23.10 11.91
C PRO I 203 38.64 -22.83 11.57
N ASP I 204 39.60 -23.38 12.31
CA ASP I 204 41.01 -23.05 12.07
C ASP I 204 41.73 -24.01 11.13
N ILE I 205 41.20 -25.21 10.90
CA ILE I 205 41.88 -26.14 9.99
C ILE I 205 41.60 -25.72 8.56
N CYS I 206 42.61 -25.77 7.71
CA CYS I 206 42.39 -25.42 6.33
C CYS I 206 42.43 -26.62 5.40
N LYS I 207 43.43 -27.48 5.54
CA LYS I 207 43.50 -28.68 4.72
C LYS I 207 43.81 -29.89 5.59
N ILE I 208 42.97 -30.91 5.45
CA ILE I 208 43.13 -32.19 6.13
C ILE I 208 43.55 -33.21 5.10
N ASP I 209 44.68 -33.88 5.34
CA ASP I 209 45.16 -34.91 4.43
C ASP I 209 45.22 -34.39 2.99
N GLY I 210 45.63 -33.14 2.84
CA GLY I 210 45.70 -32.60 1.51
C GLY I 210 44.36 -32.20 0.92
N ILE I 211 43.27 -32.36 1.65
CA ILE I 211 41.93 -32.00 1.20
C ILE I 211 41.60 -30.60 1.72
N VAL I 212 41.05 -29.75 0.85
CA VAL I 212 40.65 -28.41 1.26
C VAL I 212 39.51 -28.51 2.26
N PHE I 213 39.73 -28.02 3.49
CA PHE I 213 38.66 -28.13 4.48
C PHE I 213 37.93 -26.82 4.76
N ASN I 214 38.67 -25.76 5.09
CA ASN I 214 38.16 -24.39 5.06
C ASN I 214 38.90 -23.66 3.95
N GLN I 215 38.46 -22.44 3.64
CA GLN I 215 39.21 -21.61 2.71
C GLN I 215 40.24 -20.85 3.54
N CYS I 216 41.50 -20.95 3.18
CA CYS I 216 42.55 -20.45 4.04
C CYS I 216 43.39 -19.39 3.37
N GLU I 217 43.96 -18.53 4.21
CA GLU I 217 44.87 -17.47 3.77
C GLU I 217 46.29 -18.02 3.73
N GLY I 218 46.86 -18.16 4.92
CA GLY I 218 48.16 -18.78 5.11
C GLY I 218 48.01 -20.10 5.86
N GLU I 219 48.63 -21.15 5.34
CA GLU I 219 48.46 -22.48 5.89
C GLU I 219 49.77 -23.05 6.41
N SER I 220 49.66 -23.76 7.55
CA SER I 220 50.78 -24.27 8.32
C SER I 220 51.34 -25.57 7.72
N LEU I 221 52.26 -26.20 8.43
CA LEU I 221 52.74 -27.51 7.99
C LEU I 221 51.81 -28.61 8.50
N PRO I 222 51.73 -29.75 7.80
CA PRO I 222 50.85 -30.83 8.27
C PRO I 222 51.22 -31.28 9.68
N GLN I 223 50.24 -31.27 10.57
CA GLN I 223 50.39 -31.70 11.95
C GLN I 223 49.49 -32.90 12.22
N PRO I 224 49.79 -33.69 13.25
CA PRO I 224 48.88 -34.77 13.61
C PRO I 224 47.62 -34.25 14.30
N PHE I 225 46.49 -34.91 14.00
CA PHE I 225 45.17 -34.43 14.36
C PHE I 225 44.30 -35.62 14.74
N ASP I 226 43.90 -35.69 16.00
CA ASP I 226 43.03 -36.75 16.48
C ASP I 226 41.62 -36.21 16.50
N VAL I 227 40.69 -36.95 15.87
CA VAL I 227 39.36 -36.40 15.64
C VAL I 227 38.35 -37.52 15.51
N ALA I 228 37.11 -37.25 15.90
CA ALA I 228 35.98 -38.11 15.57
C ALA I 228 35.47 -37.79 14.18
N TRP I 229 34.87 -38.80 13.53
CA TRP I 229 34.32 -38.60 12.20
C TRP I 229 33.33 -39.72 11.85
N MET I 230 32.53 -39.43 10.85
CA MET I 230 31.68 -40.43 10.23
C MET I 230 31.83 -40.34 8.72
N ASP I 231 31.64 -41.47 8.07
CA ASP I 231 31.64 -41.57 6.61
C ASP I 231 30.20 -41.69 6.15
N VAL I 232 29.69 -40.60 5.58
CA VAL I 232 28.32 -40.53 5.09
C VAL I 232 28.26 -40.80 3.59
N GLY I 233 29.38 -41.17 2.98
CA GLY I 233 29.38 -41.64 1.59
C GLY I 233 29.37 -40.58 0.52
N HIS I 234 29.90 -39.40 0.79
CA HIS I 234 30.02 -38.49 -0.33
C HIS I 234 31.48 -38.15 -0.61
N SER I 235 31.75 -36.88 -0.93
CA SER I 235 33.07 -36.50 -1.41
C SER I 235 34.17 -36.72 -0.36
N HIS I 236 33.87 -36.53 0.93
CA HIS I 236 34.84 -36.68 2.02
C HIS I 236 34.13 -36.83 3.36
N LYS I 237 34.92 -37.08 4.42
CA LYS I 237 34.34 -37.37 5.72
C LYS I 237 33.77 -36.12 6.38
N ILE I 238 32.98 -36.32 7.43
CA ILE I 238 32.34 -35.25 8.18
C ILE I 238 32.92 -35.30 9.59
N ILE I 239 33.87 -34.43 9.90
CA ILE I 239 34.51 -34.50 11.20
C ILE I 239 33.64 -33.73 12.20
N MET I 240 33.55 -34.25 13.43
CA MET I 240 32.66 -33.71 14.44
C MET I 240 33.35 -33.57 15.78
N ARG I 241 33.08 -32.47 16.46
CA ARG I 241 33.46 -32.31 17.86
C ARG I 241 32.36 -32.82 18.77
N GLU I 242 31.27 -32.06 18.91
CA GLU I 242 30.22 -32.41 19.86
C GLU I 242 29.12 -33.15 19.13
N HIS I 243 28.83 -34.37 19.56
CA HIS I 243 27.82 -35.20 18.90
C HIS I 243 27.33 -36.30 19.83
N LYS I 244 26.38 -37.08 19.35
CA LYS I 244 25.74 -38.12 20.14
C LYS I 244 25.59 -39.36 19.28
N THR I 245 26.04 -40.51 19.78
CA THR I 245 25.92 -41.77 19.08
C THR I 245 24.98 -42.68 19.83
N LYS I 246 24.15 -43.43 19.10
CA LYS I 246 23.17 -44.36 19.67
C LYS I 246 23.29 -45.66 18.88
N TRP I 247 23.24 -46.81 19.55
CA TRP I 247 23.40 -48.07 18.86
C TRP I 247 22.09 -48.83 18.86
N VAL I 248 21.83 -49.49 17.74
CA VAL I 248 20.57 -50.18 17.50
C VAL I 248 20.86 -51.58 17.01
N GLN I 249 20.12 -52.58 17.53
CA GLN I 249 20.23 -53.97 17.09
C GLN I 249 19.23 -54.23 15.98
N GLU I 250 19.72 -54.79 14.88
CA GLU I 250 18.84 -54.94 13.74
C GLU I 250 18.39 -56.36 13.45
N SER I 251 19.18 -57.39 13.82
CA SER I 251 18.84 -58.80 13.51
C SER I 251 18.75 -59.11 12.01
N SER I 252 19.59 -58.45 11.21
CA SER I 252 19.55 -58.65 9.77
C SER I 252 20.27 -59.94 9.39
N SER I 253 20.15 -60.31 8.12
CA SER I 253 20.84 -61.52 7.70
C SER I 253 22.36 -61.36 7.83
N LYS I 254 22.87 -60.12 7.72
CA LYS I 254 24.28 -59.88 8.00
C LYS I 254 24.58 -59.91 9.49
N ASP I 255 23.56 -59.97 10.35
CA ASP I 255 23.83 -59.94 11.78
C ASP I 255 24.06 -61.32 12.39
N PHE I 256 24.11 -62.38 11.57
CA PHE I 256 24.31 -63.76 12.01
C PHE I 256 25.35 -64.44 11.12
N VAL I 257 26.20 -65.27 11.70
CA VAL I 257 27.13 -66.08 10.94
C VAL I 257 26.81 -67.54 11.22
N CYS I 258 26.92 -68.39 10.18
CA CYS I 258 26.60 -69.82 10.24
C CYS I 258 27.84 -70.69 10.12
N TYR I 259 27.84 -71.83 10.82
CA TYR I 259 29.01 -72.71 10.88
C TYR I 259 28.56 -74.12 11.24
N LYS I 260 29.41 -75.08 10.89
CA LYS I 260 29.34 -76.45 11.42
C LYS I 260 30.52 -76.58 12.34
N GLU I 261 30.25 -76.90 13.61
CA GLU I 261 31.23 -76.78 14.69
C GLU I 261 32.56 -77.52 14.45
N GLY I 262 33.65 -76.77 14.63
CA GLY I 262 34.99 -77.31 14.48
C GLY I 262 35.47 -77.55 13.06
N THR I 263 34.54 -77.60 12.11
CA THR I 263 34.86 -77.85 10.71
C THR I 263 34.78 -76.60 9.82
N GLY I 264 34.45 -75.43 10.37
CA GLY I 264 34.37 -74.18 9.61
C GLY I 264 32.98 -73.61 9.37
N PRO I 265 32.87 -72.66 8.45
CA PRO I 265 31.58 -72.02 8.13
C PRO I 265 30.82 -72.71 7.02
N CYS I 266 29.50 -72.51 7.04
CA CYS I 266 28.64 -73.06 5.99
C CYS I 266 28.84 -72.36 4.65
N SER I 267 28.66 -73.13 3.58
CA SER I 267 28.71 -72.59 2.23
C SER I 267 27.49 -71.70 2.01
N GLU I 268 27.45 -71.04 0.86
CA GLU I 268 26.43 -70.03 0.63
C GLU I 268 25.04 -70.64 0.59
N SER I 269 24.86 -71.69 -0.21
CA SER I 269 23.56 -72.37 -0.28
C SER I 269 23.09 -72.80 1.09
N GLU I 270 24.00 -73.40 1.87
CA GLU I 270 23.66 -73.79 3.24
C GLU I 270 23.24 -72.56 4.04
N GLU I 271 23.99 -71.46 3.91
CA GLU I 271 23.67 -70.25 4.65
C GLU I 271 22.35 -69.65 4.16
N LYS I 272 22.23 -69.48 2.83
CA LYS I 272 20.98 -68.97 2.25
C LYS I 272 19.79 -69.75 2.78
N THR I 273 19.93 -71.08 2.86
CA THR I 273 18.87 -71.93 3.38
C THR I 273 18.70 -71.73 4.88
N CYS I 274 19.82 -71.74 5.63
CA CYS I 274 19.76 -71.61 7.08
C CYS I 274 19.00 -70.37 7.52
N LYS I 275 19.12 -69.29 6.75
CA LYS I 275 18.51 -68.02 7.15
C LYS I 275 17.06 -67.93 6.71
N THR I 276 16.70 -68.64 5.66
CA THR I 276 15.39 -68.55 5.07
C THR I 276 14.48 -69.75 5.34
N SER I 277 15.02 -70.95 5.51
CA SER I 277 14.22 -72.15 5.68
C SER I 277 14.03 -72.58 7.13
N GLY I 278 14.46 -71.75 8.10
CA GLY I 278 14.25 -71.98 9.53
C GLY I 278 14.45 -73.41 9.99
N SER I 279 15.32 -74.15 9.33
CA SER I 279 15.44 -75.58 9.53
C SER I 279 16.76 -75.96 10.18
N CYS I 280 17.57 -74.98 10.58
CA CYS I 280 18.90 -75.24 11.09
C CYS I 280 18.90 -75.18 12.61
N ARG I 281 20.09 -75.00 13.17
CA ARG I 281 20.27 -74.81 14.60
C ARG I 281 20.60 -73.35 14.82
N GLY I 282 20.74 -72.93 16.07
CA GLY I 282 21.07 -71.56 16.33
C GLY I 282 20.86 -71.17 17.78
N ASP I 283 21.22 -69.91 18.06
CA ASP I 283 21.09 -69.36 19.40
C ASP I 283 19.70 -68.77 19.64
N MET I 284 19.55 -68.21 20.85
CA MET I 284 18.31 -67.61 21.30
C MET I 284 17.85 -66.53 20.34
N GLN I 285 18.74 -65.60 20.01
CA GLN I 285 18.30 -64.48 19.19
C GLN I 285 18.03 -64.92 17.76
N PHE I 286 18.82 -65.87 17.24
CA PHE I 286 18.68 -66.28 15.85
C PHE I 286 17.32 -66.90 15.59
N CYS I 287 16.93 -67.84 16.43
CA CYS I 287 15.70 -68.57 16.17
C CYS I 287 14.48 -67.69 16.38
N LYS I 288 14.52 -66.77 17.35
CA LYS I 288 13.40 -65.85 17.47
C LYS I 288 13.15 -65.12 16.14
N VAL I 289 14.19 -64.85 15.36
CA VAL I 289 14.06 -64.03 14.17
C VAL I 289 14.02 -64.86 12.89
N ALA I 290 14.70 -66.01 12.86
CA ALA I 290 14.76 -66.82 11.67
C ALA I 290 14.16 -68.20 11.89
N GLY I 291 13.92 -68.57 13.14
CA GLY I 291 13.29 -69.82 13.50
C GLY I 291 14.24 -70.97 13.28
N CYS I 292 14.06 -72.06 14.03
CA CYS I 292 14.96 -73.18 13.87
C CYS I 292 14.27 -74.41 14.45
N GLU I 293 14.87 -75.57 14.19
CA GLU I 293 14.25 -76.84 14.51
C GLU I 293 15.14 -77.66 15.45
N LYS I 302 24.61 -80.75 11.10
CA LYS I 302 23.87 -79.64 10.49
C LYS I 302 24.31 -78.24 10.97
N CYS I 303 23.94 -77.21 10.20
CA CYS I 303 24.51 -75.89 10.38
C CYS I 303 23.81 -75.16 11.52
N ARG I 304 24.58 -74.34 12.24
CA ARG I 304 24.06 -73.51 13.32
C ARG I 304 24.62 -72.11 13.19
N CYS I 305 23.75 -71.13 13.38
CA CYS I 305 24.14 -69.73 13.25
C CYS I 305 23.84 -68.98 14.53
N SER I 306 24.74 -68.09 14.90
CA SER I 306 24.59 -67.35 16.14
C SER I 306 24.71 -65.87 15.86
N LEU I 307 24.31 -65.09 16.85
CA LEU I 307 24.33 -63.65 16.75
C LEU I 307 25.76 -63.15 16.88
N VAL I 308 26.16 -62.29 15.95
CA VAL I 308 27.52 -61.79 15.93
C VAL I 308 27.73 -60.79 17.05
N HIS I 309 28.90 -60.86 17.69
CA HIS I 309 29.13 -60.04 18.87
C HIS I 309 29.40 -58.59 18.47
N LYS I 310 28.39 -57.75 18.64
CA LYS I 310 28.51 -56.34 18.37
C LYS I 310 27.41 -55.63 19.11
N PRO I 311 27.55 -54.32 19.37
CA PRO I 311 26.43 -53.58 19.94
C PRO I 311 25.31 -53.33 18.95
N GLY I 312 25.53 -53.59 17.67
CA GLY I 312 24.56 -53.28 16.64
C GLY I 312 25.08 -52.23 15.68
N GLU I 313 24.21 -51.31 15.31
CA GLU I 313 24.52 -50.35 14.25
C GLU I 313 24.51 -48.96 14.84
N VAL I 314 25.50 -48.15 14.49
CA VAL I 314 25.66 -46.82 15.10
C VAL I 314 24.88 -45.78 14.32
N VAL I 315 24.29 -44.83 15.05
CA VAL I 315 23.60 -43.69 14.45
C VAL I 315 24.07 -42.41 15.11
N VAL I 316 24.90 -41.65 14.40
CA VAL I 316 25.28 -40.34 14.91
C VAL I 316 24.08 -39.40 14.84
N SER I 317 24.04 -38.46 15.79
CA SER I 317 23.14 -37.32 15.75
C SER I 317 24.05 -36.13 15.89
N TYR I 318 24.19 -35.38 14.80
CA TYR I 318 25.20 -34.34 14.69
C TYR I 318 24.65 -33.23 13.82
N GLY I 319 24.83 -32.00 14.29
CA GLY I 319 24.37 -30.82 13.59
C GLY I 319 22.93 -30.96 13.16
N GLY I 320 22.09 -31.30 14.11
CA GLY I 320 20.66 -31.36 13.88
C GLY I 320 20.18 -32.70 13.44
N MET I 321 20.95 -33.41 12.61
CA MET I 321 20.41 -34.56 11.92
C MET I 321 20.79 -35.88 12.58
N ARG I 322 20.11 -36.93 12.17
CA ARG I 322 20.42 -38.29 12.56
C ARG I 322 20.89 -38.96 11.30
N VAL I 323 22.03 -39.62 11.34
CA VAL I 323 22.52 -40.28 10.14
C VAL I 323 23.18 -41.58 10.52
N ARG I 324 22.91 -42.63 9.74
CA ARG I 324 23.52 -43.95 9.77
C ARG I 324 24.71 -43.98 8.84
N PRO I 325 25.93 -43.88 9.35
CA PRO I 325 27.09 -43.72 8.47
C PRO I 325 27.62 -45.07 7.99
N LYS I 326 28.43 -45.01 6.93
CA LYS I 326 29.12 -46.21 6.44
C LYS I 326 30.25 -46.62 7.38
N CYS I 327 31.07 -45.66 7.81
CA CYS I 327 32.02 -45.89 8.89
C CYS I 327 31.91 -44.75 9.90
N TYR I 328 32.38 -45.00 11.13
CA TYR I 328 32.39 -43.99 12.19
C TYR I 328 33.52 -44.32 13.14
N GLY I 329 34.27 -43.32 13.57
CA GLY I 329 35.40 -43.66 14.41
C GLY I 329 36.19 -42.46 14.84
N PHE I 330 37.22 -42.73 15.63
CA PHE I 330 38.11 -41.72 16.16
C PHE I 330 39.50 -42.15 15.72
N SER I 331 40.04 -41.53 14.68
CA SER I 331 41.36 -41.92 14.19
C SER I 331 42.27 -40.70 14.18
N ARG I 332 43.46 -40.89 13.63
CA ARG I 332 44.45 -39.84 13.49
C ARG I 332 44.58 -39.49 12.02
N MET I 333 44.56 -38.18 11.71
CA MET I 333 44.74 -37.66 10.36
C MET I 333 45.70 -36.48 10.39
N MET I 334 46.01 -35.93 9.21
CA MET I 334 46.94 -34.81 9.06
C MET I 334 46.14 -33.56 8.75
N ALA I 335 46.09 -32.63 9.69
CA ALA I 335 45.45 -31.34 9.47
C ALA I 335 46.50 -30.22 9.53
N THR I 336 46.38 -29.25 8.63
CA THR I 336 47.20 -28.04 8.64
C THR I 336 46.31 -26.84 8.97
N LEU I 337 46.88 -25.82 9.61
CA LEU I 337 46.04 -24.75 10.14
C LEU I 337 46.39 -23.38 9.58
N GLU I 338 45.50 -22.44 9.92
CA GLU I 338 45.54 -21.08 9.42
C GLU I 338 46.59 -20.24 10.14
N VAL I 339 47.31 -19.42 9.36
CA VAL I 339 48.24 -18.46 9.92
C VAL I 339 47.59 -17.08 9.72
N SER I 340 47.35 -16.38 10.82
CA SER I 340 46.62 -15.13 10.81
C SER I 340 47.53 -13.90 10.61
N GLU J 20 8.23 3.30 7.66
CA GLU J 20 8.36 3.93 6.34
C GLU J 20 7.26 3.64 5.30
N VAL J 21 6.39 4.64 5.09
CA VAL J 21 5.39 4.54 4.04
C VAL J 21 6.06 4.57 2.68
N LYS J 22 5.85 3.52 1.89
CA LYS J 22 6.41 3.42 0.55
C LYS J 22 5.28 3.20 -0.40
N LEU J 23 5.39 3.76 -1.59
CA LEU J 23 4.52 3.40 -2.69
C LEU J 23 5.40 3.15 -3.90
N MET J 24 5.02 2.17 -4.71
CA MET J 24 5.84 1.82 -5.87
C MET J 24 4.90 1.53 -7.03
N GLU J 25 4.90 2.42 -8.00
CA GLU J 25 4.08 2.24 -9.18
C GLU J 25 4.77 1.28 -10.12
N SER J 26 4.01 0.74 -11.06
CA SER J 26 4.63 -0.19 -12.01
C SER J 26 3.73 -0.48 -13.20
N GLY J 27 4.35 -0.75 -14.36
CA GLY J 27 3.65 -1.32 -15.52
C GLY J 27 3.44 -0.45 -16.74
N GLY J 28 3.97 0.79 -16.74
CA GLY J 28 3.83 1.69 -17.86
C GLY J 28 4.66 1.23 -19.03
N GLY J 29 4.43 1.84 -20.19
CA GLY J 29 5.26 1.46 -21.32
C GLY J 29 4.89 2.11 -22.63
N LEU J 30 5.03 1.32 -23.68
CA LEU J 30 4.56 1.70 -25.00
C LEU J 30 3.28 0.94 -25.29
N VAL J 31 2.21 1.69 -25.50
CA VAL J 31 0.95 1.12 -25.98
C VAL J 31 0.42 2.00 -27.11
N GLN J 32 -0.43 1.43 -27.91
CA GLN J 32 -0.88 2.29 -28.97
C GLN J 32 -2.22 2.92 -28.61
N PRO J 33 -2.54 4.11 -29.13
CA PRO J 33 -3.88 4.68 -28.89
C PRO J 33 -4.97 3.65 -29.12
N GLY J 34 -6.02 3.73 -28.31
CA GLY J 34 -7.09 2.75 -28.24
C GLY J 34 -6.81 1.58 -27.32
N ASP J 35 -5.54 1.14 -27.23
CA ASP J 35 -5.16 0.05 -26.34
C ASP J 35 -5.50 0.40 -24.89
N SER J 36 -5.61 -0.64 -24.08
CA SER J 36 -5.79 -0.49 -22.65
C SER J 36 -4.50 -0.96 -21.96
N LEU J 37 -4.35 -0.57 -20.69
CA LEU J 37 -3.14 -0.84 -19.90
C LEU J 37 -3.48 -0.66 -18.43
N ARG J 38 -2.96 -1.55 -17.57
CA ARG J 38 -3.22 -1.48 -16.13
C ARG J 38 -1.93 -1.14 -15.39
N LEU J 39 -1.96 -0.07 -14.61
CA LEU J 39 -0.87 0.28 -13.69
C LEU J 39 -1.21 -0.18 -12.28
N SER J 40 -0.17 -0.31 -11.46
CA SER J 40 -0.39 -0.79 -10.11
C SER J 40 0.54 -0.09 -9.14
N CYS J 41 0.10 -0.02 -7.89
CA CYS J 41 0.82 0.70 -6.86
C CYS J 41 0.93 -0.24 -5.68
N ALA J 42 2.14 -0.64 -5.36
CA ALA J 42 2.37 -1.58 -4.30
C ALA J 42 2.64 -0.77 -3.05
N ILE J 43 2.10 -1.20 -1.92
CA ILE J 43 2.06 -0.39 -0.72
C ILE J 43 2.59 -1.10 0.50
N SER J 44 3.38 -0.40 1.31
CA SER J 44 3.86 -0.95 2.57
C SER J 44 3.95 0.14 3.63
N GLY J 45 3.80 -0.29 4.87
CA GLY J 45 4.09 0.53 6.04
C GLY J 45 2.89 1.19 6.68
N PHE J 46 1.69 0.89 6.23
CA PHE J 46 0.57 1.58 6.83
C PHE J 46 -0.69 0.78 6.54
N THR J 47 -1.70 0.93 7.38
CA THR J 47 -2.89 0.12 7.15
C THR J 47 -3.59 0.58 5.89
N PHE J 48 -3.39 -0.17 4.82
CA PHE J 48 -3.84 0.25 3.49
C PHE J 48 -5.34 0.58 3.46
N SER J 49 -6.18 -0.16 4.19
CA SER J 49 -7.63 0.04 4.10
C SER J 49 -8.10 1.31 4.77
N ASP J 50 -7.24 1.96 5.52
CA ASP J 50 -7.70 3.13 6.21
C ASP J 50 -7.66 4.34 5.33
N TYR J 51 -6.84 4.32 4.28
CA TYR J 51 -6.48 5.55 3.59
C TYR J 51 -7.14 5.66 2.23
N TYR J 52 -7.58 6.87 1.91
CA TYR J 52 -7.94 7.22 0.55
C TYR J 52 -6.71 7.06 -0.33
N MET J 53 -6.92 6.83 -1.61
CA MET J 53 -5.77 6.61 -2.48
C MET J 53 -6.09 7.27 -3.82
N SER J 54 -5.20 8.13 -4.30
CA SER J 54 -5.47 8.88 -5.52
C SER J 54 -4.34 8.69 -6.52
N TRP J 55 -4.66 8.84 -7.80
CA TRP J 55 -3.68 8.76 -8.88
C TRP J 55 -3.42 10.13 -9.45
N VAL J 56 -2.16 10.46 -9.68
CA VAL J 56 -1.78 11.76 -10.19
C VAL J 56 -0.82 11.56 -11.35
N ARG J 57 -1.10 12.23 -12.45
CA ARG J 57 -0.36 12.09 -13.69
C ARG J 57 0.29 13.43 -14.01
N GLN J 58 1.47 13.37 -14.60
CA GLN J 58 2.24 14.56 -14.97
C GLN J 58 2.74 14.39 -16.39
N PRO J 59 2.04 14.91 -17.39
CA PRO J 59 2.54 14.83 -18.76
C PRO J 59 3.88 15.54 -18.86
N PRO J 60 4.74 15.14 -19.80
CA PRO J 60 6.15 15.57 -19.73
C PRO J 60 6.27 17.06 -20.01
N GLY J 61 7.08 17.73 -19.18
CA GLY J 61 7.21 19.18 -19.27
C GLY J 61 5.92 19.92 -19.04
N LYS J 62 5.07 19.40 -18.16
CA LYS J 62 3.79 20.02 -17.84
C LYS J 62 3.57 19.85 -16.33
N ALA J 63 2.39 20.23 -15.84
CA ALA J 63 2.16 20.24 -14.40
C ALA J 63 1.41 18.98 -13.95
N LEU J 64 1.41 18.77 -12.65
CA LEU J 64 0.68 17.67 -12.03
C LEU J 64 -0.83 17.77 -12.29
N GLU J 65 -1.38 16.75 -12.96
CA GLU J 65 -2.82 16.51 -13.06
C GLU J 65 -3.26 15.53 -11.98
N TRP J 66 -4.34 15.85 -11.30
CA TRP J 66 -4.96 14.89 -10.39
C TRP J 66 -6.05 14.15 -11.14
N LEU J 67 -6.17 12.85 -10.91
CA LEU J 67 -7.10 12.09 -11.75
C LEU J 67 -8.32 11.57 -11.03
N GLY J 68 -8.23 11.28 -9.75
CA GLY J 68 -9.32 10.61 -9.06
C GLY J 68 -8.79 9.88 -7.85
N PHE J 69 -9.72 9.33 -7.08
CA PHE J 69 -9.28 8.53 -5.94
C PHE J 69 -10.24 7.40 -5.62
N ILE J 70 -9.77 6.56 -4.69
CA ILE J 70 -10.55 5.48 -4.10
C ILE J 70 -10.70 5.81 -2.63
N ARG J 71 -11.94 5.97 -2.19
CA ARG J 71 -12.18 6.25 -0.78
C ARG J 71 -11.64 5.10 0.03
N ASN J 72 -11.72 5.19 1.33
CA ASN J 72 -11.10 4.19 2.19
C ASN J 72 -12.13 3.11 2.52
N LYS J 73 -11.78 2.16 3.39
CA LYS J 73 -12.74 1.12 3.75
C LYS J 73 -13.92 1.71 4.51
N ALA J 74 -13.67 2.71 5.36
CA ALA J 74 -14.76 3.31 6.12
C ALA J 74 -15.88 3.73 5.18
N LYS J 75 -15.55 4.46 4.11
CA LYS J 75 -16.56 4.67 3.06
C LYS J 75 -16.55 3.42 2.18
N GLY J 76 -17.49 3.32 1.27
CA GLY J 76 -17.47 2.00 0.66
C GLY J 76 -16.53 1.86 -0.51
N TYR J 77 -15.24 2.01 -0.28
CA TYR J 77 -14.28 2.06 -1.39
C TYR J 77 -14.82 2.75 -2.64
N THR J 78 -15.61 3.81 -2.46
CA THR J 78 -16.15 4.61 -3.55
C THR J 78 -15.02 5.24 -4.36
N THR J 79 -15.30 5.54 -5.63
CA THR J 79 -14.32 6.20 -6.50
C THR J 79 -14.86 7.54 -6.97
N GLU J 80 -13.94 8.41 -7.36
CA GLU J 80 -14.28 9.71 -7.92
C GLU J 80 -13.30 9.92 -9.04
N TYR J 81 -13.75 10.53 -10.14
CA TYR J 81 -12.85 10.66 -11.26
C TYR J 81 -12.83 12.10 -11.73
N SER J 82 -11.64 12.54 -12.09
CA SER J 82 -11.51 13.78 -12.79
C SER J 82 -12.27 13.64 -14.10
N ALA J 83 -12.82 14.74 -14.57
CA ALA J 83 -13.40 14.68 -15.90
C ALA J 83 -12.37 14.23 -16.91
N SER J 84 -11.09 14.56 -16.66
CA SER J 84 -10.02 14.24 -17.61
C SER J 84 -10.07 12.80 -18.06
N VAL J 85 -10.46 11.89 -17.17
CA VAL J 85 -10.35 10.46 -17.44
C VAL J 85 -11.59 9.66 -17.04
N LYS J 86 -12.66 10.34 -16.63
CA LYS J 86 -13.84 9.59 -16.23
C LYS J 86 -14.34 8.77 -17.41
N GLY J 87 -14.78 7.55 -17.13
CA GLY J 87 -15.34 6.68 -18.15
C GLY J 87 -14.35 5.95 -19.04
N ARG J 88 -13.06 6.28 -18.97
CA ARG J 88 -12.01 5.51 -19.63
C ARG J 88 -11.07 4.82 -18.65
N PHE J 89 -10.80 5.48 -17.52
CA PHE J 89 -9.93 4.98 -16.46
C PHE J 89 -10.78 4.51 -15.30
N THR J 90 -10.17 3.70 -14.45
CA THR J 90 -10.89 3.00 -13.40
C THR J 90 -9.94 2.72 -12.27
N ILE J 91 -10.22 3.28 -11.07
CA ILE J 91 -9.38 3.01 -9.91
C ILE J 91 -9.96 1.81 -9.15
N SER J 92 -9.10 0.98 -8.58
CA SER J 92 -9.53 -0.24 -7.90
C SER J 92 -8.45 -0.69 -6.91
N ARG J 93 -8.88 -1.38 -5.87
CA ARG J 93 -7.97 -1.79 -4.83
C ARG J 93 -8.03 -3.30 -4.70
N ASP J 94 -7.03 -3.83 -4.02
CA ASP J 94 -7.08 -5.21 -3.53
C ASP J 94 -6.48 -5.22 -2.12
N ASN J 95 -7.32 -5.12 -1.09
CA ASN J 95 -6.76 -5.21 0.25
C ASN J 95 -6.09 -6.55 0.51
N SER J 96 -6.41 -7.56 -0.29
CA SER J 96 -5.85 -8.88 -0.06
C SER J 96 -4.34 -8.87 -0.24
N GLN J 97 -3.86 -8.28 -1.33
CA GLN J 97 -2.42 -8.21 -1.54
C GLN J 97 -1.87 -6.80 -1.36
N SER J 98 -2.71 -5.85 -0.90
CA SER J 98 -2.28 -4.48 -0.65
C SER J 98 -1.76 -3.84 -1.93
N ILE J 99 -2.67 -3.70 -2.87
CA ILE J 99 -2.28 -3.20 -4.18
C ILE J 99 -3.37 -2.24 -4.61
N LEU J 100 -2.96 -1.06 -5.06
CA LEU J 100 -3.85 -0.11 -5.71
C LEU J 100 -3.63 -0.22 -7.21
N TYR J 101 -4.72 -0.31 -7.98
CA TYR J 101 -4.69 -0.53 -9.42
C TYR J 101 -5.32 0.67 -10.09
N LEU J 102 -4.74 1.15 -11.18
CA LEU J 102 -5.42 2.08 -12.08
C LEU J 102 -5.43 1.47 -13.47
N GLN J 103 -6.61 1.33 -14.04
CA GLN J 103 -6.70 0.67 -15.32
C GLN J 103 -7.22 1.60 -16.39
N MET J 104 -6.39 1.88 -17.39
CA MET J 104 -6.75 2.81 -18.45
C MET J 104 -7.26 1.99 -19.63
N ASN J 105 -8.54 2.20 -20.00
CA ASN J 105 -9.23 1.31 -20.94
C ASN J 105 -9.26 1.81 -22.37
N THR J 106 -9.26 3.13 -22.62
CA THR J 106 -9.28 3.66 -24.00
C THR J 106 -8.17 4.69 -24.12
N LEU J 107 -6.94 4.21 -24.30
CA LEU J 107 -5.81 5.12 -24.24
C LEU J 107 -5.77 6.03 -25.46
N ARG J 108 -5.06 7.14 -25.30
CA ARG J 108 -5.09 8.21 -26.29
C ARG J 108 -3.80 8.97 -26.12
N ALA J 109 -3.30 9.51 -27.22
CA ALA J 109 -1.92 9.98 -27.27
C ALA J 109 -1.59 11.01 -26.16
N GLU J 110 -2.55 11.83 -25.75
CA GLU J 110 -2.27 12.80 -24.68
C GLU J 110 -2.19 12.19 -23.28
N ASP J 111 -2.61 10.94 -23.10
CA ASP J 111 -2.45 10.30 -21.81
C ASP J 111 -0.99 10.05 -21.48
N SER J 112 -0.12 10.04 -22.48
CA SER J 112 1.28 9.76 -22.25
C SER J 112 1.85 10.68 -21.18
N ALA J 113 2.34 10.09 -20.09
CA ALA J 113 2.91 10.84 -18.97
C ALA J 113 3.53 9.83 -18.02
N THR J 114 4.07 10.33 -16.91
CA THR J 114 4.39 9.45 -15.79
C THR J 114 3.29 9.62 -14.74
N TYR J 115 2.86 8.49 -14.19
CA TYR J 115 1.68 8.39 -13.33
C TYR J 115 2.13 8.08 -11.92
N TYR J 116 1.76 8.93 -10.97
CA TYR J 116 2.07 8.67 -9.58
C TYR J 116 0.82 8.17 -8.89
N CYS J 117 1.01 7.34 -7.88
CA CYS J 117 -0.07 7.03 -6.98
C CYS J 117 0.25 7.77 -5.69
N ALA J 118 -0.77 8.14 -4.94
CA ALA J 118 -0.42 8.89 -3.75
C ALA J 118 -1.50 8.73 -2.68
N ARG J 119 -1.04 8.60 -1.43
CA ARG J 119 -1.91 8.44 -0.27
C ARG J 119 -2.46 9.78 0.25
N ASP J 120 -3.77 9.85 0.55
CA ASP J 120 -4.36 11.06 1.13
C ASP J 120 -4.35 10.99 2.64
N TYR J 121 -3.94 12.06 3.27
CA TYR J 121 -4.16 12.23 4.69
C TYR J 121 -5.40 13.09 4.78
N ARG J 122 -6.43 12.64 5.49
CA ARG J 122 -7.68 13.40 5.56
C ARG J 122 -8.14 13.53 7.00
N TYR J 123 -8.34 14.76 7.45
CA TYR J 123 -8.87 15.03 8.79
C TYR J 123 -10.20 15.75 8.66
N ASP J 124 -11.26 14.99 8.30
CA ASP J 124 -12.58 15.52 7.97
C ASP J 124 -13.03 16.65 8.91
N ASP J 125 -12.80 16.52 10.23
CA ASP J 125 -13.23 17.58 11.15
C ASP J 125 -12.68 18.95 10.83
N GLU J 126 -11.45 19.03 10.36
CA GLU J 126 -10.85 20.29 9.99
C GLU J 126 -10.76 20.50 8.48
N TYR J 127 -11.26 19.56 7.68
CA TYR J 127 -11.14 19.68 6.24
C TYR J 127 -9.68 19.76 5.79
N TYR J 128 -8.84 18.89 6.31
CA TYR J 128 -7.45 18.82 5.84
C TYR J 128 -7.34 17.63 4.90
N TYR J 129 -7.22 17.90 3.61
CA TYR J 129 -7.02 16.85 2.63
C TYR J 129 -5.77 17.18 1.83
N ALA J 130 -4.77 16.30 1.92
CA ALA J 130 -3.51 16.46 1.23
C ALA J 130 -3.00 15.07 0.88
N MET J 131 -2.31 14.94 -0.25
CA MET J 131 -1.68 13.67 -0.59
C MET J 131 -0.33 13.68 0.08
N ASP J 132 -0.20 12.95 1.20
CA ASP J 132 0.95 13.14 2.05
C ASP J 132 2.11 12.23 1.72
N TYR J 133 1.95 11.21 0.89
CA TYR J 133 3.05 10.33 0.50
C TYR J 133 2.85 9.85 -0.93
N TRP J 134 3.90 9.88 -1.72
CA TRP J 134 3.72 9.71 -3.14
C TRP J 134 4.47 8.51 -3.66
N GLY J 135 4.06 8.00 -4.81
CA GLY J 135 4.89 7.01 -5.43
C GLY J 135 6.17 7.63 -5.95
N GLN J 136 6.88 6.84 -6.74
CA GLN J 136 8.13 7.27 -7.34
C GLN J 136 7.98 7.58 -8.82
N GLY J 137 6.87 7.18 -9.43
CA GLY J 137 6.47 7.39 -10.81
C GLY J 137 6.57 6.17 -11.71
N THR J 138 5.57 6.00 -12.57
CA THR J 138 5.64 5.08 -13.70
C THR J 138 5.34 5.81 -14.99
N SER J 139 6.20 5.66 -16.00
CA SER J 139 5.99 6.36 -17.25
C SER J 139 5.20 5.51 -18.24
N VAL J 140 4.15 6.12 -18.78
CA VAL J 140 3.37 5.59 -19.89
C VAL J 140 3.45 6.62 -21.01
N THR J 141 3.82 6.17 -22.20
CA THR J 141 3.76 7.00 -23.39
C THR J 141 2.95 6.20 -24.40
N VAL J 142 1.86 6.78 -24.89
CA VAL J 142 0.95 6.11 -25.81
C VAL J 142 1.11 6.75 -27.18
N SER J 143 1.55 5.96 -28.15
CA SER J 143 1.85 6.47 -29.47
C SER J 143 1.53 5.39 -30.49
N SER J 144 1.50 5.79 -31.76
CA SER J 144 1.33 4.83 -32.83
C SER J 144 2.66 4.47 -33.49
N ALA J 145 3.77 5.03 -33.00
CA ALA J 145 5.08 4.81 -33.60
C ALA J 145 5.80 3.69 -32.88
N SER J 146 6.46 2.84 -33.66
CA SER J 146 7.10 1.63 -33.18
C SER J 146 8.43 1.92 -32.49
N THR J 147 8.87 0.98 -31.66
CA THR J 147 10.17 1.17 -31.03
C THR J 147 11.23 1.28 -32.11
N LYS J 148 12.04 2.32 -32.02
CA LYS J 148 13.19 2.37 -32.90
C LYS J 148 14.36 2.82 -32.05
N GLY J 149 15.46 2.07 -32.16
CA GLY J 149 16.70 2.40 -31.51
C GLY J 149 17.49 3.43 -32.29
N PRO J 150 18.47 4.06 -31.65
CA PRO J 150 19.14 5.21 -32.23
C PRO J 150 20.31 4.80 -33.13
N SER J 151 20.68 5.73 -34.00
CA SER J 151 22.00 5.68 -34.60
C SER J 151 22.85 6.59 -33.75
N VAL J 152 24.04 6.13 -33.39
CA VAL J 152 24.94 6.88 -32.52
C VAL J 152 26.12 7.34 -33.35
N PHE J 153 26.31 8.66 -33.44
CA PHE J 153 27.40 9.31 -34.14
C PHE J 153 28.32 10.03 -33.16
N PRO J 154 29.62 10.10 -33.45
CA PRO J 154 30.58 10.79 -32.58
C PRO J 154 30.67 12.30 -32.86
N LEU J 155 31.34 12.99 -31.94
CA LEU J 155 31.66 14.42 -32.07
C LEU J 155 33.17 14.51 -31.88
N ALA J 156 33.90 14.45 -32.99
CA ALA J 156 35.35 14.38 -32.90
C ALA J 156 35.89 15.70 -32.39
N PRO J 157 36.91 15.67 -31.49
CA PRO J 157 37.57 16.85 -30.92
C PRO J 157 38.47 17.62 -31.91
N GLY J 165 45.03 23.51 -24.61
CA GLY J 165 44.38 23.91 -23.38
C GLY J 165 43.52 22.82 -22.76
N THR J 166 42.22 22.87 -23.04
CA THR J 166 41.31 21.77 -22.74
C THR J 166 40.42 21.47 -23.93
N ALA J 167 40.06 20.19 -24.06
CA ALA J 167 39.23 19.77 -25.17
C ALA J 167 37.98 19.09 -24.62
N ALA J 168 36.90 19.25 -25.34
CA ALA J 168 35.64 18.62 -25.00
C ALA J 168 35.32 17.64 -26.11
N LEU J 169 34.62 16.58 -25.75
CA LEU J 169 34.43 15.48 -26.68
C LEU J 169 33.11 14.78 -26.37
N GLY J 170 32.45 14.28 -27.40
CA GLY J 170 31.21 13.58 -27.11
C GLY J 170 30.72 12.78 -28.30
N CYS J 171 29.55 12.15 -28.08
CA CYS J 171 28.74 11.53 -29.11
C CYS J 171 27.31 12.05 -29.00
N LEU J 172 26.61 12.10 -30.14
CA LEU J 172 25.20 12.47 -30.19
C LEU J 172 24.41 11.26 -30.65
N VAL J 173 23.55 10.78 -29.77
CA VAL J 173 22.68 9.67 -30.05
C VAL J 173 21.35 10.21 -30.57
N LYS J 174 20.96 9.72 -31.74
CA LYS J 174 19.96 10.40 -32.56
C LYS J 174 18.88 9.44 -33.02
N ASP J 175 17.64 9.95 -33.08
CA ASP J 175 16.48 9.28 -33.69
C ASP J 175 16.15 7.93 -33.02
N TYR J 176 15.66 8.01 -31.78
CA TYR J 176 15.18 6.84 -31.04
C TYR J 176 13.78 7.15 -30.53
N PHE J 177 12.83 6.21 -30.72
CA PHE J 177 11.49 6.66 -30.33
C PHE J 177 11.14 6.57 -28.84
N PRO J 178 11.27 5.42 -28.18
CA PRO J 178 10.77 5.35 -26.80
C PRO J 178 11.72 6.15 -25.95
N GLU J 179 11.19 6.92 -25.00
CA GLU J 179 11.98 7.98 -24.38
C GLU J 179 13.26 7.55 -23.61
N PRO J 180 13.28 6.51 -22.78
CA PRO J 180 14.51 6.27 -21.99
C PRO J 180 15.65 5.73 -22.85
N VAL J 181 16.76 6.47 -22.91
CA VAL J 181 18.03 6.07 -23.53
C VAL J 181 19.17 6.62 -22.69
N THR J 182 19.97 5.73 -22.10
CA THR J 182 21.12 6.17 -21.33
C THR J 182 22.45 6.08 -22.07
N VAL J 183 23.36 6.93 -21.60
CA VAL J 183 24.71 7.06 -22.12
C VAL J 183 25.68 7.08 -20.93
N SER J 184 26.72 6.25 -21.00
CA SER J 184 27.84 6.22 -20.07
C SER J 184 29.15 6.35 -20.84
N TRP J 185 30.23 6.70 -20.13
CA TRP J 185 31.54 6.95 -20.74
C TRP J 185 32.58 6.00 -20.17
N ASN J 186 33.24 5.24 -21.07
CA ASN J 186 34.27 4.27 -20.67
C ASN J 186 33.69 3.30 -19.65
N SER J 187 32.47 2.86 -19.90
CA SER J 187 31.84 1.82 -19.10
C SER J 187 31.79 2.20 -17.62
N GLY J 188 31.60 3.49 -17.36
CA GLY J 188 31.52 4.03 -16.02
C GLY J 188 32.81 4.55 -15.43
N ALA J 189 33.95 4.32 -16.13
CA ALA J 189 35.23 4.86 -15.70
C ALA J 189 35.27 6.38 -15.77
N LEU J 190 35.03 6.94 -16.95
CA LEU J 190 35.08 8.38 -17.19
C LEU J 190 33.73 9.02 -16.82
N THR J 191 33.72 9.79 -15.74
CA THR J 191 32.46 10.39 -15.30
C THR J 191 32.63 11.87 -14.99
N SER J 192 33.81 12.28 -14.53
CA SER J 192 34.00 13.68 -14.16
C SER J 192 34.14 14.52 -15.42
N GLY J 193 33.35 15.58 -15.49
CA GLY J 193 33.35 16.48 -16.61
C GLY J 193 32.44 16.07 -17.75
N VAL J 194 31.66 15.00 -17.60
CA VAL J 194 30.71 14.60 -18.63
C VAL J 194 29.45 15.41 -18.48
N HIS J 195 28.84 15.79 -19.61
CA HIS J 195 27.49 16.37 -19.63
C HIS J 195 26.71 15.67 -20.72
N THR J 196 25.68 14.91 -20.31
CA THR J 196 24.77 14.24 -21.24
C THR J 196 23.45 15.01 -21.22
N PHE J 197 23.05 15.46 -22.35
CA PHE J 197 21.97 16.44 -22.44
C PHE J 197 20.62 15.76 -22.65
N PRO J 198 19.59 16.40 -22.07
CA PRO J 198 18.23 15.90 -22.24
C PRO J 198 17.84 15.76 -23.70
N ALA J 199 17.23 14.62 -24.00
CA ALA J 199 16.64 14.35 -25.30
C ALA J 199 15.78 15.52 -25.74
N VAL J 200 15.50 15.62 -27.04
CA VAL J 200 14.53 16.58 -27.51
C VAL J 200 13.72 15.88 -28.60
N LEU J 201 12.39 16.03 -28.53
CA LEU J 201 11.49 15.44 -29.51
C LEU J 201 11.47 16.32 -30.74
N GLN J 202 11.86 15.77 -31.86
CA GLN J 202 12.02 16.57 -33.07
C GLN J 202 10.75 16.54 -33.92
N SER J 203 10.77 17.29 -35.02
CA SER J 203 9.67 17.18 -35.98
C SER J 203 9.52 15.72 -36.42
N SER J 204 10.61 14.94 -36.35
CA SER J 204 10.54 13.52 -36.69
C SER J 204 9.42 12.88 -35.90
N GLY J 205 9.15 13.40 -34.70
CA GLY J 205 8.39 12.72 -33.69
C GLY J 205 9.24 11.78 -32.88
N LEU J 206 10.53 11.67 -33.21
CA LEU J 206 11.51 10.86 -32.51
C LEU J 206 12.43 11.78 -31.72
N TYR J 207 13.17 11.17 -30.81
CA TYR J 207 14.04 11.89 -29.89
C TYR J 207 15.49 11.80 -30.34
N SER J 208 16.32 12.69 -29.80
CA SER J 208 17.77 12.65 -30.05
C SER J 208 18.42 13.43 -28.93
N LEU J 209 19.67 13.09 -28.60
CA LEU J 209 20.33 13.83 -27.55
C LEU J 209 21.83 13.88 -27.77
N SER J 210 22.47 14.78 -27.02
CA SER J 210 23.88 15.07 -27.04
C SER J 210 24.51 14.45 -25.79
N SER J 211 25.76 14.01 -25.88
CA SER J 211 26.47 13.71 -24.64
C SER J 211 27.94 14.06 -24.78
N VAL J 212 28.47 14.85 -23.84
CA VAL J 212 29.82 15.37 -23.97
C VAL J 212 30.57 15.31 -22.64
N VAL J 213 31.91 15.41 -22.73
CA VAL J 213 32.83 15.38 -21.60
C VAL J 213 34.01 16.32 -21.86
N THR J 214 34.52 16.90 -20.78
CA THR J 214 35.74 17.69 -20.79
C THR J 214 36.91 16.79 -20.39
N VAL J 215 37.95 16.74 -21.22
CA VAL J 215 39.11 15.91 -20.94
C VAL J 215 40.37 16.76 -21.06
N PRO J 216 41.42 16.47 -20.30
CA PRO J 216 42.68 17.19 -20.51
C PRO J 216 43.19 16.94 -21.93
N SER J 217 43.60 18.04 -22.59
CA SER J 217 44.13 17.96 -23.95
C SER J 217 45.39 17.11 -24.05
N SER J 218 46.10 16.87 -22.91
CA SER J 218 47.29 16.02 -22.77
C SER J 218 46.97 14.53 -22.88
N SER J 219 45.71 14.20 -23.22
CA SER J 219 45.30 12.82 -23.41
C SER J 219 44.66 12.56 -24.77
N LEU J 220 44.56 13.57 -25.63
CA LEU J 220 43.88 13.44 -26.91
C LEU J 220 44.73 12.61 -27.87
N GLY J 221 44.50 11.29 -27.89
CA GLY J 221 45.23 10.36 -28.72
C GLY J 221 46.12 9.42 -27.92
N THR J 222 46.60 9.88 -26.75
CA THR J 222 47.27 9.02 -25.78
C THR J 222 46.29 8.29 -24.88
N GLN J 223 45.02 8.73 -24.87
CA GLN J 223 43.97 8.11 -24.06
C GLN J 223 42.71 7.86 -24.89
N THR J 224 42.19 6.64 -24.80
CA THR J 224 41.09 6.17 -25.61
C THR J 224 39.76 6.36 -24.86
N TYR J 225 38.76 6.91 -25.55
CA TYR J 225 37.47 7.27 -24.95
C TYR J 225 36.32 6.51 -25.62
N ILE J 226 35.57 5.74 -24.82
CA ILE J 226 34.40 5.00 -25.29
C ILE J 226 33.13 5.49 -24.59
N CYS J 227 32.12 5.83 -25.40
CA CYS J 227 30.80 6.21 -24.92
C CYS J 227 29.86 5.02 -25.11
N ASN J 228 29.16 4.66 -24.04
CA ASN J 228 28.33 3.47 -23.98
C ASN J 228 26.87 3.89 -24.10
N VAL J 229 26.25 3.58 -25.22
CA VAL J 229 24.87 3.98 -25.49
C VAL J 229 24.02 2.73 -25.52
N ASN J 230 22.96 2.72 -24.72
CA ASN J 230 22.03 1.60 -24.76
C ASN J 230 20.60 2.12 -24.67
N HIS J 231 19.76 1.50 -25.48
CA HIS J 231 18.33 1.78 -25.64
C HIS J 231 17.54 0.54 -25.31
N LYS J 232 17.12 0.46 -24.05
CA LYS J 232 16.47 -0.76 -23.59
C LYS J 232 15.20 -1.09 -24.38
N PRO J 233 14.31 -0.14 -24.69
CA PRO J 233 13.05 -0.51 -25.33
C PRO J 233 13.20 -1.22 -26.64
N SER J 234 14.22 -0.84 -27.40
CA SER J 234 14.45 -1.49 -28.68
C SER J 234 15.46 -2.59 -28.57
N ASN J 235 15.96 -2.81 -27.35
CA ASN J 235 17.07 -3.71 -27.12
C ASN J 235 18.15 -3.49 -28.16
N THR J 236 18.56 -2.24 -28.31
CA THR J 236 19.69 -1.94 -29.18
C THR J 236 20.73 -1.24 -28.30
N LYS J 237 21.94 -1.76 -28.31
CA LYS J 237 23.00 -1.12 -27.54
C LYS J 237 24.28 -1.19 -28.31
N VAL J 238 24.88 -0.03 -28.55
CA VAL J 238 26.09 0.14 -29.32
C VAL J 238 26.91 1.23 -28.64
N ASP J 239 28.20 0.97 -28.43
CA ASP J 239 29.15 1.94 -27.90
C ASP J 239 30.21 2.30 -28.95
N LYS J 240 30.54 3.61 -29.03
CA LYS J 240 31.29 4.14 -30.15
C LYS J 240 32.63 4.72 -29.73
N LYS J 241 33.60 4.62 -30.65
CA LYS J 241 34.93 5.18 -30.48
C LYS J 241 34.95 6.61 -31.00
N VAL J 242 35.50 7.51 -30.19
CA VAL J 242 35.59 8.93 -30.55
C VAL J 242 37.08 9.30 -30.56
N GLU J 243 37.56 9.74 -31.72
CA GLU J 243 38.96 10.05 -32.00
C GLU J 243 39.01 11.36 -32.76
N PRO J 244 40.20 12.01 -32.83
CA PRO J 244 40.29 13.30 -33.53
C PRO J 244 40.08 13.20 -35.04
N LYS J 245 40.27 14.31 -35.76
CA LYS J 245 40.07 14.36 -37.21
C LYS J 245 38.82 13.66 -37.71
N VAL K 21 -11.17 25.46 -10.86
CA VAL K 21 -10.20 26.46 -10.41
C VAL K 21 -8.91 26.30 -11.18
N VAL K 22 -8.31 27.45 -11.49
CA VAL K 22 -7.07 27.55 -12.23
C VAL K 22 -6.04 28.12 -11.27
N MET K 23 -5.03 27.31 -10.96
CA MET K 23 -3.89 27.74 -10.15
C MET K 23 -2.78 28.22 -11.06
N THR K 24 -2.16 29.35 -10.70
CA THR K 24 -1.05 29.90 -11.48
C THR K 24 0.04 30.42 -10.55
N GLN K 25 1.22 29.85 -10.68
CA GLN K 25 2.39 30.37 -10.00
C GLN K 25 3.06 31.31 -10.99
N THR K 26 3.11 32.60 -10.63
CA THR K 26 3.37 33.64 -11.61
C THR K 26 4.77 33.54 -12.21
N THR K 27 5.74 33.04 -11.46
CA THR K 27 7.13 33.01 -11.86
C THR K 27 7.55 31.65 -12.38
N SER K 28 8.11 31.60 -13.58
CA SER K 28 8.51 30.30 -14.12
C SER K 28 9.63 29.72 -13.27
N SER K 29 10.76 30.39 -13.24
CA SER K 29 11.88 30.05 -12.39
C SER K 29 12.09 31.14 -11.33
N LEU K 30 13.08 30.92 -10.48
CA LEU K 30 13.42 31.91 -9.48
C LEU K 30 14.80 31.58 -8.97
N SER K 31 15.75 32.51 -9.15
CA SER K 31 17.14 32.32 -8.74
C SER K 31 17.35 32.90 -7.35
N ALA K 32 18.23 32.26 -6.57
CA ALA K 32 18.44 32.77 -5.22
C ALA K 32 19.75 32.25 -4.67
N SER K 33 20.14 32.84 -3.55
CA SER K 33 21.43 32.57 -2.95
C SER K 33 21.27 31.75 -1.68
N LEU K 34 22.11 30.74 -1.53
CA LEU K 34 22.09 29.94 -0.30
C LEU K 34 22.08 30.88 0.90
N GLY K 35 21.19 30.60 1.85
CA GLY K 35 21.05 31.36 3.07
C GLY K 35 19.94 32.39 3.06
N ASP K 36 19.56 32.91 1.90
CA ASP K 36 18.54 33.96 1.99
C ASP K 36 17.10 33.43 1.85
N ARG K 37 16.16 34.29 2.26
CA ARG K 37 14.74 33.95 2.23
C ARG K 37 14.20 33.99 0.82
N VAL K 38 13.35 33.03 0.50
CA VAL K 38 12.76 32.88 -0.81
C VAL K 38 11.26 32.76 -0.58
N THR K 39 10.46 33.34 -1.47
CA THR K 39 9.00 33.30 -1.35
C THR K 39 8.40 32.98 -2.71
N ILE K 40 7.76 31.80 -2.82
CA ILE K 40 7.02 31.42 -4.01
C ILE K 40 5.56 31.86 -3.86
N SER K 41 5.00 32.45 -4.90
CA SER K 41 3.65 33.01 -4.84
C SER K 41 2.72 32.30 -5.82
N CYS K 42 1.58 31.86 -5.30
CA CYS K 42 0.56 31.12 -6.01
C CYS K 42 -0.74 31.88 -5.82
N SER K 43 -1.49 32.10 -6.89
CA SER K 43 -2.74 32.85 -6.83
C SER K 43 -3.84 32.03 -7.47
N ALA K 44 -5.04 32.08 -6.90
CA ALA K 44 -6.09 31.18 -7.32
C ALA K 44 -7.17 31.97 -8.03
N SER K 45 -7.61 31.44 -9.17
CA SER K 45 -8.56 32.08 -10.05
C SER K 45 -9.89 32.42 -9.38
N GLN K 46 -10.09 31.99 -8.15
CA GLN K 46 -11.24 32.30 -7.31
C GLN K 46 -10.86 31.92 -5.88
N GLY K 47 -11.48 32.58 -4.90
CA GLY K 47 -11.12 32.37 -3.51
C GLY K 47 -11.22 30.92 -3.09
N ILE K 48 -10.18 30.34 -2.48
CA ILE K 48 -10.21 28.92 -2.16
C ILE K 48 -10.26 28.64 -0.66
N SER K 49 -10.60 29.65 0.14
CA SER K 49 -10.93 29.48 1.56
C SER K 49 -9.87 28.71 2.36
N ASN K 50 -8.62 28.88 1.96
CA ASN K 50 -7.42 28.34 2.60
C ASN K 50 -7.22 26.84 2.37
N TYR K 51 -7.97 26.24 1.45
CA TYR K 51 -7.75 24.85 1.08
C TYR K 51 -6.62 24.78 0.05
N LEU K 52 -5.40 24.87 0.57
CA LEU K 52 -4.20 24.92 -0.26
C LEU K 52 -3.08 24.05 0.29
N ASN K 53 -2.44 23.30 -0.59
CA ASN K 53 -1.34 22.44 -0.24
C ASN K 53 -0.09 22.82 -1.04
N TRP K 54 1.09 22.43 -0.53
CA TRP K 54 2.35 22.77 -1.16
C TRP K 54 3.15 21.50 -1.32
N TYR K 55 3.54 21.18 -2.57
CA TYR K 55 4.37 20.01 -2.85
C TYR K 55 5.74 20.41 -3.38
N GLN K 56 6.75 19.56 -3.12
CA GLN K 56 8.12 19.78 -3.55
C GLN K 56 8.52 18.61 -4.43
N GLN K 57 8.70 18.84 -5.72
CA GLN K 57 9.23 17.84 -6.62
C GLN K 57 10.69 18.16 -6.87
N LYS K 58 11.55 17.17 -6.63
CA LYS K 58 12.96 17.29 -6.94
C LYS K 58 13.24 16.69 -8.33
N PRO K 59 14.39 17.00 -8.93
CA PRO K 59 14.65 16.57 -10.31
C PRO K 59 14.53 15.08 -10.53
N ASP K 60 14.64 14.24 -9.49
CA ASP K 60 14.47 12.80 -9.66
C ASP K 60 13.18 12.42 -10.39
N GLY K 61 12.13 13.21 -10.18
CA GLY K 61 10.76 12.78 -10.34
C GLY K 61 10.05 12.61 -9.00
N THR K 62 10.83 12.49 -7.91
CA THR K 62 10.30 12.26 -6.58
C THR K 62 9.45 13.45 -6.12
N VAL K 63 8.35 13.17 -5.41
CA VAL K 63 7.43 14.21 -4.93
C VAL K 63 7.27 14.12 -3.42
N LYS K 64 7.21 15.26 -2.76
CA LYS K 64 6.99 15.21 -1.32
C LYS K 64 6.00 16.32 -0.98
N LEU K 65 5.22 16.10 0.07
CA LEU K 65 4.35 17.12 0.60
C LEU K 65 5.14 17.97 1.60
N LEU K 66 4.86 19.27 1.64
CA LEU K 66 5.51 20.21 2.57
C LEU K 66 4.56 20.86 3.57
N ILE K 67 3.51 21.51 3.07
CA ILE K 67 2.50 22.21 3.83
C ILE K 67 1.17 21.77 3.29
N TYR K 68 0.23 21.55 4.19
CA TYR K 68 -1.14 21.36 3.75
C TYR K 68 -2.03 22.35 4.50
N TYR K 69 -3.15 22.72 3.86
CA TYR K 69 -4.08 23.73 4.42
C TYR K 69 -3.35 25.04 4.72
N THR K 70 -2.72 25.59 3.68
CA THR K 70 -2.07 26.90 3.69
C THR K 70 -0.79 27.04 4.51
N SER K 71 -0.83 26.71 5.80
CA SER K 71 0.32 26.96 6.66
C SER K 71 0.77 25.79 7.52
N ILE K 72 0.07 24.63 7.49
CA ILE K 72 0.36 23.51 8.40
C ILE K 72 1.46 22.63 7.80
N LEU K 73 2.55 22.48 8.56
CA LEU K 73 3.74 21.81 8.05
C LEU K 73 3.57 20.29 8.08
N HIS K 74 3.87 19.63 6.95
CA HIS K 74 3.75 18.18 6.82
C HIS K 74 4.81 17.48 7.68
N SER K 75 4.58 16.21 7.91
CA SER K 75 5.47 15.40 8.71
C SER K 75 6.93 15.44 8.25
N GLY K 76 7.81 15.71 9.20
CA GLY K 76 9.22 15.61 8.86
C GLY K 76 9.76 16.67 7.94
N VAL K 77 9.04 17.78 7.75
CA VAL K 77 9.49 18.88 6.88
C VAL K 77 10.22 19.90 7.74
N PRO K 78 11.40 20.38 7.34
CA PRO K 78 12.20 21.19 8.27
C PRO K 78 11.56 22.53 8.53
N SER K 79 11.93 23.14 9.64
CA SER K 79 11.21 24.30 10.15
C SER K 79 11.38 25.58 9.33
N ARG K 80 12.42 25.70 8.51
CA ARG K 80 12.61 26.88 7.67
C ARG K 80 11.49 27.05 6.66
N PHE K 81 10.71 26.01 6.43
CA PHE K 81 9.53 26.10 5.58
C PHE K 81 8.34 26.67 6.34
N SER K 82 7.58 27.51 5.65
CA SER K 82 6.44 28.15 6.26
C SER K 82 5.48 28.43 5.14
N GLY K 83 4.20 28.47 5.49
CA GLY K 83 3.15 28.66 4.52
C GLY K 83 2.33 29.88 4.88
N SER K 84 1.77 30.51 3.85
CA SER K 84 1.05 31.76 4.06
C SER K 84 -0.01 31.97 2.99
N GLY K 85 -0.95 32.84 3.31
CA GLY K 85 -1.98 33.24 2.38
C GLY K 85 -3.36 33.27 2.99
N SER K 86 -4.33 33.58 2.12
CA SER K 86 -5.71 33.86 2.44
C SER K 86 -6.43 34.05 1.12
N GLY K 87 -7.73 33.86 1.13
CA GLY K 87 -8.48 34.21 -0.05
C GLY K 87 -8.04 33.53 -1.33
N THR K 88 -7.38 34.29 -2.19
CA THR K 88 -6.88 33.79 -3.47
C THR K 88 -5.36 33.87 -3.59
N ASP K 89 -4.69 34.26 -2.52
CA ASP K 89 -3.29 34.64 -2.60
C ASP K 89 -2.48 33.84 -1.61
N TYR K 90 -1.37 33.24 -2.06
CA TYR K 90 -0.70 32.26 -1.23
C TYR K 90 0.78 32.23 -1.51
N SER K 91 1.53 31.97 -0.44
CA SER K 91 2.97 32.02 -0.48
C SER K 91 3.55 30.92 0.39
N LEU K 92 4.58 30.27 -0.14
CA LEU K 92 5.45 29.33 0.56
C LEU K 92 6.83 29.96 0.69
N THR K 93 7.47 29.84 1.85
CA THR K 93 8.69 30.61 2.07
C THR K 93 9.81 29.79 2.71
N ILE K 94 10.85 29.47 1.94
CA ILE K 94 12.07 28.94 2.54
C ILE K 94 12.82 30.11 3.14
N SER K 95 13.14 30.03 4.43
CA SER K 95 13.76 31.20 5.08
C SER K 95 15.28 31.25 4.95
N ASN K 96 15.97 30.11 4.88
CA ASN K 96 17.42 30.05 4.55
C ASN K 96 17.57 28.99 3.50
N LEU K 97 17.54 29.34 2.22
CA LEU K 97 17.75 28.34 1.17
C LEU K 97 18.93 27.44 1.50
N GLU K 98 18.67 26.15 1.50
CA GLU K 98 19.71 25.15 1.71
C GLU K 98 19.82 24.29 0.45
N PRO K 99 20.98 23.67 0.25
CA PRO K 99 21.22 23.02 -1.04
C PRO K 99 20.19 21.98 -1.46
N GLU K 100 19.68 21.17 -0.55
CA GLU K 100 18.68 20.19 -0.96
C GLU K 100 17.41 20.87 -1.45
N ASP K 101 17.13 22.10 -0.97
CA ASP K 101 15.85 22.71 -1.26
C ASP K 101 15.72 23.10 -2.72
N ILE K 102 16.78 22.99 -3.50
CA ILE K 102 16.64 23.37 -4.90
C ILE K 102 15.74 22.32 -5.53
N ALA K 103 14.54 22.75 -5.90
CA ALA K 103 13.52 21.83 -6.38
C ALA K 103 12.38 22.64 -6.98
N THR K 104 11.57 21.99 -7.82
CA THR K 104 10.38 22.63 -8.32
C THR K 104 9.30 22.58 -7.25
N TYR K 105 8.56 23.68 -7.06
CA TYR K 105 7.57 23.75 -6.01
C TYR K 105 6.17 23.93 -6.56
N TYR K 106 5.30 22.96 -6.32
CA TYR K 106 3.92 23.03 -6.79
C TYR K 106 2.96 23.29 -5.64
N CYS K 107 2.00 24.19 -5.89
CA CYS K 107 0.88 24.45 -5.00
C CYS K 107 -0.31 23.66 -5.53
N GLN K 108 -1.26 23.39 -4.64
CA GLN K 108 -2.43 22.61 -5.01
C GLN K 108 -3.61 23.09 -4.19
N GLN K 109 -4.75 23.18 -4.88
CA GLN K 109 -5.99 23.64 -4.28
C GLN K 109 -6.91 22.44 -4.10
N TYR K 110 -7.75 22.51 -3.06
CA TYR K 110 -8.82 21.54 -2.97
C TYR K 110 -10.12 22.20 -2.52
N SER K 111 -10.34 23.44 -2.96
CA SER K 111 -11.65 24.03 -2.68
C SER K 111 -12.73 23.48 -3.60
N LYS K 112 -12.50 23.51 -4.89
CA LYS K 112 -13.50 23.02 -5.83
C LYS K 112 -13.05 21.65 -6.33
N PHE K 113 -13.97 20.92 -7.06
CA PHE K 113 -13.75 19.47 -7.16
C PHE K 113 -12.43 19.05 -7.79
N PRO K 114 -12.22 19.21 -9.09
CA PRO K 114 -11.01 18.61 -9.65
C PRO K 114 -9.83 19.34 -9.04
N ARG K 115 -9.16 18.69 -8.11
CA ARG K 115 -7.97 19.28 -7.48
C ARG K 115 -7.02 19.71 -8.58
N THR K 116 -6.56 20.95 -8.53
CA THR K 116 -5.63 21.44 -9.53
C THR K 116 -4.37 21.95 -8.83
N PHE K 117 -3.22 21.76 -9.48
CA PHE K 117 -1.95 22.24 -8.97
C PHE K 117 -1.54 23.52 -9.69
N GLY K 118 -0.60 24.27 -9.07
CA GLY K 118 -0.02 25.42 -9.74
C GLY K 118 0.74 25.04 -11.00
N GLY K 119 1.67 25.89 -11.43
CA GLY K 119 2.39 25.58 -12.66
C GLY K 119 3.81 25.19 -12.35
N GLY K 120 4.16 25.32 -11.08
CA GLY K 120 5.48 25.03 -10.62
C GLY K 120 6.30 26.31 -10.50
N THR K 121 7.44 26.16 -9.85
CA THR K 121 8.40 27.26 -9.67
C THR K 121 9.74 26.58 -9.39
N LYS K 122 10.59 26.38 -10.39
CA LYS K 122 11.81 25.68 -10.02
C LYS K 122 12.88 26.67 -9.62
N LEU K 123 13.76 26.23 -8.73
CA LEU K 123 14.64 27.11 -7.99
C LEU K 123 16.09 26.90 -8.41
N GLU K 124 16.77 27.97 -8.76
CA GLU K 124 18.20 27.88 -9.01
C GLU K 124 18.97 28.69 -7.97
N ILE K 125 20.23 28.32 -7.80
CA ILE K 125 21.15 28.95 -6.86
C ILE K 125 21.83 30.16 -7.48
N LYS K 126 22.00 31.22 -6.68
CA LYS K 126 22.83 32.35 -7.08
C LYS K 126 24.28 32.01 -6.74
N ARG K 127 25.19 32.25 -7.69
CA ARG K 127 26.61 32.03 -7.50
C ARG K 127 27.39 33.10 -8.28
N THR K 128 28.72 33.07 -8.17
CA THR K 128 29.52 33.99 -8.95
C THR K 128 29.29 33.70 -10.44
N VAL K 129 29.17 34.77 -11.24
CA VAL K 129 28.99 34.64 -12.67
C VAL K 129 30.10 33.80 -13.27
N ALA K 130 29.76 32.99 -14.27
CA ALA K 130 30.67 32.03 -14.91
C ALA K 130 30.64 32.21 -16.41
N ALA K 131 31.85 32.12 -17.06
CA ALA K 131 31.66 32.31 -18.49
C ALA K 131 31.57 30.97 -19.22
N PRO K 132 30.81 30.88 -20.31
CA PRO K 132 30.76 29.62 -21.05
C PRO K 132 32.11 29.29 -21.68
N SER K 133 32.29 28.02 -22.01
CA SER K 133 33.46 27.53 -22.75
C SER K 133 32.88 26.93 -24.01
N VAL K 134 32.73 27.73 -25.04
CA VAL K 134 31.92 27.32 -26.17
C VAL K 134 32.74 26.47 -27.12
N PHE K 135 32.25 25.26 -27.43
CA PHE K 135 32.83 24.39 -28.44
C PHE K 135 31.81 24.12 -29.54
N ILE K 136 32.33 23.69 -30.69
CA ILE K 136 31.49 23.33 -31.82
C ILE K 136 32.08 22.08 -32.47
N PHE K 137 31.19 21.24 -32.96
CA PHE K 137 31.50 19.93 -33.51
C PHE K 137 30.77 19.81 -34.84
N PRO K 138 31.45 19.42 -35.91
CA PRO K 138 30.82 19.30 -37.21
C PRO K 138 30.28 17.90 -37.40
N PRO K 139 29.25 17.74 -38.23
CA PRO K 139 28.66 16.41 -38.42
C PRO K 139 29.73 15.38 -38.81
N SER K 140 29.59 14.17 -38.25
CA SER K 140 30.53 13.07 -38.38
C SER K 140 30.34 12.32 -39.71
N ASP K 141 31.36 11.55 -40.07
CA ASP K 141 31.38 10.89 -41.38
C ASP K 141 30.15 10.02 -41.57
N GLU K 142 29.96 9.03 -40.68
CA GLU K 142 28.81 8.13 -40.78
C GLU K 142 27.52 8.90 -40.89
N GLN K 143 27.37 9.96 -40.11
CA GLN K 143 26.12 10.70 -40.09
C GLN K 143 25.80 11.24 -41.47
N LEU K 144 26.83 11.68 -42.21
CA LEU K 144 26.58 12.13 -43.59
C LEU K 144 26.33 10.94 -44.51
N LYS K 145 27.05 9.83 -44.32
CA LYS K 145 26.82 8.64 -45.12
C LYS K 145 25.36 8.19 -45.05
N SER K 146 24.52 8.94 -44.30
CA SER K 146 23.13 8.57 -44.08
C SER K 146 22.11 9.68 -44.28
N GLY K 147 22.51 10.92 -44.55
CA GLY K 147 21.52 11.91 -44.94
C GLY K 147 21.25 13.06 -43.99
N THR K 148 21.97 13.21 -42.92
CA THR K 148 21.76 14.35 -42.05
C THR K 148 23.09 14.89 -41.58
N ALA K 149 23.12 16.20 -41.36
CA ALA K 149 24.28 16.86 -40.82
C ALA K 149 23.80 17.63 -39.62
N SER K 150 24.46 17.41 -38.49
CA SER K 150 24.08 18.03 -37.23
C SER K 150 25.31 18.77 -36.73
N VAL K 151 25.19 20.06 -36.61
CA VAL K 151 26.25 20.83 -36.00
C VAL K 151 25.79 21.06 -34.57
N VAL K 152 26.73 21.07 -33.65
CA VAL K 152 26.38 21.15 -32.25
C VAL K 152 27.30 22.15 -31.59
N CYS K 153 26.74 23.15 -30.93
CA CYS K 153 27.55 24.05 -30.13
C CYS K 153 27.30 23.71 -28.67
N LEU K 154 28.38 23.48 -27.93
CA LEU K 154 28.33 23.11 -26.53
C LEU K 154 28.78 24.31 -25.73
N LEU K 155 28.01 24.68 -24.74
CA LEU K 155 28.40 25.72 -23.80
C LEU K 155 28.59 25.02 -22.47
N ASN K 156 29.77 25.11 -21.90
CA ASN K 156 30.07 24.27 -20.76
C ASN K 156 30.27 25.08 -19.49
N ASN K 157 29.53 24.71 -18.46
CA ASN K 157 29.68 25.28 -17.12
C ASN K 157 29.59 26.82 -17.12
N PHE K 158 28.46 27.35 -17.59
CA PHE K 158 28.23 28.80 -17.55
C PHE K 158 27.08 29.15 -16.60
N TYR K 159 27.28 30.20 -15.80
CA TYR K 159 26.24 30.72 -14.90
C TYR K 159 26.10 32.23 -15.06
N PRO K 160 24.86 32.77 -15.09
CA PRO K 160 23.54 32.14 -14.97
C PRO K 160 23.08 31.45 -16.25
N ARG K 161 22.00 30.68 -16.05
CA ARG K 161 21.44 29.83 -17.10
C ARG K 161 21.12 30.62 -18.36
N GLU K 162 20.64 31.85 -18.22
CA GLU K 162 20.23 32.59 -19.41
C GLU K 162 21.41 32.77 -20.35
N ALA K 163 21.17 32.51 -21.64
CA ALA K 163 22.14 32.62 -22.73
C ALA K 163 21.43 32.52 -24.08
N LYS K 164 22.06 33.09 -25.12
CA LYS K 164 21.51 33.23 -26.48
C LYS K 164 22.47 32.69 -27.52
N VAL K 165 22.10 31.56 -28.16
CA VAL K 165 22.91 30.95 -29.21
C VAL K 165 22.22 31.18 -30.54
N GLN K 166 22.97 31.72 -31.52
CA GLN K 166 22.52 31.90 -32.90
C GLN K 166 23.49 31.22 -33.86
N TRP K 167 22.94 30.46 -34.81
CA TRP K 167 23.69 29.72 -35.82
C TRP K 167 23.71 30.50 -37.14
N LYS K 168 24.88 30.59 -37.76
CA LYS K 168 25.02 31.31 -39.03
C LYS K 168 25.62 30.36 -40.07
N VAL K 169 24.94 30.21 -41.21
CA VAL K 169 25.50 29.54 -42.39
C VAL K 169 25.93 30.65 -43.35
N ASP K 170 27.23 30.74 -43.62
CA ASP K 170 27.81 31.84 -44.40
C ASP K 170 27.21 33.20 -43.99
N ASN K 171 27.31 33.50 -42.68
CA ASN K 171 26.84 34.76 -42.06
C ASN K 171 25.32 34.96 -42.25
N ALA K 172 24.54 33.88 -42.29
CA ALA K 172 23.08 33.95 -42.39
C ALA K 172 22.44 33.34 -41.14
N LEU K 173 21.72 34.17 -40.37
CA LEU K 173 21.08 33.73 -39.13
C LEU K 173 20.10 32.59 -39.42
N GLN K 174 20.34 31.41 -38.84
CA GLN K 174 19.49 30.25 -39.07
C GLN K 174 18.56 30.08 -37.88
N SER K 175 17.25 30.20 -38.13
CA SER K 175 16.21 29.92 -37.15
C SER K 175 15.07 29.22 -37.88
N GLY K 176 14.60 28.12 -37.29
CA GLY K 176 13.63 27.25 -37.94
C GLY K 176 14.15 25.88 -38.26
N ASN K 177 15.44 25.64 -37.96
CA ASN K 177 16.11 24.37 -38.22
C ASN K 177 17.01 23.92 -37.08
N SER K 178 16.93 24.55 -35.92
CA SER K 178 17.77 24.20 -34.77
C SER K 178 16.92 23.81 -33.56
N GLN K 179 17.57 23.08 -32.64
CA GLN K 179 16.95 22.69 -31.37
C GLN K 179 17.96 22.78 -30.23
N GLU K 180 17.47 23.18 -29.07
CA GLU K 180 18.28 23.42 -27.89
C GLU K 180 17.95 22.45 -26.76
N SER K 181 18.89 22.27 -25.83
CA SER K 181 18.68 21.43 -24.67
C SER K 181 19.64 21.88 -23.59
N VAL K 182 19.13 22.10 -22.40
CA VAL K 182 19.96 22.59 -21.30
C VAL K 182 20.03 21.53 -20.22
N THR K 183 21.23 21.35 -19.68
CA THR K 183 21.40 20.50 -18.53
C THR K 183 20.69 21.11 -17.32
N GLU K 184 20.60 20.36 -16.25
CA GLU K 184 20.16 20.97 -15.01
C GLU K 184 21.35 21.64 -14.35
N GLN K 185 21.08 22.71 -13.61
CA GLN K 185 22.14 23.41 -12.87
C GLN K 185 22.97 22.36 -12.16
N ASP K 186 24.27 22.35 -12.43
CA ASP K 186 25.09 21.23 -11.98
C ASP K 186 25.18 21.17 -10.47
N SER K 187 25.22 19.93 -9.97
CA SER K 187 25.22 19.67 -8.55
C SER K 187 26.48 20.21 -7.88
N LYS K 188 27.64 20.08 -8.54
CA LYS K 188 28.88 20.38 -7.84
C LYS K 188 29.21 21.88 -7.85
N ASP K 189 29.00 22.59 -8.97
CA ASP K 189 29.46 23.98 -9.09
C ASP K 189 28.35 24.97 -9.41
N SER K 190 27.10 24.53 -9.51
CA SER K 190 25.94 25.39 -9.77
C SER K 190 26.04 26.13 -11.11
N THR K 191 26.73 25.53 -12.08
CA THR K 191 26.85 26.08 -13.41
C THR K 191 25.86 25.37 -14.33
N TYR K 192 25.64 25.90 -15.53
CA TYR K 192 24.76 25.27 -16.50
C TYR K 192 25.53 24.79 -17.71
N SER K 193 24.84 24.10 -18.61
CA SER K 193 25.43 23.63 -19.85
C SER K 193 24.32 23.51 -20.89
N LEU K 194 24.67 23.79 -22.15
CA LEU K 194 23.70 23.88 -23.24
C LEU K 194 24.17 23.09 -24.44
N SER K 195 23.24 22.48 -25.18
CA SER K 195 23.59 21.95 -26.49
C SER K 195 22.60 22.52 -27.48
N SER K 196 23.11 23.27 -28.45
CA SER K 196 22.30 23.74 -29.55
C SER K 196 22.71 22.86 -30.71
N THR K 197 21.73 22.32 -31.41
CA THR K 197 22.01 21.36 -32.46
C THR K 197 21.31 21.84 -33.70
N LEU K 198 22.10 22.12 -34.73
CA LEU K 198 21.60 22.58 -36.03
C LEU K 198 21.49 21.34 -36.89
N THR K 199 20.27 20.93 -37.14
CA THR K 199 20.02 19.68 -37.83
C THR K 199 19.70 20.05 -39.27
N LEU K 200 20.54 19.58 -40.18
CA LEU K 200 20.38 19.87 -41.59
C LEU K 200 20.46 18.61 -42.43
N SER K 201 20.01 18.77 -43.66
CA SER K 201 20.17 17.75 -44.68
C SER K 201 21.59 17.83 -45.24
N LYS K 202 22.02 16.73 -45.87
CA LYS K 202 23.31 16.74 -46.57
C LYS K 202 23.23 17.59 -47.83
N ALA K 203 22.04 17.71 -48.42
CA ALA K 203 21.85 18.64 -49.53
C ALA K 203 22.23 20.04 -49.09
N ASP K 204 21.55 20.55 -48.08
CA ASP K 204 21.79 21.91 -47.59
C ASP K 204 23.12 22.07 -46.86
N TYR K 205 23.72 20.98 -46.35
CA TYR K 205 25.03 21.10 -45.72
C TYR K 205 26.08 21.52 -46.73
N GLU K 206 26.11 20.85 -47.89
CA GLU K 206 27.07 21.06 -48.96
C GLU K 206 26.81 22.34 -49.76
N LYS K 207 25.62 22.93 -49.65
CA LYS K 207 25.29 24.15 -50.35
C LYS K 207 25.86 25.38 -49.67
N HIS K 208 26.53 25.21 -48.53
CA HIS K 208 27.15 26.32 -47.81
C HIS K 208 28.50 25.86 -47.30
N LYS K 209 29.25 26.77 -46.69
CA LYS K 209 30.65 26.48 -46.38
C LYS K 209 31.06 26.70 -44.93
N VAL K 210 30.85 27.93 -44.42
CA VAL K 210 31.28 28.31 -43.08
C VAL K 210 30.10 28.27 -42.12
N TYR K 211 30.26 27.54 -41.03
CA TYR K 211 29.22 27.41 -40.02
C TYR K 211 29.76 27.95 -38.70
N ALA K 212 28.95 28.78 -38.03
CA ALA K 212 29.27 29.36 -36.73
C ALA K 212 28.05 29.45 -35.82
N CYS K 213 28.31 29.45 -34.50
CA CYS K 213 27.32 29.71 -33.46
C CYS K 213 27.78 30.99 -32.74
N GLU K 214 26.86 31.90 -32.44
CA GLU K 214 27.18 33.07 -31.64
C GLU K 214 26.43 33.05 -30.31
N VAL K 215 27.15 33.37 -29.21
CA VAL K 215 26.61 33.28 -27.85
C VAL K 215 26.95 34.54 -27.04
N THR K 216 25.93 35.13 -26.41
CA THR K 216 26.10 36.23 -25.46
C THR K 216 25.93 35.72 -24.03
N HIS K 217 26.51 36.47 -23.08
CA HIS K 217 26.46 36.03 -21.68
C HIS K 217 26.99 37.15 -20.79
N GLN K 218 26.74 37.02 -19.47
CA GLN K 218 27.23 38.02 -18.51
C GLN K 218 28.71 37.85 -18.20
N GLY K 219 29.25 36.65 -18.38
CA GLY K 219 30.69 36.44 -18.25
C GLY K 219 31.51 36.76 -19.49
N LEU K 220 30.83 37.07 -20.59
CA LEU K 220 31.44 37.45 -21.86
C LEU K 220 31.56 38.96 -21.99
N SER K 221 32.77 39.46 -22.29
CA SER K 221 32.93 40.87 -22.59
C SER K 221 32.18 41.22 -23.88
N SER K 222 32.33 40.39 -24.90
CA SER K 222 31.68 40.60 -26.18
C SER K 222 31.33 39.25 -26.79
N PRO K 223 30.25 39.17 -27.59
CA PRO K 223 29.78 37.85 -28.08
C PRO K 223 30.79 37.01 -28.85
N VAL K 224 31.28 35.94 -28.21
CA VAL K 224 32.17 34.96 -28.86
C VAL K 224 31.42 34.08 -29.87
N THR K 225 32.14 33.70 -30.93
CA THR K 225 31.67 32.77 -31.95
C THR K 225 32.77 31.76 -32.27
N LYS K 226 32.41 30.48 -32.26
CA LYS K 226 33.28 29.41 -32.73
C LYS K 226 32.69 28.82 -34.02
N SER K 227 33.57 28.45 -34.95
CA SER K 227 33.14 28.04 -36.29
C SER K 227 34.13 27.08 -36.94
N PHE K 228 33.70 26.47 -38.05
CA PHE K 228 34.55 25.61 -38.88
C PHE K 228 34.20 25.80 -40.34
N ASN K 229 35.14 25.39 -41.19
CA ASN K 229 35.01 25.44 -42.65
C ASN K 229 34.97 24.02 -43.20
N ARG K 230 33.86 23.69 -43.88
CA ARG K 230 33.55 22.30 -44.20
C ARG K 230 34.70 21.62 -44.91
N GLY K 231 34.87 20.33 -44.66
CA GLY K 231 35.87 19.53 -45.34
C GLY K 231 37.31 19.76 -44.94
N GLU K 232 37.60 20.68 -44.02
CA GLU K 232 38.96 20.97 -43.63
C GLU K 232 39.12 21.19 -42.15
N GLY L 22 -41.61 39.96 18.60
CA GLY L 22 -41.24 41.37 18.53
C GLY L 22 -39.92 41.66 17.83
N PRO L 23 -39.67 42.93 17.47
CA PRO L 23 -38.63 43.23 16.47
C PRO L 23 -37.25 43.05 17.03
N ILE L 24 -36.25 43.45 16.26
CA ILE L 24 -34.88 43.40 16.70
C ILE L 24 -34.40 44.77 17.18
N ILE L 25 -34.76 45.82 16.43
CA ILE L 25 -34.44 47.22 16.74
C ILE L 25 -35.64 48.13 16.56
N CYS L 26 -36.14 48.24 15.32
CA CYS L 26 -37.14 49.24 14.95
C CYS L 26 -38.52 48.60 14.75
N ALA L 27 -39.54 49.26 15.32
CA ALA L 27 -40.90 48.77 15.15
C ALA L 27 -41.40 49.03 13.74
N GLY L 28 -42.48 48.35 13.42
CA GLY L 28 -43.06 48.35 12.10
C GLY L 28 -43.17 49.74 11.54
N PRO L 29 -43.01 49.85 10.23
CA PRO L 29 -42.98 51.17 9.61
C PRO L 29 -44.37 51.77 9.45
N ILE L 30 -44.43 53.10 9.61
CA ILE L 30 -45.62 53.88 9.33
C ILE L 30 -45.28 54.83 8.19
N HIS L 31 -45.35 54.31 6.96
CA HIS L 31 -44.82 54.97 5.78
C HIS L 31 -45.72 56.12 5.30
N SER L 32 -45.10 57.18 4.80
CA SER L 32 -45.83 58.34 4.28
C SER L 32 -46.37 58.08 2.86
N ASN L 33 -45.46 57.88 1.90
CA ASN L 33 -45.86 57.75 0.50
C ASN L 33 -45.20 56.55 -0.18
N LYS L 34 -46.00 55.88 -1.02
CA LYS L 34 -45.56 54.71 -1.77
C LYS L 34 -44.47 55.03 -2.78
N SER L 35 -44.28 56.30 -3.14
CA SER L 35 -43.29 56.66 -4.14
C SER L 35 -41.92 56.93 -3.53
N ALA L 36 -41.82 56.93 -2.20
CA ALA L 36 -40.58 57.26 -1.52
C ALA L 36 -39.48 56.28 -1.90
N ASP L 37 -38.25 56.75 -1.85
CA ASP L 37 -37.15 55.94 -2.32
C ASP L 37 -36.60 55.08 -1.20
N ILE L 38 -35.90 54.02 -1.58
CA ILE L 38 -35.33 53.08 -0.64
C ILE L 38 -33.84 53.39 -0.50
N PRO L 39 -33.37 53.83 0.66
CA PRO L 39 -31.95 54.12 0.80
C PRO L 39 -31.14 52.84 0.95
N HIS L 40 -29.91 52.89 0.45
CA HIS L 40 -28.91 51.86 0.72
C HIS L 40 -28.06 52.38 1.88
N LEU L 41 -28.21 51.78 3.04
CA LEU L 41 -27.43 52.21 4.20
C LEU L 41 -26.29 51.23 4.45
N LEU L 42 -25.25 51.74 5.09
CA LEU L 42 -24.04 50.98 5.32
C LEU L 42 -23.91 50.47 6.74
N GLY L 43 -24.55 51.13 7.71
CA GLY L 43 -24.50 50.66 9.09
C GLY L 43 -25.08 49.27 9.21
N TYR L 44 -24.59 48.52 10.20
CA TYR L 44 -25.15 47.19 10.42
C TYR L 44 -26.57 47.26 10.97
N SER L 45 -26.72 47.98 12.08
CA SER L 45 -28.02 48.03 12.71
C SER L 45 -29.01 48.75 11.82
N GLU L 46 -28.51 49.68 11.01
CA GLU L 46 -29.30 50.34 9.98
C GLU L 46 -29.88 49.33 9.00
N LYS L 47 -29.10 48.32 8.60
CA LYS L 47 -29.65 47.27 7.75
C LYS L 47 -30.60 46.40 8.54
N ILE L 48 -30.23 46.05 9.78
CA ILE L 48 -31.08 45.25 10.64
C ILE L 48 -32.42 45.93 10.86
N CYS L 49 -32.38 47.24 11.08
CA CYS L 49 -33.61 48.03 11.21
C CYS L 49 -34.46 47.96 9.94
N GLN L 50 -33.83 48.12 8.77
CA GLN L 50 -34.53 48.00 7.50
C GLN L 50 -35.22 46.64 7.35
N ILE L 51 -34.57 45.59 7.86
CA ILE L 51 -35.16 44.26 7.76
C ILE L 51 -36.37 44.16 8.67
N ASP L 52 -36.28 44.80 9.85
CA ASP L 52 -37.40 44.79 10.78
C ASP L 52 -38.64 45.42 10.15
N ARG L 53 -38.45 46.46 9.34
CA ARG L 53 -39.50 47.20 8.66
C ARG L 53 -39.83 46.65 7.27
N LEU L 54 -39.38 45.44 6.94
CA LEU L 54 -39.72 44.78 5.67
C LEU L 54 -39.36 45.65 4.47
N ILE L 55 -38.46 46.60 4.69
CA ILE L 55 -38.04 47.46 3.61
C ILE L 55 -37.35 46.65 2.54
N HIS L 56 -36.69 45.56 2.94
CA HIS L 56 -35.99 44.78 1.93
C HIS L 56 -36.96 44.04 1.03
N VAL L 57 -37.97 43.38 1.62
CA VAL L 57 -38.99 42.72 0.81
C VAL L 57 -39.63 43.72 -0.15
N SER L 58 -39.85 44.95 0.32
CA SER L 58 -40.35 45.99 -0.57
C SER L 58 -39.37 46.21 -1.71
N SER L 59 -38.09 46.45 -1.36
CA SER L 59 -37.05 46.62 -2.37
C SER L 59 -36.97 45.44 -3.32
N TRP L 60 -37.02 44.22 -2.78
CA TRP L 60 -37.06 43.05 -3.65
C TRP L 60 -38.21 43.17 -4.64
N LEU L 61 -39.36 43.62 -4.14
CA LEU L 61 -40.56 43.71 -4.96
C LEU L 61 -40.46 44.80 -6.01
N ARG L 62 -39.91 45.96 -5.65
CA ARG L 62 -39.67 46.98 -6.65
C ARG L 62 -38.70 46.49 -7.72
N ASN L 63 -37.47 46.10 -7.30
CA ASN L 63 -36.45 45.66 -8.25
C ASN L 63 -36.94 44.51 -9.14
N HIS L 64 -38.00 43.81 -8.77
CA HIS L 64 -38.28 42.54 -9.44
C HIS L 64 -39.66 42.43 -10.07
N SER L 65 -40.69 43.06 -9.48
CA SER L 65 -42.05 42.90 -9.95
C SER L 65 -42.66 44.22 -10.41
N GLN L 66 -41.82 45.26 -10.53
CA GLN L 66 -42.29 46.61 -10.81
C GLN L 66 -43.47 46.94 -9.90
N PHE L 67 -43.33 46.56 -8.64
CA PHE L 67 -44.29 46.88 -7.60
C PHE L 67 -43.95 48.26 -7.08
N GLN L 68 -44.98 49.04 -6.80
CA GLN L 68 -44.82 50.41 -6.31
C GLN L 68 -45.25 50.50 -4.86
N GLY L 69 -44.30 50.82 -3.99
CA GLY L 69 -44.60 51.15 -2.61
C GLY L 69 -43.90 50.22 -1.65
N TYR L 70 -44.60 49.89 -0.58
CA TYR L 70 -44.00 49.14 0.51
C TYR L 70 -44.81 47.91 0.85
N VAL L 71 -44.25 47.21 1.83
CA VAL L 71 -44.87 46.09 2.50
C VAL L 71 -44.55 46.25 3.97
N GLY L 72 -45.38 45.61 4.81
CA GLY L 72 -45.21 45.64 6.25
C GLY L 72 -45.74 46.87 6.94
N GLN L 73 -46.75 47.52 6.36
CA GLN L 73 -47.26 48.75 6.94
C GLN L 73 -47.83 48.46 8.31
N ARG L 74 -47.27 49.12 9.32
CA ARG L 74 -47.68 49.08 10.72
C ARG L 74 -47.54 47.69 11.30
N GLY L 75 -47.12 46.70 10.51
CA GLY L 75 -46.90 45.35 11.01
C GLY L 75 -45.46 45.00 11.37
N GLY L 76 -44.54 45.24 10.43
CA GLY L 76 -43.15 44.90 10.65
C GLY L 76 -42.86 43.44 10.33
N ARG L 77 -41.61 43.05 10.57
CA ARG L 77 -41.18 41.71 10.18
C ARG L 77 -41.85 40.64 11.01
N SER L 78 -42.06 40.92 12.30
CA SER L 78 -42.61 39.93 13.21
C SER L 78 -44.02 39.53 12.86
N GLN L 79 -44.66 40.26 11.94
CA GLN L 79 -46.04 40.04 11.58
C GLN L 79 -46.21 39.43 10.18
N VAL L 80 -45.19 38.78 9.65
CA VAL L 80 -45.28 38.14 8.35
C VAL L 80 -45.96 36.78 8.48
N SER L 81 -46.55 36.32 7.39
CA SER L 81 -47.14 34.99 7.34
C SER L 81 -46.09 33.94 6.95
N TYR L 82 -46.01 32.89 7.75
CA TYR L 82 -45.14 31.75 7.52
C TYR L 82 -45.98 30.50 7.26
N TYR L 83 -45.61 29.70 6.25
CA TYR L 83 -46.14 28.36 6.10
C TYR L 83 -45.04 27.35 6.44
N PRO L 84 -45.22 26.39 7.37
CA PRO L 84 -46.31 26.11 8.30
C PRO L 84 -46.49 27.22 9.32
N ALA L 85 -47.75 27.54 9.59
CA ALA L 85 -48.07 28.76 10.31
C ALA L 85 -47.46 28.78 11.71
N GLU L 86 -47.42 27.65 12.40
CA GLU L 86 -46.58 27.61 13.58
C GLU L 86 -45.18 27.28 13.11
N ASN L 87 -44.21 27.93 13.76
CA ASN L 87 -42.94 28.22 13.10
C ASN L 87 -41.96 28.59 14.21
N SER L 88 -41.09 27.64 14.57
CA SER L 88 -40.28 27.77 15.78
C SER L 88 -39.29 28.93 15.70
N TYR L 89 -38.64 29.13 14.55
CA TYR L 89 -37.56 30.11 14.48
C TYR L 89 -38.07 31.54 14.58
N SER L 90 -39.25 31.81 14.01
CA SER L 90 -39.74 33.18 14.02
C SER L 90 -39.95 33.71 15.43
N ARG L 91 -40.08 32.83 16.43
CA ARG L 91 -40.09 33.25 17.83
C ARG L 91 -38.78 33.88 18.23
N TRP L 92 -37.69 33.54 17.54
CA TRP L 92 -36.38 34.19 17.76
C TRP L 92 -36.30 35.41 16.85
N SER L 93 -36.30 36.61 17.43
CA SER L 93 -36.34 37.80 16.58
C SER L 93 -35.11 37.87 15.71
N GLY L 94 -33.99 37.37 16.23
CA GLY L 94 -32.70 37.52 15.59
C GLY L 94 -32.29 36.46 14.60
N LEU L 95 -33.07 35.42 14.34
CA LEU L 95 -32.67 34.49 13.29
C LEU L 95 -33.02 35.06 11.92
N LEU L 96 -32.21 34.76 10.92
CA LEU L 96 -32.41 35.32 9.60
C LEU L 96 -33.12 34.37 8.65
N SER L 97 -34.09 34.89 7.91
CA SER L 97 -34.77 34.16 6.85
C SER L 97 -33.93 34.28 5.59
N PRO L 98 -34.26 33.52 4.56
CA PRO L 98 -33.64 33.79 3.25
C PRO L 98 -33.70 35.25 2.85
N CYS L 99 -34.81 35.95 3.08
CA CYS L 99 -34.89 37.35 2.68
C CYS L 99 -33.98 38.22 3.54
N ASP L 100 -33.92 37.94 4.84
CA ASP L 100 -33.05 38.69 5.74
C ASP L 100 -31.60 38.53 5.34
N ALA L 101 -31.20 37.31 4.98
CA ALA L 101 -29.83 37.06 4.51
C ALA L 101 -29.59 37.68 3.15
N ASP L 102 -30.58 37.65 2.27
CA ASP L 102 -30.43 38.36 1.01
C ASP L 102 -29.99 39.79 1.28
N TRP L 103 -30.70 40.48 2.16
CA TRP L 103 -30.39 41.87 2.44
C TRP L 103 -29.03 42.04 3.08
N LEU L 104 -28.42 40.98 3.60
CA LEU L 104 -27.08 41.13 4.15
C LEU L 104 -26.01 40.49 3.24
N GLY L 105 -26.32 40.31 1.97
CA GLY L 105 -25.34 39.78 1.05
C GLY L 105 -24.96 38.32 1.25
N MET L 106 -25.58 37.62 2.21
CA MET L 106 -25.22 36.23 2.48
C MET L 106 -25.71 35.28 1.39
N LEU L 107 -26.76 35.64 0.66
CA LEU L 107 -27.32 34.77 -0.36
C LEU L 107 -28.21 35.60 -1.26
N VAL L 108 -28.82 34.92 -2.23
CA VAL L 108 -29.74 35.56 -3.16
C VAL L 108 -31.03 34.75 -3.29
N VAL L 109 -32.16 35.41 -3.04
CA VAL L 109 -33.47 34.86 -3.36
C VAL L 109 -33.80 35.30 -4.80
N LYS L 110 -33.56 34.40 -5.75
CA LYS L 110 -33.70 34.73 -7.15
C LYS L 110 -35.17 34.92 -7.52
N LYS L 111 -35.44 35.87 -8.42
CA LYS L 111 -36.80 36.02 -8.96
C LYS L 111 -37.24 34.70 -9.61
N ALA L 112 -38.52 34.39 -9.48
CA ALA L 112 -39.02 33.09 -9.93
C ALA L 112 -38.91 32.94 -11.44
N LYS L 113 -38.59 31.73 -11.85
CA LYS L 113 -38.52 31.33 -13.24
C LYS L 113 -39.84 30.65 -13.59
N GLY L 114 -40.15 30.63 -14.88
CA GLY L 114 -41.34 29.91 -15.29
C GLY L 114 -41.29 28.49 -14.79
N SER L 115 -40.11 27.86 -14.85
CA SER L 115 -40.00 26.45 -14.46
C SER L 115 -40.10 26.29 -12.95
N ASP L 116 -39.88 27.37 -12.19
CA ASP L 116 -39.77 27.26 -10.74
C ASP L 116 -41.08 26.75 -10.18
N MET L 117 -41.03 25.61 -9.49
CA MET L 117 -42.25 24.90 -9.11
C MET L 117 -42.87 25.59 -7.89
N ILE L 118 -44.16 25.97 -8.00
CA ILE L 118 -44.86 26.55 -6.85
C ILE L 118 -45.38 25.42 -5.97
N VAL L 119 -44.88 25.35 -4.75
CA VAL L 119 -45.30 24.26 -3.86
C VAL L 119 -46.73 24.51 -3.40
N PRO L 120 -47.57 23.48 -3.28
CA PRO L 120 -48.88 23.63 -2.65
C PRO L 120 -48.87 23.42 -1.14
N GLY L 121 -49.85 24.04 -0.51
CA GLY L 121 -49.93 24.09 0.92
C GLY L 121 -50.23 25.48 1.43
N PRO L 122 -49.39 26.45 1.06
CA PRO L 122 -49.56 27.81 1.60
C PRO L 122 -50.79 28.52 1.09
N SER L 123 -51.34 29.37 1.95
CA SER L 123 -52.49 30.17 1.57
C SER L 123 -51.96 31.31 0.70
N TYR L 124 -51.88 31.04 -0.61
CA TYR L 124 -51.28 32.04 -1.48
C TYR L 124 -52.21 33.21 -1.75
N LYS L 125 -53.50 33.04 -1.52
CA LYS L 125 -54.48 34.05 -1.90
C LYS L 125 -54.11 35.36 -1.23
N GLY L 126 -54.00 36.41 -2.04
CA GLY L 126 -53.77 37.73 -1.51
C GLY L 126 -52.33 38.07 -1.23
N LYS L 127 -51.44 37.09 -1.25
CA LYS L 127 -50.04 37.33 -0.93
C LYS L 127 -49.38 38.05 -2.09
N VAL L 128 -48.64 39.13 -1.81
CA VAL L 128 -48.08 39.88 -2.93
C VAL L 128 -46.64 39.44 -3.22
N PHE L 129 -45.97 38.93 -2.18
CA PHE L 129 -44.66 38.33 -2.37
C PHE L 129 -44.57 37.10 -1.48
N PHE L 130 -44.17 35.99 -2.08
CA PHE L 130 -43.78 34.85 -1.29
C PHE L 130 -42.50 34.24 -1.84
N GLU L 131 -41.76 33.54 -0.95
CA GLU L 131 -40.50 32.87 -1.24
C GLU L 131 -40.41 31.54 -0.53
N ARG L 132 -39.74 30.58 -1.18
CA ARG L 132 -39.44 29.32 -0.53
C ARG L 132 -37.99 28.92 -0.75
N PRO L 133 -37.41 28.15 0.18
CA PRO L 133 -36.17 27.46 -0.15
C PRO L 133 -36.46 26.40 -1.20
N THR L 134 -35.72 26.48 -2.29
CA THR L 134 -35.72 25.46 -3.33
C THR L 134 -34.51 24.58 -3.15
N PHE L 135 -34.45 23.50 -3.91
CA PHE L 135 -33.39 22.52 -3.69
C PHE L 135 -32.01 23.09 -3.96
N ASP L 136 -31.88 23.96 -4.97
CA ASP L 136 -30.59 24.50 -5.35
C ASP L 136 -30.49 26.01 -5.14
N GLY L 137 -31.21 26.54 -4.19
CA GLY L 137 -31.11 27.98 -3.97
C GLY L 137 -32.40 28.50 -3.36
N TYR L 138 -32.67 29.77 -3.61
CA TYR L 138 -33.85 30.40 -3.03
C TYR L 138 -34.61 31.21 -4.07
N VAL L 139 -35.90 30.92 -4.18
CA VAL L 139 -36.74 31.54 -5.19
C VAL L 139 -37.87 32.27 -4.47
N GLY L 140 -38.15 33.49 -4.92
CA GLY L 140 -39.28 34.26 -4.43
C GLY L 140 -40.14 34.73 -5.58
N TRP L 141 -41.44 34.84 -5.29
CA TRP L 141 -42.45 35.23 -6.26
C TRP L 141 -43.08 36.55 -5.85
N GLY L 142 -43.16 37.49 -6.78
CA GLY L 142 -43.76 38.78 -6.53
C GLY L 142 -44.95 39.06 -7.46
N CYS L 143 -45.72 40.09 -7.07
CA CYS L 143 -46.81 40.62 -7.89
C CYS L 143 -46.67 42.13 -8.10
N GLY L 144 -47.10 42.60 -9.25
CA GLY L 144 -47.03 44.02 -9.57
C GLY L 144 -48.02 44.87 -8.78
N SER L 145 -47.98 46.19 -9.04
CA SER L 145 -48.85 47.12 -8.34
C SER L 145 -50.30 46.73 -8.60
N GLY L 146 -51.10 46.72 -7.53
CA GLY L 146 -52.51 46.46 -7.70
C GLY L 146 -52.88 45.07 -8.15
N LYS L 147 -51.96 44.11 -8.05
CA LYS L 147 -52.30 42.73 -8.33
C LYS L 147 -52.08 41.95 -7.05
N SER L 148 -52.57 40.72 -7.05
CA SER L 148 -52.38 39.88 -5.89
C SER L 148 -52.56 38.44 -6.30
N ARG L 149 -52.12 37.53 -5.46
CA ARG L 149 -52.07 36.14 -5.87
C ARG L 149 -53.41 35.45 -5.73
N THR L 150 -53.79 34.68 -6.76
CA THR L 150 -54.78 33.64 -6.54
C THR L 150 -54.22 32.65 -5.54
N GLU L 151 -55.03 31.68 -5.10
CA GLU L 151 -54.38 30.68 -4.27
C GLU L 151 -54.49 29.29 -4.87
N SER L 152 -54.51 29.24 -6.19
CA SER L 152 -53.59 28.29 -6.79
C SER L 152 -52.16 28.80 -6.64
N GLY L 153 -52.00 30.12 -6.60
CA GLY L 153 -50.70 30.74 -6.58
C GLY L 153 -50.17 31.10 -7.95
N GLU L 154 -50.84 30.68 -9.01
CA GLU L 154 -50.24 30.71 -10.33
C GLU L 154 -50.44 32.05 -11.03
N LEU L 155 -51.05 33.05 -10.39
CA LEU L 155 -51.44 34.27 -11.10
C LEU L 155 -51.65 35.45 -10.17
N CYS L 156 -51.26 36.65 -10.64
CA CYS L 156 -51.59 37.93 -10.00
C CYS L 156 -52.73 38.60 -10.78
N SER L 157 -53.98 38.45 -10.28
CA SER L 157 -55.15 39.13 -10.83
C SER L 157 -55.35 40.49 -10.18
N SER L 158 -56.11 41.35 -10.86
CA SER L 158 -56.27 42.70 -10.36
C SER L 158 -56.91 42.64 -8.99
N ASP L 159 -56.24 43.24 -8.01
CA ASP L 159 -56.73 43.30 -6.65
C ASP L 159 -56.55 44.74 -6.18
N SER L 160 -57.66 45.47 -6.17
CA SER L 160 -57.59 46.87 -5.82
C SER L 160 -57.32 47.09 -4.34
N ARG L 161 -57.25 46.04 -3.53
CA ARG L 161 -56.91 46.24 -2.14
C ARG L 161 -55.41 46.40 -1.95
N THR L 162 -54.64 46.16 -3.01
CA THR L 162 -53.20 46.34 -3.01
C THR L 162 -52.76 47.62 -3.68
N SER L 163 -53.65 48.29 -4.42
CA SER L 163 -53.27 49.44 -5.22
C SER L 163 -52.82 50.63 -4.38
N SER L 164 -53.16 50.63 -3.08
CA SER L 164 -52.81 51.70 -2.17
C SER L 164 -51.31 51.96 -2.07
N GLY L 165 -50.49 50.93 -2.25
CA GLY L 165 -49.06 51.06 -2.09
C GLY L 165 -48.55 50.91 -0.67
N LEU L 166 -49.42 50.88 0.33
CA LEU L 166 -49.01 50.68 1.72
C LEU L 166 -49.73 49.47 2.33
N LEU L 167 -49.13 48.26 2.21
CA LEU L 167 -49.79 47.04 2.66
C LEU L 167 -49.20 46.54 3.97
N PRO L 168 -49.97 45.84 4.79
CA PRO L 168 -49.46 45.24 6.02
C PRO L 168 -48.78 43.90 5.72
N SER L 169 -48.20 43.30 6.77
CA SER L 169 -47.32 42.15 6.61
C SER L 169 -47.98 40.83 6.22
N ASP L 170 -49.31 40.69 6.31
CA ASP L 170 -49.86 39.38 5.95
C ASP L 170 -49.81 39.10 4.46
N ARG L 171 -49.44 40.07 3.64
CA ARG L 171 -49.23 39.85 2.22
C ARG L 171 -47.87 39.26 1.88
N VAL L 172 -47.01 39.01 2.88
CA VAL L 172 -45.66 38.43 2.69
C VAL L 172 -45.66 37.00 3.19
N LEU L 173 -45.23 36.09 2.35
CA LEU L 173 -45.21 34.70 2.73
C LEU L 173 -43.78 34.18 2.65
N TRP L 174 -43.30 33.63 3.76
CA TRP L 174 -41.96 33.06 3.85
C TRP L 174 -42.18 31.59 4.12
N ILE L 175 -41.96 30.78 3.11
CA ILE L 175 -42.24 29.36 3.24
C ILE L 175 -41.10 28.69 3.97
N GLY L 176 -41.42 27.98 5.06
CA GLY L 176 -40.47 27.14 5.75
C GLY L 176 -39.97 27.76 7.04
N ASP L 177 -39.42 26.88 7.89
CA ASP L 177 -38.78 27.22 9.17
C ASP L 177 -37.26 27.18 8.97
N VAL L 178 -36.73 28.29 8.49
CA VAL L 178 -35.35 28.40 8.05
C VAL L 178 -34.65 29.37 8.98
N ALA L 179 -33.35 29.15 9.20
CA ALA L 179 -32.45 30.12 9.79
C ALA L 179 -31.18 30.18 8.96
N CYS L 180 -30.63 31.38 8.77
CA CYS L 180 -29.44 31.58 7.96
C CYS L 180 -28.42 32.34 8.76
N GLN L 181 -27.17 31.89 8.68
CA GLN L 181 -26.07 32.36 9.50
C GLN L 181 -24.82 32.35 8.62
N PRO L 182 -23.80 33.13 8.97
CA PRO L 182 -22.61 33.16 8.14
C PRO L 182 -21.89 31.84 8.23
N MET L 183 -21.43 31.34 7.07
CA MET L 183 -20.86 30.00 6.92
C MET L 183 -19.42 30.05 6.46
N THR L 184 -18.52 29.45 7.23
CA THR L 184 -17.15 29.12 6.78
C THR L 184 -17.19 27.94 5.81
N PRO L 185 -16.75 28.10 4.56
CA PRO L 185 -17.12 27.18 3.48
C PRO L 185 -16.37 25.87 3.51
N ILE L 186 -16.99 24.82 2.99
CA ILE L 186 -16.30 23.52 3.01
C ILE L 186 -15.79 23.11 1.63
N PRO L 187 -14.70 22.37 1.57
CA PRO L 187 -14.22 21.83 0.29
C PRO L 187 -15.24 20.91 -0.36
N GLU L 188 -15.35 21.04 -1.68
CA GLU L 188 -16.30 20.23 -2.46
C GLU L 188 -16.14 18.74 -2.23
N GLU L 189 -14.94 18.28 -1.91
CA GLU L 189 -14.80 16.87 -1.60
C GLU L 189 -15.71 16.49 -0.45
N THR L 190 -15.70 17.30 0.61
CA THR L 190 -16.60 17.08 1.73
C THR L 190 -18.04 17.10 1.25
N PHE L 191 -18.36 18.03 0.36
CA PHE L 191 -19.74 18.16 -0.11
C PHE L 191 -20.17 16.90 -0.85
N LEU L 192 -19.30 16.34 -1.70
CA LEU L 192 -19.66 15.11 -2.41
C LEU L 192 -20.00 13.97 -1.46
N GLU L 193 -19.31 13.94 -0.34
CA GLU L 193 -19.50 12.87 0.64
C GLU L 193 -20.80 13.05 1.39
N LEU L 194 -21.18 14.29 1.71
CA LEU L 194 -22.48 14.53 2.29
C LEU L 194 -23.59 14.25 1.29
N LYS L 195 -23.44 14.75 0.06
CA LYS L 195 -24.45 14.51 -0.97
C LYS L 195 -24.78 13.02 -1.10
N SER L 196 -23.77 12.15 -1.12
CA SER L 196 -24.00 10.71 -1.24
C SER L 196 -24.90 10.20 -0.13
N PHE L 197 -24.56 10.58 1.11
CA PHE L 197 -25.31 10.12 2.27
C PHE L 197 -26.79 10.52 2.20
N SER L 198 -27.10 11.75 1.77
CA SER L 198 -28.50 12.09 1.58
C SER L 198 -29.14 11.18 0.56
N GLN L 199 -28.46 10.94 -0.55
CA GLN L 199 -29.01 10.05 -1.58
C GLN L 199 -29.36 8.69 -0.98
N SER L 200 -28.56 8.23 0.00
CA SER L 200 -28.79 6.90 0.57
C SER L 200 -29.98 6.88 1.52
N GLU L 201 -30.24 7.99 2.22
CA GLU L 201 -31.41 8.06 3.09
C GLU L 201 -32.70 8.29 2.31
N PHE L 202 -32.61 8.78 1.09
CA PHE L 202 -33.78 9.03 0.26
C PHE L 202 -33.60 8.38 -1.10
N PRO L 203 -33.43 7.06 -1.14
CA PRO L 203 -33.05 6.41 -2.40
C PRO L 203 -34.15 6.46 -3.49
N ASP L 204 -35.39 6.75 -3.14
CA ASP L 204 -36.51 6.68 -4.07
C ASP L 204 -36.77 7.99 -4.81
N ILE L 205 -36.19 9.10 -4.36
CA ILE L 205 -36.40 10.39 -5.01
C ILE L 205 -35.51 10.50 -6.25
N CYS L 206 -36.09 11.02 -7.33
CA CYS L 206 -35.36 11.21 -8.58
C CYS L 206 -35.05 12.68 -8.89
N LYS L 207 -36.02 13.59 -8.82
CA LYS L 207 -35.74 15.01 -9.06
C LYS L 207 -36.47 15.90 -8.06
N ILE L 208 -35.72 16.79 -7.41
CA ILE L 208 -36.27 17.81 -6.53
C ILE L 208 -36.12 19.14 -7.23
N ASP L 209 -37.24 19.84 -7.38
CA ASP L 209 -37.24 21.15 -8.01
C ASP L 209 -36.46 21.12 -9.30
N GLY L 210 -36.65 20.03 -10.06
CA GLY L 210 -36.08 19.88 -11.39
C GLY L 210 -34.62 19.49 -11.44
N ILE L 211 -33.97 19.30 -10.30
CA ILE L 211 -32.56 18.91 -10.22
C ILE L 211 -32.49 17.40 -10.05
N VAL L 212 -31.63 16.74 -10.83
CA VAL L 212 -31.50 15.30 -10.66
C VAL L 212 -30.88 15.01 -9.30
N PHE L 213 -31.59 14.26 -8.45
CA PHE L 213 -31.13 13.91 -7.11
C PHE L 213 -30.55 12.50 -7.11
N ASN L 214 -31.34 11.53 -7.55
CA ASN L 214 -30.84 10.23 -7.96
C ASN L 214 -31.16 10.03 -9.44
N GLN L 215 -30.54 9.01 -10.03
CA GLN L 215 -30.89 8.61 -11.38
C GLN L 215 -31.88 7.43 -11.34
N CYS L 216 -33.03 7.63 -11.96
CA CYS L 216 -34.11 6.65 -12.05
C CYS L 216 -34.49 6.53 -13.51
N GLU L 217 -35.14 5.43 -13.89
CA GLU L 217 -35.72 5.46 -15.22
C GLU L 217 -37.15 6.02 -15.17
N GLY L 218 -38.02 5.44 -14.37
CA GLY L 218 -39.37 5.94 -14.25
C GLY L 218 -39.57 6.77 -13.00
N GLU L 219 -39.99 8.00 -13.21
CA GLU L 219 -40.18 9.00 -12.17
C GLU L 219 -41.62 9.50 -12.20
N SER L 220 -42.18 9.74 -11.02
CA SER L 220 -43.58 10.10 -10.91
C SER L 220 -43.76 11.57 -11.29
N LEU L 221 -44.93 12.10 -10.99
CA LEU L 221 -45.23 13.51 -11.11
C LEU L 221 -44.72 14.25 -9.86
N PRO L 222 -44.35 15.53 -10.02
CA PRO L 222 -43.90 16.31 -8.86
C PRO L 222 -44.93 16.36 -7.74
N GLN L 223 -44.51 15.96 -6.54
CA GLN L 223 -45.31 15.95 -5.34
C GLN L 223 -44.70 16.85 -4.29
N PRO L 224 -45.48 17.34 -3.33
CA PRO L 224 -44.88 18.08 -2.21
C PRO L 224 -44.16 17.13 -1.27
N PHE L 225 -43.06 17.62 -0.71
CA PHE L 225 -42.11 16.81 0.04
C PHE L 225 -41.50 17.69 1.12
N ASP L 226 -41.79 17.40 2.38
CA ASP L 226 -41.26 18.19 3.47
C ASP L 226 -40.02 17.50 4.03
N VAL L 227 -38.94 18.25 4.14
CA VAL L 227 -37.65 17.69 4.46
C VAL L 227 -36.86 18.74 5.21
N ALA L 228 -36.03 18.29 6.15
CA ALA L 228 -35.05 19.18 6.74
C ALA L 228 -33.84 19.21 5.83
N TRP L 229 -33.09 20.29 5.90
CA TRP L 229 -31.93 20.40 5.03
C TRP L 229 -30.93 21.37 5.65
N MET L 230 -29.74 21.37 5.05
CA MET L 230 -28.77 22.42 5.23
C MET L 230 -28.18 22.79 3.87
N ASP L 231 -27.74 24.06 3.77
CA ASP L 231 -27.02 24.62 2.63
C ASP L 231 -25.55 24.70 3.00
N VAL L 232 -24.73 23.85 2.37
CA VAL L 232 -23.30 23.87 2.58
C VAL L 232 -22.60 24.68 1.49
N GLY L 233 -23.36 25.38 0.65
CA GLY L 233 -22.73 26.31 -0.25
C GLY L 233 -22.11 25.65 -1.45
N HIS L 234 -22.64 24.53 -1.89
CA HIS L 234 -22.18 24.02 -3.16
C HIS L 234 -23.34 24.01 -4.16
N SER L 235 -23.35 23.04 -5.08
CA SER L 235 -24.34 23.04 -6.15
C SER L 235 -25.78 22.86 -5.64
N HIS L 236 -25.98 22.20 -4.51
CA HIS L 236 -27.34 22.06 -4.03
C HIS L 236 -27.33 21.75 -2.54
N LYS L 237 -28.52 21.70 -1.94
CA LYS L 237 -28.64 21.53 -0.50
C LYS L 237 -28.38 20.09 -0.10
N ILE L 238 -28.29 19.88 1.20
CA ILE L 238 -28.11 18.55 1.80
C ILE L 238 -29.32 18.31 2.69
N ILE L 239 -30.20 17.39 2.27
CA ILE L 239 -31.40 17.00 3.02
C ILE L 239 -31.06 15.86 3.95
N MET L 240 -31.57 15.88 5.16
CA MET L 240 -31.26 14.78 6.07
C MET L 240 -32.48 14.23 6.75
N ARG L 241 -32.53 12.90 6.83
CA ARG L 241 -33.55 12.28 7.66
C ARG L 241 -33.07 12.34 9.10
N GLU L 242 -32.02 11.59 9.44
CA GLU L 242 -31.48 11.63 10.78
C GLU L 242 -30.22 12.49 10.86
N HIS L 243 -30.20 13.44 11.80
CA HIS L 243 -29.05 14.32 12.04
C HIS L 243 -29.12 14.87 13.45
N LYS L 244 -28.10 15.63 13.83
CA LYS L 244 -27.97 16.14 15.18
C LYS L 244 -27.48 17.58 15.09
N THR L 245 -28.15 18.48 15.77
CA THR L 245 -27.78 19.89 15.71
C THR L 245 -27.34 20.38 17.08
N LYS L 246 -26.38 21.29 17.06
CA LYS L 246 -25.89 21.90 18.28
C LYS L 246 -25.83 23.40 18.04
N TRP L 247 -26.16 24.18 19.05
CA TRP L 247 -26.14 25.63 18.90
C TRP L 247 -25.00 26.19 19.74
N VAL L 248 -24.35 27.22 19.21
CA VAL L 248 -23.22 27.85 19.85
C VAL L 248 -23.49 29.34 19.86
N GLN L 249 -23.28 29.98 21.01
CA GLN L 249 -23.37 31.44 21.05
C GLN L 249 -21.97 31.99 20.79
N GLU L 250 -21.85 32.86 19.79
CA GLU L 250 -20.52 33.25 19.33
C GLU L 250 -20.06 34.56 19.94
N SER L 251 -20.98 35.42 20.36
CA SER L 251 -20.68 36.70 20.98
C SER L 251 -19.82 37.58 20.08
N SER L 252 -20.00 37.40 18.76
CA SER L 252 -19.28 38.13 17.73
C SER L 252 -19.86 39.52 17.57
N SER L 253 -19.21 40.34 16.73
CA SER L 253 -19.74 41.69 16.54
C SER L 253 -21.09 41.67 15.82
N LYS L 254 -21.38 40.65 15.01
CA LYS L 254 -22.72 40.59 14.41
C LYS L 254 -23.78 40.14 15.41
N ASP L 255 -23.38 39.62 16.57
CA ASP L 255 -24.35 39.16 17.57
C ASP L 255 -24.88 40.30 18.41
N PHE L 256 -24.52 41.54 18.04
CA PHE L 256 -24.91 42.76 18.73
C PHE L 256 -25.38 43.81 17.73
N VAL L 257 -26.47 44.52 18.09
CA VAL L 257 -26.95 45.68 17.34
C VAL L 257 -26.88 46.88 18.26
N CYS L 258 -26.53 48.04 17.69
CA CYS L 258 -26.38 49.30 18.41
C CYS L 258 -27.45 50.30 17.98
N TYR L 259 -27.94 51.10 18.91
CA TYR L 259 -29.10 51.94 18.65
C TYR L 259 -29.11 53.11 19.62
N LYS L 260 -29.85 54.15 19.24
CA LYS L 260 -30.20 55.26 20.11
C LYS L 260 -31.68 55.10 20.42
N GLU L 261 -32.02 54.86 21.69
CA GLU L 261 -33.37 54.48 22.06
C GLU L 261 -34.40 55.50 21.61
N GLY L 262 -35.39 55.04 20.86
CA GLY L 262 -36.39 55.92 20.29
C GLY L 262 -35.94 56.72 19.08
N THR L 263 -34.64 56.79 18.81
CA THR L 263 -34.11 57.63 17.74
C THR L 263 -33.72 56.83 16.50
N GLY L 264 -33.84 55.51 16.54
CA GLY L 264 -33.44 54.67 15.45
C GLY L 264 -32.15 53.95 15.79
N PRO L 265 -31.49 53.40 14.79
CA PRO L 265 -30.21 52.72 15.04
C PRO L 265 -29.06 53.71 14.91
N CYS L 266 -27.96 53.39 15.56
CA CYS L 266 -26.78 54.24 15.47
C CYS L 266 -26.24 54.26 14.04
N SER L 267 -25.58 55.35 13.70
CA SER L 267 -24.98 55.43 12.38
C SER L 267 -23.83 54.45 12.28
N GLU L 268 -23.36 54.27 11.05
CA GLU L 268 -22.32 53.30 10.80
C GLU L 268 -21.04 53.69 11.54
N SER L 269 -20.70 54.97 11.51
CA SER L 269 -19.58 55.47 12.30
C SER L 269 -19.78 55.16 13.78
N GLU L 270 -20.94 55.52 14.31
CA GLU L 270 -21.20 55.31 15.73
C GLU L 270 -21.08 53.85 16.12
N GLU L 271 -21.60 52.95 15.28
CA GLU L 271 -21.58 51.54 15.63
C GLU L 271 -20.16 51.00 15.60
N LYS L 272 -19.44 51.25 14.49
CA LYS L 272 -18.05 50.83 14.39
C LYS L 272 -17.27 51.27 15.61
N THR L 273 -17.53 52.50 16.06
CA THR L 273 -16.85 53.05 17.23
C THR L 273 -17.28 52.34 18.50
N CYS L 274 -18.60 52.16 18.68
CA CYS L 274 -19.11 51.53 19.90
C CYS L 274 -18.51 50.16 20.11
N LYS L 275 -18.23 49.44 19.02
CA LYS L 275 -17.75 48.08 19.11
C LYS L 275 -16.23 48.01 19.28
N THR L 276 -15.50 48.99 18.75
CA THR L 276 -14.05 48.93 18.82
C THR L 276 -13.48 49.83 19.92
N SER L 277 -14.17 50.91 20.28
CA SER L 277 -13.66 51.82 21.30
C SER L 277 -14.25 51.57 22.68
N GLY L 278 -15.10 50.55 22.84
CA GLY L 278 -15.65 50.16 24.14
C GLY L 278 -16.12 51.27 25.05
N SER L 279 -16.58 52.36 24.45
CA SER L 279 -16.87 53.63 25.13
C SER L 279 -18.35 53.94 25.17
N CYS L 280 -19.19 52.98 24.83
CA CYS L 280 -20.61 53.23 24.76
C CYS L 280 -21.27 52.68 26.02
N ARG L 281 -22.56 52.43 25.92
CA ARG L 281 -23.36 51.75 26.93
C ARG L 281 -23.66 50.38 26.38
N GLY L 282 -24.41 49.60 27.14
CA GLY L 282 -24.76 48.30 26.64
C GLY L 282 -25.32 47.42 27.73
N ASP L 283 -25.73 46.24 27.30
CA ASP L 283 -26.29 45.24 28.19
C ASP L 283 -25.15 44.43 28.80
N MET L 284 -25.52 43.42 29.57
CA MET L 284 -24.53 42.62 30.24
C MET L 284 -23.52 42.05 29.25
N GLN L 285 -24.03 41.38 28.21
CA GLN L 285 -23.15 40.67 27.28
C GLN L 285 -22.35 41.62 26.39
N PHE L 286 -22.88 42.79 26.04
CA PHE L 286 -22.08 43.67 25.20
C PHE L 286 -20.84 44.16 25.94
N CYS L 287 -21.01 44.61 27.19
CA CYS L 287 -19.86 45.16 27.90
C CYS L 287 -18.87 44.07 28.28
N LYS L 288 -19.37 42.87 28.63
CA LYS L 288 -18.51 41.76 29.03
C LYS L 288 -17.43 41.46 28.00
N VAL L 289 -17.76 41.59 26.71
CA VAL L 289 -16.83 41.25 25.65
C VAL L 289 -16.27 42.48 24.94
N ALA L 290 -16.99 43.61 24.93
CA ALA L 290 -16.54 44.79 24.20
C ALA L 290 -16.32 46.03 25.06
N GLY L 291 -16.73 46.03 26.33
CA GLY L 291 -16.47 47.13 27.23
C GLY L 291 -17.34 48.34 26.96
N CYS L 292 -17.58 49.16 27.98
CA CYS L 292 -18.53 50.27 27.84
C CYS L 292 -18.42 51.40 28.87
N LYS L 302 -25.08 58.94 24.79
CA LYS L 302 -24.59 58.29 23.58
C LYS L 302 -25.33 57.00 23.16
N CYS L 303 -24.63 56.16 22.40
CA CYS L 303 -25.15 54.96 21.77
C CYS L 303 -25.19 53.79 22.75
N ARG L 304 -26.10 52.84 22.50
CA ARG L 304 -26.20 51.60 23.28
C ARG L 304 -26.32 50.39 22.35
N CYS L 305 -25.66 49.29 22.76
CA CYS L 305 -25.67 48.02 22.03
C CYS L 305 -26.10 46.86 22.93
N SER L 306 -26.92 45.95 22.38
CA SER L 306 -27.39 44.78 23.10
C SER L 306 -27.25 43.55 22.19
N LEU L 307 -27.39 42.37 22.81
CA LEU L 307 -27.28 41.11 22.10
C LEU L 307 -28.57 40.79 21.35
N VAL L 308 -28.46 40.42 20.07
CA VAL L 308 -29.65 40.12 19.31
C VAL L 308 -30.19 38.77 19.77
N HIS L 309 -31.50 38.70 19.98
CA HIS L 309 -32.09 37.51 20.57
C HIS L 309 -32.11 36.39 19.55
N LYS L 310 -31.23 35.42 19.76
CA LYS L 310 -31.14 34.21 18.93
C LYS L 310 -30.48 33.13 19.77
N PRO L 311 -30.62 31.85 19.37
CA PRO L 311 -29.92 30.78 20.09
C PRO L 311 -28.42 30.69 19.81
N GLY L 312 -27.91 31.46 18.83
CA GLY L 312 -26.53 31.44 18.39
C GLY L 312 -26.38 30.90 16.97
N GLU L 313 -25.33 30.12 16.72
CA GLU L 313 -25.07 29.59 15.39
C GLU L 313 -25.27 28.08 15.42
N VAL L 314 -25.95 27.57 14.44
CA VAL L 314 -26.31 26.16 14.43
C VAL L 314 -25.16 25.37 13.82
N VAL L 315 -24.92 24.16 14.31
CA VAL L 315 -23.89 23.27 13.79
C VAL L 315 -24.51 21.90 13.51
N VAL L 316 -24.72 21.60 12.22
CA VAL L 316 -25.20 20.27 11.87
C VAL L 316 -24.11 19.25 12.10
N SER L 317 -24.52 18.06 12.50
CA SER L 317 -23.69 16.87 12.54
C SER L 317 -24.47 15.82 11.78
N TYR L 318 -24.00 15.47 10.60
CA TYR L 318 -24.77 14.66 9.69
C TYR L 318 -23.86 13.73 8.90
N GLY L 319 -24.24 12.46 8.83
CA GLY L 319 -23.44 11.48 8.13
C GLY L 319 -21.99 11.57 8.56
N GLY L 320 -21.72 11.51 9.86
CA GLY L 320 -20.36 11.49 10.36
C GLY L 320 -19.70 12.83 10.67
N MET L 321 -20.00 13.85 9.87
CA MET L 321 -19.21 15.09 9.88
C MET L 321 -19.95 16.20 10.61
N ARG L 322 -19.22 17.27 10.88
CA ARG L 322 -19.74 18.47 11.49
C ARG L 322 -19.68 19.58 10.46
N VAL L 323 -20.74 20.35 10.32
CA VAL L 323 -20.74 21.45 9.36
C VAL L 323 -21.50 22.59 10.01
N ARG L 324 -20.94 23.80 9.92
CA ARG L 324 -21.69 24.99 10.32
C ARG L 324 -22.25 25.63 9.05
N PRO L 325 -23.50 25.36 8.66
CA PRO L 325 -23.98 25.69 7.31
C PRO L 325 -24.47 27.12 7.15
N LYS L 326 -24.66 27.51 5.88
CA LYS L 326 -25.19 28.85 5.61
C LYS L 326 -26.63 28.98 6.07
N CYS L 327 -27.48 28.06 5.59
CA CYS L 327 -28.83 27.94 6.11
C CYS L 327 -29.08 26.47 6.41
N TYR L 328 -30.08 26.26 7.25
CA TYR L 328 -30.50 24.96 7.70
C TYR L 328 -31.99 25.08 7.94
N GLY L 329 -32.79 24.12 7.52
CA GLY L 329 -34.21 24.35 7.69
C GLY L 329 -35.04 23.18 7.28
N PHE L 330 -36.35 23.34 7.54
CA PHE L 330 -37.41 22.37 7.28
C PHE L 330 -38.40 23.14 6.44
N SER L 331 -38.35 22.98 5.14
CA SER L 331 -39.29 23.65 4.27
C SER L 331 -40.00 22.61 3.42
N ARG L 332 -40.79 23.09 2.49
CA ARG L 332 -41.52 22.27 1.55
C ARG L 332 -40.88 22.37 0.18
N MET L 333 -40.56 21.24 -0.41
CA MET L 333 -40.05 21.25 -1.77
C MET L 333 -40.79 20.22 -2.60
N MET L 334 -40.47 20.20 -3.90
CA MET L 334 -41.14 19.39 -4.91
C MET L 334 -40.23 18.22 -5.27
N ALA L 335 -40.66 17.00 -4.93
CA ALA L 335 -39.92 15.78 -5.26
C ALA L 335 -40.73 14.91 -6.21
N THR L 336 -40.03 14.26 -7.15
CA THR L 336 -40.63 13.24 -8.01
C THR L 336 -40.08 11.89 -7.61
N LEU L 337 -40.90 10.84 -7.78
CA LEU L 337 -40.58 9.54 -7.20
C LEU L 337 -40.48 8.43 -8.24
N GLU L 338 -39.95 7.30 -7.78
CA GLU L 338 -39.63 6.14 -8.63
C GLU L 338 -40.87 5.29 -8.92
N VAL L 339 -41.01 4.87 -10.18
CA VAL L 339 -42.12 3.97 -10.53
C VAL L 339 -41.70 2.56 -10.95
N GLU M 20 -36.29 52.44 -64.32
CA GLU M 20 -36.76 51.35 -63.48
C GLU M 20 -35.79 50.17 -63.49
N VAL M 21 -35.25 49.84 -62.32
CA VAL M 21 -34.25 48.78 -62.15
C VAL M 21 -34.94 47.50 -61.70
N LYS M 22 -34.85 46.44 -62.52
CA LYS M 22 -35.51 45.16 -62.26
C LYS M 22 -34.51 44.03 -62.48
N LEU M 23 -34.54 43.04 -61.59
CA LEU M 23 -33.69 41.85 -61.70
C LEU M 23 -34.58 40.61 -61.72
N MET M 24 -34.38 39.74 -62.71
CA MET M 24 -35.27 38.59 -62.94
C MET M 24 -34.46 37.30 -63.09
N GLU M 25 -34.51 36.44 -62.07
CA GLU M 25 -33.70 35.23 -62.00
C GLU M 25 -34.45 34.03 -62.58
N SER M 26 -33.67 33.09 -63.10
CA SER M 26 -34.22 31.87 -63.66
C SER M 26 -33.16 30.78 -63.52
N GLY M 27 -33.59 29.54 -63.77
CA GLY M 27 -32.68 28.40 -63.82
C GLY M 27 -32.67 27.52 -62.59
N GLY M 28 -33.43 27.86 -61.56
CA GLY M 28 -33.41 27.14 -60.30
C GLY M 28 -34.59 26.20 -60.13
N GLY M 29 -34.27 24.93 -59.87
CA GLY M 29 -35.28 23.90 -59.69
C GLY M 29 -34.75 22.75 -58.85
N LEU M 30 -35.09 21.52 -59.20
CA LEU M 30 -34.62 20.35 -58.46
C LEU M 30 -33.46 19.71 -59.21
N VAL M 31 -32.47 19.26 -58.44
CA VAL M 31 -31.35 18.45 -58.91
C VAL M 31 -30.97 17.47 -57.80
N GLN M 32 -29.95 16.60 -58.05
CA GLN M 32 -29.48 15.60 -57.08
C GLN M 32 -28.04 15.85 -56.65
N PRO M 33 -27.68 15.56 -55.40
CA PRO M 33 -26.35 15.97 -54.90
C PRO M 33 -25.23 15.48 -55.80
N GLY M 34 -24.23 16.35 -55.99
CA GLY M 34 -23.17 16.13 -56.94
C GLY M 34 -23.43 16.73 -58.32
N ASP M 35 -24.56 17.41 -58.50
CA ASP M 35 -24.96 18.03 -59.76
C ASP M 35 -24.39 19.45 -59.86
N SER M 36 -24.69 20.11 -60.97
CA SER M 36 -24.21 21.48 -61.22
C SER M 36 -25.31 22.25 -61.93
N LEU M 37 -25.87 23.27 -61.26
CA LEU M 37 -26.97 24.08 -61.79
C LEU M 37 -26.55 25.54 -61.97
N ARG M 38 -26.83 26.12 -63.13
CA ARG M 38 -26.53 27.51 -63.41
C ARG M 38 -27.77 28.35 -63.25
N LEU M 39 -27.70 29.32 -62.35
CA LEU M 39 -28.71 30.35 -62.24
C LEU M 39 -28.26 31.55 -63.08
N SER M 40 -29.22 32.20 -63.73
CA SER M 40 -28.92 33.42 -64.45
C SER M 40 -29.79 34.53 -63.90
N CYS M 41 -29.33 35.75 -64.11
CA CYS M 41 -29.96 36.95 -63.56
C CYS M 41 -30.01 37.98 -64.67
N ALA M 42 -31.22 38.39 -65.06
CA ALA M 42 -31.43 39.34 -66.15
C ALA M 42 -31.59 40.76 -65.61
N ILE M 43 -31.11 41.72 -66.40
CA ILE M 43 -31.00 43.12 -65.99
C ILE M 43 -31.66 44.01 -67.04
N SER M 44 -32.38 45.04 -66.56
CA SER M 44 -32.91 46.10 -67.41
C SER M 44 -33.17 47.32 -66.55
N GLY M 45 -32.75 48.49 -67.04
CA GLY M 45 -33.00 49.75 -66.36
C GLY M 45 -31.80 50.46 -65.78
N PHE M 46 -30.58 50.00 -66.06
CA PHE M 46 -29.34 50.59 -65.57
C PHE M 46 -28.17 49.96 -66.33
N THR M 47 -27.07 50.69 -66.41
CA THR M 47 -25.92 50.19 -67.18
C THR M 47 -25.22 49.09 -66.40
N PHE M 48 -25.26 47.86 -66.95
CA PHE M 48 -24.77 46.68 -66.25
C PHE M 48 -23.27 46.75 -66.01
N SER M 49 -22.51 47.21 -67.01
CA SER M 49 -21.07 47.31 -66.92
C SER M 49 -20.62 48.04 -65.67
N ASP M 50 -21.50 48.85 -65.07
CA ASP M 50 -21.09 49.85 -64.09
C ASP M 50 -21.19 49.38 -62.64
N TYR M 51 -21.95 48.33 -62.35
CA TYR M 51 -22.25 47.94 -60.97
C TYR M 51 -21.65 46.59 -60.60
N TYR M 52 -21.46 46.41 -59.31
CA TYR M 52 -21.21 45.10 -58.73
C TYR M 52 -22.53 44.36 -58.61
N MET M 53 -22.51 43.05 -58.87
CA MET M 53 -23.69 42.20 -58.71
C MET M 53 -23.41 41.04 -57.77
N SER M 54 -24.30 40.83 -56.81
CA SER M 54 -24.16 39.79 -55.80
C SER M 54 -25.15 38.65 -56.05
N TRP M 55 -25.02 37.61 -55.24
CA TRP M 55 -25.88 36.44 -55.26
C TRP M 55 -26.14 36.05 -53.81
N VAL M 56 -27.40 36.02 -53.39
CA VAL M 56 -27.75 35.78 -51.99
C VAL M 56 -28.81 34.69 -51.95
N ARG M 57 -28.45 33.54 -51.39
CA ARG M 57 -29.42 32.49 -51.18
C ARG M 57 -30.13 32.69 -49.85
N GLN M 58 -31.26 31.99 -49.70
CA GLN M 58 -31.99 31.96 -48.44
C GLN M 58 -32.46 30.52 -48.22
N PRO M 59 -31.77 29.76 -47.37
CA PRO M 59 -32.17 28.34 -47.12
C PRO M 59 -33.61 28.27 -46.63
N PRO M 60 -34.24 27.09 -46.65
CA PRO M 60 -35.67 27.05 -46.32
C PRO M 60 -35.94 27.46 -44.88
N GLY M 61 -36.55 28.65 -44.71
CA GLY M 61 -36.97 29.16 -43.42
C GLY M 61 -35.88 29.81 -42.59
N LYS M 62 -34.66 29.85 -43.08
CA LYS M 62 -33.54 30.38 -42.32
C LYS M 62 -33.44 31.88 -42.60
N ALA M 63 -32.30 32.47 -42.27
CA ALA M 63 -32.03 33.87 -42.53
C ALA M 63 -31.33 34.04 -43.88
N LEU M 64 -31.23 35.30 -44.32
CA LEU M 64 -30.53 35.60 -45.56
C LEU M 64 -29.05 35.24 -45.44
N GLU M 65 -28.52 34.59 -46.48
CA GLU M 65 -27.11 34.25 -46.55
C GLU M 65 -26.49 34.85 -47.81
N TRP M 66 -25.41 35.61 -47.62
CA TRP M 66 -24.68 36.26 -48.71
C TRP M 66 -23.59 35.34 -49.25
N LEU M 67 -23.51 35.20 -50.57
CA LEU M 67 -22.63 34.21 -51.18
C LEU M 67 -21.36 34.82 -51.77
N GLY M 68 -21.44 35.98 -52.38
CA GLY M 68 -20.30 36.61 -53.02
C GLY M 68 -20.72 37.52 -54.17
N PHE M 69 -19.81 38.40 -54.57
CA PHE M 69 -20.13 39.40 -55.57
C PHE M 69 -19.07 39.46 -56.68
N ILE M 70 -19.53 39.73 -57.91
CA ILE M 70 -18.66 40.14 -59.03
C ILE M 70 -18.46 41.65 -58.97
N ARG M 71 -17.43 42.16 -59.67
CA ARG M 71 -17.11 43.59 -59.69
C ARG M 71 -17.56 44.26 -60.98
N ASN M 72 -17.45 45.60 -60.99
CA ASN M 72 -17.85 46.42 -62.13
C ASN M 72 -16.66 46.70 -63.04
N LYS M 73 -16.96 47.07 -64.29
CA LYS M 73 -15.92 47.29 -65.29
C LYS M 73 -14.81 48.20 -64.77
N ALA M 74 -15.15 49.15 -63.90
CA ALA M 74 -14.19 50.06 -63.28
C ALA M 74 -13.18 49.34 -62.38
N LYS M 75 -13.43 48.09 -62.02
CA LYS M 75 -12.55 47.36 -61.09
C LYS M 75 -12.20 45.98 -61.63
N GLY M 76 -12.31 45.77 -62.95
CA GLY M 76 -11.74 44.63 -63.64
C GLY M 76 -12.57 43.37 -63.70
N TYR M 77 -13.82 43.37 -63.21
CA TYR M 77 -14.68 42.19 -63.19
C TYR M 77 -14.11 41.07 -62.31
N THR M 78 -13.60 41.44 -61.14
CA THR M 78 -13.07 40.49 -60.16
C THR M 78 -14.19 39.95 -59.28
N THR M 79 -14.03 38.73 -58.79
CA THR M 79 -15.03 38.13 -57.93
C THR M 79 -14.51 38.10 -56.49
N GLU M 80 -15.36 37.62 -55.58
CA GLU M 80 -15.01 37.31 -54.19
C GLU M 80 -16.12 36.55 -53.49
N TYR M 81 -15.82 35.35 -53.00
CA TYR M 81 -16.81 34.46 -52.44
C TYR M 81 -16.61 34.25 -50.95
N SER M 82 -17.74 34.03 -50.25
CA SER M 82 -17.72 33.69 -48.84
C SER M 82 -17.17 32.26 -48.67
N ALA M 83 -16.69 31.97 -47.45
CA ALA M 83 -16.06 30.68 -47.20
C ALA M 83 -17.03 29.51 -47.35
N SER M 84 -18.33 29.71 -47.06
CA SER M 84 -19.34 28.65 -47.13
C SER M 84 -19.50 28.11 -48.55
N VAL M 85 -19.22 28.95 -49.54
CA VAL M 85 -19.54 28.69 -50.93
C VAL M 85 -18.33 28.76 -51.86
N LYS M 86 -17.19 29.23 -51.36
CA LYS M 86 -15.98 29.30 -52.16
C LYS M 86 -15.52 27.92 -52.61
N GLY M 87 -15.02 27.82 -53.86
CA GLY M 87 -14.55 26.57 -54.43
C GLY M 87 -15.60 25.77 -55.19
N ARG M 88 -16.88 26.01 -54.92
CA ARG M 88 -17.97 25.33 -55.63
C ARG M 88 -18.70 26.23 -56.62
N PHE M 89 -19.17 27.40 -56.17
CA PHE M 89 -19.94 28.26 -57.05
C PHE M 89 -19.01 29.15 -57.87
N THR M 90 -19.59 29.82 -58.88
CA THR M 90 -18.80 30.65 -59.81
C THR M 90 -19.71 31.74 -60.36
N ILE M 91 -19.52 32.98 -59.90
CA ILE M 91 -20.27 34.13 -60.40
C ILE M 91 -19.57 34.65 -61.65
N SER M 92 -20.35 35.06 -62.64
CA SER M 92 -19.83 35.43 -63.95
C SER M 92 -20.76 36.45 -64.59
N ARG M 93 -20.22 37.21 -65.54
CA ARG M 93 -21.01 38.22 -66.23
C ARG M 93 -20.93 38.07 -67.75
N ASP M 94 -22.09 38.27 -68.37
CA ASP M 94 -22.19 38.57 -69.79
C ASP M 94 -22.44 40.07 -69.93
N ASN M 95 -21.65 40.74 -70.77
CA ASN M 95 -21.79 42.18 -70.92
C ASN M 95 -22.52 42.57 -72.19
N SER M 96 -22.31 41.86 -73.30
CA SER M 96 -23.10 42.12 -74.50
C SER M 96 -24.57 41.78 -74.30
N GLN M 97 -24.87 40.93 -73.31
CA GLN M 97 -26.23 40.49 -73.05
C GLN M 97 -26.76 40.91 -71.68
N SER M 98 -25.90 41.31 -70.76
CA SER M 98 -26.30 41.89 -69.47
C SER M 98 -26.98 40.85 -68.58
N ILE M 99 -26.34 39.70 -68.41
CA ILE M 99 -26.85 38.61 -67.57
C ILE M 99 -25.79 38.25 -66.54
N LEU M 100 -26.23 37.92 -65.33
CA LEU M 100 -25.34 37.51 -64.24
C LEU M 100 -25.53 36.02 -63.98
N TYR M 101 -24.50 35.21 -64.22
CA TYR M 101 -24.59 33.77 -64.04
C TYR M 101 -23.97 33.35 -62.71
N LEU M 102 -24.74 32.64 -61.89
CA LEU M 102 -24.20 31.88 -60.77
C LEU M 102 -23.98 30.46 -61.25
N GLN M 103 -22.76 29.97 -61.10
CA GLN M 103 -22.43 28.61 -61.51
C GLN M 103 -22.11 27.76 -60.29
N MET M 104 -23.12 27.05 -59.80
CA MET M 104 -22.96 26.06 -58.75
C MET M 104 -22.54 24.73 -59.37
N ASN M 105 -21.53 24.08 -58.80
CA ASN M 105 -20.89 22.99 -59.54
C ASN M 105 -20.86 21.65 -58.81
N THR M 106 -20.60 21.63 -57.50
CA THR M 106 -20.82 20.44 -56.66
C THR M 106 -21.97 20.77 -55.72
N LEU M 107 -23.17 20.37 -56.11
CA LEU M 107 -24.37 20.75 -55.38
C LEU M 107 -24.64 19.79 -54.24
N ARG M 108 -25.00 20.38 -53.11
CA ARG M 108 -25.05 19.70 -51.83
C ARG M 108 -26.44 19.85 -51.24
N ALA M 109 -26.87 18.84 -50.51
CA ALA M 109 -28.13 18.85 -49.79
C ALA M 109 -28.41 20.18 -49.10
N GLU M 110 -27.38 20.76 -48.47
CA GLU M 110 -27.55 22.01 -47.72
C GLU M 110 -27.82 23.21 -48.62
N ASP M 111 -27.44 23.13 -49.91
CA ASP M 111 -27.49 24.22 -50.89
C ASP M 111 -28.90 24.62 -51.28
N SER M 112 -29.92 23.88 -50.82
CA SER M 112 -31.30 24.11 -51.22
C SER M 112 -31.82 25.42 -50.61
N ALA M 113 -32.22 26.34 -51.48
CA ALA M 113 -32.61 27.67 -51.08
C ALA M 113 -33.24 28.34 -52.29
N THR M 114 -33.87 29.49 -52.07
CA THR M 114 -34.21 30.39 -53.17
C THR M 114 -33.10 31.41 -53.26
N TYR M 115 -32.47 31.48 -54.44
CA TYR M 115 -31.31 32.32 -54.69
C TYR M 115 -31.74 33.62 -55.36
N TYR M 116 -31.37 34.74 -54.76
CA TYR M 116 -31.58 36.06 -55.32
C TYR M 116 -30.30 36.52 -56.01
N CYS M 117 -30.44 37.53 -56.86
CA CYS M 117 -29.31 38.34 -57.28
C CYS M 117 -29.66 39.77 -56.93
N ALA M 118 -28.66 40.53 -56.48
CA ALA M 118 -28.91 41.87 -55.95
C ALA M 118 -27.83 42.80 -56.47
N ARG M 119 -28.24 43.79 -57.27
CA ARG M 119 -27.36 44.89 -57.63
C ARG M 119 -26.78 45.53 -56.37
N ASP M 120 -25.50 45.96 -56.45
CA ASP M 120 -24.85 46.72 -55.39
C ASP M 120 -24.81 48.21 -55.74
N TYR M 121 -25.13 49.04 -54.75
CA TYR M 121 -24.78 50.45 -54.77
C TYR M 121 -23.56 50.68 -53.91
N ARG M 122 -22.66 51.55 -54.38
CA ARG M 122 -21.40 51.80 -53.69
C ARG M 122 -21.01 53.26 -53.83
N TYR M 123 -20.40 53.80 -52.76
CA TYR M 123 -19.90 55.17 -52.68
C TYR M 123 -18.59 55.14 -51.90
N ASP M 124 -17.48 54.97 -52.62
CA ASP M 124 -16.18 54.76 -51.97
C ASP M 124 -15.78 55.95 -51.09
N ASP M 125 -16.14 57.17 -51.48
CA ASP M 125 -15.82 58.35 -50.68
C ASP M 125 -16.42 58.30 -49.28
N GLU M 126 -17.49 57.53 -49.07
CA GLU M 126 -18.12 57.44 -47.77
C GLU M 126 -18.27 56.01 -47.27
N TYR M 127 -17.82 55.02 -48.04
CA TYR M 127 -17.98 53.58 -47.75
C TYR M 127 -19.46 53.20 -47.58
N TYR M 128 -20.28 53.65 -48.53
CA TYR M 128 -21.70 53.31 -48.59
C TYR M 128 -21.85 52.07 -49.47
N TYR M 129 -21.74 50.87 -48.90
CA TYR M 129 -21.93 49.65 -49.67
C TYR M 129 -23.27 49.04 -49.30
N ALA M 130 -24.16 48.95 -50.28
CA ALA M 130 -25.52 48.48 -50.07
C ALA M 130 -26.02 47.77 -51.32
N MET M 131 -26.84 46.74 -51.12
CA MET M 131 -27.52 46.06 -52.22
C MET M 131 -28.88 46.74 -52.39
N ASP M 132 -28.97 47.68 -53.33
CA ASP M 132 -30.09 48.60 -53.35
C ASP M 132 -31.31 48.01 -54.04
N TYR M 133 -31.11 47.24 -55.10
CA TYR M 133 -32.23 46.64 -55.82
C TYR M 133 -31.99 45.14 -55.91
N TRP M 134 -33.01 44.36 -55.57
CA TRP M 134 -32.91 42.91 -55.61
C TRP M 134 -33.82 42.34 -56.70
N GLY M 135 -33.73 41.02 -56.85
CA GLY M 135 -34.63 40.28 -57.71
C GLY M 135 -35.76 39.63 -56.93
N GLN M 136 -36.42 38.70 -57.60
CA GLN M 136 -37.59 38.03 -57.04
C GLN M 136 -37.25 36.70 -56.36
N GLY M 137 -36.29 35.95 -56.89
CA GLY M 137 -35.86 34.74 -56.22
C GLY M 137 -36.19 33.46 -56.96
N THR M 138 -35.17 32.72 -57.37
CA THR M 138 -35.34 31.45 -58.05
C THR M 138 -35.00 30.31 -57.10
N SER M 139 -35.98 29.45 -56.83
CA SER M 139 -35.86 28.40 -55.82
C SER M 139 -35.06 27.22 -56.34
N VAL M 140 -33.96 26.90 -55.65
CA VAL M 140 -33.13 25.74 -55.96
C VAL M 140 -33.28 24.72 -54.84
N THR M 141 -33.53 23.46 -55.21
CA THR M 141 -33.66 22.37 -54.26
C THR M 141 -32.72 21.23 -54.64
N VAL M 142 -31.81 20.90 -53.73
CA VAL M 142 -30.88 19.79 -53.92
C VAL M 142 -31.37 18.61 -53.08
N SER M 143 -31.74 17.53 -53.76
CA SER M 143 -32.25 16.31 -53.12
C SER M 143 -32.17 15.09 -54.04
N VAL N 21 -18.48 38.11 -38.23
CA VAL N 21 -19.36 38.79 -37.29
C VAL N 21 -20.65 37.98 -37.22
N VAL N 22 -21.31 37.98 -36.06
CA VAL N 22 -22.64 37.39 -35.91
C VAL N 22 -23.59 38.49 -35.47
N MET N 23 -24.70 38.63 -36.19
CA MET N 23 -25.74 39.60 -35.87
C MET N 23 -26.93 38.89 -35.24
N THR N 24 -27.40 39.42 -34.11
CA THR N 24 -28.51 38.86 -33.35
C THR N 24 -29.63 39.90 -33.28
N GLN N 25 -30.81 39.54 -33.79
CA GLN N 25 -31.99 40.38 -33.68
C GLN N 25 -32.74 40.11 -32.37
N THR N 26 -33.53 41.10 -31.96
CA THR N 26 -34.22 41.05 -30.67
C THR N 26 -35.04 39.78 -30.49
N THR N 27 -36.22 39.72 -31.10
CA THR N 27 -37.15 38.62 -30.96
C THR N 27 -37.53 38.14 -32.35
N SER N 28 -37.87 36.84 -32.45
CA SER N 28 -38.24 36.27 -33.74
C SER N 28 -39.54 36.87 -34.26
N SER N 29 -40.52 37.06 -33.38
CA SER N 29 -41.80 37.68 -33.72
C SER N 29 -42.04 38.88 -32.80
N LEU N 30 -42.37 40.02 -33.41
CA LEU N 30 -42.59 41.28 -32.70
C LEU N 30 -44.01 41.74 -33.04
N SER N 31 -44.87 41.84 -32.02
CA SER N 31 -46.27 42.17 -32.22
C SER N 31 -46.57 43.62 -31.86
N ALA N 32 -47.23 44.34 -32.77
CA ALA N 32 -47.68 45.71 -32.57
C ALA N 32 -49.08 45.84 -33.18
N SER N 33 -49.56 47.07 -33.32
CA SER N 33 -50.82 47.32 -34.02
C SER N 33 -50.58 48.41 -35.04
N LEU N 34 -51.63 48.76 -35.78
CA LEU N 34 -51.52 49.75 -36.83
C LEU N 34 -51.53 51.17 -36.27
N GLY N 35 -50.68 52.03 -36.84
CA GLY N 35 -50.68 53.46 -36.55
C GLY N 35 -49.49 53.94 -35.72
N ASP N 36 -48.99 53.12 -34.81
CA ASP N 36 -48.07 53.55 -33.77
C ASP N 36 -46.62 53.18 -34.10
N ARG N 37 -45.72 53.37 -33.13
CA ARG N 37 -44.27 53.34 -33.33
C ARG N 37 -43.69 52.00 -32.89
N VAL N 38 -43.10 51.27 -33.85
CA VAL N 38 -42.54 49.94 -33.60
C VAL N 38 -41.03 50.08 -33.56
N THR N 39 -40.36 49.13 -32.92
CA THR N 39 -38.90 49.15 -32.85
C THR N 39 -38.34 47.72 -32.98
N ILE N 40 -37.54 47.48 -34.05
CA ILE N 40 -36.76 46.26 -34.24
C ILE N 40 -35.31 46.57 -33.89
N SER N 41 -34.64 45.67 -33.19
CA SER N 41 -33.28 45.90 -32.76
C SER N 41 -32.35 44.79 -33.25
N CYS N 42 -31.20 45.22 -33.77
CA CYS N 42 -30.13 44.35 -34.27
C CYS N 42 -28.95 44.49 -33.32
N SER N 43 -28.27 43.38 -33.02
CA SER N 43 -27.14 43.38 -32.09
C SER N 43 -25.94 42.72 -32.76
N ALA N 44 -24.81 43.42 -32.79
CA ALA N 44 -23.63 43.00 -33.52
C ALA N 44 -22.65 42.32 -32.58
N SER N 45 -22.16 41.14 -32.96
CA SER N 45 -21.22 40.37 -32.13
C SER N 45 -19.86 41.06 -31.94
N GLN N 46 -19.62 42.20 -32.58
CA GLN N 46 -18.51 43.10 -32.27
C GLN N 46 -18.80 44.40 -33.00
N GLY N 47 -17.98 45.42 -32.70
CA GLY N 47 -18.18 46.73 -33.28
C GLY N 47 -18.08 46.74 -34.79
N ILE N 48 -19.21 46.92 -35.47
CA ILE N 48 -19.22 47.00 -36.93
C ILE N 48 -19.17 48.44 -37.40
N SER N 49 -19.16 49.39 -36.49
CA SER N 49 -18.82 50.80 -36.72
C SER N 49 -19.60 51.40 -37.89
N ASN N 50 -20.94 51.35 -37.74
CA ASN N 50 -21.98 52.02 -38.54
C ASN N 50 -22.22 51.38 -39.91
N TYR N 51 -21.49 50.32 -40.27
CA TYR N 51 -21.69 49.64 -41.55
C TYR N 51 -22.77 48.56 -41.33
N LEU N 52 -24.01 49.02 -41.29
CA LEU N 52 -25.17 48.15 -41.11
C LEU N 52 -26.28 48.60 -42.05
N ASN N 53 -26.88 47.65 -42.75
CA ASN N 53 -27.95 47.91 -43.69
C ASN N 53 -29.24 47.25 -43.22
N TRP N 54 -30.38 47.76 -43.72
CA TRP N 54 -31.71 47.32 -43.31
C TRP N 54 -32.49 46.89 -44.55
N TYR N 55 -33.09 45.70 -44.48
CA TYR N 55 -33.88 45.19 -45.60
C TYR N 55 -35.24 44.73 -45.09
N GLN N 56 -36.17 44.58 -46.02
CA GLN N 56 -37.52 44.12 -45.73
C GLN N 56 -37.87 43.02 -46.72
N GLN N 57 -38.59 42.00 -46.24
CA GLN N 57 -39.02 40.88 -47.09
C GLN N 57 -40.45 40.52 -46.77
N LYS N 58 -41.33 40.65 -47.77
CA LYS N 58 -42.74 40.31 -47.64
C LYS N 58 -42.90 38.79 -47.76
N PRO N 59 -44.06 38.25 -47.37
CA PRO N 59 -44.29 36.81 -47.58
C PRO N 59 -44.26 36.38 -49.04
N ASP N 60 -44.31 37.33 -49.99
CA ASP N 60 -44.29 36.97 -51.41
C ASP N 60 -42.88 36.62 -51.90
N GLY N 61 -41.85 37.17 -51.28
CA GLY N 61 -40.47 36.83 -51.60
C GLY N 61 -39.59 38.00 -52.00
N THR N 62 -40.15 39.17 -52.31
CA THR N 62 -39.35 40.29 -52.78
C THR N 62 -38.58 40.92 -51.62
N VAL N 63 -37.36 41.35 -51.92
CA VAL N 63 -36.49 42.02 -50.97
C VAL N 63 -36.21 43.42 -51.51
N LYS N 64 -36.31 44.43 -50.64
CA LYS N 64 -36.11 45.81 -51.05
C LYS N 64 -35.24 46.53 -50.01
N LEU N 65 -34.31 47.34 -50.49
CA LEU N 65 -33.39 48.04 -49.61
C LEU N 65 -34.12 49.14 -48.83
N LEU N 66 -33.96 49.12 -47.52
CA LEU N 66 -34.64 50.08 -46.65
C LEU N 66 -33.68 51.17 -46.16
N ILE N 67 -32.76 50.81 -45.28
CA ILE N 67 -31.80 51.73 -44.69
C ILE N 67 -30.41 51.18 -44.96
N TYR N 68 -29.49 52.04 -45.41
CA TYR N 68 -28.10 51.66 -45.56
C TYR N 68 -27.20 52.64 -44.83
N TYR N 69 -26.18 52.12 -44.16
CA TYR N 69 -25.31 52.91 -43.27
C TYR N 69 -26.10 53.48 -42.10
N THR N 70 -26.79 52.59 -41.36
CA THR N 70 -27.45 52.88 -40.08
C THR N 70 -28.71 53.76 -40.18
N SER N 71 -28.68 54.86 -40.96
CA SER N 71 -29.87 55.72 -40.99
C SER N 71 -30.13 56.44 -42.31
N ILE N 72 -29.59 55.96 -43.47
CA ILE N 72 -29.87 56.60 -44.75
C ILE N 72 -31.06 55.92 -45.41
N LEU N 73 -31.95 56.74 -45.98
CA LEU N 73 -33.16 56.27 -46.64
C LEU N 73 -32.91 55.96 -48.11
N HIS N 74 -33.32 54.76 -48.53
CA HIS N 74 -33.26 54.34 -49.92
C HIS N 74 -34.29 55.11 -50.75
N SER N 75 -34.04 55.20 -52.06
CA SER N 75 -34.95 55.92 -52.95
C SER N 75 -36.32 55.25 -52.97
N GLY N 76 -37.36 56.07 -52.87
CA GLY N 76 -38.73 55.56 -52.84
C GLY N 76 -39.05 54.73 -51.61
N VAL N 77 -38.62 55.19 -50.44
CA VAL N 77 -38.83 54.51 -49.16
C VAL N 77 -39.58 55.45 -48.22
N PRO N 78 -40.57 54.95 -47.46
CA PRO N 78 -41.42 55.84 -46.67
C PRO N 78 -40.62 56.63 -45.64
N SER N 79 -41.10 57.85 -45.36
CA SER N 79 -40.43 58.75 -44.43
C SER N 79 -40.51 58.24 -43.00
N ARG N 80 -41.51 57.41 -42.68
CA ARG N 80 -41.65 56.87 -41.33
C ARG N 80 -40.55 55.85 -41.01
N PHE N 81 -40.16 55.04 -41.99
CA PHE N 81 -39.03 54.13 -41.90
C PHE N 81 -37.71 54.84 -41.62
N SER N 82 -37.15 54.63 -40.44
CA SER N 82 -35.84 55.18 -40.11
C SER N 82 -35.01 54.15 -39.33
N GLY N 83 -33.69 54.32 -39.40
CA GLY N 83 -32.77 53.51 -38.65
C GLY N 83 -31.98 54.38 -37.68
N SER N 84 -31.33 53.72 -36.73
CA SER N 84 -30.51 54.41 -35.73
C SER N 84 -29.62 53.39 -35.04
N GLY N 85 -28.56 53.89 -34.42
CA GLY N 85 -27.70 53.05 -33.60
C GLY N 85 -26.27 53.55 -33.63
N SER N 86 -25.43 52.91 -32.82
CA SER N 86 -24.00 53.17 -32.79
C SER N 86 -23.29 51.92 -32.30
N GLY N 87 -22.03 51.77 -32.69
CA GLY N 87 -21.24 50.63 -32.21
C GLY N 87 -21.82 49.30 -32.65
N THR N 88 -22.08 48.43 -31.68
CA THR N 88 -22.65 47.11 -31.92
C THR N 88 -24.17 47.11 -31.85
N ASP N 89 -24.81 48.23 -31.53
CA ASP N 89 -26.26 48.31 -31.37
C ASP N 89 -26.87 49.18 -32.45
N TYR N 90 -27.88 48.66 -33.14
CA TYR N 90 -28.58 49.35 -34.20
C TYR N 90 -30.06 49.02 -34.05
N SER N 91 -30.91 49.81 -34.70
CA SER N 91 -32.35 49.57 -34.61
C SER N 91 -33.07 50.17 -35.81
N LEU N 92 -34.29 49.69 -36.03
CA LEU N 92 -35.18 50.17 -37.09
C LEU N 92 -36.54 50.46 -36.48
N THR N 93 -36.88 51.75 -36.38
CA THR N 93 -38.17 52.20 -35.85
C THR N 93 -39.03 52.73 -36.99
N ILE N 94 -40.22 52.17 -37.17
CA ILE N 94 -41.22 52.75 -38.05
C ILE N 94 -42.13 53.60 -37.16
N SER N 95 -42.49 54.80 -37.62
CA SER N 95 -43.26 55.70 -36.75
C SER N 95 -44.79 55.50 -36.85
N ASN N 96 -45.32 55.09 -38.00
CA ASN N 96 -46.74 54.74 -38.16
C ASN N 96 -46.86 53.39 -38.88
N LEU N 97 -47.09 52.31 -38.13
CA LEU N 97 -47.28 50.99 -38.72
C LEU N 97 -48.54 50.94 -39.57
N GLU N 98 -48.38 50.80 -40.90
CA GLU N 98 -49.44 50.68 -41.90
C GLU N 98 -49.69 49.22 -42.24
N PRO N 99 -50.81 48.89 -42.88
CA PRO N 99 -51.05 47.48 -43.23
C PRO N 99 -50.04 46.89 -44.21
N GLU N 100 -49.28 47.74 -44.92
CA GLU N 100 -48.28 47.23 -45.85
C GLU N 100 -46.97 46.87 -45.15
N ASP N 101 -46.58 47.64 -44.12
CA ASP N 101 -45.29 47.49 -43.46
C ASP N 101 -45.16 46.19 -42.66
N ILE N 102 -46.08 45.25 -42.85
CA ILE N 102 -46.05 43.98 -42.13
C ILE N 102 -45.31 42.94 -42.98
N ALA N 103 -44.09 42.61 -42.54
CA ALA N 103 -43.21 41.70 -43.25
C ALA N 103 -41.99 41.43 -42.38
N THR N 104 -41.11 40.54 -42.86
CA THR N 104 -39.90 40.15 -42.15
C THR N 104 -38.77 41.15 -42.44
N TYR N 105 -38.07 41.58 -41.38
CA TYR N 105 -37.11 42.68 -41.43
C TYR N 105 -35.71 42.17 -41.08
N TYR N 106 -34.76 42.34 -42.00
CA TYR N 106 -33.39 41.86 -41.83
C TYR N 106 -32.40 43.01 -41.77
N CYS N 107 -31.38 42.85 -40.91
CA CYS N 107 -30.21 43.70 -40.84
C CYS N 107 -28.99 42.94 -41.37
N GLN N 108 -27.92 43.69 -41.64
CA GLN N 108 -26.68 43.10 -42.13
C GLN N 108 -25.54 44.09 -42.00
N GLN N 109 -24.33 43.55 -41.89
CA GLN N 109 -23.11 44.33 -41.77
C GLN N 109 -22.18 44.06 -42.93
N TYR N 110 -21.40 45.08 -43.32
CA TYR N 110 -20.37 44.97 -44.33
C TYR N 110 -19.03 45.51 -43.82
N SER N 111 -18.79 45.41 -42.50
CA SER N 111 -17.49 45.81 -41.94
C SER N 111 -16.42 44.73 -42.12
N LYS N 112 -16.79 43.46 -42.10
CA LYS N 112 -15.86 42.36 -42.36
C LYS N 112 -16.37 41.56 -43.55
N PHE N 113 -15.44 40.82 -44.21
CA PHE N 113 -15.71 40.37 -45.58
C PHE N 113 -16.98 39.52 -45.70
N PRO N 114 -17.15 38.41 -44.96
CA PRO N 114 -18.43 37.72 -45.07
C PRO N 114 -19.55 38.66 -44.61
N ARG N 115 -20.31 39.19 -45.57
CA ARG N 115 -21.47 40.03 -45.29
C ARG N 115 -22.54 39.18 -44.60
N THR N 116 -22.76 39.40 -43.31
CA THR N 116 -23.70 38.61 -42.53
C THR N 116 -25.02 39.36 -42.34
N PHE N 117 -26.13 38.68 -42.60
CA PHE N 117 -27.44 39.23 -42.32
C PHE N 117 -27.87 38.95 -40.88
N GLY N 118 -28.91 39.67 -40.45
CA GLY N 118 -29.57 39.41 -39.19
C GLY N 118 -30.47 38.19 -39.26
N GLY N 119 -31.31 38.06 -38.25
CA GLY N 119 -32.09 36.85 -38.10
C GLY N 119 -33.48 36.94 -38.69
N GLY N 120 -33.94 38.16 -38.90
CA GLY N 120 -35.29 38.36 -39.40
C GLY N 120 -36.30 38.47 -38.27
N THR N 121 -36.75 39.70 -38.03
CA THR N 121 -37.83 40.00 -37.10
C THR N 121 -39.11 40.24 -37.89
N LYS N 122 -40.12 39.39 -37.70
CA LYS N 122 -41.41 39.57 -38.36
C LYS N 122 -42.34 40.37 -37.46
N LEU N 123 -43.21 41.17 -38.09
CA LEU N 123 -44.18 42.00 -37.38
C LEU N 123 -45.57 41.40 -37.53
N GLU N 124 -46.27 41.26 -36.40
CA GLU N 124 -47.66 40.80 -36.33
C GLU N 124 -48.52 41.90 -35.71
N ILE N 125 -49.84 41.73 -35.78
CA ILE N 125 -50.75 42.81 -35.35
C ILE N 125 -51.49 42.44 -34.07
N GLY O 22 12.01 69.54 -29.23
CA GLY O 22 11.62 69.72 -27.85
C GLY O 22 10.21 69.22 -27.51
N PRO O 23 9.86 69.13 -26.20
CA PRO O 23 8.67 68.37 -25.79
C PRO O 23 7.30 68.94 -26.15
N ILE O 24 6.23 68.31 -25.67
CA ILE O 24 4.86 68.78 -25.87
C ILE O 24 4.30 69.44 -24.61
N ILE O 25 4.62 68.90 -23.44
CA ILE O 25 4.14 69.42 -22.16
C ILE O 25 5.32 69.50 -21.20
N CYS O 26 5.93 68.36 -20.91
CA CYS O 26 6.89 68.21 -19.82
C CYS O 26 8.32 68.14 -20.35
N ALA O 27 9.24 68.82 -19.67
CA ALA O 27 10.64 68.79 -20.04
C ALA O 27 11.24 67.43 -19.70
N GLY O 28 12.44 67.18 -20.25
CA GLY O 28 13.15 65.94 -20.10
C GLY O 28 13.16 65.45 -18.66
N PRO O 29 13.08 64.13 -18.47
CA PRO O 29 12.96 63.58 -17.10
C PRO O 29 14.28 63.57 -16.37
N ILE O 30 14.21 63.83 -15.07
CA ILE O 30 15.38 63.67 -14.20
C ILE O 30 15.02 62.70 -13.07
N HIS O 31 15.03 61.39 -13.35
CA HIS O 31 14.59 60.40 -12.37
C HIS O 31 15.62 60.20 -11.28
N SER O 32 15.13 60.05 -10.04
CA SER O 32 15.99 59.85 -8.89
C SER O 32 16.53 58.42 -8.88
N ASN O 33 15.65 57.41 -8.78
CA ASN O 33 16.05 56.01 -8.72
C ASN O 33 15.26 55.14 -9.70
N LYS O 34 15.94 54.12 -10.25
CA LYS O 34 15.31 53.17 -11.15
C LYS O 34 14.26 52.33 -10.45
N SER O 35 14.30 52.27 -9.12
CA SER O 35 13.47 51.36 -8.37
C SER O 35 12.05 51.90 -8.15
N ALA O 36 11.82 53.18 -8.46
CA ALA O 36 10.47 53.75 -8.40
C ALA O 36 9.63 53.25 -9.59
N ASP O 37 8.35 53.02 -9.34
CA ASP O 37 7.46 52.48 -10.37
C ASP O 37 6.73 53.59 -11.14
N ILE O 38 6.15 53.17 -12.27
CA ILE O 38 5.48 54.08 -13.20
C ILE O 38 3.97 53.98 -12.98
N PRO O 39 3.31 55.06 -12.56
CA PRO O 39 1.87 55.00 -12.32
C PRO O 39 1.12 55.00 -13.64
N HIS O 40 -0.07 54.41 -13.62
CA HIS O 40 -0.97 54.46 -14.77
C HIS O 40 -1.87 55.68 -14.62
N LEU O 41 -1.71 56.66 -15.51
CA LEU O 41 -2.51 57.87 -15.43
C LEU O 41 -3.66 57.82 -16.43
N LEU O 42 -4.77 58.48 -16.08
CA LEU O 42 -6.00 58.42 -16.87
C LEU O 42 -6.24 59.66 -17.72
N GLY O 43 -5.74 60.82 -17.29
CA GLY O 43 -5.89 62.00 -18.09
C GLY O 43 -5.20 61.86 -19.44
N TYR O 44 -5.76 62.53 -20.44
CA TYR O 44 -5.12 62.53 -21.77
C TYR O 44 -3.80 63.31 -21.72
N SER O 45 -3.81 64.50 -21.12
CA SER O 45 -2.59 65.30 -21.01
C SER O 45 -1.57 64.69 -20.05
N GLU O 46 -2.04 63.94 -19.04
CA GLU O 46 -1.12 63.16 -18.20
C GLU O 46 -0.37 62.11 -19.00
N LYS O 47 -1.06 61.42 -19.91
CA LYS O 47 -0.41 60.42 -20.75
C LYS O 47 0.56 61.08 -21.73
N ILE O 48 0.14 62.18 -22.35
CA ILE O 48 0.97 62.91 -23.30
C ILE O 48 2.27 63.36 -22.63
N CYS O 49 2.20 63.84 -21.38
CA CYS O 49 3.41 64.16 -20.64
C CYS O 49 4.28 62.93 -20.42
N GLN O 50 3.66 61.80 -20.03
CA GLN O 50 4.40 60.55 -19.85
C GLN O 50 5.13 60.15 -21.11
N ILE O 51 4.52 60.36 -22.28
CA ILE O 51 5.16 60.00 -23.55
C ILE O 51 6.36 60.90 -23.83
N ASP O 52 6.25 62.19 -23.46
CA ASP O 52 7.36 63.12 -23.63
C ASP O 52 8.62 62.68 -22.89
N ARG O 53 8.45 62.09 -21.71
CA ARG O 53 9.58 61.63 -20.91
C ARG O 53 9.98 60.19 -21.19
N LEU O 54 9.47 59.58 -22.25
CA LEU O 54 9.79 58.20 -22.59
C LEU O 54 9.49 57.25 -21.43
N ILE O 55 8.54 57.64 -20.57
CA ILE O 55 8.06 56.74 -19.53
C ILE O 55 7.31 55.57 -20.18
N HIS O 56 6.74 55.79 -21.37
CA HIS O 56 6.01 54.73 -22.06
C HIS O 56 6.95 53.64 -22.58
N VAL O 57 8.03 54.04 -23.25
CA VAL O 57 9.07 53.10 -23.67
C VAL O 57 9.74 52.43 -22.47
N SER O 58 9.98 53.20 -21.40
CA SER O 58 10.55 52.64 -20.17
C SER O 58 9.64 51.57 -19.58
N SER O 59 8.34 51.89 -19.43
CA SER O 59 7.39 50.89 -18.96
C SER O 59 7.42 49.64 -19.86
N TRP O 60 7.43 49.84 -21.20
CA TRP O 60 7.50 48.73 -22.14
C TRP O 60 8.71 47.83 -21.87
N LEU O 61 9.87 48.43 -21.60
CA LEU O 61 11.08 47.66 -21.38
C LEU O 61 10.96 46.79 -20.13
N ARG O 62 10.37 47.35 -19.06
CA ARG O 62 10.11 46.57 -17.86
C ARG O 62 9.15 45.42 -18.16
N ASN O 63 8.00 45.75 -18.75
CA ASN O 63 6.93 44.81 -19.09
C ASN O 63 7.42 43.64 -19.96
N HIS O 64 8.56 43.79 -20.67
CA HIS O 64 8.92 42.87 -21.75
C HIS O 64 10.32 42.23 -21.69
N SER O 65 11.33 42.92 -21.14
CA SER O 65 12.70 42.45 -21.24
C SER O 65 13.44 42.28 -19.91
N GLN O 66 12.74 42.18 -18.77
CA GLN O 66 13.37 42.19 -17.42
C GLN O 66 14.26 43.42 -17.24
N PHE O 67 13.77 44.57 -17.69
CA PHE O 67 14.44 45.86 -17.56
C PHE O 67 13.98 46.56 -16.28
N GLN O 68 14.92 47.14 -15.54
CA GLN O 68 14.62 47.90 -14.31
C GLN O 68 14.94 49.37 -14.52
N GLY O 69 13.91 50.22 -14.45
CA GLY O 69 14.11 51.66 -14.38
C GLY O 69 13.48 52.36 -15.57
N TYR O 70 14.17 53.41 -16.03
CA TYR O 70 13.64 54.24 -17.11
C TYR O 70 14.67 54.41 -18.22
N VAL O 71 14.22 55.03 -19.32
CA VAL O 71 15.05 55.40 -20.45
C VAL O 71 14.65 56.82 -20.81
N GLY O 72 15.51 57.50 -21.56
CA GLY O 72 15.23 58.86 -21.93
C GLY O 72 15.57 59.87 -20.86
N GLN O 73 16.56 59.58 -20.02
CA GLN O 73 16.97 60.48 -18.95
C GLN O 73 17.59 61.74 -19.53
N ARG O 74 17.04 62.90 -19.12
CA ARG O 74 17.48 64.24 -19.52
C ARG O 74 17.16 64.59 -20.97
N GLY O 75 17.43 63.69 -21.92
CA GLY O 75 17.13 63.99 -23.31
C GLY O 75 15.63 64.16 -23.56
N GLY O 76 14.83 63.20 -23.08
CA GLY O 76 13.39 63.19 -23.31
C GLY O 76 13.00 62.49 -24.60
N ARG O 77 11.71 62.62 -24.94
CA ARG O 77 11.22 61.93 -26.14
C ARG O 77 11.83 62.50 -27.41
N SER O 78 12.12 63.82 -27.41
CA SER O 78 12.65 64.53 -28.58
C SER O 78 14.09 64.14 -28.92
N GLN O 79 14.81 63.48 -28.03
CA GLN O 79 16.19 63.10 -28.25
C GLN O 79 16.31 61.63 -28.65
N VAL O 80 15.21 61.04 -29.15
CA VAL O 80 15.24 59.65 -29.59
C VAL O 80 15.92 59.61 -30.95
N SER O 81 16.72 58.57 -31.20
CA SER O 81 17.39 58.39 -32.48
C SER O 81 16.50 57.56 -33.41
N TYR O 82 16.28 58.05 -34.63
CA TYR O 82 15.44 57.41 -35.63
C TYR O 82 16.32 56.84 -36.73
N TYR O 83 15.94 55.64 -37.26
CA TYR O 83 16.77 54.97 -38.28
C TYR O 83 17.11 55.89 -39.45
N PRO O 84 16.18 56.37 -40.28
CA PRO O 84 16.61 57.41 -41.23
C PRO O 84 17.10 58.56 -40.38
N ALA O 85 18.35 59.00 -40.65
CA ALA O 85 19.08 59.77 -39.65
C ALA O 85 18.31 61.04 -39.30
N GLU O 86 17.96 61.84 -40.29
CA GLU O 86 16.90 62.81 -40.08
C GLU O 86 15.56 62.21 -40.49
N ASN O 87 14.50 62.83 -39.99
CA ASN O 87 13.20 62.19 -39.85
C ASN O 87 12.22 63.34 -39.89
N SER O 88 11.51 63.48 -41.02
CA SER O 88 10.73 64.69 -41.27
C SER O 88 9.57 64.85 -40.27
N TYR O 89 8.87 63.75 -39.94
CA TYR O 89 7.69 63.86 -39.09
C TYR O 89 8.04 64.10 -37.62
N SER O 90 9.18 63.58 -37.15
CA SER O 90 9.56 63.74 -35.76
C SER O 90 9.86 65.19 -35.38
N ARG O 91 10.16 66.05 -36.34
CA ARG O 91 10.32 67.47 -36.04
C ARG O 91 9.02 68.06 -35.49
N TRP O 92 7.87 67.51 -35.88
CA TRP O 92 6.58 67.90 -35.33
C TRP O 92 6.30 67.03 -34.09
N SER O 93 6.27 67.67 -32.91
CA SER O 93 6.13 66.95 -31.64
C SER O 93 4.80 66.25 -31.53
N GLY O 94 3.76 66.78 -32.15
CA GLY O 94 2.43 66.26 -31.96
C GLY O 94 2.07 65.11 -32.85
N LEU O 95 2.95 64.70 -33.76
CA LEU O 95 2.75 63.43 -34.44
C LEU O 95 3.26 62.30 -33.57
N LEU O 96 2.53 61.18 -33.58
CA LEU O 96 2.80 60.04 -32.71
C LEU O 96 3.63 58.99 -33.43
N SER O 97 4.61 58.44 -32.73
CA SER O 97 5.37 57.30 -33.21
C SER O 97 4.61 56.02 -32.89
N PRO O 98 5.03 54.88 -33.47
CA PRO O 98 4.39 53.61 -33.07
C PRO O 98 4.31 53.39 -31.57
N CYS O 99 5.36 53.75 -30.80
CA CYS O 99 5.35 53.62 -29.34
C CYS O 99 4.43 54.63 -28.66
N ASP O 100 4.42 55.87 -29.15
CA ASP O 100 3.53 56.88 -28.56
C ASP O 100 2.08 56.43 -28.69
N ALA O 101 1.75 55.81 -29.83
CA ALA O 101 0.41 55.30 -30.08
C ALA O 101 0.08 54.12 -29.17
N ASP O 102 1.08 53.30 -28.80
CA ASP O 102 0.88 52.19 -27.88
C ASP O 102 0.28 52.65 -26.55
N TRP O 103 0.88 53.68 -25.95
CA TRP O 103 0.51 54.23 -24.65
C TRP O 103 -0.89 54.84 -24.65
N LEU O 104 -1.42 55.22 -25.83
CA LEU O 104 -2.75 55.79 -25.96
C LEU O 104 -3.73 54.80 -26.54
N GLY O 105 -3.45 53.50 -26.43
CA GLY O 105 -4.36 52.44 -26.81
C GLY O 105 -4.68 52.28 -28.28
N MET O 106 -4.06 53.07 -29.16
CA MET O 106 -4.34 52.98 -30.60
C MET O 106 -3.72 51.76 -31.28
N LEU O 107 -2.67 51.16 -30.71
CA LEU O 107 -2.01 50.01 -31.31
C LEU O 107 -1.20 49.27 -30.24
N VAL O 108 -0.54 48.21 -30.66
CA VAL O 108 0.29 47.38 -29.77
C VAL O 108 1.65 47.23 -30.44
N VAL O 109 2.71 47.67 -29.75
CA VAL O 109 4.08 47.41 -30.20
C VAL O 109 4.48 46.05 -29.64
N LYS O 110 4.48 45.06 -30.53
CA LYS O 110 4.67 43.67 -30.19
C LYS O 110 6.07 43.42 -29.66
N LYS O 111 6.18 42.54 -28.67
CA LYS O 111 7.48 41.99 -28.30
C LYS O 111 7.98 41.11 -29.44
N ALA O 112 9.24 41.29 -29.83
CA ALA O 112 9.77 40.56 -30.96
C ALA O 112 9.89 39.07 -30.65
N LYS O 113 9.49 38.23 -31.61
CA LYS O 113 9.64 36.78 -31.56
C LYS O 113 10.83 36.40 -32.42
N GLY O 114 11.31 35.16 -32.23
CA GLY O 114 12.46 34.68 -32.99
C GLY O 114 12.33 34.89 -34.49
N SER O 115 11.12 34.78 -35.03
CA SER O 115 10.87 34.94 -36.45
C SER O 115 10.90 36.39 -36.93
N ASP O 116 10.66 37.37 -36.04
CA ASP O 116 10.54 38.77 -36.45
C ASP O 116 11.91 39.31 -36.89
N MET O 117 12.01 39.73 -38.17
CA MET O 117 13.30 40.04 -38.80
C MET O 117 13.83 41.43 -38.52
N ILE O 118 15.08 41.50 -38.07
CA ILE O 118 15.78 42.75 -37.80
C ILE O 118 16.34 43.33 -39.11
N VAL O 119 15.86 44.52 -39.48
CA VAL O 119 16.31 45.18 -40.71
C VAL O 119 17.73 45.68 -40.55
N PRO O 120 18.57 45.59 -41.58
CA PRO O 120 19.90 46.19 -41.52
C PRO O 120 19.91 47.65 -41.99
N GLY O 121 20.89 48.39 -41.50
CA GLY O 121 20.93 49.81 -41.73
C GLY O 121 21.14 50.58 -40.45
N PRO O 122 20.26 50.38 -39.48
CA PRO O 122 20.35 51.16 -38.23
C PRO O 122 21.62 50.90 -37.44
N SER O 123 22.00 51.91 -36.68
CA SER O 123 23.09 51.87 -35.70
C SER O 123 22.55 51.25 -34.41
N TYR O 124 22.66 49.93 -34.27
CA TYR O 124 22.12 49.26 -33.07
C TYR O 124 23.05 49.33 -31.87
N LYS O 125 24.35 49.63 -32.06
CA LYS O 125 25.31 49.57 -30.97
C LYS O 125 24.83 50.45 -29.81
N GLY O 126 24.72 49.82 -28.64
CA GLY O 126 24.33 50.52 -27.44
C GLY O 126 22.85 50.66 -27.20
N LYS O 127 22.01 50.37 -28.19
CA LYS O 127 20.57 50.59 -28.06
C LYS O 127 19.93 49.57 -27.11
N VAL O 128 19.08 50.06 -26.20
CA VAL O 128 18.37 49.18 -25.24
C VAL O 128 16.95 48.88 -25.69
N PHE O 129 16.39 49.68 -26.58
CA PHE O 129 15.10 49.44 -27.21
C PHE O 129 15.22 49.94 -28.64
N PHE O 130 14.82 49.11 -29.60
CA PHE O 130 14.56 49.60 -30.94
C PHE O 130 13.27 48.96 -31.44
N GLU O 131 12.55 49.69 -32.27
CA GLU O 131 11.24 49.27 -32.73
C GLU O 131 11.09 49.66 -34.19
N ARG O 132 10.39 48.84 -34.96
CA ARG O 132 10.01 49.22 -36.31
C ARG O 132 8.59 48.80 -36.62
N PRO O 133 7.87 49.54 -37.48
CA PRO O 133 6.64 49.01 -38.06
C PRO O 133 6.96 47.88 -39.04
N THR O 134 6.30 46.73 -38.86
CA THR O 134 6.41 45.62 -39.79
C THR O 134 5.18 45.55 -40.69
N PHE O 135 5.21 44.60 -41.64
CA PHE O 135 4.15 44.53 -42.63
C PHE O 135 2.80 44.25 -41.99
N ASP O 136 2.78 43.43 -40.93
CA ASP O 136 1.52 43.07 -40.28
C ASP O 136 1.42 43.57 -38.82
N GLY O 137 2.05 44.70 -38.51
CA GLY O 137 1.97 45.26 -37.17
C GLY O 137 3.16 46.17 -36.87
N TYR O 138 3.46 46.31 -35.58
CA TYR O 138 4.58 47.11 -35.07
C TYR O 138 5.30 46.30 -34.01
N VAL O 139 6.62 46.12 -34.17
CA VAL O 139 7.39 45.21 -33.33
C VAL O 139 8.49 45.97 -32.60
N GLY O 140 8.67 45.67 -31.31
CA GLY O 140 9.72 46.27 -30.51
C GLY O 140 10.65 45.22 -29.91
N TRP O 141 11.93 45.60 -29.74
CA TRP O 141 13.00 44.76 -29.22
C TRP O 141 13.51 45.36 -27.93
N GLY O 142 13.62 44.56 -26.87
CA GLY O 142 14.12 45.14 -25.64
C GLY O 142 15.38 44.50 -25.11
N CYS O 143 16.08 45.18 -24.18
CA CYS O 143 17.23 44.63 -23.49
C CYS O 143 17.01 44.68 -21.99
N GLY O 144 17.55 43.67 -21.32
CA GLY O 144 17.49 43.56 -19.87
C GLY O 144 18.42 44.54 -19.18
N SER O 145 18.42 44.45 -17.86
CA SER O 145 19.22 45.33 -17.03
C SER O 145 20.70 45.18 -17.35
N GLY O 146 21.39 46.31 -17.49
CA GLY O 146 22.81 46.30 -17.72
C GLY O 146 23.22 45.72 -19.04
N LYS O 147 22.28 45.59 -19.99
CA LYS O 147 22.53 45.06 -21.31
C LYS O 147 22.19 46.10 -22.36
N SER O 148 22.73 45.90 -23.56
CA SER O 148 22.47 46.77 -24.70
C SER O 148 22.78 45.98 -25.97
N ARG O 149 22.32 46.52 -27.11
CA ARG O 149 22.35 45.78 -28.37
C ARG O 149 23.73 45.80 -29.03
N THR O 150 24.13 44.66 -29.60
CA THR O 150 25.29 44.53 -30.49
C THR O 150 25.09 45.43 -31.72
N GLU O 151 26.03 45.55 -32.67
CA GLU O 151 25.74 46.43 -33.81
C GLU O 151 24.94 45.70 -34.88
N SER O 152 24.89 44.37 -34.83
CA SER O 152 24.00 43.65 -35.73
C SER O 152 22.56 43.77 -35.26
N GLY O 153 22.36 43.98 -33.95
CA GLY O 153 21.06 43.97 -33.35
C GLY O 153 20.67 42.62 -32.81
N GLU O 154 21.49 41.60 -33.05
CA GLU O 154 21.04 40.24 -32.89
C GLU O 154 21.32 39.67 -31.51
N LEU O 155 21.83 40.46 -30.58
CA LEU O 155 22.12 39.96 -29.24
C LEU O 155 22.25 41.14 -28.29
N CYS O 156 21.81 40.96 -27.05
CA CYS O 156 22.09 41.92 -25.98
C CYS O 156 23.25 41.37 -25.16
N SER O 157 24.45 41.87 -25.45
CA SER O 157 25.63 41.59 -24.64
C SER O 157 25.76 42.69 -23.57
N SER O 158 26.45 42.34 -22.49
CA SER O 158 26.52 43.23 -21.33
C SER O 158 27.24 44.55 -21.64
N ASP O 159 26.60 45.67 -21.26
CA ASP O 159 27.09 47.05 -21.43
C ASP O 159 27.04 47.77 -20.08
N SER O 160 28.20 47.90 -19.42
CA SER O 160 28.27 48.44 -18.08
C SER O 160 27.98 49.94 -18.00
N ARG O 161 27.76 50.63 -19.12
CA ARG O 161 27.32 52.02 -19.08
C ARG O 161 25.84 52.16 -18.84
N THR O 162 25.11 51.04 -18.88
CA THR O 162 23.66 51.01 -18.68
C THR O 162 23.26 50.60 -17.27
N SER O 163 24.21 50.19 -16.43
CA SER O 163 23.88 49.61 -15.13
C SER O 163 23.18 50.57 -14.19
N SER O 164 23.26 51.89 -14.44
CA SER O 164 22.57 52.86 -13.57
C SER O 164 21.06 52.63 -13.55
N GLY O 165 20.50 52.10 -14.64
CA GLY O 165 19.07 51.96 -14.79
C GLY O 165 18.37 53.20 -15.28
N LEU O 166 19.06 54.35 -15.24
CA LEU O 166 18.56 55.63 -15.72
C LEU O 166 19.52 56.05 -16.83
N LEU O 167 19.15 55.68 -18.10
CA LEU O 167 19.82 55.69 -19.39
C LEU O 167 19.42 56.92 -20.20
N PRO O 168 20.30 57.42 -21.08
CA PRO O 168 19.94 58.59 -21.88
C PRO O 168 19.00 58.19 -23.01
N SER O 169 18.49 59.22 -23.70
CA SER O 169 17.44 58.98 -24.67
C SER O 169 17.95 58.41 -26.00
N ASP O 170 19.25 58.55 -26.31
CA ASP O 170 19.78 57.97 -27.54
C ASP O 170 19.91 56.46 -27.43
N ARG O 171 19.62 55.90 -26.27
CA ARG O 171 19.61 54.46 -26.10
C ARG O 171 18.36 53.83 -26.72
N VAL O 172 17.40 54.65 -27.17
CA VAL O 172 16.14 54.21 -27.76
C VAL O 172 16.12 54.58 -29.24
N LEU O 173 15.80 53.61 -30.10
CA LEU O 173 15.80 53.77 -31.55
C LEU O 173 14.43 53.45 -32.11
N TRP O 174 13.88 54.36 -32.94
CA TRP O 174 12.57 54.18 -33.56
C TRP O 174 12.76 54.12 -35.06
N ILE O 175 12.62 52.93 -35.65
CA ILE O 175 12.93 52.77 -37.07
C ILE O 175 11.79 53.35 -37.90
N GLY O 176 12.14 54.18 -38.86
CA GLY O 176 11.15 54.65 -39.81
C GLY O 176 10.67 56.06 -39.49
N ASP O 177 10.10 56.70 -40.50
CA ASP O 177 9.48 58.01 -40.42
C ASP O 177 7.96 57.88 -40.45
N VAL O 178 7.36 57.67 -39.27
CA VAL O 178 5.94 57.33 -39.15
C VAL O 178 5.21 58.47 -38.44
N ALA O 179 3.93 58.64 -38.80
CA ALA O 179 3.00 59.50 -38.06
C ALA O 179 1.73 58.71 -37.80
N CYS O 180 1.23 58.77 -36.56
CA CYS O 180 0.11 57.94 -36.13
C CYS O 180 -1.00 58.78 -35.52
N GLN O 181 -2.23 58.45 -35.90
CA GLN O 181 -3.41 59.26 -35.62
C GLN O 181 -4.60 58.35 -35.39
N PRO O 182 -5.68 58.86 -34.80
CA PRO O 182 -6.88 58.05 -34.68
C PRO O 182 -7.44 57.73 -36.05
N MET O 183 -7.91 56.51 -36.21
CA MET O 183 -8.32 56.00 -37.52
C MET O 183 -9.82 55.74 -37.48
N THR O 184 -10.56 56.39 -38.38
CA THR O 184 -11.94 56.01 -38.64
C THR O 184 -11.98 54.73 -39.46
N PRO O 185 -12.58 53.64 -38.96
CA PRO O 185 -12.31 52.33 -39.56
C PRO O 185 -13.04 52.18 -40.88
N ILE O 186 -12.40 51.49 -41.82
CA ILE O 186 -12.93 51.33 -43.17
C ILE O 186 -13.50 49.93 -43.29
N PRO O 187 -14.56 49.71 -44.06
CA PRO O 187 -15.05 48.34 -44.22
C PRO O 187 -13.97 47.48 -44.84
N GLU O 188 -13.90 46.22 -44.39
CA GLU O 188 -12.94 45.28 -44.97
C GLU O 188 -13.13 45.20 -46.47
N GLU O 189 -14.32 45.58 -46.96
CA GLU O 189 -14.56 45.74 -48.39
C GLU O 189 -13.53 46.69 -49.00
N THR O 190 -13.36 47.87 -48.37
CA THR O 190 -12.39 48.85 -48.84
C THR O 190 -10.98 48.29 -48.80
N PHE O 191 -10.65 47.55 -47.74
CA PHE O 191 -9.29 47.03 -47.56
C PHE O 191 -8.93 45.98 -48.63
N LEU O 192 -9.88 45.12 -49.00
CA LEU O 192 -9.63 44.15 -50.06
C LEU O 192 -9.28 44.84 -51.37
N GLU O 193 -9.90 45.99 -51.67
CA GLU O 193 -9.62 46.67 -52.93
C GLU O 193 -8.33 47.50 -52.89
N LEU O 194 -7.99 48.10 -51.75
CA LEU O 194 -6.71 48.81 -51.62
C LEU O 194 -5.54 47.82 -51.64
N LYS O 195 -5.66 46.71 -50.90
CA LYS O 195 -4.65 45.65 -50.96
C LYS O 195 -4.43 45.17 -52.40
N SER O 196 -5.51 44.98 -53.15
CA SER O 196 -5.40 44.51 -54.54
C SER O 196 -4.50 45.44 -55.36
N PHE O 197 -4.71 46.75 -55.27
CA PHE O 197 -3.91 47.69 -56.03
C PHE O 197 -2.44 47.60 -55.66
N SER O 198 -2.13 47.46 -54.37
CA SER O 198 -0.74 47.35 -53.92
C SER O 198 -0.04 46.15 -54.54
N GLN O 199 -0.71 45.00 -54.58
CA GLN O 199 -0.16 43.82 -55.25
C GLN O 199 0.11 44.10 -56.72
N SER O 200 -0.74 44.91 -57.34
CA SER O 200 -0.53 45.23 -58.74
C SER O 200 0.61 46.22 -58.92
N GLU O 201 0.84 47.10 -57.94
CA GLU O 201 1.95 48.04 -58.00
C GLU O 201 3.29 47.40 -57.59
N PHE O 202 3.25 46.30 -56.83
CA PHE O 202 4.46 45.64 -56.34
C PHE O 202 4.46 44.18 -56.75
N PRO O 203 4.43 43.90 -58.06
CA PRO O 203 4.27 42.51 -58.51
C PRO O 203 5.48 41.63 -58.26
N ASP O 204 6.65 42.20 -58.00
CA ASP O 204 7.88 41.43 -57.86
C ASP O 204 8.12 40.93 -56.44
N ILE O 205 7.41 41.49 -55.46
CA ILE O 205 7.52 41.09 -54.06
C ILE O 205 6.70 39.83 -53.83
N CYS O 206 7.26 38.89 -53.06
CA CYS O 206 6.57 37.65 -52.70
C CYS O 206 6.08 37.65 -51.27
N LYS O 207 6.97 37.94 -50.32
CA LYS O 207 6.63 38.00 -48.91
C LYS O 207 7.34 39.18 -48.27
N ILE O 208 6.59 40.01 -47.54
CA ILE O 208 7.17 41.10 -46.75
C ILE O 208 7.11 40.64 -45.30
N ASP O 209 8.27 40.59 -44.64
CA ASP O 209 8.37 40.18 -43.23
C ASP O 209 7.68 38.83 -42.99
N GLY O 210 7.86 37.89 -43.91
CA GLY O 210 7.32 36.55 -43.74
C GLY O 210 5.84 36.39 -43.96
N ILE O 211 5.10 37.46 -44.24
CA ILE O 211 3.66 37.42 -44.53
C ILE O 211 3.49 37.36 -46.04
N VAL O 212 2.66 36.44 -46.52
CA VAL O 212 2.51 36.32 -47.97
C VAL O 212 1.88 37.58 -48.54
N PHE O 213 2.58 38.22 -49.48
CA PHE O 213 2.10 39.42 -50.16
C PHE O 213 1.56 39.07 -51.55
N ASN O 214 2.39 38.44 -52.36
CA ASN O 214 1.97 37.69 -53.53
C ASN O 214 2.32 36.23 -53.28
N GLN O 215 1.70 35.31 -54.01
CA GLN O 215 2.14 33.92 -53.94
C GLN O 215 3.07 33.65 -55.10
N CYS O 216 4.23 33.08 -54.81
CA CYS O 216 5.27 32.91 -55.81
C CYS O 216 5.68 31.46 -55.95
N GLU O 217 6.35 31.21 -57.08
CA GLU O 217 6.89 29.89 -57.40
C GLU O 217 8.22 29.73 -56.66
N GLY O 218 9.21 30.51 -57.10
CA GLY O 218 10.50 30.55 -56.46
C GLY O 218 10.67 31.89 -55.75
N GLU O 219 11.10 31.81 -54.50
CA GLU O 219 11.18 32.98 -53.64
C GLU O 219 12.63 33.21 -53.27
N SER O 220 13.03 34.49 -53.28
CA SER O 220 14.41 34.88 -53.05
C SER O 220 14.72 34.94 -51.55
N LEU O 221 15.89 35.46 -51.23
CA LEU O 221 16.31 35.71 -49.87
C LEU O 221 15.71 37.03 -49.39
N PRO O 222 15.40 37.14 -48.10
CA PRO O 222 14.90 38.41 -47.55
C PRO O 222 15.90 39.55 -47.75
N GLN O 223 15.45 40.63 -48.38
CA GLN O 223 16.27 41.79 -48.65
C GLN O 223 15.68 43.02 -47.98
N PRO O 224 16.48 44.08 -47.83
CA PRO O 224 15.94 45.32 -47.29
C PRO O 224 15.06 46.03 -48.32
N PHE O 225 14.07 46.75 -47.80
CA PHE O 225 12.98 47.32 -48.61
C PHE O 225 12.55 48.67 -48.02
N ASP O 226 12.79 49.76 -48.75
CA ASP O 226 12.36 51.08 -48.34
C ASP O 226 11.05 51.38 -49.07
N VAL O 227 9.98 51.66 -48.32
CA VAL O 227 8.64 51.71 -48.90
C VAL O 227 7.77 52.63 -48.07
N ALA O 228 6.83 53.28 -48.73
CA ALA O 228 5.74 53.97 -48.05
C ALA O 228 4.61 52.96 -47.77
N TRP O 229 3.84 53.22 -46.70
CA TRP O 229 2.75 52.35 -46.32
C TRP O 229 1.77 53.13 -45.45
N MET O 230 0.55 52.56 -45.29
CA MET O 230 -0.42 52.99 -44.29
C MET O 230 -1.00 51.77 -43.57
N ASP O 231 -1.42 51.98 -42.32
CA ASP O 231 -2.12 50.97 -41.53
C ASP O 231 -3.61 51.32 -41.61
N VAL O 232 -4.38 50.52 -42.35
CA VAL O 232 -5.82 50.72 -42.43
C VAL O 232 -6.58 49.85 -41.45
N GLY O 233 -5.88 49.22 -40.52
CA GLY O 233 -6.56 48.57 -39.42
C GLY O 233 -7.17 47.24 -39.77
N HIS O 234 -6.63 46.54 -40.77
CA HIS O 234 -7.02 45.15 -40.97
C HIS O 234 -5.83 44.22 -40.83
N SER O 235 -5.84 43.12 -41.60
CA SER O 235 -4.86 42.05 -41.38
C SER O 235 -3.43 42.51 -41.56
N HIS O 236 -3.17 43.51 -42.40
CA HIS O 236 -1.82 44.00 -42.63
C HIS O 236 -1.89 45.39 -43.26
N LYS O 237 -0.71 45.99 -43.45
CA LYS O 237 -0.55 47.33 -44.00
C LYS O 237 -0.75 47.32 -45.52
N ILE O 238 -0.92 48.51 -46.09
CA ILE O 238 -1.12 48.69 -47.53
C ILE O 238 0.11 49.47 -48.00
N ILE O 239 1.04 48.80 -48.70
CA ILE O 239 2.25 49.46 -49.19
C ILE O 239 1.94 50.11 -50.54
N MET O 240 2.48 51.31 -50.75
CA MET O 240 2.11 52.11 -51.91
C MET O 240 3.35 52.63 -52.61
N ARG O 241 3.32 52.58 -53.95
CA ARG O 241 4.29 53.31 -54.77
C ARG O 241 3.82 54.74 -55.05
N GLU O 242 2.77 54.86 -55.85
CA GLU O 242 2.22 56.14 -56.30
C GLU O 242 1.01 56.47 -55.43
N HIS O 243 1.03 57.62 -54.76
CA HIS O 243 -0.07 57.99 -53.87
C HIS O 243 -0.12 59.50 -53.67
N LYS O 244 -1.12 59.91 -52.90
CA LYS O 244 -1.55 61.29 -52.77
C LYS O 244 -1.66 61.54 -51.28
N THR O 245 -0.89 62.49 -50.75
CA THR O 245 -1.04 62.83 -49.35
C THR O 245 -1.40 64.29 -49.22
N LYS O 246 -2.39 64.56 -48.37
CA LYS O 246 -2.89 65.91 -48.12
C LYS O 246 -3.21 66.00 -46.64
N TRP O 247 -2.85 67.12 -46.02
CA TRP O 247 -2.97 67.26 -44.58
C TRP O 247 -4.13 68.18 -44.25
N VAL O 248 -4.86 67.84 -43.20
CA VAL O 248 -6.10 68.51 -42.83
C VAL O 248 -6.02 68.92 -41.37
N GLN O 249 -6.55 70.10 -41.05
CA GLN O 249 -6.58 70.57 -39.67
C GLN O 249 -7.93 70.18 -39.04
N GLU O 250 -7.90 69.31 -38.01
CA GLU O 250 -9.15 68.75 -37.49
C GLU O 250 -9.66 69.60 -36.34
N SER O 251 -8.74 70.26 -35.61
CA SER O 251 -9.05 71.17 -34.50
C SER O 251 -9.97 70.52 -33.46
N SER O 252 -9.82 69.21 -33.28
CA SER O 252 -10.59 68.42 -32.31
C SER O 252 -9.95 68.54 -30.92
N SER O 253 -10.59 67.91 -29.93
CA SER O 253 -10.10 67.91 -28.54
C SER O 253 -8.77 67.16 -28.38
N LYS O 254 -8.48 66.17 -29.24
CA LYS O 254 -7.22 65.43 -29.22
C LYS O 254 -6.05 66.29 -29.70
N ASP O 255 -6.34 67.45 -30.27
CA ASP O 255 -5.33 68.41 -30.68
C ASP O 255 -4.99 69.39 -29.57
N PHE O 256 -5.55 69.21 -28.38
CA PHE O 256 -5.33 70.17 -27.30
C PHE O 256 -4.91 69.42 -26.04
N VAL O 257 -3.83 69.91 -25.43
CA VAL O 257 -3.30 69.38 -24.18
C VAL O 257 -3.36 70.48 -23.14
N CYS O 258 -3.72 70.12 -21.91
CA CYS O 258 -3.91 71.06 -20.83
C CYS O 258 -2.79 70.93 -19.81
N TYR O 259 -2.33 72.06 -19.27
CA TYR O 259 -1.15 72.07 -18.40
C TYR O 259 -1.21 73.30 -17.49
N LYS O 260 -0.52 73.20 -16.36
CA LYS O 260 -0.25 74.30 -15.44
C LYS O 260 1.23 74.62 -15.48
N GLU O 261 1.57 75.85 -15.86
CA GLU O 261 2.95 76.21 -16.16
C GLU O 261 3.89 75.92 -14.99
N GLY O 262 4.97 75.19 -15.28
CA GLY O 262 5.95 74.79 -14.29
C GLY O 262 5.53 73.66 -13.37
N THR O 263 4.22 73.36 -13.28
CA THR O 263 3.71 72.34 -12.37
C THR O 263 3.27 71.03 -13.04
N GLY O 264 3.39 70.88 -14.37
CA GLY O 264 3.05 69.63 -15.03
C GLY O 264 1.78 69.65 -15.86
N PRO O 265 1.21 68.48 -16.17
CA PRO O 265 -0.07 68.43 -16.87
C PRO O 265 -1.23 68.40 -15.89
N CYS O 266 -2.36 68.92 -16.35
CA CYS O 266 -3.58 68.92 -15.54
C CYS O 266 -4.13 67.50 -15.40
N SER O 267 -4.83 67.27 -14.30
CA SER O 267 -5.46 65.98 -14.04
C SER O 267 -6.58 65.72 -15.05
N GLU O 268 -7.11 64.49 -15.05
CA GLU O 268 -8.19 64.14 -15.96
C GLU O 268 -9.44 64.96 -15.61
N SER O 269 -9.73 65.06 -14.31
CA SER O 269 -10.82 65.90 -13.83
C SER O 269 -10.64 67.35 -14.28
N GLU O 270 -9.45 67.91 -14.05
CA GLU O 270 -9.16 69.27 -14.51
C GLU O 270 -9.27 69.39 -16.03
N GLU O 271 -8.81 68.36 -16.75
CA GLU O 271 -8.87 68.36 -18.21
C GLU O 271 -10.30 68.19 -18.73
N LYS O 272 -11.03 67.21 -18.19
CA LYS O 272 -12.44 67.02 -18.55
C LYS O 272 -13.21 68.33 -18.43
N THR O 273 -12.92 69.11 -17.38
CA THR O 273 -13.62 70.38 -17.13
C THR O 273 -13.22 71.46 -18.14
N CYS O 274 -11.91 71.66 -18.36
CA CYS O 274 -11.48 72.71 -19.29
C CYS O 274 -12.08 72.55 -20.67
N LYS O 275 -12.30 71.31 -21.11
CA LYS O 275 -12.77 71.04 -22.46
C LYS O 275 -14.28 71.10 -22.60
N THR O 276 -15.04 70.78 -21.56
CA THR O 276 -16.50 70.68 -21.65
C THR O 276 -17.23 71.92 -21.12
N SER O 277 -16.65 72.63 -20.15
CA SER O 277 -17.24 73.86 -19.64
C SER O 277 -16.56 75.11 -20.20
N GLY O 278 -15.60 74.95 -21.12
CA GLY O 278 -14.93 76.04 -21.79
C GLY O 278 -14.54 77.18 -20.88
N SER O 279 -14.20 76.84 -19.63
CA SER O 279 -14.03 77.81 -18.55
C SER O 279 -12.58 77.97 -18.12
N CYS O 280 -11.63 77.41 -18.87
CA CYS O 280 -10.21 77.43 -18.54
C CYS O 280 -9.51 78.52 -19.35
N ARG O 281 -8.20 78.39 -19.51
CA ARG O 281 -7.38 79.29 -20.30
C ARG O 281 -7.03 78.61 -21.62
N GLY O 282 -6.25 79.30 -22.44
CA GLY O 282 -5.83 78.73 -23.69
C GLY O 282 -5.23 79.77 -24.61
N ASP O 283 -4.74 79.28 -25.74
CA ASP O 283 -4.17 80.13 -26.76
C ASP O 283 -5.28 80.66 -27.68
N MET O 284 -4.89 81.42 -28.70
CA MET O 284 -5.84 81.98 -29.64
C MET O 284 -6.69 80.89 -30.29
N GLN O 285 -6.07 79.76 -30.65
CA GLN O 285 -6.78 78.68 -31.34
C GLN O 285 -7.72 77.90 -30.43
N PHE O 286 -7.38 77.75 -29.14
CA PHE O 286 -8.22 76.93 -28.24
C PHE O 286 -9.58 77.57 -27.99
N CYS O 287 -9.63 78.88 -27.73
CA CYS O 287 -10.89 79.53 -27.38
C CYS O 287 -11.83 79.60 -28.59
N LYS O 288 -11.28 79.76 -29.79
CA LYS O 288 -12.10 79.80 -31.01
C LYS O 288 -12.99 78.56 -31.14
N VAL O 289 -12.49 77.39 -30.75
CA VAL O 289 -13.22 76.15 -30.93
C VAL O 289 -13.78 75.56 -29.64
N ALA O 290 -13.14 75.79 -28.49
CA ALA O 290 -13.58 75.17 -27.23
C ALA O 290 -13.92 76.16 -26.13
N GLY O 291 -13.57 77.44 -26.29
CA GLY O 291 -13.89 78.49 -25.34
C GLY O 291 -13.07 78.53 -24.06
N CYS O 292 -12.96 79.71 -23.46
CA CYS O 292 -12.10 79.93 -22.30
C CYS O 292 -12.56 81.13 -21.48
N CYS O 303 -5.58 76.18 -15.09
CA CYS O 303 -5.18 75.33 -16.19
C CYS O 303 -5.24 76.11 -17.52
N ARG O 304 -4.35 75.79 -18.45
CA ARG O 304 -4.37 76.39 -19.79
C ARG O 304 -4.12 75.29 -20.81
N CYS O 305 -4.89 75.30 -21.91
CA CYS O 305 -4.79 74.28 -22.95
C CYS O 305 -4.50 74.89 -24.32
N SER O 306 -3.57 74.28 -25.06
CA SER O 306 -3.12 74.75 -26.36
C SER O 306 -3.04 73.59 -27.37
N LEU O 307 -2.87 73.95 -28.64
CA LEU O 307 -2.81 72.99 -29.74
C LEU O 307 -1.47 72.27 -29.80
N VAL O 308 -1.51 70.94 -29.91
CA VAL O 308 -0.27 70.18 -30.00
C VAL O 308 0.33 70.43 -31.38
N HIS O 309 1.63 70.67 -31.41
CA HIS O 309 2.28 71.08 -32.65
C HIS O 309 2.38 69.88 -33.58
N LYS O 310 1.57 69.88 -34.63
CA LYS O 310 1.62 68.85 -35.65
C LYS O 310 1.00 69.40 -36.92
N PRO O 311 1.28 68.79 -38.08
CA PRO O 311 0.66 69.25 -39.33
C PRO O 311 -0.83 68.99 -39.39
N GLY O 312 -1.39 68.34 -38.38
CA GLY O 312 -2.79 67.99 -38.37
C GLY O 312 -2.86 66.49 -38.48
N GLU O 313 -3.82 66.00 -39.24
CA GLU O 313 -3.92 64.56 -39.46
C GLU O 313 -3.99 64.29 -40.94
N VAL O 314 -3.18 63.33 -41.41
CA VAL O 314 -2.97 63.08 -42.83
C VAL O 314 -4.07 62.16 -43.37
N VAL O 315 -4.47 62.41 -44.62
CA VAL O 315 -5.46 61.61 -45.33
C VAL O 315 -4.83 61.22 -46.67
N VAL O 316 -4.41 59.96 -46.80
CA VAL O 316 -3.90 59.43 -48.05
C VAL O 316 -5.04 59.26 -49.06
N SER O 317 -4.70 59.41 -50.35
CA SER O 317 -5.60 59.04 -51.45
C SER O 317 -4.83 58.11 -52.38
N TYR O 318 -5.24 56.85 -52.44
CA TYR O 318 -4.46 55.80 -53.09
C TYR O 318 -5.39 54.86 -53.84
N GLY O 319 -5.05 54.58 -55.11
CA GLY O 319 -5.79 53.71 -56.00
C GLY O 319 -7.28 53.99 -56.09
N GLY O 320 -7.64 55.26 -56.35
CA GLY O 320 -9.01 55.67 -56.49
C GLY O 320 -9.67 56.22 -55.25
N MET O 321 -9.29 55.75 -54.06
CA MET O 321 -10.03 55.99 -52.83
C MET O 321 -9.42 57.08 -51.94
N ARG O 322 -10.21 57.48 -50.96
CA ARG O 322 -9.79 58.35 -49.87
C ARG O 322 -9.84 57.53 -48.59
N VAL O 323 -8.78 57.60 -47.81
CA VAL O 323 -8.65 56.80 -46.59
C VAL O 323 -8.03 57.65 -45.49
N ARG O 324 -8.58 57.53 -44.28
CA ARG O 324 -7.99 58.04 -43.05
C ARG O 324 -7.24 56.90 -42.38
N PRO O 325 -5.91 56.83 -42.47
CA PRO O 325 -5.20 55.66 -41.95
C PRO O 325 -4.89 55.80 -40.47
N LYS O 326 -4.60 54.66 -39.86
CA LYS O 326 -4.14 54.59 -38.47
C LYS O 326 -2.73 55.17 -38.32
N CYS O 327 -1.79 54.67 -39.14
CA CYS O 327 -0.47 55.23 -39.25
C CYS O 327 -0.08 55.38 -40.72
N TYR O 328 0.95 56.20 -40.94
CA TYR O 328 1.45 56.49 -42.27
C TYR O 328 2.95 56.75 -42.13
N GLY O 329 3.76 56.21 -43.05
CA GLY O 329 5.20 56.41 -42.91
C GLY O 329 6.01 55.76 -44.01
N PHE O 330 7.33 56.02 -43.92
CA PHE O 330 8.36 55.51 -44.85
C PHE O 330 9.40 54.80 -43.97
N SER O 331 9.26 53.50 -43.83
CA SER O 331 10.14 52.71 -43.00
C SER O 331 10.83 51.65 -43.86
N ARG O 332 11.66 50.85 -43.20
CA ARG O 332 12.38 49.77 -43.85
C ARG O 332 11.81 48.45 -43.37
N MET O 333 11.46 47.57 -44.31
CA MET O 333 10.90 46.26 -44.05
C MET O 333 11.69 45.24 -44.88
N MET O 334 11.41 43.95 -44.68
CA MET O 334 12.14 42.88 -45.34
C MET O 334 11.21 42.20 -46.36
N ALA O 335 11.52 42.35 -47.65
CA ALA O 335 10.75 41.72 -48.72
C ALA O 335 11.56 40.67 -49.45
N THR O 336 10.88 39.60 -49.87
CA THR O 336 11.47 38.55 -50.70
C THR O 336 10.93 38.67 -52.12
N LEU O 337 11.73 38.26 -53.09
CA LEU O 337 11.42 38.50 -54.49
C LEU O 337 11.40 37.20 -55.29
N GLU O 338 10.94 37.34 -56.53
CA GLU O 338 10.64 36.24 -57.45
C GLU O 338 11.88 35.70 -58.14
N VAL O 339 12.05 34.38 -58.16
CA VAL O 339 13.09 33.74 -58.97
C VAL O 339 12.42 32.79 -59.97
N SER O 340 12.72 32.97 -61.26
CA SER O 340 12.11 32.13 -62.31
C SER O 340 13.01 30.95 -62.70
#